data_2LWW
#
_entry.id   2LWW
#
loop_
_entity.id
_entity.type
_entity.pdbx_description
1 polymer 'CREB-binding protein'
2 polymer 'Nuclear transcription factor RelA'
3 non-polymer 'ZINC ION'
#
loop_
_entity_poly.entity_id
_entity_poly.type
_entity_poly.pdbx_seq_one_letter_code
_entity_poly.pdbx_strand_id
1 'polypeptide(L)'
;ATGPTADPEKRKLIQQQLVLLLHAHKCQRREQANGEVRACSLPHCRTMKNVLNHMTHCQAGKACQVAHCASSRQIISHWK
NCTRHDCPVCLPLKNASDKR
;
A
2 'polypeptide(L)' GSHMKSTQAGEGTLSEALLHLQFDADEDLGALLGNSTDPGVFTDLASVDNSEFQQLLNQGVSMSHSTAEP B
#
# COMPACT_ATOMS: atom_id res chain seq x y z
N ALA A 1 -31.66 12.07 1.36
CA ALA A 1 -32.07 10.80 1.95
C ALA A 1 -31.13 9.61 1.60
N THR A 2 -30.15 9.84 0.72
CA THR A 2 -29.15 8.85 0.25
C THR A 2 -27.73 9.40 0.28
N GLY A 3 -26.73 8.49 0.33
CA GLY A 3 -25.30 8.85 0.36
C GLY A 3 -24.75 9.33 -0.99
N PRO A 4 -23.56 9.96 -1.01
CA PRO A 4 -22.90 10.47 -2.22
C PRO A 4 -22.34 9.33 -3.11
N THR A 5 -22.05 9.65 -4.37
CA THR A 5 -21.47 8.72 -5.36
C THR A 5 -19.98 8.40 -5.12
N ALA A 6 -19.27 9.27 -4.40
CA ALA A 6 -17.86 9.15 -4.02
C ALA A 6 -17.62 9.77 -2.62
N ASP A 7 -16.56 9.32 -1.93
CA ASP A 7 -16.18 9.78 -0.59
C ASP A 7 -14.64 9.81 -0.41
N PRO A 8 -14.05 10.83 0.23
CA PRO A 8 -12.60 10.94 0.43
C PRO A 8 -11.97 9.83 1.28
N GLU A 9 -12.74 9.13 2.12
CA GLU A 9 -12.23 8.01 2.93
C GLU A 9 -11.76 6.84 2.04
N LYS A 10 -12.34 6.67 0.85
CA LYS A 10 -11.87 5.66 -0.13
C LYS A 10 -10.48 6.06 -0.64
N ARG A 11 -10.22 7.36 -0.82
CA ARG A 11 -8.88 7.88 -1.20
C ARG A 11 -7.89 7.70 -0.05
N LYS A 12 -8.32 7.88 1.20
CA LYS A 12 -7.44 7.64 2.37
C LYS A 12 -7.11 6.15 2.53
N LEU A 13 -8.07 5.22 2.37
CA LEU A 13 -7.76 3.78 2.43
C LEU A 13 -6.85 3.37 1.29
N ILE A 14 -7.16 3.69 0.02
CA ILE A 14 -6.25 3.30 -1.08
C ILE A 14 -4.85 3.88 -0.91
N GLN A 15 -4.71 5.11 -0.39
CA GLN A 15 -3.39 5.70 -0.14
C GLN A 15 -2.68 4.98 1.02
N GLN A 16 -3.39 4.67 2.11
CA GLN A 16 -2.87 3.92 3.26
C GLN A 16 -2.54 2.46 2.88
N GLN A 17 -3.25 1.86 1.92
CA GLN A 17 -2.99 0.50 1.43
C GLN A 17 -1.84 0.50 0.42
N LEU A 18 -1.80 1.46 -0.50
CA LEU A 18 -0.76 1.62 -1.53
C LEU A 18 0.61 1.88 -0.89
N VAL A 19 0.68 2.83 0.05
CA VAL A 19 1.92 3.18 0.77
C VAL A 19 2.46 1.99 1.59
N LEU A 20 1.56 1.14 2.08
CA LEU A 20 1.87 -0.07 2.86
C LEU A 20 2.24 -1.26 1.96
N LEU A 21 1.60 -1.39 0.78
CA LEU A 21 1.91 -2.40 -0.24
C LEU A 21 3.30 -2.14 -0.82
N LEU A 22 3.57 -0.92 -1.27
CA LEU A 22 4.87 -0.54 -1.83
C LEU A 22 5.99 -0.75 -0.79
N HIS A 23 5.72 -0.45 0.50
CA HIS A 23 6.66 -0.78 1.57
C HIS A 23 6.85 -2.31 1.66
N ALA A 24 5.76 -3.08 1.81
CA ALA A 24 5.80 -4.54 1.97
C ALA A 24 6.55 -5.26 0.83
N HIS A 25 6.41 -4.81 -0.43
CA HIS A 25 7.14 -5.39 -1.57
C HIS A 25 8.65 -5.08 -1.48
N LYS A 26 9.03 -3.87 -1.08
CA LYS A 26 10.45 -3.50 -0.87
C LYS A 26 11.03 -4.22 0.35
N CYS A 27 10.25 -4.41 1.41
CA CYS A 27 10.59 -5.14 2.63
C CYS A 27 10.87 -6.63 2.30
N GLN A 28 9.96 -7.25 1.54
CA GLN A 28 10.06 -8.61 1.01
C GLN A 28 11.31 -8.77 0.11
N ARG A 29 11.59 -7.80 -0.78
CA ARG A 29 12.72 -7.84 -1.72
C ARG A 29 14.09 -7.58 -1.09
N ARG A 30 14.23 -6.59 -0.20
CA ARG A 30 15.53 -6.22 0.42
C ARG A 30 16.08 -7.25 1.41
N GLU A 31 15.22 -8.10 1.97
CA GLU A 31 15.58 -9.14 2.95
C GLU A 31 16.66 -10.11 2.43
N GLN A 32 16.62 -10.47 1.14
CA GLN A 32 17.61 -11.36 0.52
C GLN A 32 18.98 -10.69 0.28
N ALA A 33 19.05 -9.36 0.32
CA ALA A 33 20.25 -8.56 0.05
C ALA A 33 20.93 -7.98 1.32
N ASN A 34 20.30 -8.11 2.49
CA ASN A 34 20.79 -7.59 3.78
C ASN A 34 20.94 -8.71 4.83
N GLY A 35 21.96 -8.60 5.70
CA GLY A 35 22.20 -9.56 6.79
C GLY A 35 21.17 -9.46 7.92
N GLU A 36 20.62 -8.26 8.12
CA GLU A 36 19.58 -7.93 9.10
C GLU A 36 18.77 -6.70 8.64
N VAL A 37 17.51 -6.58 9.09
CA VAL A 37 16.60 -5.46 8.77
C VAL A 37 15.84 -5.05 10.04
N ARG A 38 15.68 -3.74 10.26
CA ARG A 38 14.98 -3.16 11.44
C ARG A 38 13.46 -3.37 11.40
N ALA A 39 12.79 -3.17 12.54
CA ALA A 39 11.34 -3.31 12.66
C ALA A 39 10.60 -2.17 11.93
N CYS A 40 9.68 -2.52 11.03
CA CYS A 40 8.93 -1.60 10.17
C CYS A 40 8.09 -0.54 10.92
N SER A 41 7.91 0.62 10.29
CA SER A 41 7.10 1.74 10.82
C SER A 41 5.59 1.51 10.70
N LEU A 42 5.16 0.48 9.95
CA LEU A 42 3.77 0.10 9.70
C LEU A 42 3.51 -1.32 10.26
N PRO A 43 2.61 -1.51 11.26
CA PRO A 43 2.38 -2.82 11.87
C PRO A 43 1.67 -3.85 10.97
N HIS A 44 0.88 -3.41 9.99
CA HIS A 44 0.13 -4.28 9.06
C HIS A 44 1.02 -5.07 8.09
N CYS A 45 2.32 -4.74 8.01
CA CYS A 45 3.33 -5.41 7.17
C CYS A 45 3.30 -6.94 7.37
N ARG A 46 3.19 -7.41 8.62
CA ARG A 46 3.08 -8.84 8.98
C ARG A 46 1.91 -9.54 8.28
N THR A 47 0.72 -8.92 8.29
CA THR A 47 -0.50 -9.45 7.68
C THR A 47 -0.46 -9.36 6.14
N MET A 48 0.06 -8.25 5.59
CA MET A 48 0.15 -8.05 4.15
C MET A 48 1.26 -8.88 3.48
N LYS A 49 2.42 -9.09 4.10
CA LYS A 49 3.51 -9.92 3.52
C LYS A 49 3.06 -11.36 3.26
N ASN A 50 2.13 -11.89 4.05
CA ASN A 50 1.54 -13.23 3.83
C ASN A 50 0.70 -13.25 2.54
N VAL A 51 0.03 -12.14 2.19
CA VAL A 51 -0.72 -11.98 0.92
C VAL A 51 0.27 -11.91 -0.23
N LEU A 52 1.39 -11.19 -0.08
CA LEU A 52 2.40 -11.07 -1.13
C LEU A 52 3.02 -12.44 -1.45
N ASN A 53 3.25 -13.28 -0.43
CA ASN A 53 3.77 -14.65 -0.61
C ASN A 53 2.83 -15.53 -1.45
N HIS A 54 1.52 -15.32 -1.37
CA HIS A 54 0.55 -16.00 -2.24
C HIS A 54 0.59 -15.37 -3.65
N MET A 55 0.57 -14.04 -3.72
CA MET A 55 0.55 -13.27 -4.96
C MET A 55 1.74 -13.51 -5.91
N THR A 56 2.93 -13.91 -5.42
CA THR A 56 4.05 -14.24 -6.35
C THR A 56 3.71 -15.42 -7.28
N HIS A 57 2.68 -16.21 -6.93
CA HIS A 57 2.17 -17.38 -7.66
C HIS A 57 0.75 -17.16 -8.25
N CYS A 58 0.21 -15.92 -8.19
CA CYS A 58 -1.14 -15.58 -8.64
C CYS A 58 -1.14 -14.35 -9.58
N GLN A 59 -1.85 -14.47 -10.71
CA GLN A 59 -1.98 -13.42 -11.74
C GLN A 59 -3.32 -13.44 -12.51
N ALA A 60 -4.30 -14.21 -12.02
CA ALA A 60 -5.59 -14.46 -12.66
C ALA A 60 -6.66 -13.35 -12.54
N GLY A 61 -6.28 -12.15 -12.08
CA GLY A 61 -7.20 -11.00 -11.94
C GLY A 61 -8.34 -11.24 -10.94
N LYS A 62 -9.58 -11.05 -11.38
CA LYS A 62 -10.80 -11.23 -10.57
C LYS A 62 -11.18 -12.70 -10.30
N ALA A 63 -10.51 -13.67 -10.93
CA ALA A 63 -10.79 -15.09 -10.73
C ALA A 63 -10.40 -15.59 -9.33
N CYS A 64 -9.35 -15.03 -8.73
CA CYS A 64 -8.91 -15.36 -7.37
C CYS A 64 -9.92 -14.82 -6.34
N GLN A 65 -10.38 -15.71 -5.45
CA GLN A 65 -11.37 -15.40 -4.42
C GLN A 65 -10.77 -14.86 -3.11
N VAL A 66 -9.44 -14.66 -3.06
CA VAL A 66 -8.74 -14.13 -1.88
C VAL A 66 -8.91 -12.62 -1.83
N ALA A 67 -9.43 -12.12 -0.70
CA ALA A 67 -9.77 -10.73 -0.44
C ALA A 67 -8.71 -9.70 -0.91
N HIS A 68 -7.49 -9.81 -0.36
CA HIS A 68 -6.39 -8.88 -0.63
C HIS A 68 -5.60 -9.14 -1.93
N CYS A 69 -5.70 -10.35 -2.52
CA CYS A 69 -4.99 -10.70 -3.75
C CYS A 69 -5.47 -9.82 -4.92
N ALA A 70 -6.79 -9.77 -5.15
CA ALA A 70 -7.39 -8.97 -6.20
C ALA A 70 -7.19 -7.45 -6.01
N SER A 71 -7.39 -6.89 -4.81
CA SER A 71 -7.20 -5.43 -4.57
C SER A 71 -5.72 -5.01 -4.71
N SER A 72 -4.78 -5.87 -4.31
CA SER A 72 -3.34 -5.62 -4.49
C SER A 72 -2.97 -5.68 -5.97
N ARG A 73 -3.34 -6.76 -6.68
CA ARG A 73 -3.13 -6.92 -8.13
C ARG A 73 -3.75 -5.78 -8.95
N GLN A 74 -4.91 -5.28 -8.53
CA GLN A 74 -5.59 -4.14 -9.14
C GLN A 74 -4.74 -2.86 -9.03
N ILE A 75 -4.09 -2.63 -7.88
CA ILE A 75 -3.16 -1.53 -7.66
C ILE A 75 -1.91 -1.68 -8.54
N ILE A 76 -1.28 -2.85 -8.57
CA ILE A 76 -0.04 -3.09 -9.33
C ILE A 76 -0.28 -2.98 -10.84
N SER A 77 -1.39 -3.53 -11.36
CA SER A 77 -1.71 -3.43 -12.80
C SER A 77 -1.86 -1.96 -13.22
N HIS A 78 -2.46 -1.12 -12.35
CA HIS A 78 -2.56 0.32 -12.57
C HIS A 78 -1.16 0.95 -12.52
N TRP A 79 -0.36 0.65 -11.50
CA TRP A 79 1.02 1.13 -11.29
C TRP A 79 1.94 0.89 -12.50
N LYS A 80 1.80 -0.29 -13.14
CA LYS A 80 2.59 -0.72 -14.30
C LYS A 80 2.21 -0.03 -15.64
N ASN A 81 1.09 0.71 -15.70
CA ASN A 81 0.60 1.32 -16.96
C ASN A 81 0.18 2.80 -16.89
N CYS A 82 -0.15 3.34 -15.71
CA CYS A 82 -0.64 4.69 -15.52
C CYS A 82 0.35 5.83 -15.88
N THR A 83 -0.21 6.93 -16.39
CA THR A 83 0.48 8.20 -16.66
C THR A 83 0.56 9.01 -15.36
N ARG A 84 1.24 8.43 -14.36
CA ARG A 84 1.42 8.91 -12.97
C ARG A 84 1.78 10.39 -12.75
N HIS A 85 2.21 11.11 -13.80
CA HIS A 85 2.53 12.55 -13.78
C HIS A 85 1.31 13.42 -13.43
N ASP A 86 0.10 12.97 -13.78
CA ASP A 86 -1.15 13.71 -13.57
C ASP A 86 -2.32 12.92 -12.92
N CYS A 87 -2.11 11.66 -12.51
CA CYS A 87 -3.15 10.86 -11.84
C CYS A 87 -3.22 11.31 -10.36
N PRO A 88 -4.38 11.74 -9.82
CA PRO A 88 -4.48 12.33 -8.49
C PRO A 88 -4.12 11.43 -7.30
N VAL A 89 -4.23 10.10 -7.43
CA VAL A 89 -3.86 9.16 -6.35
C VAL A 89 -2.38 8.73 -6.45
N CYS A 90 -1.82 8.66 -7.66
CA CYS A 90 -0.41 8.32 -7.92
C CYS A 90 0.52 9.51 -7.61
N LEU A 91 0.08 10.74 -7.93
CA LEU A 91 0.81 12.00 -7.74
C LEU A 91 1.48 12.19 -6.37
N PRO A 92 0.79 12.02 -5.22
CA PRO A 92 1.43 12.23 -3.93
C PRO A 92 2.55 11.20 -3.65
N LEU A 93 2.40 9.93 -4.08
CA LEU A 93 3.47 8.92 -3.95
C LEU A 93 4.66 9.28 -4.85
N LYS A 94 4.38 9.69 -6.09
CA LYS A 94 5.37 10.13 -7.08
C LYS A 94 6.24 11.27 -6.52
N ASN A 95 5.64 12.23 -5.80
CA ASN A 95 6.35 13.34 -5.17
C ASN A 95 7.07 12.91 -3.87
N ALA A 96 6.40 12.17 -2.99
CA ALA A 96 6.95 11.71 -1.70
C ALA A 96 8.19 10.81 -1.83
N SER A 97 8.33 10.09 -2.96
CA SER A 97 9.47 9.22 -3.25
C SER A 97 10.82 9.98 -3.28
N ASP A 98 10.80 11.27 -3.64
CA ASP A 98 11.99 12.13 -3.66
C ASP A 98 12.16 12.83 -2.29
N LYS A 99 13.23 12.49 -1.57
CA LYS A 99 13.56 13.02 -0.22
C LYS A 99 14.41 14.29 -0.21
N ARG A 100 14.82 14.83 -1.37
CA ARG A 100 15.64 16.05 -1.49
C ARG A 100 14.89 17.31 -1.00
N GLY B 1 4.14 -1.55 16.76
CA GLY B 1 3.05 -2.06 17.60
C GLY B 1 3.48 -2.61 18.96
N SER B 2 4.78 -2.60 19.28
CA SER B 2 5.33 -3.10 20.56
C SER B 2 4.94 -2.23 21.76
N HIS B 3 4.85 -0.91 21.56
CA HIS B 3 4.48 0.09 22.58
C HIS B 3 3.67 1.24 21.94
N MET B 4 2.76 1.84 22.71
CA MET B 4 1.93 2.99 22.31
C MET B 4 1.50 3.82 23.53
N LYS B 5 1.35 5.15 23.36
CA LYS B 5 0.95 6.08 24.43
C LYS B 5 -0.57 6.06 24.66
N SER B 6 -1.36 6.11 23.58
CA SER B 6 -2.83 6.07 23.57
C SER B 6 -3.37 5.70 22.19
N THR B 7 -4.54 5.06 22.14
CA THR B 7 -5.23 4.64 20.90
C THR B 7 -6.34 5.65 20.60
N GLN B 8 -6.00 6.74 19.88
CA GLN B 8 -6.90 7.85 19.57
C GLN B 8 -6.63 8.43 18.16
N ALA B 9 -7.66 9.00 17.53
CA ALA B 9 -7.59 9.65 16.22
C ALA B 9 -6.75 10.95 16.24
N GLY B 10 -6.31 11.41 15.06
CA GLY B 10 -5.50 12.63 14.91
C GLY B 10 -5.44 13.18 13.48
N GLU B 11 -4.61 14.21 13.30
CA GLU B 11 -4.37 14.91 12.03
C GLU B 11 -2.88 14.85 11.67
N GLY B 12 -2.59 14.80 10.37
CA GLY B 12 -1.22 14.76 9.80
C GLY B 12 -0.48 13.42 9.97
N THR B 13 -1.11 12.40 10.56
CA THR B 13 -0.49 11.08 10.79
C THR B 13 -0.26 10.31 9.49
N LEU B 14 -1.24 10.30 8.60
CA LEU B 14 -1.19 9.61 7.30
C LEU B 14 -0.25 10.34 6.31
N SER B 15 -0.23 11.67 6.30
CA SER B 15 0.73 12.40 5.45
C SER B 15 2.18 12.19 5.94
N GLU B 16 2.40 12.02 7.26
CA GLU B 16 3.71 11.65 7.80
C GLU B 16 4.05 10.19 7.44
N ALA B 17 3.08 9.28 7.53
CA ALA B 17 3.22 7.86 7.13
C ALA B 17 3.64 7.72 5.66
N LEU B 18 3.26 8.69 4.82
CA LEU B 18 3.64 8.79 3.41
C LEU B 18 5.04 9.39 3.26
N LEU B 19 5.31 10.56 3.84
CA LEU B 19 6.57 11.26 3.66
C LEU B 19 7.80 10.57 4.28
N HIS B 20 7.63 9.70 5.29
CA HIS B 20 8.75 9.02 5.98
C HIS B 20 9.02 7.56 5.55
N LEU B 21 8.32 7.05 4.53
CA LEU B 21 8.48 5.69 3.99
C LEU B 21 9.24 5.67 2.64
N GLN B 22 9.64 4.47 2.18
CA GLN B 22 10.32 4.25 0.89
C GLN B 22 9.43 3.52 -0.12
N PHE B 23 9.51 3.91 -1.39
CA PHE B 23 8.70 3.40 -2.51
C PHE B 23 9.54 2.75 -3.61
N ASP B 24 8.88 2.25 -4.66
CA ASP B 24 9.48 1.48 -5.78
C ASP B 24 10.38 2.27 -6.75
N ALA B 25 11.40 2.97 -6.23
CA ALA B 25 12.36 3.76 -7.00
C ALA B 25 13.71 3.03 -7.22
N ASP B 26 14.36 2.55 -6.15
CA ASP B 26 15.65 1.84 -6.21
C ASP B 26 15.53 0.37 -6.65
N GLU B 27 14.37 -0.23 -6.40
CA GLU B 27 13.94 -1.59 -6.75
C GLU B 27 12.42 -1.56 -6.97
N ASP B 28 11.82 -2.55 -7.62
CA ASP B 28 10.37 -2.58 -7.87
C ASP B 28 9.71 -3.96 -7.86
N LEU B 29 8.37 -3.96 -7.76
CA LEU B 29 7.50 -5.14 -7.67
C LEU B 29 6.99 -5.73 -9.00
N GLY B 30 7.39 -5.21 -10.16
CA GLY B 30 6.92 -5.69 -11.46
C GLY B 30 7.18 -7.18 -11.75
N ALA B 31 8.17 -7.79 -11.09
CA ALA B 31 8.54 -9.19 -11.26
C ALA B 31 7.58 -10.22 -10.61
N LEU B 32 6.96 -9.91 -9.47
CA LEU B 32 6.07 -10.87 -8.79
C LEU B 32 4.67 -11.00 -9.44
N LEU B 33 4.25 -10.00 -10.22
CA LEU B 33 2.94 -10.01 -10.90
C LEU B 33 2.93 -10.86 -12.18
N GLY B 34 4.11 -11.23 -12.71
CA GLY B 34 4.27 -12.01 -13.94
C GLY B 34 4.20 -11.18 -15.22
N ASN B 35 4.51 -11.81 -16.36
CA ASN B 35 4.54 -11.17 -17.68
C ASN B 35 3.14 -10.89 -18.29
N SER B 36 2.10 -11.61 -17.83
CA SER B 36 0.71 -11.48 -18.29
C SER B 36 -0.27 -11.22 -17.14
N THR B 37 -1.27 -10.36 -17.39
CA THR B 37 -2.32 -9.95 -16.45
C THR B 37 -3.71 -10.03 -17.11
N ASP B 38 -4.78 -9.80 -16.32
CA ASP B 38 -6.18 -9.82 -16.77
C ASP B 38 -6.81 -8.41 -16.71
N PRO B 39 -7.00 -7.71 -17.84
CA PRO B 39 -7.62 -6.36 -17.88
C PRO B 39 -8.98 -6.23 -17.20
N GLY B 40 -9.70 -7.33 -16.94
CA GLY B 40 -10.96 -7.33 -16.16
C GLY B 40 -10.75 -6.89 -14.70
N VAL B 41 -9.50 -6.94 -14.20
CA VAL B 41 -9.11 -6.48 -12.86
C VAL B 41 -8.76 -4.98 -12.85
N PHE B 42 -8.42 -4.41 -14.01
CA PHE B 42 -7.98 -3.02 -14.18
C PHE B 42 -9.13 -2.01 -14.00
N THR B 43 -8.86 -0.96 -13.22
CA THR B 43 -9.78 0.16 -12.96
C THR B 43 -8.99 1.36 -12.41
N ASP B 44 -9.67 2.48 -12.16
CA ASP B 44 -9.08 3.66 -11.54
C ASP B 44 -8.88 3.42 -10.04
N LEU B 45 -7.81 3.97 -9.44
CA LEU B 45 -7.55 3.85 -8.00
C LEU B 45 -8.75 4.34 -7.17
N ALA B 46 -9.39 5.43 -7.61
CA ALA B 46 -10.60 5.98 -6.99
C ALA B 46 -11.85 5.08 -7.11
N SER B 47 -11.75 3.96 -7.85
CA SER B 47 -12.80 2.95 -8.09
C SER B 47 -12.42 1.54 -7.59
N VAL B 48 -11.32 1.40 -6.84
CA VAL B 48 -10.84 0.12 -6.27
C VAL B 48 -11.87 -0.57 -5.36
N ASP B 49 -11.85 -1.90 -5.38
CA ASP B 49 -12.66 -2.77 -4.50
C ASP B 49 -11.76 -3.28 -3.35
N ASN B 50 -11.93 -2.73 -2.14
CA ASN B 50 -11.03 -2.99 -0.99
C ASN B 50 -11.72 -3.03 0.41
N SER B 51 -13.03 -3.21 0.53
CA SER B 51 -13.76 -3.20 1.82
C SER B 51 -13.29 -4.24 2.86
N GLU B 52 -12.63 -5.31 2.45
CA GLU B 52 -12.04 -6.31 3.36
C GLU B 52 -10.65 -5.89 3.85
N PHE B 53 -9.92 -5.07 3.06
CA PHE B 53 -8.62 -4.49 3.42
C PHE B 53 -8.79 -3.38 4.46
N GLN B 54 -9.92 -2.67 4.39
CA GLN B 54 -10.32 -1.64 5.36
C GLN B 54 -10.25 -2.16 6.80
N GLN B 55 -10.70 -3.41 7.02
CA GLN B 55 -10.71 -4.10 8.31
C GLN B 55 -9.32 -4.53 8.78
N LEU B 56 -8.41 -4.88 7.86
CA LEU B 56 -7.01 -5.23 8.14
C LEU B 56 -6.24 -3.99 8.61
N LEU B 57 -6.35 -2.87 7.89
CA LEU B 57 -5.62 -1.63 8.22
C LEU B 57 -6.25 -0.83 9.40
N ASN B 58 -7.47 -1.19 9.84
CA ASN B 58 -8.11 -0.61 11.03
C ASN B 58 -7.46 -1.10 12.34
N GLN B 59 -6.54 -2.08 12.26
CA GLN B 59 -5.82 -2.65 13.41
C GLN B 59 -4.59 -1.83 13.85
N GLY B 60 -4.37 -0.63 13.29
CA GLY B 60 -3.20 0.20 13.61
C GLY B 60 -3.14 1.52 12.84
N VAL B 61 -1.95 1.90 12.37
CA VAL B 61 -1.64 3.17 11.68
C VAL B 61 -2.71 3.64 10.66
N SER B 62 -3.25 4.83 10.93
CA SER B 62 -4.27 5.56 10.15
C SER B 62 -4.55 6.92 10.82
N MET B 63 -5.51 7.69 10.30
CA MET B 63 -5.96 8.95 10.93
C MET B 63 -7.00 8.71 12.04
N SER B 64 -7.71 7.59 12.00
CA SER B 64 -8.72 7.14 12.97
C SER B 64 -8.88 5.61 12.89
N HIS B 65 -8.76 4.92 14.03
CA HIS B 65 -8.82 3.44 14.11
C HIS B 65 -9.49 2.93 15.39
N SER B 66 -10.12 1.76 15.30
CA SER B 66 -10.83 1.10 16.41
C SER B 66 -9.89 0.45 17.44
N THR B 67 -8.69 0.02 17.03
CA THR B 67 -7.70 -0.66 17.89
C THR B 67 -6.26 -0.50 17.39
N ALA B 68 -5.29 -0.99 18.18
CA ALA B 68 -3.87 -1.01 17.86
C ALA B 68 -3.28 -2.39 18.22
N GLU B 69 -2.83 -3.14 17.22
CA GLU B 69 -2.28 -4.50 17.37
C GLU B 69 -0.94 -4.53 18.14
N PRO B 70 -0.64 -5.59 18.92
CA PRO B 70 0.58 -5.73 19.70
C PRO B 70 1.84 -5.84 18.82
N ALA A 1 -26.38 19.82 -7.73
CA ALA A 1 -27.13 18.85 -8.53
C ALA A 1 -26.31 17.64 -9.00
N THR A 2 -24.99 17.65 -8.75
CA THR A 2 -24.02 16.60 -9.13
C THR A 2 -23.08 16.23 -7.97
N GLY A 3 -22.50 15.03 -8.02
CA GLY A 3 -21.57 14.52 -7.00
C GLY A 3 -20.19 15.18 -7.00
N PRO A 4 -19.39 15.04 -5.92
CA PRO A 4 -18.06 15.63 -5.80
C PRO A 4 -17.01 14.94 -6.70
N THR A 5 -15.93 15.66 -7.00
CA THR A 5 -14.81 15.19 -7.83
C THR A 5 -13.79 14.32 -7.08
N ALA A 6 -13.83 14.34 -5.74
CA ALA A 6 -12.97 13.59 -4.83
C ALA A 6 -13.73 13.05 -3.60
N ASP A 7 -13.08 12.19 -2.82
CA ASP A 7 -13.65 11.55 -1.61
C ASP A 7 -12.62 11.49 -0.45
N PRO A 8 -13.07 11.45 0.82
CA PRO A 8 -12.17 11.45 1.98
C PRO A 8 -11.67 10.06 2.44
N GLU A 9 -12.46 8.99 2.31
CA GLU A 9 -12.12 7.66 2.86
C GLU A 9 -11.55 6.65 1.85
N LYS A 10 -12.20 6.42 0.71
CA LYS A 10 -11.71 5.47 -0.33
C LYS A 10 -10.30 5.84 -0.78
N ARG A 11 -10.02 7.15 -0.90
CA ARG A 11 -8.73 7.72 -1.28
C ARG A 11 -7.66 7.58 -0.19
N LYS A 12 -8.02 7.63 1.10
CA LYS A 12 -7.04 7.42 2.19
C LYS A 12 -6.70 5.93 2.35
N LEU A 13 -7.68 5.02 2.19
CA LEU A 13 -7.41 3.58 2.23
C LEU A 13 -6.50 3.17 1.07
N ILE A 14 -6.77 3.54 -0.18
CA ILE A 14 -5.87 3.18 -1.30
C ILE A 14 -4.46 3.77 -1.15
N GLN A 15 -4.33 4.98 -0.60
CA GLN A 15 -3.01 5.58 -0.36
C GLN A 15 -2.28 4.83 0.77
N GLN A 16 -3.00 4.39 1.80
CA GLN A 16 -2.46 3.55 2.86
C GLN A 16 -2.12 2.15 2.32
N GLN A 17 -2.95 1.58 1.45
CA GLN A 17 -2.72 0.29 0.81
C GLN A 17 -1.44 0.33 0.00
N LEU A 18 -1.32 1.23 -0.99
CA LEU A 18 -0.14 1.28 -1.86
C LEU A 18 1.14 1.55 -1.06
N VAL A 19 1.13 2.47 -0.07
CA VAL A 19 2.33 2.73 0.72
C VAL A 19 2.72 1.56 1.63
N LEU A 20 1.75 0.74 2.06
CA LEU A 20 1.94 -0.45 2.91
C LEU A 20 2.30 -1.70 2.07
N LEU A 21 1.72 -1.83 0.87
CA LEU A 21 1.99 -2.88 -0.11
C LEU A 21 3.41 -2.72 -0.64
N LEU A 22 3.72 -1.58 -1.27
CA LEU A 22 5.04 -1.28 -1.83
C LEU A 22 6.12 -1.32 -0.73
N HIS A 23 5.75 -1.04 0.54
CA HIS A 23 6.64 -1.24 1.69
C HIS A 23 6.85 -2.75 1.93
N ALA A 24 5.80 -3.56 2.12
CA ALA A 24 5.88 -5.00 2.36
C ALA A 24 6.69 -5.76 1.28
N HIS A 25 6.62 -5.32 0.02
CA HIS A 25 7.41 -5.87 -1.09
C HIS A 25 8.93 -5.63 -0.90
N LYS A 26 9.30 -4.50 -0.32
CA LYS A 26 10.70 -4.10 -0.01
C LYS A 26 11.17 -4.55 1.39
N CYS A 27 10.27 -4.71 2.37
CA CYS A 27 10.55 -5.14 3.74
C CYS A 27 11.20 -6.54 3.80
N GLN A 28 10.69 -7.46 2.97
CA GLN A 28 11.26 -8.80 2.82
C GLN A 28 12.64 -8.80 2.13
N ARG A 29 12.99 -7.73 1.40
CA ARG A 29 14.28 -7.52 0.72
C ARG A 29 15.33 -6.81 1.59
N ARG A 30 14.96 -5.72 2.30
CA ARG A 30 15.88 -4.91 3.12
C ARG A 30 16.64 -5.69 4.20
N GLU A 31 16.02 -6.75 4.74
CA GLU A 31 16.65 -7.63 5.74
C GLU A 31 17.84 -8.45 5.17
N GLN A 32 17.84 -8.69 3.85
CA GLN A 32 18.92 -9.35 3.12
C GLN A 32 19.95 -8.32 2.59
N ALA A 33 19.48 -7.13 2.19
CA ALA A 33 20.29 -6.04 1.64
C ALA A 33 21.15 -5.29 2.68
N ASN A 34 20.82 -5.37 3.98
CA ASN A 34 21.52 -4.69 5.07
C ASN A 34 22.00 -5.69 6.15
N GLY A 35 23.06 -5.34 6.89
CA GLY A 35 23.61 -6.17 7.98
C GLY A 35 22.71 -6.21 9.22
N GLU A 36 21.99 -5.11 9.49
CA GLU A 36 21.04 -4.95 10.60
C GLU A 36 19.83 -4.10 10.15
N VAL A 37 18.62 -4.46 10.61
CA VAL A 37 17.36 -3.79 10.32
C VAL A 37 16.47 -3.71 11.57
N ARG A 38 15.60 -2.70 11.63
CA ARG A 38 14.61 -2.48 12.71
C ARG A 38 13.18 -2.81 12.26
N ALA A 39 12.25 -2.90 13.21
CA ALA A 39 10.84 -3.17 12.94
C ALA A 39 10.17 -1.97 12.23
N CYS A 40 9.39 -2.24 11.19
CA CYS A 40 8.69 -1.24 10.38
C CYS A 40 7.52 -0.55 11.14
N SER A 41 7.25 0.69 10.74
CA SER A 41 6.24 1.59 11.33
C SER A 41 4.78 1.32 10.87
N LEU A 42 4.57 0.27 10.08
CA LEU A 42 3.27 -0.16 9.55
C LEU A 42 2.97 -1.60 10.06
N PRO A 43 2.32 -1.78 11.23
CA PRO A 43 2.10 -3.09 11.86
C PRO A 43 1.43 -4.16 10.97
N HIS A 44 0.59 -3.74 10.02
CA HIS A 44 -0.13 -4.62 9.08
C HIS A 44 0.76 -5.31 8.03
N CYS A 45 2.03 -4.91 7.92
CA CYS A 45 3.04 -5.47 7.03
C CYS A 45 3.11 -7.01 7.18
N ARG A 46 3.08 -7.51 8.43
CA ARG A 46 3.05 -8.95 8.76
C ARG A 46 1.87 -9.67 8.08
N THR A 47 0.66 -9.12 8.20
CA THR A 47 -0.58 -9.65 7.62
C THR A 47 -0.57 -9.57 6.09
N MET A 48 -0.08 -8.46 5.53
CA MET A 48 -0.03 -8.26 4.08
C MET A 48 1.05 -9.11 3.39
N LYS A 49 2.25 -9.30 3.95
CA LYS A 49 3.29 -10.16 3.37
C LYS A 49 2.81 -11.60 3.11
N ASN A 50 1.89 -12.12 3.92
CA ASN A 50 1.27 -13.43 3.72
C ASN A 50 0.41 -13.46 2.44
N VAL A 51 -0.26 -12.35 2.11
CA VAL A 51 -1.01 -12.17 0.85
C VAL A 51 -0.02 -12.05 -0.31
N LEU A 52 1.09 -11.30 -0.12
CA LEU A 52 2.11 -11.13 -1.16
C LEU A 52 2.73 -12.48 -1.57
N ASN A 53 3.03 -13.35 -0.59
CA ASN A 53 3.58 -14.69 -0.84
C ASN A 53 2.67 -15.51 -1.76
N HIS A 54 1.35 -15.39 -1.63
CA HIS A 54 0.38 -16.01 -2.54
C HIS A 54 0.40 -15.30 -3.91
N MET A 55 0.33 -13.96 -3.90
CA MET A 55 0.29 -13.11 -5.09
C MET A 55 1.50 -13.24 -6.03
N THR A 56 2.69 -13.67 -5.58
CA THR A 56 3.84 -13.87 -6.49
C THR A 56 3.61 -15.02 -7.49
N HIS A 57 2.66 -15.93 -7.18
CA HIS A 57 2.28 -17.10 -8.01
C HIS A 57 0.94 -16.88 -8.75
N CYS A 58 0.04 -16.10 -8.17
CA CYS A 58 -1.28 -15.79 -8.70
C CYS A 58 -1.23 -14.63 -9.72
N GLN A 59 -1.96 -14.75 -10.84
CA GLN A 59 -2.02 -13.73 -11.91
C GLN A 59 -3.35 -13.68 -12.68
N ALA A 60 -4.38 -14.42 -12.23
CA ALA A 60 -5.68 -14.54 -12.90
C ALA A 60 -6.74 -13.47 -12.50
N GLY A 61 -6.43 -12.55 -11.58
CA GLY A 61 -7.31 -11.47 -11.17
C GLY A 61 -8.66 -11.94 -10.60
N LYS A 62 -9.77 -11.61 -11.28
CA LYS A 62 -11.15 -11.94 -10.85
C LYS A 62 -11.44 -13.44 -10.67
N ALA A 63 -10.65 -14.32 -11.26
CA ALA A 63 -10.82 -15.77 -11.08
C ALA A 63 -10.42 -16.23 -9.66
N CYS A 64 -9.49 -15.51 -9.01
CA CYS A 64 -9.05 -15.77 -7.64
C CYS A 64 -10.11 -15.26 -6.65
N GLN A 65 -10.48 -16.12 -5.69
CA GLN A 65 -11.51 -15.85 -4.68
C GLN A 65 -10.94 -15.29 -3.36
N VAL A 66 -9.65 -14.91 -3.33
CA VAL A 66 -8.99 -14.34 -2.15
C VAL A 66 -9.25 -12.83 -2.13
N ALA A 67 -9.86 -12.36 -1.03
CA ALA A 67 -10.28 -10.97 -0.84
C ALA A 67 -9.18 -9.93 -1.11
N HIS A 68 -8.02 -10.09 -0.49
CA HIS A 68 -6.88 -9.15 -0.59
C HIS A 68 -6.05 -9.28 -1.88
N CYS A 69 -6.06 -10.44 -2.57
CA CYS A 69 -5.31 -10.69 -3.80
C CYS A 69 -5.79 -9.75 -4.93
N ALA A 70 -7.10 -9.73 -5.18
CA ALA A 70 -7.71 -8.90 -6.22
C ALA A 70 -7.47 -7.39 -6.05
N SER A 71 -7.73 -6.80 -4.87
CA SER A 71 -7.52 -5.35 -4.66
C SER A 71 -6.04 -4.95 -4.67
N SER A 72 -5.14 -5.83 -4.22
CA SER A 72 -3.69 -5.57 -4.28
C SER A 72 -3.22 -5.53 -5.74
N ARG A 73 -3.60 -6.55 -6.54
CA ARG A 73 -3.29 -6.59 -7.99
C ARG A 73 -3.90 -5.41 -8.74
N GLN A 74 -5.10 -4.98 -8.37
CA GLN A 74 -5.79 -3.83 -8.98
C GLN A 74 -4.98 -2.53 -8.83
N ILE A 75 -4.30 -2.32 -7.69
CA ILE A 75 -3.41 -1.17 -7.48
C ILE A 75 -2.15 -1.32 -8.35
N ILE A 76 -1.43 -2.45 -8.23
CA ILE A 76 -0.16 -2.68 -8.95
C ILE A 76 -0.33 -2.62 -10.47
N SER A 77 -1.41 -3.20 -11.01
CA SER A 77 -1.69 -3.18 -12.46
C SER A 77 -1.84 -1.74 -12.98
N HIS A 78 -2.53 -0.86 -12.22
CA HIS A 78 -2.63 0.57 -12.56
C HIS A 78 -1.24 1.23 -12.43
N TRP A 79 -0.52 0.98 -11.32
CA TRP A 79 0.81 1.51 -11.04
C TRP A 79 1.84 1.24 -12.15
N LYS A 80 1.79 0.04 -12.74
CA LYS A 80 2.67 -0.41 -13.83
C LYS A 80 2.32 0.16 -15.22
N ASN A 81 1.13 0.75 -15.40
CA ASN A 81 0.63 1.24 -16.71
C ASN A 81 0.25 2.74 -16.78
N CYS A 82 0.04 3.43 -15.65
CA CYS A 82 -0.35 4.84 -15.63
C CYS A 82 0.80 5.77 -16.08
N THR A 83 0.53 6.57 -17.11
CA THR A 83 1.48 7.53 -17.74
C THR A 83 1.04 8.99 -17.64
N ARG A 84 -0.15 9.27 -17.07
CA ARG A 84 -0.70 10.63 -16.91
C ARG A 84 0.12 11.42 -15.87
N HIS A 85 0.48 12.67 -16.20
CA HIS A 85 1.30 13.54 -15.36
C HIS A 85 0.64 13.95 -14.02
N ASP A 86 -0.69 14.08 -14.00
CA ASP A 86 -1.47 14.55 -12.84
C ASP A 86 -2.62 13.62 -12.38
N CYS A 87 -2.47 12.29 -12.49
CA CYS A 87 -3.45 11.33 -11.97
C CYS A 87 -3.59 11.56 -10.43
N PRO A 88 -4.79 11.78 -9.88
CA PRO A 88 -4.97 12.22 -8.49
C PRO A 88 -4.29 11.41 -7.37
N VAL A 89 -4.27 10.08 -7.46
CA VAL A 89 -3.66 9.22 -6.43
C VAL A 89 -2.16 8.94 -6.71
N CYS A 90 -1.76 8.90 -7.99
CA CYS A 90 -0.38 8.67 -8.43
C CYS A 90 0.52 9.91 -8.21
N LEU A 91 0.01 11.12 -8.48
CA LEU A 91 0.69 12.42 -8.37
C LEU A 91 1.48 12.65 -7.06
N PRO A 92 0.92 12.49 -5.84
CA PRO A 92 1.68 12.71 -4.61
C PRO A 92 2.88 11.75 -4.47
N LEU A 93 2.77 10.51 -4.96
CA LEU A 93 3.86 9.52 -4.92
C LEU A 93 4.88 9.74 -6.05
N LYS A 94 4.45 10.26 -7.22
CA LYS A 94 5.32 10.65 -8.34
C LYS A 94 6.33 11.73 -7.92
N ASN A 95 5.98 12.52 -6.90
CA ASN A 95 6.82 13.56 -6.28
C ASN A 95 7.59 13.08 -5.03
N ALA A 96 7.37 11.85 -4.55
CA ALA A 96 8.01 11.30 -3.35
C ALA A 96 9.46 10.77 -3.55
N SER A 97 10.00 10.83 -4.77
CA SER A 97 11.36 10.39 -5.11
C SER A 97 12.47 11.23 -4.45
N ASP A 98 12.13 12.40 -3.91
CA ASP A 98 13.03 13.32 -3.21
C ASP A 98 12.28 14.00 -2.04
N LYS A 99 12.95 14.24 -0.91
CA LYS A 99 12.37 14.87 0.29
C LYS A 99 12.04 16.37 0.14
N ARG A 100 12.59 17.04 -0.88
CA ARG A 100 12.39 18.47 -1.20
C ARG A 100 11.64 18.66 -2.53
N GLY B 1 14.99 31.77 21.22
CA GLY B 1 15.67 31.41 19.97
C GLY B 1 16.44 30.08 19.99
N SER B 2 16.43 29.38 21.13
CA SER B 2 17.12 28.09 21.33
C SER B 2 16.52 26.94 20.50
N HIS B 3 17.35 25.96 20.13
CA HIS B 3 16.95 24.77 19.37
C HIS B 3 16.15 23.78 20.24
N MET B 4 15.34 22.93 19.59
CA MET B 4 14.56 21.88 20.26
C MET B 4 15.48 20.81 20.88
N LYS B 5 15.13 20.34 22.09
CA LYS B 5 15.90 19.33 22.85
C LYS B 5 15.54 17.87 22.54
N SER B 6 14.39 17.64 21.90
CA SER B 6 13.86 16.31 21.54
C SER B 6 13.19 16.31 20.16
N THR B 7 13.16 15.14 19.51
CA THR B 7 12.55 14.93 18.19
C THR B 7 11.04 15.27 18.21
N GLN B 8 10.58 16.06 17.23
CA GLN B 8 9.19 16.51 17.13
C GLN B 8 8.26 15.43 16.52
N ALA B 9 6.96 15.53 16.82
CA ALA B 9 5.93 14.61 16.33
C ALA B 9 5.57 14.81 14.84
N GLY B 10 4.88 13.82 14.26
CA GLY B 10 4.42 13.82 12.86
C GLY B 10 3.23 14.75 12.58
N GLU B 11 2.70 14.71 11.36
CA GLU B 11 1.59 15.56 10.88
C GLU B 11 0.18 15.13 11.34
N GLY B 12 0.04 14.02 12.07
CA GLY B 12 -1.26 13.52 12.55
C GLY B 12 -2.13 12.86 11.47
N THR B 13 -1.52 12.47 10.34
CA THR B 13 -2.15 11.83 9.17
C THR B 13 -1.16 10.83 8.55
N LEU B 14 -1.67 9.78 7.90
CA LEU B 14 -0.83 8.76 7.27
C LEU B 14 -0.09 9.25 6.03
N SER B 15 -0.51 10.35 5.40
CA SER B 15 0.11 10.90 4.17
C SER B 15 1.61 11.27 4.30
N GLU B 16 2.17 11.26 5.51
CA GLU B 16 3.60 11.48 5.77
C GLU B 16 4.39 10.15 5.66
N ALA B 17 3.71 8.99 5.74
CA ALA B 17 4.28 7.64 5.64
C ALA B 17 5.20 7.47 4.41
N LEU B 18 4.81 8.11 3.31
CA LEU B 18 5.51 8.08 2.02
C LEU B 18 6.83 8.87 1.97
N LEU B 19 7.09 9.76 2.93
CA LEU B 19 8.34 10.51 3.07
C LEU B 19 9.18 10.06 4.29
N HIS B 20 8.54 9.43 5.28
CA HIS B 20 9.19 8.95 6.52
C HIS B 20 9.84 7.56 6.34
N LEU B 21 9.30 6.72 5.46
CA LEU B 21 9.83 5.38 5.12
C LEU B 21 10.42 5.38 3.69
N GLN B 22 11.30 4.42 3.39
CA GLN B 22 11.90 4.27 2.05
C GLN B 22 10.83 3.74 1.07
N PHE B 23 10.39 4.59 0.16
CA PHE B 23 9.34 4.30 -0.82
C PHE B 23 9.84 3.57 -2.09
N ASP B 24 8.91 3.26 -2.99
CA ASP B 24 9.06 2.56 -4.27
C ASP B 24 9.99 3.23 -5.31
N ALA B 25 10.72 4.28 -4.93
CA ALA B 25 11.68 5.00 -5.78
C ALA B 25 13.08 4.36 -5.75
N ASP B 26 13.48 3.73 -4.64
CA ASP B 26 14.79 3.06 -4.49
C ASP B 26 14.83 1.65 -5.13
N GLU B 27 13.71 0.93 -5.06
CA GLU B 27 13.49 -0.42 -5.61
C GLU B 27 11.99 -0.58 -5.89
N ASP B 28 11.58 -1.49 -6.78
CA ASP B 28 10.15 -1.70 -7.09
C ASP B 28 9.76 -3.14 -7.42
N LEU B 29 8.45 -3.40 -7.30
CA LEU B 29 7.77 -4.69 -7.46
C LEU B 29 7.27 -5.07 -8.88
N GLY B 30 7.59 -4.30 -9.91
CA GLY B 30 7.05 -4.47 -11.28
C GLY B 30 6.99 -5.90 -11.86
N ALA B 31 7.93 -6.78 -11.52
CA ALA B 31 7.97 -8.17 -12.00
C ALA B 31 7.22 -9.21 -11.14
N LEU B 32 6.71 -8.84 -9.95
CA LEU B 32 6.04 -9.79 -9.05
C LEU B 32 4.65 -10.23 -9.50
N LEU B 33 3.94 -9.40 -10.30
CA LEU B 33 2.62 -9.77 -10.83
C LEU B 33 2.66 -11.01 -11.75
N GLY B 34 3.84 -11.36 -12.28
CA GLY B 34 4.06 -12.51 -13.17
C GLY B 34 4.11 -12.15 -14.66
N ASN B 35 4.07 -13.17 -15.53
CA ASN B 35 4.14 -13.03 -16.98
C ASN B 35 2.83 -12.52 -17.62
N SER B 36 1.69 -12.65 -16.93
CA SER B 36 0.36 -12.21 -17.37
C SER B 36 -0.38 -11.40 -16.28
N THR B 37 -1.48 -10.77 -16.66
CA THR B 37 -2.37 -9.96 -15.78
C THR B 37 -3.83 -10.11 -16.26
N ASP B 38 -4.79 -9.49 -15.55
CA ASP B 38 -6.22 -9.52 -15.88
C ASP B 38 -6.77 -8.11 -16.20
N PRO B 39 -6.71 -7.62 -17.44
CA PRO B 39 -7.23 -6.30 -17.84
C PRO B 39 -8.71 -6.06 -17.46
N GLY B 40 -9.50 -7.12 -17.24
CA GLY B 40 -10.89 -7.02 -16.79
C GLY B 40 -11.02 -6.43 -15.37
N VAL B 41 -9.97 -6.51 -14.54
CA VAL B 41 -9.91 -5.95 -13.18
C VAL B 41 -9.32 -4.52 -13.15
N PHE B 42 -8.74 -4.06 -14.26
CA PHE B 42 -8.15 -2.73 -14.40
C PHE B 42 -9.23 -1.63 -14.26
N THR B 43 -8.97 -0.64 -13.40
CA THR B 43 -9.89 0.49 -13.15
C THR B 43 -9.16 1.68 -12.53
N ASP B 44 -9.89 2.76 -12.25
CA ASP B 44 -9.38 3.95 -11.57
C ASP B 44 -9.20 3.63 -10.07
N LEU B 45 -8.09 4.08 -9.48
CA LEU B 45 -7.76 3.89 -8.06
C LEU B 45 -8.91 4.33 -7.12
N ALA B 46 -9.65 5.39 -7.45
CA ALA B 46 -10.79 5.85 -6.66
C ALA B 46 -12.00 4.88 -6.65
N SER B 47 -12.01 3.88 -7.54
CA SER B 47 -13.06 2.86 -7.71
C SER B 47 -12.64 1.45 -7.25
N VAL B 48 -11.48 1.32 -6.57
CA VAL B 48 -10.93 0.05 -6.07
C VAL B 48 -11.88 -0.69 -5.10
N ASP B 49 -11.97 -2.01 -5.22
CA ASP B 49 -12.81 -2.90 -4.39
C ASP B 49 -12.04 -3.44 -3.17
N ASN B 50 -11.73 -2.56 -2.21
CA ASN B 50 -10.90 -2.80 -1.01
C ASN B 50 -11.65 -2.92 0.34
N SER B 51 -12.97 -3.14 0.36
CA SER B 51 -13.78 -3.23 1.60
C SER B 51 -13.33 -4.31 2.60
N GLU B 52 -12.60 -5.33 2.16
CA GLU B 52 -12.02 -6.38 3.01
C GLU B 52 -10.62 -6.01 3.54
N PHE B 53 -9.86 -5.16 2.84
CA PHE B 53 -8.50 -4.76 3.23
C PHE B 53 -8.52 -3.91 4.50
N GLN B 54 -9.44 -2.95 4.60
CA GLN B 54 -9.61 -2.10 5.78
C GLN B 54 -9.83 -2.90 7.08
N GLN B 55 -10.30 -4.15 7.00
CA GLN B 55 -10.52 -4.99 8.19
C GLN B 55 -9.19 -5.37 8.87
N LEU B 56 -8.08 -5.50 8.12
CA LEU B 56 -6.75 -5.74 8.70
C LEU B 56 -6.00 -4.43 9.03
N LEU B 57 -6.29 -3.33 8.32
CA LEU B 57 -5.66 -2.02 8.53
C LEU B 57 -6.31 -1.20 9.66
N ASN B 58 -7.53 -1.56 10.10
CA ASN B 58 -8.25 -0.92 11.21
C ASN B 58 -7.47 -0.91 12.54
N GLN B 59 -6.48 -1.80 12.68
CA GLN B 59 -5.59 -1.93 13.83
C GLN B 59 -4.66 -0.70 14.04
N GLY B 60 -4.54 0.19 13.04
CA GLY B 60 -3.76 1.44 13.08
C GLY B 60 -2.25 1.32 12.86
N VAL B 61 -1.63 2.41 12.41
CA VAL B 61 -0.20 2.55 12.11
C VAL B 61 0.52 3.48 13.09
N SER B 62 1.85 3.36 13.18
CA SER B 62 2.68 4.23 14.04
C SER B 62 2.93 5.58 13.34
N MET B 63 2.90 6.67 14.11
CA MET B 63 3.15 8.02 13.59
C MET B 63 4.63 8.22 13.22
N SER B 64 4.89 9.04 12.20
CA SER B 64 6.22 9.31 11.65
C SER B 64 7.26 9.78 12.69
N HIS B 65 8.47 9.25 12.58
CA HIS B 65 9.62 9.54 13.44
C HIS B 65 10.94 9.52 12.66
N SER B 66 11.95 10.26 13.15
CA SER B 66 13.28 10.40 12.54
C SER B 66 14.23 9.21 12.81
N THR B 67 13.73 7.97 12.66
CA THR B 67 14.50 6.73 12.88
C THR B 67 15.66 6.61 11.87
N ALA B 68 16.90 6.48 12.37
CA ALA B 68 18.10 6.42 11.53
C ALA B 68 18.39 5.03 10.91
N GLU B 69 17.89 3.95 11.51
CA GLU B 69 18.08 2.57 11.04
C GLU B 69 16.96 2.14 10.06
N PRO B 70 17.26 1.45 8.94
CA PRO B 70 16.24 1.00 8.00
C PRO B 70 15.31 -0.04 8.62
N ALA A 1 -24.02 15.87 -3.99
CA ALA A 1 -23.82 15.16 -2.72
C ALA A 1 -24.72 13.92 -2.57
N THR A 2 -25.67 13.70 -3.47
CA THR A 2 -26.61 12.56 -3.48
C THR A 2 -25.98 11.25 -3.95
N GLY A 3 -24.85 11.30 -4.66
CA GLY A 3 -24.11 10.14 -5.16
C GLY A 3 -22.81 10.51 -5.88
N PRO A 4 -21.75 10.91 -5.15
CA PRO A 4 -20.46 11.32 -5.73
C PRO A 4 -19.76 10.21 -6.55
N THR A 5 -18.92 10.61 -7.50
CA THR A 5 -18.13 9.69 -8.35
C THR A 5 -16.93 9.06 -7.61
N ALA A 6 -16.44 9.75 -6.57
CA ALA A 6 -15.33 9.33 -5.70
C ALA A 6 -15.51 9.94 -4.29
N ASP A 7 -14.83 9.39 -3.29
CA ASP A 7 -14.87 9.86 -1.90
C ASP A 7 -13.48 9.81 -1.22
N PRO A 8 -13.18 10.71 -0.26
CA PRO A 8 -11.87 10.78 0.40
C PRO A 8 -11.52 9.55 1.26
N GLU A 9 -12.50 8.81 1.78
CA GLU A 9 -12.22 7.62 2.60
C GLU A 9 -11.65 6.48 1.75
N LYS A 10 -12.21 6.23 0.56
CA LYS A 10 -11.67 5.25 -0.39
C LYS A 10 -10.31 5.68 -0.91
N ARG A 11 -10.10 6.99 -1.14
CA ARG A 11 -8.81 7.54 -1.61
C ARG A 11 -7.73 7.40 -0.54
N LYS A 12 -8.00 7.76 0.72
CA LYS A 12 -6.99 7.62 1.79
C LYS A 12 -6.66 6.15 2.04
N LEU A 13 -7.64 5.23 1.92
CA LEU A 13 -7.36 3.79 2.05
C LEU A 13 -6.51 3.28 0.89
N ILE A 14 -6.92 3.41 -0.39
CA ILE A 14 -6.07 2.93 -1.51
C ILE A 14 -4.67 3.57 -1.51
N GLN A 15 -4.54 4.84 -1.11
CA GLN A 15 -3.26 5.52 -1.03
C GLN A 15 -2.38 4.95 0.10
N GLN A 16 -2.94 4.58 1.27
CA GLN A 16 -2.16 3.91 2.31
C GLN A 16 -1.98 2.40 2.03
N GLN A 17 -2.92 1.75 1.34
CA GLN A 17 -2.80 0.34 0.98
C GLN A 17 -1.62 0.18 0.02
N LEU A 18 -1.45 1.10 -0.94
CA LEU A 18 -0.29 1.08 -1.83
C LEU A 18 0.99 1.52 -1.11
N VAL A 19 0.95 2.49 -0.17
CA VAL A 19 2.13 2.87 0.64
C VAL A 19 2.66 1.67 1.43
N LEU A 20 1.75 0.80 1.89
CA LEU A 20 2.04 -0.39 2.68
C LEU A 20 2.40 -1.61 1.80
N LEU A 21 1.80 -1.75 0.61
CA LEU A 21 2.14 -2.80 -0.36
C LEU A 21 3.57 -2.55 -0.87
N LEU A 22 3.85 -1.33 -1.34
CA LEU A 22 5.17 -0.94 -1.84
C LEU A 22 6.24 -1.06 -0.74
N HIS A 23 5.87 -0.85 0.53
CA HIS A 23 6.74 -1.11 1.68
C HIS A 23 7.01 -2.63 1.75
N ALA A 24 5.96 -3.45 1.89
CA ALA A 24 6.06 -4.91 2.04
C ALA A 24 6.86 -5.59 0.91
N HIS A 25 6.69 -5.16 -0.34
CA HIS A 25 7.46 -5.70 -1.48
C HIS A 25 8.96 -5.42 -1.37
N LYS A 26 9.37 -4.26 -0.85
CA LYS A 26 10.79 -3.91 -0.65
C LYS A 26 11.32 -4.45 0.71
N CYS A 27 10.45 -4.63 1.70
CA CYS A 27 10.74 -5.29 2.97
C CYS A 27 11.16 -6.77 2.71
N GLN A 28 10.39 -7.44 1.84
CA GLN A 28 10.64 -8.79 1.32
C GLN A 28 11.99 -8.89 0.56
N ARG A 29 12.47 -7.78 -0.03
CA ARG A 29 13.74 -7.71 -0.78
C ARG A 29 14.96 -7.37 0.09
N ARG A 30 14.80 -6.62 1.18
CA ARG A 30 15.90 -6.32 2.12
C ARG A 30 16.19 -7.47 3.08
N GLU A 31 15.17 -8.23 3.50
CA GLU A 31 15.36 -9.38 4.40
C GLU A 31 16.08 -10.58 3.74
N GLN A 32 16.02 -10.68 2.41
CA GLN A 32 16.75 -11.69 1.63
C GLN A 32 18.16 -11.19 1.22
N ALA A 33 18.45 -9.90 1.43
CA ALA A 33 19.71 -9.23 1.10
C ALA A 33 20.63 -8.97 2.31
N ASN A 34 20.08 -8.92 3.54
CA ASN A 34 20.78 -8.63 4.79
C ASN A 34 20.57 -9.74 5.85
N GLY A 35 21.55 -9.93 6.74
CA GLY A 35 21.48 -10.91 7.83
C GLY A 35 20.53 -10.49 8.98
N GLU A 36 20.33 -9.18 9.17
CA GLU A 36 19.43 -8.57 10.16
C GLU A 36 18.74 -7.33 9.57
N VAL A 37 17.50 -7.06 10.00
CA VAL A 37 16.68 -5.91 9.54
C VAL A 37 15.93 -5.31 10.74
N ARG A 38 15.78 -3.97 10.76
CA ARG A 38 15.06 -3.21 11.81
C ARG A 38 13.54 -3.40 11.77
N ALA A 39 12.85 -2.96 12.82
CA ALA A 39 11.38 -3.05 12.91
C ALA A 39 10.66 -2.11 11.93
N CYS A 40 9.60 -2.59 11.29
CA CYS A 40 8.82 -1.85 10.29
C CYS A 40 8.10 -0.61 10.88
N SER A 41 7.98 0.43 10.04
CA SER A 41 7.26 1.68 10.34
C SER A 41 5.75 1.55 10.08
N LEU A 42 5.29 0.42 9.52
CA LEU A 42 3.89 0.11 9.20
C LEU A 42 3.56 -1.31 9.73
N PRO A 43 2.95 -1.45 10.94
CA PRO A 43 2.66 -2.74 11.59
C PRO A 43 1.96 -3.80 10.75
N HIS A 44 1.09 -3.41 9.81
CA HIS A 44 0.33 -4.33 8.93
C HIS A 44 1.20 -5.18 8.00
N CYS A 45 2.50 -4.91 7.90
CA CYS A 45 3.47 -5.68 7.10
C CYS A 45 3.37 -7.19 7.40
N ARG A 46 3.22 -7.58 8.68
CA ARG A 46 3.05 -8.98 9.11
C ARG A 46 1.80 -9.66 8.50
N THR A 47 0.71 -8.92 8.33
CA THR A 47 -0.56 -9.39 7.75
C THR A 47 -0.49 -9.37 6.21
N MET A 48 0.09 -8.33 5.63
CA MET A 48 0.21 -8.16 4.18
C MET A 48 1.27 -9.06 3.52
N LYS A 49 2.41 -9.34 4.17
CA LYS A 49 3.45 -10.24 3.62
C LYS A 49 2.91 -11.65 3.34
N ASN A 50 1.95 -12.13 4.14
CA ASN A 50 1.27 -13.41 3.92
C ASN A 50 0.39 -13.37 2.65
N VAL A 51 -0.18 -12.23 2.30
CA VAL A 51 -0.92 -12.03 1.03
C VAL A 51 0.06 -12.05 -0.13
N LEU A 52 1.21 -11.36 0.00
CA LEU A 52 2.24 -11.32 -1.05
C LEU A 52 2.72 -12.73 -1.41
N ASN A 53 2.99 -13.58 -0.41
CA ASN A 53 3.41 -14.97 -0.62
C ASN A 53 2.43 -15.77 -1.50
N HIS A 54 1.11 -15.52 -1.38
CA HIS A 54 0.12 -16.12 -2.26
C HIS A 54 0.16 -15.44 -3.65
N MET A 55 0.12 -14.11 -3.66
CA MET A 55 0.07 -13.27 -4.87
C MET A 55 1.24 -13.47 -5.84
N THR A 56 2.46 -13.85 -5.40
CA THR A 56 3.58 -14.10 -6.35
C THR A 56 3.28 -15.25 -7.34
N HIS A 57 2.26 -16.08 -7.03
CA HIS A 57 1.79 -17.21 -7.83
C HIS A 57 0.38 -17.01 -8.42
N CYS A 58 -0.23 -15.82 -8.27
CA CYS A 58 -1.59 -15.51 -8.69
C CYS A 58 -1.71 -14.21 -9.53
N GLN A 59 -2.49 -14.28 -10.61
CA GLN A 59 -2.80 -13.17 -11.52
C GLN A 59 -4.14 -13.37 -12.26
N ALA A 60 -5.10 -14.04 -11.60
CA ALA A 60 -6.43 -14.36 -12.13
C ALA A 60 -7.45 -13.20 -12.10
N GLY A 61 -6.97 -11.95 -12.01
CA GLY A 61 -7.80 -10.75 -11.97
C GLY A 61 -8.75 -10.75 -10.77
N LYS A 62 -10.06 -10.67 -11.03
CA LYS A 62 -11.14 -10.67 -10.03
C LYS A 62 -11.73 -12.07 -9.76
N ALA A 63 -11.25 -13.11 -10.44
CA ALA A 63 -11.72 -14.49 -10.25
C ALA A 63 -11.23 -15.09 -8.92
N CYS A 64 -10.05 -14.67 -8.43
CA CYS A 64 -9.49 -15.10 -7.14
C CYS A 64 -10.35 -14.53 -5.99
N GLN A 65 -10.83 -15.43 -5.11
CA GLN A 65 -11.72 -15.08 -3.99
C GLN A 65 -10.97 -14.73 -2.68
N VAL A 66 -9.63 -14.68 -2.71
CA VAL A 66 -8.80 -14.30 -1.55
C VAL A 66 -8.98 -12.81 -1.28
N ALA A 67 -9.41 -12.49 -0.06
CA ALA A 67 -9.80 -11.17 0.45
C ALA A 67 -8.99 -9.97 -0.09
N HIS A 68 -7.65 -10.05 -0.05
CA HIS A 68 -6.74 -8.97 -0.45
C HIS A 68 -5.92 -9.21 -1.75
N CYS A 69 -6.14 -10.30 -2.49
CA CYS A 69 -5.38 -10.64 -3.69
C CYS A 69 -5.80 -9.74 -4.88
N ALA A 70 -7.07 -9.83 -5.28
CA ALA A 70 -7.63 -9.05 -6.39
C ALA A 70 -7.50 -7.53 -6.19
N SER A 71 -7.62 -7.02 -4.95
CA SER A 71 -7.48 -5.57 -4.69
C SER A 71 -6.03 -5.11 -4.77
N SER A 72 -5.07 -5.93 -4.31
CA SER A 72 -3.63 -5.63 -4.44
C SER A 72 -3.19 -5.66 -5.90
N ARG A 73 -3.70 -6.63 -6.69
CA ARG A 73 -3.44 -6.75 -8.13
C ARG A 73 -3.88 -5.50 -8.89
N GLN A 74 -4.98 -4.86 -8.48
CA GLN A 74 -5.49 -3.62 -9.06
C GLN A 74 -4.46 -2.48 -8.93
N ILE A 75 -3.93 -2.28 -7.71
CA ILE A 75 -2.90 -1.27 -7.42
C ILE A 75 -1.69 -1.46 -8.36
N ILE A 76 -1.12 -2.67 -8.37
CA ILE A 76 0.08 -2.98 -9.15
C ILE A 76 -0.16 -2.81 -10.65
N SER A 77 -1.30 -3.28 -11.17
CA SER A 77 -1.64 -3.12 -12.59
C SER A 77 -1.74 -1.64 -12.99
N HIS A 78 -2.29 -0.77 -12.12
CA HIS A 78 -2.33 0.67 -12.37
C HIS A 78 -0.90 1.24 -12.32
N TRP A 79 -0.11 0.89 -11.28
CA TRP A 79 1.28 1.35 -11.08
C TRP A 79 2.20 1.03 -12.26
N LYS A 80 2.02 -0.14 -12.89
CA LYS A 80 2.79 -0.61 -14.06
C LYS A 80 2.45 0.13 -15.37
N ASN A 81 1.36 0.90 -15.43
CA ASN A 81 0.89 1.57 -16.66
C ASN A 81 0.67 3.09 -16.56
N CYS A 82 0.47 3.66 -15.38
CA CYS A 82 0.19 5.09 -15.19
C CYS A 82 1.43 5.98 -15.48
N THR A 83 1.27 6.96 -16.37
CA THR A 83 2.30 7.92 -16.81
C THR A 83 1.95 9.39 -16.53
N ARG A 84 0.71 9.68 -16.12
CA ARG A 84 0.24 11.05 -15.81
C ARG A 84 0.84 11.57 -14.49
N HIS A 85 1.54 12.70 -14.55
CA HIS A 85 2.14 13.33 -13.36
C HIS A 85 1.08 13.82 -12.35
N ASP A 86 -0.05 14.28 -12.86
CA ASP A 86 -1.19 14.86 -12.12
C ASP A 86 -2.27 13.82 -11.69
N CYS A 87 -1.99 12.51 -11.73
CA CYS A 87 -2.97 11.48 -11.33
C CYS A 87 -3.28 11.65 -9.82
N PRO A 88 -4.55 11.80 -9.39
CA PRO A 88 -4.90 12.15 -8.01
C PRO A 88 -4.40 11.21 -6.91
N VAL A 89 -4.24 9.92 -7.18
CA VAL A 89 -3.74 8.94 -6.19
C VAL A 89 -2.21 8.81 -6.23
N CYS A 90 -1.60 8.90 -7.42
CA CYS A 90 -0.16 8.77 -7.65
C CYS A 90 0.66 10.04 -7.31
N LEU A 91 0.07 11.23 -7.49
CA LEU A 91 0.71 12.55 -7.30
C LEU A 91 1.46 12.71 -5.95
N PRO A 92 0.88 12.41 -4.77
CA PRO A 92 1.61 12.57 -3.51
C PRO A 92 2.81 11.61 -3.38
N LEU A 93 2.69 10.37 -3.85
CA LEU A 93 3.78 9.37 -3.86
C LEU A 93 4.93 9.83 -4.76
N LYS A 94 4.60 10.34 -5.95
CA LYS A 94 5.52 10.86 -6.96
C LYS A 94 6.41 11.99 -6.39
N ASN A 95 5.85 12.81 -5.51
CA ASN A 95 6.56 13.88 -4.79
C ASN A 95 7.31 13.35 -3.54
N ALA A 96 6.70 12.44 -2.78
CA ALA A 96 7.28 11.86 -1.55
C ALA A 96 8.47 10.91 -1.80
N SER A 97 8.66 10.44 -3.04
CA SER A 97 9.75 9.52 -3.44
C SER A 97 11.17 10.11 -3.29
N ASP A 98 11.30 11.44 -3.10
CA ASP A 98 12.57 12.12 -2.87
C ASP A 98 12.43 13.26 -1.84
N LYS A 99 13.47 13.50 -1.05
CA LYS A 99 13.52 14.52 0.03
C LYS A 99 14.37 15.76 -0.34
N ARG A 100 14.63 15.98 -1.63
CA ARG A 100 15.42 17.11 -2.16
C ARG A 100 14.72 18.47 -1.95
N GLY B 1 17.38 5.44 21.85
CA GLY B 1 16.38 4.66 21.13
C GLY B 1 16.45 3.16 21.40
N SER B 2 15.42 2.41 20.96
CA SER B 2 15.32 0.96 21.13
C SER B 2 14.41 0.31 20.08
N HIS B 3 14.62 -0.99 19.82
CA HIS B 3 13.86 -1.80 18.87
C HIS B 3 12.46 -2.14 19.44
N MET B 4 11.39 -1.69 18.76
CA MET B 4 9.99 -1.91 19.14
C MET B 4 9.13 -2.33 17.95
N LYS B 5 8.27 -3.36 18.13
CA LYS B 5 7.37 -3.92 17.11
C LYS B 5 5.89 -3.55 17.29
N SER B 6 5.55 -2.81 18.34
CA SER B 6 4.17 -2.38 18.68
C SER B 6 3.77 -1.09 17.96
N THR B 7 2.46 -0.88 17.80
CA THR B 7 1.88 0.32 17.15
C THR B 7 2.13 1.59 17.96
N GLN B 8 2.53 2.69 17.31
CA GLN B 8 2.82 3.98 17.94
C GLN B 8 2.30 5.18 17.12
N ALA B 9 1.43 6.01 17.71
CA ALA B 9 0.86 7.20 17.04
C ALA B 9 1.84 8.38 16.92
N GLY B 10 2.89 8.41 17.74
CA GLY B 10 3.93 9.45 17.77
C GLY B 10 3.35 10.87 17.84
N GLU B 11 3.81 11.73 16.93
CA GLU B 11 3.37 13.12 16.76
C GLU B 11 2.93 13.43 15.31
N GLY B 12 2.76 12.39 14.48
CA GLY B 12 2.37 12.47 13.07
C GLY B 12 0.87 12.32 12.78
N THR B 13 0.56 12.01 11.51
CA THR B 13 -0.78 11.80 10.94
C THR B 13 -0.68 10.88 9.71
N LEU B 14 -1.81 10.43 9.16
CA LEU B 14 -1.84 9.52 8.00
C LEU B 14 -1.12 10.09 6.76
N SER B 15 -1.27 11.38 6.46
CA SER B 15 -0.53 12.03 5.36
C SER B 15 0.97 12.20 5.64
N GLU B 16 1.40 12.04 6.89
CA GLU B 16 2.83 12.04 7.28
C GLU B 16 3.39 10.60 7.23
N ALA B 17 2.55 9.57 7.41
CA ALA B 17 2.95 8.15 7.31
C ALA B 17 3.67 7.86 5.97
N LEU B 18 3.19 8.52 4.91
CA LEU B 18 3.71 8.54 3.54
C LEU B 18 5.15 9.08 3.44
N LEU B 19 5.51 10.10 4.23
CA LEU B 19 6.81 10.76 4.12
C LEU B 19 7.96 10.08 4.88
N HIS B 20 7.68 9.12 5.77
CA HIS B 20 8.71 8.44 6.57
C HIS B 20 9.62 7.47 5.81
N LEU B 21 9.17 6.96 4.66
CA LEU B 21 9.84 5.92 3.87
C LEU B 21 9.95 6.22 2.37
N GLN B 22 10.76 5.40 1.69
CA GLN B 22 11.01 5.45 0.24
C GLN B 22 10.11 4.46 -0.53
N PHE B 23 9.92 4.73 -1.82
CA PHE B 23 9.06 3.97 -2.75
C PHE B 23 9.85 3.23 -3.83
N ASP B 24 9.13 2.52 -4.71
CA ASP B 24 9.64 1.62 -5.77
C ASP B 24 10.47 2.26 -6.92
N ALA B 25 11.45 3.10 -6.57
CA ALA B 25 12.41 3.74 -7.46
C ALA B 25 13.77 3.01 -7.45
N ASP B 26 14.24 2.57 -6.28
CA ASP B 26 15.52 1.85 -6.11
C ASP B 26 15.42 0.34 -6.46
N GLU B 27 14.25 -0.24 -6.22
CA GLU B 27 13.85 -1.63 -6.51
C GLU B 27 12.36 -1.62 -6.82
N ASP B 28 11.83 -2.60 -7.57
CA ASP B 28 10.39 -2.64 -7.87
C ASP B 28 9.81 -4.05 -8.08
N LEU B 29 8.49 -4.14 -7.93
CA LEU B 29 7.66 -5.34 -8.00
C LEU B 29 7.09 -5.70 -9.39
N GLY B 30 7.50 -5.03 -10.47
CA GLY B 30 6.96 -5.24 -11.83
C GLY B 30 6.90 -6.69 -12.33
N ALA B 31 7.86 -7.53 -11.93
CA ALA B 31 7.93 -8.95 -12.30
C ALA B 31 7.20 -9.91 -11.31
N LEU B 32 6.75 -9.43 -10.14
CA LEU B 32 6.10 -10.25 -9.12
C LEU B 32 4.69 -10.72 -9.52
N LEU B 33 3.97 -9.95 -10.38
CA LEU B 33 2.66 -10.37 -10.89
C LEU B 33 2.76 -11.63 -11.80
N GLY B 34 3.97 -11.95 -12.29
CA GLY B 34 4.27 -13.09 -13.18
C GLY B 34 4.74 -12.66 -14.57
N ASN B 35 4.77 -13.61 -15.52
CA ASN B 35 5.19 -13.37 -16.91
C ASN B 35 4.20 -12.47 -17.70
N SER B 36 2.93 -12.43 -17.28
CA SER B 36 1.84 -11.64 -17.88
C SER B 36 0.83 -11.17 -16.82
N THR B 37 -0.02 -10.21 -17.20
CA THR B 37 -1.08 -9.61 -16.37
C THR B 37 -2.46 -9.78 -17.00
N ASP B 38 -3.52 -9.43 -16.26
CA ASP B 38 -4.92 -9.54 -16.71
C ASP B 38 -5.61 -8.16 -16.78
N PRO B 39 -5.68 -7.50 -17.96
CA PRO B 39 -6.36 -6.20 -18.14
C PRO B 39 -7.83 -6.16 -17.67
N GLY B 40 -8.49 -7.30 -17.46
CA GLY B 40 -9.83 -7.36 -16.87
C GLY B 40 -9.86 -6.82 -15.42
N VAL B 41 -8.69 -6.77 -14.75
CA VAL B 41 -8.51 -6.20 -13.41
C VAL B 41 -8.32 -4.68 -13.44
N PHE B 42 -8.12 -4.08 -14.62
CA PHE B 42 -7.92 -2.65 -14.79
C PHE B 42 -9.27 -1.92 -14.69
N THR B 43 -9.41 -1.07 -13.68
CA THR B 43 -10.62 -0.28 -13.39
C THR B 43 -10.25 1.02 -12.64
N ASP B 44 -11.23 1.88 -12.37
CA ASP B 44 -11.04 3.14 -11.64
C ASP B 44 -10.66 2.85 -10.17
N LEU B 45 -9.59 3.49 -9.67
CA LEU B 45 -9.10 3.34 -8.30
C LEU B 45 -10.15 3.70 -7.22
N ALA B 46 -11.05 4.64 -7.48
CA ALA B 46 -12.14 4.99 -6.56
C ALA B 46 -13.27 3.93 -6.54
N SER B 47 -13.22 2.95 -7.47
CA SER B 47 -14.17 1.82 -7.59
C SER B 47 -13.58 0.49 -7.09
N VAL B 48 -12.34 0.49 -6.56
CA VAL B 48 -11.64 -0.68 -5.99
C VAL B 48 -12.48 -1.38 -4.92
N ASP B 49 -12.52 -2.72 -4.98
CA ASP B 49 -13.22 -3.59 -4.03
C ASP B 49 -12.26 -4.10 -2.94
N ASN B 50 -11.82 -3.19 -2.05
CA ASN B 50 -10.88 -3.44 -0.96
C ASN B 50 -11.53 -3.57 0.44
N SER B 51 -12.84 -3.80 0.53
CA SER B 51 -13.64 -3.86 1.77
C SER B 51 -12.99 -4.64 2.93
N GLU B 52 -12.36 -5.78 2.66
CA GLU B 52 -11.67 -6.58 3.69
C GLU B 52 -10.30 -6.01 4.05
N PHE B 53 -9.59 -5.39 3.10
CA PHE B 53 -8.28 -4.77 3.32
C PHE B 53 -8.44 -3.55 4.24
N GLN B 54 -9.51 -2.77 4.06
CA GLN B 54 -9.78 -1.60 4.92
C GLN B 54 -9.88 -2.02 6.40
N GLN B 55 -10.51 -3.16 6.71
CA GLN B 55 -10.66 -3.68 8.07
C GLN B 55 -9.32 -4.12 8.69
N LEU B 56 -8.35 -4.57 7.88
CA LEU B 56 -6.99 -4.92 8.30
C LEU B 56 -6.19 -3.66 8.66
N LEU B 57 -6.22 -2.63 7.80
CA LEU B 57 -5.49 -1.38 8.01
C LEU B 57 -6.14 -0.45 9.05
N ASN B 58 -7.45 -0.54 9.26
CA ASN B 58 -8.21 0.20 10.28
C ASN B 58 -7.75 -0.13 11.72
N GLN B 59 -7.01 -1.24 11.91
CA GLN B 59 -6.43 -1.62 13.21
C GLN B 59 -5.32 -0.64 13.69
N GLY B 60 -4.89 0.30 12.84
CA GLY B 60 -3.94 1.38 13.14
C GLY B 60 -2.49 1.18 12.65
N VAL B 61 -1.92 2.24 12.06
CA VAL B 61 -0.55 2.33 11.56
C VAL B 61 0.35 3.09 12.56
N SER B 62 1.68 2.99 12.38
CA SER B 62 2.67 3.70 13.20
C SER B 62 3.25 4.93 12.50
N MET B 63 3.77 5.85 13.32
CA MET B 63 4.46 7.08 12.89
C MET B 63 5.92 7.00 13.33
N SER B 64 6.84 7.43 12.46
CA SER B 64 8.30 7.38 12.69
C SER B 64 8.88 8.75 13.02
N HIS B 65 9.73 8.82 14.05
CA HIS B 65 10.41 10.02 14.51
C HIS B 65 11.86 9.71 14.94
N SER B 66 12.78 10.64 14.70
CA SER B 66 14.22 10.49 15.01
C SER B 66 14.52 10.19 16.48
N THR B 67 13.63 10.58 17.39
CA THR B 67 13.74 10.34 18.85
C THR B 67 13.66 8.86 19.23
N ALA B 68 13.12 8.00 18.35
CA ALA B 68 13.01 6.56 18.57
C ALA B 68 14.29 5.77 18.21
N GLU B 69 15.27 6.42 17.56
CA GLU B 69 16.54 5.82 17.13
C GLU B 69 17.73 6.22 18.04
N PRO B 70 18.69 5.31 18.30
CA PRO B 70 19.86 5.59 19.14
C PRO B 70 20.82 6.60 18.50
N ALA A 1 -20.62 23.83 -1.11
CA ALA A 1 -21.97 23.31 -0.95
C ALA A 1 -22.18 21.90 -1.55
N THR A 2 -21.15 21.35 -2.22
CA THR A 2 -21.15 20.03 -2.87
C THR A 2 -19.90 19.21 -2.52
N GLY A 3 -20.02 17.88 -2.51
CA GLY A 3 -18.93 16.95 -2.20
C GLY A 3 -17.88 16.78 -3.33
N PRO A 4 -16.73 16.15 -3.03
CA PRO A 4 -15.65 15.91 -3.99
C PRO A 4 -16.02 14.86 -5.07
N THR A 5 -15.21 14.80 -6.14
CA THR A 5 -15.39 13.84 -7.26
C THR A 5 -15.23 12.37 -6.82
N ALA A 6 -14.44 12.12 -5.77
CA ALA A 6 -14.21 10.82 -5.15
C ALA A 6 -14.13 10.95 -3.62
N ASP A 7 -14.59 9.95 -2.88
CA ASP A 7 -14.61 9.97 -1.41
C ASP A 7 -13.19 10.06 -0.80
N PRO A 8 -12.95 10.99 0.15
CA PRO A 8 -11.63 11.21 0.73
C PRO A 8 -11.09 10.02 1.55
N GLU A 9 -11.91 9.35 2.35
CA GLU A 9 -11.46 8.19 3.14
C GLU A 9 -11.16 6.97 2.25
N LYS A 10 -11.90 6.80 1.15
CA LYS A 10 -11.62 5.77 0.14
C LYS A 10 -10.24 6.05 -0.47
N ARG A 11 -10.00 7.31 -0.83
CA ARG A 11 -8.71 7.82 -1.36
C ARG A 11 -7.58 7.59 -0.36
N LYS A 12 -7.81 7.79 0.95
CA LYS A 12 -6.81 7.47 1.98
C LYS A 12 -6.54 5.97 2.06
N LEU A 13 -7.54 5.09 1.95
CA LEU A 13 -7.30 3.63 1.99
C LEU A 13 -6.54 3.14 0.75
N ILE A 14 -6.94 3.49 -0.47
CA ILE A 14 -6.15 3.11 -1.69
C ILE A 14 -4.72 3.69 -1.64
N GLN A 15 -4.53 4.87 -1.06
CA GLN A 15 -3.19 5.45 -0.88
C GLN A 15 -2.42 4.75 0.27
N GLN A 16 -3.12 4.25 1.29
CA GLN A 16 -2.55 3.45 2.37
C GLN A 16 -2.15 2.07 1.81
N GLN A 17 -2.93 1.49 0.89
CA GLN A 17 -2.56 0.26 0.19
C GLN A 17 -1.27 0.50 -0.58
N LEU A 18 -1.19 1.59 -1.37
CA LEU A 18 0.01 1.97 -2.12
C LEU A 18 1.25 2.10 -1.22
N VAL A 19 1.19 2.94 -0.17
CA VAL A 19 2.33 3.18 0.73
C VAL A 19 2.77 1.93 1.51
N LEU A 20 1.83 1.02 1.81
CA LEU A 20 2.07 -0.20 2.60
C LEU A 20 2.46 -1.43 1.76
N LEU A 21 1.87 -1.61 0.57
CA LEU A 21 2.19 -2.70 -0.38
C LEU A 21 3.60 -2.49 -0.92
N LEU A 22 3.88 -1.32 -1.52
CA LEU A 22 5.19 -1.00 -2.10
C LEU A 22 6.30 -1.08 -1.04
N HIS A 23 5.96 -0.85 0.24
CA HIS A 23 6.87 -1.08 1.37
C HIS A 23 7.09 -2.60 1.57
N ALA A 24 6.03 -3.38 1.80
CA ALA A 24 6.11 -4.84 2.04
C ALA A 24 6.88 -5.61 0.95
N HIS A 25 6.82 -5.17 -0.31
CA HIS A 25 7.56 -5.77 -1.43
C HIS A 25 9.08 -5.52 -1.35
N LYS A 26 9.52 -4.38 -0.82
CA LYS A 26 10.93 -4.01 -0.62
C LYS A 26 11.48 -4.45 0.75
N CYS A 27 10.63 -4.50 1.78
CA CYS A 27 10.95 -4.95 3.15
C CYS A 27 11.50 -6.39 3.16
N GLN A 28 10.84 -7.29 2.42
CA GLN A 28 11.30 -8.68 2.25
C GLN A 28 12.59 -8.82 1.43
N ARG A 29 13.01 -7.77 0.71
CA ARG A 29 14.23 -7.71 -0.10
C ARG A 29 15.43 -7.21 0.70
N ARG A 30 15.26 -6.16 1.53
CA ARG A 30 16.33 -5.63 2.39
C ARG A 30 16.80 -6.63 3.45
N GLU A 31 15.93 -7.50 3.97
CA GLU A 31 16.33 -8.55 4.93
C GLU A 31 17.22 -9.65 4.29
N GLN A 32 17.21 -9.76 2.95
CA GLN A 32 18.07 -10.65 2.18
C GLN A 32 19.39 -9.95 1.80
N ALA A 33 19.34 -8.63 1.52
CA ALA A 33 20.49 -7.81 1.15
C ALA A 33 21.40 -7.42 2.33
N ASN A 34 20.83 -7.11 3.50
CA ASN A 34 21.53 -6.70 4.73
C ASN A 34 21.55 -7.81 5.80
N GLY A 35 22.54 -7.77 6.70
CA GLY A 35 22.69 -8.76 7.78
C GLY A 35 21.66 -8.64 8.91
N GLU A 36 21.11 -7.44 9.13
CA GLU A 36 20.07 -7.13 10.13
C GLU A 36 19.21 -5.93 9.68
N VAL A 37 17.96 -5.87 10.15
CA VAL A 37 16.98 -4.82 9.82
C VAL A 37 16.13 -4.45 11.05
N ARG A 38 15.80 -3.15 11.22
CA ARG A 38 14.95 -2.61 12.30
C ARG A 38 13.45 -2.89 12.07
N ALA A 39 12.62 -2.64 13.08
CA ALA A 39 11.16 -2.83 13.02
C ALA A 39 10.45 -1.73 12.21
N CYS A 40 9.37 -2.10 11.51
CA CYS A 40 8.58 -1.22 10.66
C CYS A 40 7.64 -0.26 11.44
N SER A 41 7.33 0.88 10.82
CA SER A 41 6.34 1.85 11.33
C SER A 41 4.89 1.46 10.94
N LEU A 42 4.74 0.41 10.11
CA LEU A 42 3.48 -0.11 9.59
C LEU A 42 3.21 -1.52 10.18
N PRO A 43 2.42 -1.67 11.27
CA PRO A 43 2.14 -2.97 11.91
C PRO A 43 1.53 -4.04 10.98
N HIS A 44 0.87 -3.60 9.91
CA HIS A 44 0.21 -4.45 8.90
C HIS A 44 1.18 -5.18 7.95
N CYS A 45 2.48 -4.85 7.98
CA CYS A 45 3.55 -5.41 7.13
C CYS A 45 3.49 -6.95 7.05
N ARG A 46 3.52 -7.66 8.19
CA ARG A 46 3.44 -9.13 8.24
C ARG A 46 2.08 -9.69 7.76
N THR A 47 0.98 -9.02 8.10
CA THR A 47 -0.38 -9.39 7.68
C THR A 47 -0.51 -9.33 6.15
N MET A 48 0.07 -8.31 5.52
CA MET A 48 0.08 -8.15 4.07
C MET A 48 1.12 -9.06 3.39
N LYS A 49 2.30 -9.27 3.99
CA LYS A 49 3.35 -10.17 3.47
C LYS A 49 2.82 -11.59 3.20
N ASN A 50 1.88 -12.09 4.01
CA ASN A 50 1.23 -13.39 3.81
C ASN A 50 0.37 -13.40 2.52
N VAL A 51 -0.27 -12.28 2.19
CA VAL A 51 -1.02 -12.10 0.92
C VAL A 51 -0.03 -12.01 -0.24
N LEU A 52 1.09 -11.29 -0.08
CA LEU A 52 2.11 -11.18 -1.12
C LEU A 52 2.65 -12.55 -1.51
N ASN A 53 2.92 -13.42 -0.52
CA ASN A 53 3.40 -14.80 -0.74
C ASN A 53 2.45 -15.61 -1.64
N HIS A 54 1.12 -15.44 -1.48
CA HIS A 54 0.14 -16.07 -2.37
C HIS A 54 0.18 -15.40 -3.77
N MET A 55 0.12 -14.06 -3.79
CA MET A 55 0.08 -13.23 -4.99
C MET A 55 1.26 -13.43 -5.95
N THR A 56 2.47 -13.79 -5.50
CA THR A 56 3.60 -14.04 -6.44
C THR A 56 3.34 -15.22 -7.40
N HIS A 57 2.36 -16.08 -7.07
CA HIS A 57 1.91 -17.25 -7.83
C HIS A 57 0.51 -17.09 -8.44
N CYS A 58 -0.10 -15.89 -8.37
CA CYS A 58 -1.45 -15.59 -8.82
C CYS A 58 -1.51 -14.38 -9.78
N GLN A 59 -2.28 -14.49 -10.85
CA GLN A 59 -2.48 -13.45 -11.88
C GLN A 59 -3.89 -13.43 -12.51
N ALA A 60 -4.85 -14.11 -11.87
CA ALA A 60 -6.23 -14.28 -12.35
C ALA A 60 -7.15 -13.04 -12.23
N GLY A 61 -6.59 -11.86 -11.98
CA GLY A 61 -7.35 -10.60 -11.87
C GLY A 61 -8.36 -10.62 -10.73
N LYS A 62 -9.66 -10.56 -11.08
CA LYS A 62 -10.80 -10.61 -10.14
C LYS A 62 -11.40 -12.02 -9.97
N ALA A 63 -10.92 -13.01 -10.72
CA ALA A 63 -11.43 -14.39 -10.61
C ALA A 63 -10.98 -15.08 -9.31
N CYS A 64 -9.82 -14.70 -8.76
CA CYS A 64 -9.33 -15.19 -7.47
C CYS A 64 -10.26 -14.67 -6.35
N GLN A 65 -10.83 -15.61 -5.57
CA GLN A 65 -11.79 -15.31 -4.51
C GLN A 65 -11.14 -14.91 -3.18
N VAL A 66 -9.81 -14.78 -3.14
CA VAL A 66 -9.05 -14.33 -1.95
C VAL A 66 -9.25 -12.83 -1.80
N ALA A 67 -9.84 -12.43 -0.67
CA ALA A 67 -10.26 -11.05 -0.35
C ALA A 67 -9.22 -9.97 -0.69
N HIS A 68 -7.98 -10.11 -0.20
CA HIS A 68 -6.90 -9.13 -0.38
C HIS A 68 -6.09 -9.27 -1.69
N CYS A 69 -6.17 -10.40 -2.40
CA CYS A 69 -5.44 -10.66 -3.64
C CYS A 69 -5.93 -9.75 -4.79
N ALA A 70 -7.23 -9.81 -5.07
CA ALA A 70 -7.89 -9.03 -6.12
C ALA A 70 -7.72 -7.50 -5.99
N SER A 71 -7.78 -6.95 -4.77
CA SER A 71 -7.62 -5.50 -4.54
C SER A 71 -6.16 -5.06 -4.56
N SER A 72 -5.22 -5.89 -4.06
CA SER A 72 -3.78 -5.59 -4.12
C SER A 72 -3.28 -5.59 -5.57
N ARG A 73 -3.74 -6.56 -6.38
CA ARG A 73 -3.42 -6.64 -7.82
C ARG A 73 -3.89 -5.40 -8.58
N GLN A 74 -5.01 -4.79 -8.18
CA GLN A 74 -5.52 -3.57 -8.82
C GLN A 74 -4.49 -2.43 -8.69
N ILE A 75 -3.97 -2.19 -7.47
CA ILE A 75 -2.94 -1.18 -7.19
C ILE A 75 -1.73 -1.37 -8.12
N ILE A 76 -1.17 -2.58 -8.13
CA ILE A 76 0.04 -2.94 -8.88
C ILE A 76 -0.18 -2.85 -10.39
N SER A 77 -1.33 -3.34 -10.90
CA SER A 77 -1.68 -3.27 -12.32
C SER A 77 -1.78 -1.81 -12.80
N HIS A 78 -2.40 -0.93 -12.00
CA HIS A 78 -2.44 0.50 -12.30
C HIS A 78 -1.02 1.09 -12.30
N TRP A 79 -0.21 0.78 -11.28
CA TRP A 79 1.18 1.26 -11.15
C TRP A 79 2.07 0.90 -12.34
N LYS A 80 1.88 -0.30 -12.92
CA LYS A 80 2.63 -0.80 -14.09
C LYS A 80 2.22 -0.14 -15.42
N ASN A 81 1.14 0.65 -15.46
CA ASN A 81 0.62 1.29 -16.67
C ASN A 81 0.49 2.83 -16.60
N CYS A 82 0.30 3.41 -15.41
CA CYS A 82 0.14 4.86 -15.20
C CYS A 82 1.50 5.57 -15.30
N THR A 83 1.66 6.41 -16.34
CA THR A 83 2.90 7.16 -16.66
C THR A 83 2.74 8.68 -16.65
N ARG A 84 1.49 9.20 -16.68
CA ARG A 84 1.19 10.64 -16.65
C ARG A 84 1.44 11.28 -15.28
N HIS A 85 1.67 12.59 -15.24
CA HIS A 85 2.04 13.36 -14.03
C HIS A 85 0.86 14.01 -13.29
N ASP A 86 -0.38 13.77 -13.70
CA ASP A 86 -1.60 14.40 -13.14
C ASP A 86 -2.64 13.44 -12.50
N CYS A 87 -2.30 12.16 -12.25
CA CYS A 87 -3.21 11.21 -11.59
C CYS A 87 -3.36 11.63 -10.09
N PRO A 88 -4.57 11.86 -9.56
CA PRO A 88 -4.76 12.38 -8.20
C PRO A 88 -4.32 11.46 -7.05
N VAL A 89 -4.32 10.14 -7.25
CA VAL A 89 -3.92 9.16 -6.23
C VAL A 89 -2.42 8.84 -6.28
N CYS A 90 -1.83 8.84 -7.48
CA CYS A 90 -0.42 8.53 -7.73
C CYS A 90 0.56 9.67 -7.40
N LEU A 91 0.18 10.93 -7.68
CA LEU A 91 1.03 12.12 -7.50
C LEU A 91 1.78 12.20 -6.15
N PRO A 92 1.12 12.02 -4.98
CA PRO A 92 1.78 12.09 -3.69
C PRO A 92 2.94 11.08 -3.55
N LEU A 93 2.73 9.80 -3.89
CA LEU A 93 3.80 8.78 -3.85
C LEU A 93 4.91 9.10 -4.87
N LYS A 94 4.53 9.60 -6.05
CA LYS A 94 5.43 9.97 -7.15
C LYS A 94 6.40 11.10 -6.77
N ASN A 95 5.97 12.08 -5.97
CA ASN A 95 6.84 13.20 -5.54
C ASN A 95 7.51 13.03 -4.17
N ALA A 96 6.82 12.39 -3.22
CA ALA A 96 7.30 12.25 -1.83
C ALA A 96 8.57 11.39 -1.65
N SER A 97 9.03 10.70 -2.71
CA SER A 97 10.28 9.93 -2.73
C SER A 97 11.53 10.83 -2.68
N ASP A 98 11.36 12.15 -2.89
CA ASP A 98 12.38 13.20 -2.83
C ASP A 98 11.99 14.28 -1.80
N LYS A 99 12.98 15.01 -1.26
CA LYS A 99 12.77 16.09 -0.26
C LYS A 99 11.85 17.24 -0.71
N ARG A 100 11.71 17.46 -2.02
CA ARG A 100 10.85 18.51 -2.63
C ARG A 100 10.00 17.95 -3.79
N GLY B 1 25.77 -4.29 23.93
CA GLY B 1 24.31 -4.24 24.13
C GLY B 1 23.50 -4.21 22.83
N SER B 2 22.17 -4.18 22.95
CA SER B 2 21.22 -4.16 21.83
C SER B 2 21.31 -2.88 20.99
N HIS B 3 21.04 -2.99 19.68
CA HIS B 3 21.09 -1.87 18.72
C HIS B 3 19.81 -1.01 18.67
N MET B 4 18.76 -1.37 19.42
CA MET B 4 17.48 -0.64 19.46
C MET B 4 17.58 0.65 20.30
N LYS B 5 17.09 1.77 19.75
CA LYS B 5 17.12 3.10 20.39
C LYS B 5 15.73 3.67 20.77
N SER B 6 14.65 3.14 20.19
CA SER B 6 13.25 3.57 20.46
C SER B 6 12.35 2.35 20.65
N THR B 7 11.80 2.20 21.85
CA THR B 7 10.94 1.07 22.27
C THR B 7 9.44 1.32 22.14
N GLN B 8 8.99 2.58 22.18
CA GLN B 8 7.58 2.97 22.08
C GLN B 8 7.39 4.25 21.25
N ALA B 9 6.23 4.35 20.59
CA ALA B 9 5.81 5.49 19.77
C ALA B 9 4.27 5.62 19.71
N GLY B 10 3.77 6.81 19.37
CA GLY B 10 2.34 7.10 19.22
C GLY B 10 1.74 6.58 17.91
N GLU B 11 0.42 6.72 17.75
CA GLU B 11 -0.32 6.34 16.54
C GLU B 11 -0.33 7.49 15.53
N GLY B 12 0.18 7.21 14.34
CA GLY B 12 0.31 8.15 13.21
C GLY B 12 -0.90 8.21 12.29
N THR B 13 -0.70 8.80 11.10
CA THR B 13 -1.70 8.94 10.03
C THR B 13 -1.06 8.64 8.68
N LEU B 14 -1.88 8.36 7.67
CA LEU B 14 -1.45 8.02 6.31
C LEU B 14 -0.55 9.10 5.70
N SER B 15 -0.86 10.40 5.84
CA SER B 15 0.02 11.43 5.26
C SER B 15 1.41 11.49 5.91
N GLU B 16 1.55 11.01 7.15
CA GLU B 16 2.85 10.86 7.81
C GLU B 16 3.55 9.58 7.31
N ALA B 17 2.81 8.48 7.13
CA ALA B 17 3.30 7.22 6.55
C ALA B 17 3.93 7.47 5.15
N LEU B 18 3.34 8.41 4.41
CA LEU B 18 3.74 8.85 3.08
C LEU B 18 4.99 9.77 3.09
N LEU B 19 5.27 10.46 4.19
CA LEU B 19 6.39 11.41 4.27
C LEU B 19 7.61 10.89 5.07
N HIS B 20 7.49 9.77 5.78
CA HIS B 20 8.57 9.21 6.62
C HIS B 20 9.11 7.83 6.18
N LEU B 21 8.80 7.39 4.96
CA LEU B 21 9.17 6.09 4.40
C LEU B 21 9.68 6.17 2.95
N GLN B 22 10.30 5.09 2.44
CA GLN B 22 10.82 4.97 1.07
C GLN B 22 9.85 4.17 0.17
N PHE B 23 9.76 4.56 -1.11
CA PHE B 23 8.85 3.97 -2.12
C PHE B 23 9.60 3.26 -3.25
N ASP B 24 8.87 2.69 -4.21
CA ASP B 24 9.41 1.89 -5.33
C ASP B 24 10.20 2.67 -6.42
N ALA B 25 10.98 3.67 -6.00
CA ALA B 25 11.85 4.47 -6.87
C ALA B 25 13.28 3.88 -6.97
N ASP B 26 13.79 3.28 -5.90
CA ASP B 26 15.13 2.66 -5.85
C ASP B 26 15.15 1.23 -6.44
N GLU B 27 14.08 0.47 -6.21
CA GLU B 27 13.80 -0.89 -6.69
C GLU B 27 12.28 -1.05 -6.85
N ASP B 28 11.79 -2.04 -7.61
CA ASP B 28 10.35 -2.25 -7.81
C ASP B 28 9.91 -3.72 -7.97
N LEU B 29 8.59 -3.92 -7.87
CA LEU B 29 7.87 -5.20 -7.94
C LEU B 29 7.39 -5.64 -9.35
N GLY B 30 7.79 -4.98 -10.43
CA GLY B 30 7.27 -5.20 -11.79
C GLY B 30 7.11 -6.64 -12.28
N ALA B 31 8.01 -7.55 -11.88
CA ALA B 31 7.98 -8.97 -12.26
C ALA B 31 7.19 -9.88 -11.29
N LEU B 32 6.75 -9.39 -10.14
CA LEU B 32 6.06 -10.20 -9.11
C LEU B 32 4.62 -10.61 -9.50
N LEU B 33 3.91 -9.80 -10.31
CA LEU B 33 2.56 -10.16 -10.77
C LEU B 33 2.57 -11.38 -11.72
N GLY B 34 3.75 -11.82 -12.19
CA GLY B 34 3.94 -12.93 -13.12
C GLY B 34 4.36 -12.48 -14.53
N ASN B 35 4.32 -13.40 -15.50
CA ASN B 35 4.69 -13.13 -16.90
C ASN B 35 3.70 -12.17 -17.61
N SER B 36 2.45 -12.13 -17.17
CA SER B 36 1.37 -11.28 -17.67
C SER B 36 0.36 -10.94 -16.57
N THR B 37 -0.42 -9.87 -16.77
CA THR B 37 -1.47 -9.39 -15.84
C THR B 37 -2.80 -9.24 -16.59
N ASP B 38 -3.90 -9.70 -16.00
CA ASP B 38 -5.26 -9.67 -16.58
C ASP B 38 -5.88 -8.25 -16.66
N PRO B 39 -6.08 -7.65 -17.86
CA PRO B 39 -6.75 -6.34 -17.99
C PRO B 39 -8.17 -6.29 -17.42
N GLY B 40 -8.82 -7.43 -17.16
CA GLY B 40 -10.11 -7.51 -16.47
C GLY B 40 -10.03 -6.95 -15.03
N VAL B 41 -8.82 -6.86 -14.46
CA VAL B 41 -8.52 -6.25 -13.14
C VAL B 41 -8.35 -4.73 -13.23
N PHE B 42 -8.28 -4.16 -14.44
CA PHE B 42 -8.07 -2.73 -14.66
C PHE B 42 -9.39 -1.95 -14.51
N THR B 43 -9.39 -1.01 -13.57
CA THR B 43 -10.54 -0.12 -13.24
C THR B 43 -10.03 1.17 -12.59
N ASP B 44 -10.90 2.14 -12.35
CA ASP B 44 -10.57 3.40 -11.69
C ASP B 44 -10.29 3.13 -10.19
N LEU B 45 -9.22 3.72 -9.65
CA LEU B 45 -8.84 3.55 -8.23
C LEU B 45 -9.94 3.98 -7.25
N ALA B 46 -10.77 4.97 -7.59
CA ALA B 46 -11.91 5.39 -6.77
C ALA B 46 -13.04 4.33 -6.71
N SER B 47 -13.02 3.34 -7.62
CA SER B 47 -14.00 2.24 -7.73
C SER B 47 -13.47 0.88 -7.22
N VAL B 48 -12.29 0.85 -6.58
CA VAL B 48 -11.65 -0.36 -6.02
C VAL B 48 -12.54 -1.06 -4.99
N ASP B 49 -12.50 -2.41 -4.97
CA ASP B 49 -13.24 -3.25 -4.03
C ASP B 49 -12.32 -3.74 -2.88
N ASN B 50 -11.92 -2.81 -2.00
CA ASN B 50 -11.00 -3.06 -0.88
C ASN B 50 -11.69 -3.22 0.50
N SER B 51 -13.01 -3.40 0.55
CA SER B 51 -13.84 -3.51 1.77
C SER B 51 -13.28 -4.44 2.86
N GLU B 52 -12.63 -5.53 2.48
CA GLU B 52 -12.02 -6.50 3.42
C GLU B 52 -10.60 -6.09 3.85
N PHE B 53 -9.86 -5.37 3.01
CA PHE B 53 -8.50 -4.89 3.31
C PHE B 53 -8.56 -3.81 4.40
N GLN B 54 -9.56 -2.93 4.37
CA GLN B 54 -9.74 -1.87 5.38
C GLN B 54 -9.82 -2.44 6.81
N GLN B 55 -10.35 -3.66 6.98
CA GLN B 55 -10.49 -4.31 8.28
C GLN B 55 -9.14 -4.66 8.93
N LEU B 56 -8.10 -4.98 8.14
CA LEU B 56 -6.76 -5.28 8.66
C LEU B 56 -5.92 -4.00 8.86
N LEU B 57 -6.14 -2.95 8.05
CA LEU B 57 -5.44 -1.66 8.17
C LEU B 57 -6.03 -0.75 9.26
N ASN B 58 -7.28 -0.99 9.68
CA ASN B 58 -7.98 -0.26 10.75
C ASN B 58 -7.22 -0.30 12.10
N GLN B 59 -6.30 -1.25 12.27
CA GLN B 59 -5.43 -1.40 13.44
C GLN B 59 -4.47 -0.19 13.64
N GLY B 60 -4.28 0.65 12.61
CA GLY B 60 -3.48 1.89 12.65
C GLY B 60 -1.98 1.70 12.47
N VAL B 61 -1.30 2.79 12.09
CA VAL B 61 0.15 2.89 11.86
C VAL B 61 0.85 3.66 12.99
N SER B 62 2.15 3.47 13.16
CA SER B 62 2.97 4.10 14.22
C SER B 62 3.73 5.33 13.71
N MET B 63 3.93 6.34 14.57
CA MET B 63 4.66 7.57 14.25
C MET B 63 6.18 7.35 14.11
N SER B 64 6.74 6.40 14.86
CA SER B 64 8.16 6.06 14.91
C SER B 64 8.39 4.59 15.31
N HIS B 65 9.66 4.17 15.39
CA HIS B 65 10.09 2.81 15.75
C HIS B 65 9.66 2.40 17.18
N SER B 66 9.35 1.12 17.36
CA SER B 66 8.96 0.50 18.64
C SER B 66 9.43 -0.97 18.74
N THR B 67 9.38 -1.55 19.94
CA THR B 67 9.80 -2.93 20.22
C THR B 67 8.97 -3.96 19.43
N ALA B 68 9.64 -4.99 18.91
CA ALA B 68 9.04 -6.12 18.17
C ALA B 68 9.54 -7.47 18.71
N GLU B 69 8.75 -8.52 18.52
CA GLU B 69 9.05 -9.90 18.97
C GLU B 69 8.72 -10.94 17.87
N PRO B 70 9.44 -12.08 17.81
CA PRO B 70 9.21 -13.13 16.80
C PRO B 70 7.85 -13.82 16.99
N ALA A 1 -25.39 20.41 -3.92
CA ALA A 1 -24.62 19.74 -4.97
C ALA A 1 -24.78 18.21 -4.96
N THR A 2 -24.42 17.55 -6.06
CA THR A 2 -24.51 16.09 -6.25
C THR A 2 -23.36 15.31 -5.58
N GLY A 3 -22.26 15.97 -5.21
CA GLY A 3 -21.08 15.39 -4.56
C GLY A 3 -20.18 14.56 -5.51
N PRO A 4 -19.11 13.93 -4.97
CA PRO A 4 -18.15 13.13 -5.73
C PRO A 4 -18.73 11.78 -6.17
N THR A 5 -18.08 11.13 -7.15
CA THR A 5 -18.46 9.81 -7.68
C THR A 5 -18.21 8.66 -6.69
N ALA A 6 -17.31 8.86 -5.72
CA ALA A 6 -16.95 7.95 -4.64
C ALA A 6 -16.61 8.76 -3.37
N ASP A 7 -16.71 8.13 -2.19
CA ASP A 7 -16.43 8.79 -0.91
C ASP A 7 -14.91 8.97 -0.66
N PRO A 8 -14.49 9.99 0.11
CA PRO A 8 -13.07 10.22 0.44
C PRO A 8 -12.44 9.06 1.23
N GLU A 9 -13.24 8.24 1.92
CA GLU A 9 -12.77 7.06 2.66
C GLU A 9 -12.25 5.98 1.68
N LYS A 10 -12.81 5.90 0.47
CA LYS A 10 -12.35 4.99 -0.58
C LYS A 10 -10.98 5.43 -1.08
N ARG A 11 -10.78 6.75 -1.23
CA ARG A 11 -9.50 7.37 -1.65
C ARG A 11 -8.43 7.25 -0.55
N LYS A 12 -8.80 7.37 0.73
CA LYS A 12 -7.85 7.21 1.84
C LYS A 12 -7.38 5.76 1.96
N LEU A 13 -8.24 4.75 1.78
CA LEU A 13 -7.82 3.34 1.84
C LEU A 13 -6.97 2.93 0.64
N ILE A 14 -7.26 3.34 -0.61
CA ILE A 14 -6.37 3.02 -1.74
C ILE A 14 -4.98 3.67 -1.57
N GLN A 15 -4.91 4.89 -1.00
CA GLN A 15 -3.63 5.56 -0.71
C GLN A 15 -2.90 4.87 0.46
N GLN A 16 -3.61 4.53 1.53
CA GLN A 16 -3.06 3.83 2.70
C GLN A 16 -2.59 2.41 2.33
N GLN A 17 -3.30 1.67 1.47
CA GLN A 17 -2.84 0.35 1.03
C GLN A 17 -1.67 0.50 0.06
N LEU A 18 -1.68 1.49 -0.86
CA LEU A 18 -0.59 1.74 -1.81
C LEU A 18 0.74 2.00 -1.09
N VAL A 19 0.77 2.95 -0.15
CA VAL A 19 2.00 3.30 0.61
C VAL A 19 2.52 2.12 1.45
N LEU A 20 1.63 1.27 1.92
CA LEU A 20 1.89 0.08 2.74
C LEU A 20 2.34 -1.14 1.92
N LEU A 21 1.71 -1.37 0.76
CA LEU A 21 2.04 -2.45 -0.18
C LEU A 21 3.44 -2.23 -0.75
N LEU A 22 3.72 -1.04 -1.28
CA LEU A 22 5.05 -0.74 -1.85
C LEU A 22 6.14 -0.84 -0.77
N HIS A 23 5.82 -0.52 0.49
CA HIS A 23 6.74 -0.75 1.61
C HIS A 23 6.96 -2.27 1.78
N ALA A 24 5.90 -3.07 1.94
CA ALA A 24 5.97 -4.52 2.15
C ALA A 24 6.72 -5.28 1.03
N HIS A 25 6.64 -4.83 -0.22
CA HIS A 25 7.37 -5.40 -1.36
C HIS A 25 8.89 -5.11 -1.31
N LYS A 26 9.31 -4.04 -0.64
CA LYS A 26 10.73 -3.66 -0.42
C LYS A 26 11.27 -4.28 0.88
N CYS A 27 10.45 -4.31 1.94
CA CYS A 27 10.76 -4.85 3.28
C CYS A 27 11.28 -6.30 3.22
N GLN A 28 10.59 -7.16 2.46
CA GLN A 28 10.97 -8.57 2.26
C GLN A 28 12.29 -8.76 1.50
N ARG A 29 12.73 -7.77 0.71
CA ARG A 29 14.00 -7.76 -0.04
C ARG A 29 15.16 -7.17 0.76
N ARG A 30 14.97 -6.08 1.50
CA ARG A 30 16.06 -5.47 2.31
C ARG A 30 16.59 -6.40 3.41
N GLU A 31 15.76 -7.25 4.00
CA GLU A 31 16.18 -8.18 5.06
C GLU A 31 17.14 -9.28 4.55
N GLN A 32 17.01 -9.70 3.29
CA GLN A 32 17.89 -10.67 2.63
C GLN A 32 19.09 -9.99 1.93
N ALA A 33 18.95 -8.71 1.56
CA ALA A 33 19.98 -7.92 0.89
C ALA A 33 21.07 -7.37 1.84
N ASN A 34 20.77 -7.23 3.13
CA ASN A 34 21.67 -6.71 4.18
C ASN A 34 21.95 -7.74 5.29
N GLY A 35 23.03 -7.53 6.05
CA GLY A 35 23.39 -8.39 7.19
C GLY A 35 22.41 -8.26 8.37
N GLU A 36 21.82 -7.08 8.55
CA GLU A 36 20.81 -6.75 9.56
C GLU A 36 19.92 -5.58 9.12
N VAL A 37 18.69 -5.52 9.65
CA VAL A 37 17.66 -4.49 9.38
C VAL A 37 16.94 -4.10 10.67
N ARG A 38 16.08 -3.06 10.60
CA ARG A 38 15.26 -2.56 11.73
C ARG A 38 13.77 -2.49 11.40
N ALA A 39 12.97 -2.48 12.46
CA ALA A 39 11.51 -2.47 12.42
C ALA A 39 10.92 -1.25 11.68
N CYS A 40 9.95 -1.51 10.82
CA CYS A 40 9.21 -0.56 9.99
C CYS A 40 8.05 0.14 10.73
N SER A 41 7.65 1.32 10.22
CA SER A 41 6.61 2.21 10.81
C SER A 41 5.15 1.77 10.55
N LEU A 42 4.93 0.61 9.92
CA LEU A 42 3.61 0.08 9.59
C LEU A 42 3.46 -1.35 10.13
N PRO A 43 2.94 -1.55 11.37
CA PRO A 43 2.77 -2.86 12.01
C PRO A 43 2.00 -3.90 11.19
N HIS A 44 1.22 -3.46 10.20
CA HIS A 44 0.43 -4.29 9.27
C HIS A 44 1.28 -5.17 8.35
N CYS A 45 2.59 -4.91 8.28
CA CYS A 45 3.59 -5.64 7.49
C CYS A 45 3.47 -7.17 7.71
N ARG A 46 3.27 -7.62 8.96
CA ARG A 46 3.05 -9.03 9.35
C ARG A 46 1.88 -9.67 8.60
N THR A 47 0.72 -9.02 8.60
CA THR A 47 -0.52 -9.51 7.97
C THR A 47 -0.49 -9.37 6.44
N MET A 48 0.00 -8.25 5.92
CA MET A 48 0.04 -8.01 4.48
C MET A 48 1.13 -8.81 3.74
N LYS A 49 2.33 -9.04 4.32
CA LYS A 49 3.38 -9.86 3.68
C LYS A 49 2.92 -11.29 3.38
N ASN A 50 2.05 -11.85 4.23
CA ASN A 50 1.44 -13.17 4.00
C ASN A 50 0.51 -13.16 2.76
N VAL A 51 -0.19 -12.04 2.49
CA VAL A 51 -1.00 -11.87 1.28
C VAL A 51 -0.08 -11.74 0.06
N LEU A 52 1.04 -11.00 0.17
CA LEU A 52 1.98 -10.86 -0.95
C LEU A 52 2.54 -12.22 -1.40
N ASN A 53 2.86 -13.09 -0.44
CA ASN A 53 3.35 -14.46 -0.71
C ASN A 53 2.30 -15.32 -1.46
N HIS A 54 1.01 -15.07 -1.24
CA HIS A 54 -0.08 -15.74 -1.98
C HIS A 54 -0.19 -15.11 -3.39
N MET A 55 -0.24 -13.78 -3.46
CA MET A 55 -0.42 -12.96 -4.67
C MET A 55 0.63 -13.19 -5.76
N THR A 56 1.84 -13.69 -5.46
CA THR A 56 2.89 -13.94 -6.49
C THR A 56 2.48 -14.96 -7.57
N HIS A 57 1.38 -15.69 -7.38
CA HIS A 57 0.87 -16.73 -8.28
C HIS A 57 -0.38 -16.34 -9.09
N CYS A 58 -1.12 -15.31 -8.66
CA CYS A 58 -2.38 -14.85 -9.27
C CYS A 58 -2.13 -13.82 -10.41
N GLN A 59 -1.78 -14.31 -11.60
CA GLN A 59 -1.51 -13.46 -12.78
C GLN A 59 -2.74 -13.09 -13.62
N ALA A 60 -3.95 -13.56 -13.24
CA ALA A 60 -5.21 -13.28 -13.92
C ALA A 60 -6.13 -12.30 -13.15
N GLY A 61 -6.28 -12.49 -11.83
CA GLY A 61 -7.08 -11.62 -10.94
C GLY A 61 -8.60 -11.77 -10.96
N LYS A 62 -9.18 -12.54 -11.90
CA LYS A 62 -10.64 -12.78 -11.98
C LYS A 62 -11.06 -14.14 -11.38
N ALA A 63 -10.24 -15.18 -11.57
CA ALA A 63 -10.52 -16.50 -11.02
C ALA A 63 -10.39 -16.48 -9.49
N CYS A 64 -9.25 -15.98 -8.98
CA CYS A 64 -9.01 -15.77 -7.55
C CYS A 64 -9.80 -14.52 -7.11
N GLN A 65 -10.63 -14.68 -6.07
CA GLN A 65 -11.53 -13.65 -5.55
C GLN A 65 -11.30 -13.35 -4.05
N VAL A 66 -10.09 -13.59 -3.54
CA VAL A 66 -9.69 -13.29 -2.15
C VAL A 66 -9.61 -11.76 -1.98
N ALA A 67 -10.22 -11.24 -0.91
CA ALA A 67 -10.33 -9.82 -0.54
C ALA A 67 -9.06 -8.99 -0.82
N HIS A 68 -7.97 -9.32 -0.14
CA HIS A 68 -6.69 -8.60 -0.23
C HIS A 68 -5.93 -8.85 -1.55
N CYS A 69 -6.00 -10.06 -2.10
CA CYS A 69 -5.35 -10.45 -3.36
C CYS A 69 -5.88 -9.61 -4.55
N ALA A 70 -7.21 -9.60 -4.74
CA ALA A 70 -7.87 -8.88 -5.82
C ALA A 70 -7.67 -7.35 -5.75
N SER A 71 -7.83 -6.74 -4.57
CA SER A 71 -7.64 -5.28 -4.42
C SER A 71 -6.17 -4.86 -4.56
N SER A 72 -5.22 -5.61 -3.99
CA SER A 72 -3.78 -5.32 -4.12
C SER A 72 -3.31 -5.42 -5.57
N ARG A 73 -3.75 -6.44 -6.31
CA ARG A 73 -3.43 -6.60 -7.74
C ARG A 73 -3.88 -5.39 -8.56
N GLN A 74 -5.01 -4.75 -8.23
CA GLN A 74 -5.49 -3.57 -8.94
C GLN A 74 -4.50 -2.41 -8.78
N ILE A 75 -4.00 -2.14 -7.57
CA ILE A 75 -2.99 -1.10 -7.30
C ILE A 75 -1.78 -1.30 -8.22
N ILE A 76 -1.21 -2.51 -8.23
CA ILE A 76 -0.02 -2.86 -9.00
C ILE A 76 -0.28 -2.79 -10.51
N SER A 77 -1.41 -3.30 -10.99
CA SER A 77 -1.78 -3.24 -12.41
C SER A 77 -1.89 -1.79 -12.90
N HIS A 78 -2.43 -0.89 -12.07
CA HIS A 78 -2.47 0.55 -12.37
C HIS A 78 -1.05 1.13 -12.36
N TRP A 79 -0.24 0.82 -11.34
CA TRP A 79 1.15 1.28 -11.18
C TRP A 79 2.05 0.93 -12.37
N LYS A 80 1.87 -0.25 -12.95
CA LYS A 80 2.62 -0.76 -14.11
C LYS A 80 2.27 -0.07 -15.44
N ASN A 81 1.19 0.73 -15.50
CA ASN A 81 0.71 1.38 -16.73
C ASN A 81 0.52 2.92 -16.65
N CYS A 82 0.29 3.49 -15.46
CA CYS A 82 0.06 4.93 -15.30
C CYS A 82 1.36 5.75 -15.46
N THR A 83 1.35 6.69 -16.42
CA THR A 83 2.48 7.57 -16.79
C THR A 83 2.15 9.07 -16.62
N ARG A 84 0.95 9.41 -16.14
CA ARG A 84 0.49 10.80 -15.94
C ARG A 84 1.21 11.52 -14.80
N HIS A 85 1.26 12.85 -14.91
CA HIS A 85 1.87 13.76 -13.93
C HIS A 85 0.86 14.42 -12.97
N ASP A 86 -0.43 14.06 -13.05
CA ASP A 86 -1.51 14.64 -12.24
C ASP A 86 -2.57 13.63 -11.75
N CYS A 87 -2.31 12.32 -11.83
CA CYS A 87 -3.23 11.28 -11.36
C CYS A 87 -3.36 11.41 -9.80
N PRO A 88 -4.57 11.58 -9.22
CA PRO A 88 -4.74 11.93 -7.81
C PRO A 88 -4.14 10.96 -6.78
N VAL A 89 -4.09 9.65 -7.04
CA VAL A 89 -3.54 8.66 -6.11
C VAL A 89 -2.03 8.44 -6.32
N CYS A 90 -1.54 8.60 -7.55
CA CYS A 90 -0.13 8.41 -7.95
C CYS A 90 0.75 9.64 -7.61
N LEU A 91 0.24 10.84 -7.85
CA LEU A 91 0.91 12.13 -7.67
C LEU A 91 1.66 12.32 -6.32
N PRO A 92 1.11 11.95 -5.15
CA PRO A 92 1.82 12.13 -3.88
C PRO A 92 3.10 11.30 -3.80
N LEU A 93 3.06 10.01 -4.14
CA LEU A 93 4.25 9.14 -4.13
C LEU A 93 5.28 9.54 -5.20
N LYS A 94 4.80 9.97 -6.38
CA LYS A 94 5.64 10.45 -7.49
C LYS A 94 6.59 11.57 -7.04
N ASN A 95 6.14 12.43 -6.12
CA ASN A 95 6.92 13.49 -5.51
C ASN A 95 7.68 13.03 -4.25
N ALA A 96 7.00 12.33 -3.33
CA ALA A 96 7.55 11.88 -2.04
C ALA A 96 8.70 10.87 -2.15
N SER A 97 8.79 10.09 -3.23
CA SER A 97 9.88 9.11 -3.42
C SER A 97 11.25 9.77 -3.70
N ASP A 98 11.27 11.05 -4.09
CA ASP A 98 12.49 11.82 -4.34
C ASP A 98 12.88 12.67 -3.12
N LYS A 99 14.06 12.38 -2.53
CA LYS A 99 14.60 13.06 -1.34
C LYS A 99 15.54 14.24 -1.66
N ARG A 100 15.85 14.50 -2.94
CA ARG A 100 16.72 15.61 -3.40
C ARG A 100 16.00 16.98 -3.28
N GLY B 1 -10.03 18.44 34.62
CA GLY B 1 -9.38 17.41 35.42
C GLY B 1 -8.44 16.50 34.61
N SER B 2 -7.77 15.56 35.29
CA SER B 2 -6.80 14.62 34.70
C SER B 2 -7.37 13.71 33.58
N HIS B 3 -8.70 13.58 33.51
CA HIS B 3 -9.42 12.80 32.50
C HIS B 3 -9.63 13.55 31.16
N MET B 4 -9.27 14.85 31.08
CA MET B 4 -9.42 15.67 29.87
C MET B 4 -8.47 15.22 28.75
N LYS B 5 -9.00 15.11 27.52
CA LYS B 5 -8.27 14.71 26.30
C LYS B 5 -8.15 15.80 25.22
N SER B 6 -8.86 16.93 25.35
CA SER B 6 -8.83 18.04 24.39
C SER B 6 -7.54 18.87 24.48
N THR B 7 -6.89 18.87 25.64
CA THR B 7 -5.63 19.57 25.94
C THR B 7 -4.36 18.83 25.48
N GLN B 8 -4.47 17.55 25.08
CA GLN B 8 -3.36 16.72 24.62
C GLN B 8 -2.88 17.14 23.21
N ALA B 9 -1.55 17.18 23.01
CA ALA B 9 -0.92 17.52 21.73
C ALA B 9 -1.03 16.36 20.71
N GLY B 10 -1.15 16.68 19.43
CA GLY B 10 -1.29 15.70 18.35
C GLY B 10 -0.04 14.83 18.14
N GLU B 11 -0.26 13.54 17.88
CA GLU B 11 0.78 12.51 17.64
C GLU B 11 1.00 12.23 16.14
N GLY B 12 0.63 13.18 15.27
CA GLY B 12 0.70 13.05 13.81
C GLY B 12 -0.51 12.31 13.21
N THR B 13 -0.48 12.11 11.88
CA THR B 13 -1.54 11.48 11.08
C THR B 13 -0.95 10.54 10.02
N LEU B 14 -1.82 9.71 9.43
CA LEU B 14 -1.48 8.71 8.40
C LEU B 14 -0.56 9.23 7.30
N SER B 15 -0.81 10.41 6.73
CA SER B 15 -0.01 10.94 5.61
C SER B 15 1.49 11.08 5.89
N GLU B 16 1.93 11.05 7.15
CA GLU B 16 3.36 10.99 7.48
C GLU B 16 3.98 9.65 7.00
N ALA B 17 3.19 8.57 6.95
CA ALA B 17 3.57 7.26 6.42
C ALA B 17 4.07 7.35 4.96
N LEU B 18 3.61 8.37 4.23
CA LEU B 18 3.96 8.67 2.85
C LEU B 18 5.22 9.55 2.74
N LEU B 19 5.47 10.40 3.73
CA LEU B 19 6.61 11.34 3.72
C LEU B 19 7.86 10.84 4.46
N HIS B 20 7.76 9.78 5.29
CA HIS B 20 8.88 9.24 6.08
C HIS B 20 9.37 7.84 5.65
N LEU B 21 8.89 7.31 4.52
CA LEU B 21 9.23 5.99 3.96
C LEU B 21 9.72 6.08 2.50
N GLN B 22 10.25 4.97 1.97
CA GLN B 22 10.76 4.83 0.60
C GLN B 22 9.82 3.96 -0.25
N PHE B 23 9.72 4.27 -1.55
CA PHE B 23 8.84 3.60 -2.52
C PHE B 23 9.64 2.87 -3.63
N ASP B 24 8.94 2.23 -4.56
CA ASP B 24 9.47 1.36 -5.63
C ASP B 24 10.35 2.03 -6.72
N ALA B 25 11.27 2.90 -6.33
CA ALA B 25 12.22 3.59 -7.22
C ALA B 25 13.61 2.91 -7.26
N ASP B 26 14.11 2.42 -6.11
CA ASP B 26 15.42 1.73 -5.99
C ASP B 26 15.38 0.26 -6.46
N GLU B 27 14.23 -0.39 -6.28
CA GLU B 27 13.89 -1.76 -6.66
C GLU B 27 12.34 -1.79 -6.80
N ASP B 28 11.76 -2.68 -7.61
CA ASP B 28 10.31 -2.71 -7.80
C ASP B 28 9.67 -4.10 -8.01
N LEU B 29 8.35 -4.14 -7.83
CA LEU B 29 7.49 -5.31 -7.87
C LEU B 29 6.89 -5.68 -9.24
N GLY B 30 7.27 -5.02 -10.34
CA GLY B 30 6.69 -5.24 -11.68
C GLY B 30 6.64 -6.70 -12.16
N ALA B 31 7.62 -7.52 -11.77
CA ALA B 31 7.69 -8.94 -12.13
C ALA B 31 6.98 -9.90 -11.14
N LEU B 32 6.44 -9.41 -10.01
CA LEU B 32 5.80 -10.24 -8.98
C LEU B 32 4.38 -10.70 -9.34
N LEU B 33 3.63 -9.92 -10.14
CA LEU B 33 2.26 -10.31 -10.54
C LEU B 33 2.23 -11.61 -11.36
N GLY B 34 3.32 -11.92 -12.09
CA GLY B 34 3.45 -13.13 -12.93
C GLY B 34 4.27 -12.90 -14.19
N ASN B 35 4.15 -13.81 -15.16
CA ASN B 35 4.81 -13.74 -16.46
C ASN B 35 4.09 -12.74 -17.40
N SER B 36 2.76 -12.64 -17.30
CA SER B 36 1.92 -11.72 -18.07
C SER B 36 0.63 -11.39 -17.31
N THR B 37 0.23 -10.12 -17.30
CA THR B 37 -0.99 -9.61 -16.62
C THR B 37 -2.24 -9.67 -17.51
N ASP B 38 -3.40 -9.34 -16.95
CA ASP B 38 -4.70 -9.39 -17.64
C ASP B 38 -5.44 -8.03 -17.61
N PRO B 39 -5.50 -7.26 -18.71
CA PRO B 39 -6.21 -5.98 -18.79
C PRO B 39 -7.69 -6.00 -18.38
N GLY B 40 -8.34 -7.16 -18.31
CA GLY B 40 -9.71 -7.31 -17.79
C GLY B 40 -9.82 -6.95 -16.30
N VAL B 41 -8.69 -6.92 -15.58
CA VAL B 41 -8.57 -6.52 -14.16
C VAL B 41 -8.36 -4.99 -14.01
N PHE B 42 -8.19 -4.27 -15.12
CA PHE B 42 -7.96 -2.83 -15.14
C PHE B 42 -9.28 -2.06 -14.95
N THR B 43 -9.30 -1.15 -13.96
CA THR B 43 -10.45 -0.30 -13.61
C THR B 43 -9.96 0.98 -12.93
N ASP B 44 -10.86 1.92 -12.64
CA ASP B 44 -10.54 3.16 -11.95
C ASP B 44 -10.26 2.89 -10.46
N LEU B 45 -9.18 3.45 -9.91
CA LEU B 45 -8.80 3.26 -8.50
C LEU B 45 -9.89 3.69 -7.50
N ALA B 46 -10.72 4.67 -7.85
CA ALA B 46 -11.85 5.12 -7.01
C ALA B 46 -12.98 4.05 -6.90
N SER B 47 -12.97 3.01 -7.74
CA SER B 47 -13.95 1.90 -7.78
C SER B 47 -13.43 0.58 -7.22
N VAL B 48 -12.23 0.56 -6.62
CA VAL B 48 -11.58 -0.64 -6.03
C VAL B 48 -12.41 -1.26 -4.88
N ASP B 49 -12.53 -2.59 -4.86
CA ASP B 49 -13.27 -3.33 -3.83
C ASP B 49 -12.33 -3.76 -2.67
N ASN B 50 -11.88 -2.78 -1.88
CA ASN B 50 -10.94 -2.93 -0.76
C ASN B 50 -11.57 -2.85 0.65
N SER B 51 -12.90 -2.76 0.79
CA SER B 51 -13.61 -2.59 2.08
C SER B 51 -13.30 -3.62 3.18
N GLU B 52 -12.72 -4.77 2.84
CA GLU B 52 -12.30 -5.83 3.76
C GLU B 52 -10.84 -5.65 4.25
N PHE B 53 -10.03 -4.88 3.54
CA PHE B 53 -8.61 -4.58 3.85
C PHE B 53 -8.47 -3.74 5.12
N GLN B 54 -9.32 -2.72 5.29
CA GLN B 54 -9.31 -1.85 6.48
C GLN B 54 -9.46 -2.61 7.82
N GLN B 55 -9.98 -3.85 7.80
CA GLN B 55 -10.13 -4.66 9.01
C GLN B 55 -8.77 -5.09 9.60
N LEU B 56 -7.71 -5.28 8.79
CA LEU B 56 -6.35 -5.55 9.29
C LEU B 56 -5.58 -4.25 9.58
N LEU B 57 -5.95 -3.14 8.93
CA LEU B 57 -5.33 -1.82 9.11
C LEU B 57 -5.86 -1.06 10.33
N ASN B 58 -6.95 -1.53 10.95
CA ASN B 58 -7.56 -0.98 12.16
C ASN B 58 -6.56 -0.93 13.35
N GLN B 59 -5.49 -1.72 13.29
CA GLN B 59 -4.37 -1.75 14.25
C GLN B 59 -3.57 -0.42 14.26
N GLY B 60 -3.65 0.37 13.18
CA GLY B 60 -2.99 1.68 13.00
C GLY B 60 -1.48 1.64 12.72
N VAL B 61 -0.99 2.62 11.93
CA VAL B 61 0.42 2.84 11.60
C VAL B 61 1.05 3.79 12.65
N SER B 62 2.38 3.78 12.80
CA SER B 62 3.10 4.64 13.75
C SER B 62 3.77 5.86 13.09
N MET B 63 3.95 6.92 13.88
CA MET B 63 4.55 8.20 13.49
C MET B 63 5.88 8.43 14.23
N SER B 64 6.79 9.21 13.63
CA SER B 64 8.11 9.53 14.15
C SER B 64 8.05 10.33 15.47
N HIS B 65 8.70 9.80 16.52
CA HIS B 65 8.80 10.41 17.86
C HIS B 65 10.19 10.15 18.47
N SER B 66 10.62 11.00 19.40
CA SER B 66 11.91 10.87 20.10
C SER B 66 11.90 9.76 21.16
N THR B 67 13.03 9.09 21.33
CA THR B 67 13.24 8.02 22.33
C THR B 67 13.69 8.55 23.69
N ALA B 68 14.07 9.83 23.79
CA ALA B 68 14.52 10.49 25.01
C ALA B 68 13.35 10.91 25.95
N GLU B 69 12.45 9.98 26.22
CA GLU B 69 11.25 10.18 27.05
C GLU B 69 11.58 10.23 28.56
N PRO B 70 10.84 11.00 29.38
CA PRO B 70 11.07 11.11 30.82
C PRO B 70 10.80 9.79 31.58
N ALA A 1 -26.11 6.51 -11.96
CA ALA A 1 -25.25 6.63 -10.77
C ALA A 1 -25.52 7.92 -9.97
N THR A 2 -25.10 7.95 -8.70
CA THR A 2 -25.26 9.07 -7.75
C THR A 2 -23.95 9.37 -7.00
N GLY A 3 -23.84 10.59 -6.45
CA GLY A 3 -22.66 11.06 -5.70
C GLY A 3 -21.47 11.48 -6.58
N PRO A 4 -20.35 11.92 -5.98
CA PRO A 4 -19.16 12.38 -6.69
C PRO A 4 -18.35 11.23 -7.30
N THR A 5 -17.48 11.56 -8.26
CA THR A 5 -16.59 10.60 -8.96
C THR A 5 -15.38 10.16 -8.12
N ALA A 6 -15.02 10.92 -7.09
CA ALA A 6 -13.93 10.65 -6.15
C ALA A 6 -14.30 11.08 -4.71
N ASP A 7 -13.57 10.55 -3.71
CA ASP A 7 -13.78 10.82 -2.29
C ASP A 7 -12.43 10.89 -1.53
N PRO A 8 -12.23 11.84 -0.60
CA PRO A 8 -10.97 11.99 0.13
C PRO A 8 -10.63 10.81 1.05
N GLU A 9 -11.60 10.23 1.77
CA GLU A 9 -11.33 9.07 2.64
C GLU A 9 -11.01 7.81 1.81
N LYS A 10 -11.62 7.66 0.63
CA LYS A 10 -11.29 6.59 -0.33
C LYS A 10 -9.83 6.73 -0.75
N ARG A 11 -9.40 7.96 -1.07
CA ARG A 11 -8.00 8.30 -1.42
C ARG A 11 -7.05 7.95 -0.28
N LYS A 12 -7.40 8.23 0.98
CA LYS A 12 -6.57 7.85 2.14
C LYS A 12 -6.35 6.34 2.23
N LEU A 13 -7.40 5.50 2.11
CA LEU A 13 -7.23 4.05 2.16
C LEU A 13 -6.42 3.53 0.96
N ILE A 14 -6.78 3.85 -0.29
CA ILE A 14 -6.02 3.35 -1.44
C ILE A 14 -4.55 3.82 -1.43
N GLN A 15 -4.28 5.05 -1.00
CA GLN A 15 -2.91 5.56 -0.89
C GLN A 15 -2.15 4.93 0.30
N GLN A 16 -2.82 4.66 1.43
CA GLN A 16 -2.25 3.95 2.58
C GLN A 16 -1.97 2.48 2.23
N GLN A 17 -2.86 1.82 1.47
CA GLN A 17 -2.68 0.44 1.03
C GLN A 17 -1.50 0.40 0.04
N LEU A 18 -1.37 1.38 -0.86
CA LEU A 18 -0.27 1.50 -1.82
C LEU A 18 1.09 1.69 -1.15
N VAL A 19 1.23 2.67 -0.25
CA VAL A 19 2.53 2.92 0.43
C VAL A 19 2.96 1.69 1.24
N LEU A 20 2.00 1.01 1.87
CA LEU A 20 2.20 -0.22 2.65
C LEU A 20 2.57 -1.42 1.74
N LEU A 21 1.88 -1.58 0.60
CA LEU A 21 2.15 -2.63 -0.41
C LEU A 21 3.56 -2.47 -1.00
N LEU A 22 3.85 -1.31 -1.60
CA LEU A 22 5.15 -1.04 -2.23
C LEU A 22 6.29 -1.13 -1.19
N HIS A 23 6.05 -0.76 0.07
CA HIS A 23 7.02 -0.98 1.14
C HIS A 23 7.23 -2.50 1.35
N ALA A 24 6.16 -3.26 1.57
CA ALA A 24 6.20 -4.71 1.81
C ALA A 24 6.92 -5.49 0.68
N HIS A 25 6.74 -5.09 -0.58
CA HIS A 25 7.42 -5.70 -1.74
C HIS A 25 8.95 -5.53 -1.71
N LYS A 26 9.46 -4.46 -1.08
CA LYS A 26 10.91 -4.19 -0.89
C LYS A 26 11.39 -4.81 0.43
N CYS A 27 10.58 -4.78 1.48
CA CYS A 27 10.85 -5.33 2.80
C CYS A 27 11.07 -6.86 2.74
N GLN A 28 10.23 -7.59 1.99
CA GLN A 28 10.39 -9.04 1.79
C GLN A 28 11.65 -9.40 0.96
N ARG A 29 12.23 -8.43 0.24
CA ARG A 29 13.42 -8.58 -0.61
C ARG A 29 14.73 -8.31 0.14
N ARG A 30 14.86 -7.19 0.85
CA ARG A 30 16.08 -6.74 1.57
C ARG A 30 16.67 -7.73 2.58
N GLU A 31 15.85 -8.62 3.12
CA GLU A 31 16.26 -9.64 4.10
C GLU A 31 17.31 -10.64 3.57
N GLN A 32 17.42 -10.82 2.24
CA GLN A 32 18.42 -11.70 1.61
C GLN A 32 19.74 -10.98 1.28
N ALA A 33 19.73 -9.64 1.26
CA ALA A 33 20.87 -8.78 0.92
C ALA A 33 21.62 -8.21 2.15
N ASN A 34 21.10 -8.42 3.37
CA ASN A 34 21.66 -7.95 4.63
C ASN A 34 21.70 -9.06 5.69
N GLY A 35 22.68 -9.01 6.60
CA GLY A 35 22.80 -9.98 7.72
C GLY A 35 21.69 -9.82 8.75
N GLU A 36 21.25 -8.58 8.97
CA GLU A 36 20.15 -8.18 9.85
C GLU A 36 19.40 -6.98 9.23
N VAL A 37 18.09 -6.87 9.45
CA VAL A 37 17.22 -5.80 8.96
C VAL A 37 16.42 -5.16 10.11
N ARG A 38 16.24 -3.82 10.06
CA ARG A 38 15.53 -3.05 11.09
C ARG A 38 14.00 -3.20 11.01
N ALA A 39 13.37 -2.99 12.16
CA ALA A 39 11.91 -3.07 12.35
C ALA A 39 11.14 -1.92 11.67
N CYS A 40 9.95 -2.24 11.16
CA CYS A 40 9.05 -1.33 10.45
C CYS A 40 8.21 -0.43 11.37
N SER A 41 7.82 0.74 10.85
CA SER A 41 6.93 1.71 11.53
C SER A 41 5.44 1.48 11.25
N LEU A 42 5.10 0.57 10.31
CA LEU A 42 3.73 0.22 9.92
C LEU A 42 3.46 -1.27 10.28
N PRO A 43 2.75 -1.60 11.39
CA PRO A 43 2.50 -2.98 11.84
C PRO A 43 1.87 -3.93 10.81
N HIS A 44 1.10 -3.41 9.85
CA HIS A 44 0.43 -4.17 8.79
C HIS A 44 1.36 -4.83 7.76
N CYS A 45 2.65 -4.49 7.77
CA CYS A 45 3.69 -5.06 6.91
C CYS A 45 3.64 -6.60 6.92
N ARG A 46 3.65 -7.23 8.11
CA ARG A 46 3.57 -8.69 8.29
C ARG A 46 2.25 -9.27 7.79
N THR A 47 1.12 -8.61 8.07
CA THR A 47 -0.22 -9.04 7.66
C THR A 47 -0.36 -9.04 6.13
N MET A 48 0.17 -8.02 5.45
CA MET A 48 0.15 -7.93 4.00
C MET A 48 1.21 -8.84 3.35
N LYS A 49 2.41 -9.01 3.93
CA LYS A 49 3.46 -9.90 3.40
C LYS A 49 2.97 -11.35 3.24
N ASN A 50 2.06 -11.82 4.09
CA ASN A 50 1.43 -13.14 3.96
C ASN A 50 0.56 -13.23 2.69
N VAL A 51 -0.09 -12.13 2.29
CA VAL A 51 -0.85 -12.02 1.02
C VAL A 51 0.12 -11.97 -0.15
N LEU A 52 1.23 -11.24 -0.04
CA LEU A 52 2.25 -11.16 -1.10
C LEU A 52 2.83 -12.55 -1.39
N ASN A 53 3.09 -13.36 -0.36
CA ASN A 53 3.58 -14.74 -0.50
C ASN A 53 2.62 -15.61 -1.35
N HIS A 54 1.30 -15.43 -1.20
CA HIS A 54 0.30 -16.09 -2.06
C HIS A 54 0.38 -15.50 -3.48
N MET A 55 0.37 -14.17 -3.57
CA MET A 55 0.35 -13.41 -4.82
C MET A 55 1.56 -13.62 -5.74
N THR A 56 2.77 -13.95 -5.26
CA THR A 56 3.90 -14.21 -6.18
C THR A 56 3.65 -15.44 -7.08
N HIS A 57 2.73 -16.32 -6.67
CA HIS A 57 2.28 -17.52 -7.39
C HIS A 57 0.87 -17.36 -8.01
N CYS A 58 0.29 -16.15 -7.96
CA CYS A 58 -1.05 -15.84 -8.44
C CYS A 58 -1.04 -14.66 -9.44
N GLN A 59 -1.41 -14.94 -10.69
CA GLN A 59 -1.52 -13.98 -11.79
C GLN A 59 -2.75 -14.26 -12.68
N ALA A 60 -3.74 -15.00 -12.14
CA ALA A 60 -4.94 -15.45 -12.85
C ALA A 60 -6.10 -14.42 -12.93
N GLY A 61 -5.94 -13.22 -12.33
CA GLY A 61 -6.97 -12.17 -12.37
C GLY A 61 -8.25 -12.54 -11.61
N LYS A 62 -9.41 -12.27 -12.22
CA LYS A 62 -10.75 -12.51 -11.66
C LYS A 62 -11.03 -13.97 -11.23
N ALA A 63 -10.23 -14.93 -11.71
CA ALA A 63 -10.34 -16.33 -11.31
C ALA A 63 -10.02 -16.55 -9.81
N CYS A 64 -9.17 -15.70 -9.22
CA CYS A 64 -8.86 -15.70 -7.79
C CYS A 64 -9.72 -14.63 -7.10
N GLN A 65 -10.59 -15.08 -6.20
CA GLN A 65 -11.56 -14.24 -5.48
C GLN A 65 -11.20 -14.00 -4.00
N VAL A 66 -9.92 -14.17 -3.63
CA VAL A 66 -9.42 -13.88 -2.28
C VAL A 66 -9.41 -12.35 -2.10
N ALA A 67 -10.05 -11.88 -1.03
CA ALA A 67 -10.25 -10.46 -0.70
C ALA A 67 -9.03 -9.55 -0.93
N HIS A 68 -7.91 -9.87 -0.27
CA HIS A 68 -6.68 -9.06 -0.35
C HIS A 68 -5.89 -9.25 -1.67
N CYS A 69 -5.93 -10.44 -2.29
CA CYS A 69 -5.27 -10.74 -3.57
C CYS A 69 -5.86 -9.88 -4.70
N ALA A 70 -7.18 -9.88 -4.84
CA ALA A 70 -7.91 -9.12 -5.86
C ALA A 70 -7.68 -7.60 -5.78
N SER A 71 -7.88 -6.97 -4.62
CA SER A 71 -7.68 -5.51 -4.47
C SER A 71 -6.21 -5.09 -4.60
N SER A 72 -5.25 -5.97 -4.26
CA SER A 72 -3.82 -5.71 -4.48
C SER A 72 -3.51 -5.74 -5.97
N ARG A 73 -3.89 -6.80 -6.69
CA ARG A 73 -3.69 -6.92 -8.14
C ARG A 73 -4.35 -5.78 -8.91
N GLN A 74 -5.55 -5.36 -8.49
CA GLN A 74 -6.29 -4.24 -9.06
C GLN A 74 -5.53 -2.91 -8.97
N ILE A 75 -4.70 -2.72 -7.92
CA ILE A 75 -3.88 -1.53 -7.73
C ILE A 75 -2.54 -1.63 -8.49
N ILE A 76 -1.90 -2.81 -8.52
CA ILE A 76 -0.61 -3.01 -9.22
C ILE A 76 -0.81 -2.96 -10.74
N SER A 77 -1.90 -3.53 -11.27
CA SER A 77 -2.21 -3.46 -12.71
C SER A 77 -2.40 -2.00 -13.16
N HIS A 78 -3.01 -1.15 -12.31
CA HIS A 78 -3.11 0.29 -12.56
C HIS A 78 -1.70 0.91 -12.56
N TRP A 79 -0.90 0.62 -11.51
CA TRP A 79 0.49 1.09 -11.34
C TRP A 79 1.40 0.83 -12.56
N LYS A 80 1.24 -0.34 -13.19
CA LYS A 80 2.01 -0.78 -14.37
C LYS A 80 1.59 -0.13 -15.70
N ASN A 81 0.50 0.66 -15.74
CA ASN A 81 -0.03 1.26 -16.98
C ASN A 81 -0.38 2.76 -16.91
N CYS A 82 -0.62 3.32 -15.73
CA CYS A 82 -1.03 4.72 -15.53
C CYS A 82 0.01 5.78 -15.92
N THR A 83 -0.47 6.97 -16.30
CA THR A 83 0.28 8.20 -16.58
C THR A 83 0.61 8.91 -15.25
N ARG A 84 1.30 8.17 -14.37
CA ARG A 84 1.74 8.48 -12.99
C ARG A 84 2.22 9.91 -12.71
N HIS A 85 2.71 10.63 -13.71
CA HIS A 85 3.16 12.03 -13.61
C HIS A 85 2.03 13.03 -13.31
N ASP A 86 0.76 12.63 -13.43
CA ASP A 86 -0.40 13.51 -13.17
C ASP A 86 -1.62 12.83 -12.50
N CYS A 87 -1.55 11.56 -12.10
CA CYS A 87 -2.66 10.86 -11.41
C CYS A 87 -2.67 11.27 -9.92
N PRO A 88 -3.81 11.67 -9.32
CA PRO A 88 -3.86 12.15 -7.93
C PRO A 88 -3.43 11.14 -6.87
N VAL A 89 -3.51 9.83 -7.14
CA VAL A 89 -3.05 8.78 -6.20
C VAL A 89 -1.57 8.43 -6.42
N CYS A 90 -1.14 8.34 -7.69
CA CYS A 90 0.23 7.99 -8.08
C CYS A 90 1.25 9.11 -7.83
N LEU A 91 0.90 10.35 -8.20
CA LEU A 91 1.79 11.52 -8.14
C LEU A 91 2.44 11.79 -6.75
N PRO A 92 1.72 11.76 -5.61
CA PRO A 92 2.37 11.99 -4.32
C PRO A 92 3.38 10.88 -3.96
N LEU A 93 3.09 9.61 -4.29
CA LEU A 93 4.00 8.48 -4.08
C LEU A 93 5.23 8.55 -5.01
N LYS A 94 5.02 9.02 -6.24
CA LYS A 94 6.07 9.29 -7.24
C LYS A 94 7.06 10.37 -6.76
N ASN A 95 6.63 11.26 -5.86
CA ASN A 95 7.49 12.27 -5.22
C ASN A 95 8.10 11.78 -3.90
N ALA A 96 7.37 10.99 -3.11
CA ALA A 96 7.83 10.45 -1.82
C ALA A 96 9.06 9.52 -1.92
N SER A 97 9.33 8.96 -3.10
CA SER A 97 10.53 8.15 -3.37
C SER A 97 11.84 8.95 -3.25
N ASP A 98 11.78 10.29 -3.33
CA ASP A 98 12.94 11.19 -3.21
C ASP A 98 13.68 11.11 -1.87
N LYS A 99 13.07 10.50 -0.83
CA LYS A 99 13.75 10.26 0.45
C LYS A 99 14.91 9.26 0.31
N ARG A 100 14.89 8.44 -0.76
CA ARG A 100 15.93 7.47 -1.17
C ARG A 100 16.54 6.69 0.01
N GLY B 1 -10.26 -6.82 23.71
CA GLY B 1 -9.15 -7.49 23.02
C GLY B 1 -8.75 -6.86 21.67
N SER B 2 -9.44 -5.78 21.25
CA SER B 2 -9.19 -5.06 20.00
C SER B 2 -7.91 -4.20 20.06
N HIS B 3 -7.33 -3.93 18.89
CA HIS B 3 -6.15 -3.06 18.72
C HIS B 3 -6.49 -1.56 18.83
N MET B 4 -7.79 -1.20 18.76
CA MET B 4 -8.31 0.16 18.85
C MET B 4 -9.19 0.35 20.09
N LYS B 5 -9.09 1.54 20.73
CA LYS B 5 -9.84 1.90 21.95
C LYS B 5 -11.22 2.53 21.68
N SER B 6 -11.49 2.94 20.43
CA SER B 6 -12.77 3.53 19.99
C SER B 6 -13.05 3.28 18.50
N THR B 7 -14.29 3.54 18.07
CA THR B 7 -14.79 3.39 16.69
C THR B 7 -14.64 4.66 15.84
N GLN B 8 -13.87 5.65 16.30
CA GLN B 8 -13.65 6.93 15.63
C GLN B 8 -12.92 6.80 14.27
N ALA B 9 -13.22 7.71 13.34
CA ALA B 9 -12.64 7.76 11.99
C ALA B 9 -11.23 8.39 11.96
N GLY B 10 -10.58 8.31 10.79
CA GLY B 10 -9.24 8.86 10.54
C GLY B 10 -9.19 10.39 10.41
N GLU B 11 -8.02 10.92 10.05
CA GLU B 11 -7.74 12.34 9.87
C GLU B 11 -6.96 12.60 8.56
N GLY B 12 -7.04 13.84 8.07
CA GLY B 12 -6.35 14.30 6.85
C GLY B 12 -4.82 14.35 6.94
N THR B 13 -4.26 14.13 8.14
CA THR B 13 -2.81 14.08 8.44
C THR B 13 -2.12 12.82 7.92
N LEU B 14 -2.90 11.86 7.40
CA LEU B 14 -2.46 10.58 6.82
C LEU B 14 -1.30 10.70 5.84
N SER B 15 -1.24 11.78 5.04
CA SER B 15 -0.15 12.02 4.09
C SER B 15 1.24 12.15 4.75
N GLU B 16 1.32 12.40 6.06
CA GLU B 16 2.58 12.43 6.80
C GLU B 16 3.18 11.02 6.95
N ALA B 17 2.34 9.98 7.11
CA ALA B 17 2.77 8.58 7.17
C ALA B 17 3.48 8.15 5.86
N LEU B 18 3.09 8.79 4.75
CA LEU B 18 3.63 8.58 3.42
C LEU B 18 4.95 9.33 3.21
N LEU B 19 4.96 10.64 3.49
CA LEU B 19 6.10 11.52 3.29
C LEU B 19 7.25 11.36 4.29
N HIS B 20 7.00 10.78 5.48
CA HIS B 20 8.05 10.60 6.51
C HIS B 20 8.76 9.22 6.46
N LEU B 21 8.35 8.36 5.53
CA LEU B 21 8.86 7.00 5.36
C LEU B 21 9.92 6.89 4.24
N GLN B 22 10.87 5.96 4.38
CA GLN B 22 11.86 5.65 3.35
C GLN B 22 11.19 4.75 2.29
N PHE B 23 10.50 5.37 1.34
CA PHE B 23 9.73 4.72 0.30
C PHE B 23 10.60 4.10 -0.83
N ASP B 24 9.95 3.37 -1.76
CA ASP B 24 10.55 2.66 -2.89
C ASP B 24 11.62 3.50 -3.64
N ALA B 25 12.89 3.05 -3.59
CA ALA B 25 14.03 3.79 -4.14
C ALA B 25 14.55 3.35 -5.52
N ASP B 26 14.63 2.04 -5.83
CA ASP B 26 15.17 1.55 -7.11
C ASP B 26 14.42 0.35 -7.72
N GLU B 27 14.49 -0.83 -7.10
CA GLU B 27 13.83 -2.05 -7.61
C GLU B 27 12.30 -1.95 -7.47
N ASP B 28 11.53 -2.68 -8.29
CA ASP B 28 10.07 -2.68 -8.25
C ASP B 28 9.42 -4.07 -8.48
N LEU B 29 8.12 -4.16 -8.17
CA LEU B 29 7.29 -5.37 -8.22
C LEU B 29 6.78 -5.82 -9.60
N GLY B 30 7.24 -5.24 -10.71
CA GLY B 30 6.81 -5.62 -12.07
C GLY B 30 7.00 -7.12 -12.36
N ALA B 31 8.08 -7.73 -11.85
CA ALA B 31 8.37 -9.16 -11.98
C ALA B 31 7.46 -10.07 -11.12
N LEU B 32 6.82 -9.51 -10.08
CA LEU B 32 5.89 -10.20 -9.17
C LEU B 32 4.51 -10.32 -9.83
N LEU B 33 3.99 -9.24 -10.43
CA LEU B 33 2.70 -9.30 -11.12
C LEU B 33 2.80 -9.93 -12.52
N GLY B 34 3.98 -9.84 -13.15
CA GLY B 34 4.29 -10.38 -14.48
C GLY B 34 3.69 -9.58 -15.65
N ASN B 35 4.03 -9.99 -16.87
CA ASN B 35 3.53 -9.37 -18.11
C ASN B 35 2.08 -9.79 -18.43
N SER B 36 1.74 -11.05 -18.18
CA SER B 36 0.39 -11.61 -18.38
C SER B 36 -0.52 -11.21 -17.21
N THR B 37 -1.53 -10.37 -17.50
CA THR B 37 -2.50 -9.85 -16.52
C THR B 37 -3.93 -9.86 -17.09
N ASP B 38 -4.92 -9.54 -16.26
CA ASP B 38 -6.35 -9.56 -16.62
C ASP B 38 -7.01 -8.16 -16.66
N PRO B 39 -7.20 -7.54 -17.84
CA PRO B 39 -7.88 -6.25 -17.97
C PRO B 39 -9.30 -6.21 -17.36
N GLY B 40 -9.94 -7.36 -17.14
CA GLY B 40 -11.24 -7.47 -16.47
C GLY B 40 -11.21 -7.09 -14.98
N VAL B 41 -10.05 -7.18 -14.31
CA VAL B 41 -9.86 -6.79 -12.90
C VAL B 41 -9.45 -5.31 -12.76
N PHE B 42 -8.95 -4.71 -13.84
CA PHE B 42 -8.53 -3.30 -13.93
C PHE B 42 -9.75 -2.37 -13.79
N THR B 43 -9.64 -1.34 -12.95
CA THR B 43 -10.70 -0.32 -12.74
C THR B 43 -10.09 0.98 -12.19
N ASP B 44 -10.92 2.02 -12.03
CA ASP B 44 -10.50 3.30 -11.45
C ASP B 44 -10.16 3.13 -9.96
N LEU B 45 -9.10 3.80 -9.49
CA LEU B 45 -8.66 3.75 -8.08
C LEU B 45 -9.76 4.19 -7.10
N ALA B 46 -10.60 5.15 -7.49
CA ALA B 46 -11.75 5.58 -6.68
C ALA B 46 -12.90 4.54 -6.64
N SER B 47 -12.84 3.51 -7.50
CA SER B 47 -13.80 2.40 -7.62
C SER B 47 -13.25 1.04 -7.16
N VAL B 48 -12.07 1.02 -6.53
CA VAL B 48 -11.41 -0.19 -6.01
C VAL B 48 -12.29 -0.98 -5.03
N ASP B 49 -12.23 -2.31 -5.05
CA ASP B 49 -13.00 -3.20 -4.17
C ASP B 49 -12.15 -3.69 -2.98
N ASN B 50 -11.82 -2.77 -2.06
CA ASN B 50 -10.95 -3.00 -0.89
C ASN B 50 -11.66 -2.95 0.49
N SER B 51 -12.97 -3.19 0.56
CA SER B 51 -13.76 -3.17 1.81
C SER B 51 -13.24 -4.11 2.89
N GLU B 52 -12.49 -5.15 2.52
CA GLU B 52 -11.86 -6.12 3.42
C GLU B 52 -10.44 -5.69 3.86
N PHE B 53 -9.76 -4.84 3.07
CA PHE B 53 -8.41 -4.34 3.37
C PHE B 53 -8.45 -3.38 4.56
N GLN B 54 -9.40 -2.44 4.57
CA GLN B 54 -9.59 -1.50 5.69
C GLN B 54 -9.84 -2.20 7.04
N GLN B 55 -10.44 -3.39 7.03
CA GLN B 55 -10.67 -4.16 8.27
C GLN B 55 -9.34 -4.69 8.85
N LEU B 56 -8.32 -4.88 8.01
CA LEU B 56 -6.96 -5.26 8.42
C LEU B 56 -6.14 -3.99 8.76
N LEU B 57 -6.27 -2.89 7.98
CA LEU B 57 -5.51 -1.64 8.20
C LEU B 57 -6.04 -0.74 9.34
N ASN B 58 -7.29 -0.90 9.79
CA ASN B 58 -7.83 -0.11 10.91
C ASN B 58 -7.23 -0.55 12.27
N GLN B 59 -6.75 -1.79 12.36
CA GLN B 59 -6.18 -2.41 13.57
C GLN B 59 -4.67 -2.15 13.72
N GLY B 60 -4.23 -0.88 13.64
CA GLY B 60 -2.80 -0.51 13.74
C GLY B 60 -2.46 0.94 13.34
N VAL B 61 -1.77 1.14 12.20
CA VAL B 61 -1.29 2.42 11.66
C VAL B 61 -2.19 3.63 11.95
N SER B 62 -1.62 4.67 12.56
CA SER B 62 -2.31 5.91 12.96
C SER B 62 -1.32 7.08 13.11
N MET B 63 -1.83 8.30 12.98
CA MET B 63 -1.10 9.56 13.09
C MET B 63 -1.10 10.15 14.52
N SER B 64 -1.94 9.62 15.41
CA SER B 64 -2.07 10.06 16.82
C SER B 64 -0.85 9.71 17.68
N HIS B 65 -0.61 10.50 18.71
CA HIS B 65 0.48 10.33 19.69
C HIS B 65 0.03 10.73 21.11
N SER B 66 0.65 10.15 22.14
CA SER B 66 0.38 10.44 23.55
C SER B 66 0.94 11.81 23.99
N THR B 67 0.34 12.39 25.04
CA THR B 67 0.74 13.69 25.62
C THR B 67 1.85 13.51 26.67
N ALA B 68 2.82 14.42 26.70
CA ALA B 68 3.94 14.43 27.66
C ALA B 68 4.29 15.86 28.11
N GLU B 69 4.94 15.99 29.28
CA GLU B 69 5.32 17.29 29.87
C GLU B 69 6.43 18.07 29.12
N PRO B 70 7.51 17.45 28.59
CA PRO B 70 8.58 18.16 27.88
C PRO B 70 8.08 19.02 26.71
N ALA A 1 -28.15 1.37 7.72
CA ALA A 1 -27.24 1.02 6.62
C ALA A 1 -27.10 2.14 5.55
N THR A 2 -27.87 3.23 5.67
CA THR A 2 -27.87 4.39 4.75
C THR A 2 -26.54 5.14 4.78
N GLY A 3 -26.05 5.56 3.61
CA GLY A 3 -24.80 6.32 3.44
C GLY A 3 -24.54 6.76 2.00
N PRO A 4 -23.49 7.56 1.75
CA PRO A 4 -23.13 8.08 0.42
C PRO A 4 -22.54 6.98 -0.49
N THR A 5 -22.57 7.23 -1.81
CA THR A 5 -22.04 6.32 -2.85
C THR A 5 -20.50 6.33 -2.96
N ALA A 6 -19.86 7.41 -2.51
CA ALA A 6 -18.41 7.62 -2.50
C ALA A 6 -17.98 8.43 -1.26
N ASP A 7 -16.73 8.24 -0.81
CA ASP A 7 -16.16 8.92 0.36
C ASP A 7 -14.63 9.10 0.21
N PRO A 8 -14.04 10.25 0.63
CA PRO A 8 -12.59 10.50 0.51
C PRO A 8 -11.71 9.52 1.29
N GLU A 9 -12.23 8.82 2.29
CA GLU A 9 -11.47 7.80 3.04
C GLU A 9 -11.14 6.59 2.14
N LYS A 10 -11.94 6.32 1.11
CA LYS A 10 -11.64 5.27 0.12
C LYS A 10 -10.44 5.69 -0.73
N ARG A 11 -10.30 6.99 -1.04
CA ARG A 11 -9.12 7.55 -1.73
C ARG A 11 -7.89 7.47 -0.83
N LYS A 12 -8.02 7.76 0.48
CA LYS A 12 -6.92 7.62 1.43
C LYS A 12 -6.47 6.15 1.55
N LEU A 13 -7.41 5.20 1.60
CA LEU A 13 -7.08 3.76 1.66
C LEU A 13 -6.36 3.29 0.39
N ILE A 14 -6.87 3.53 -0.83
CA ILE A 14 -6.14 3.13 -2.05
C ILE A 14 -4.77 3.80 -2.15
N GLN A 15 -4.64 5.07 -1.72
CA GLN A 15 -3.37 5.80 -1.66
C GLN A 15 -2.41 5.23 -0.59
N GLN A 16 -2.94 4.60 0.45
CA GLN A 16 -2.19 3.92 1.50
C GLN A 16 -1.80 2.49 1.07
N GLN A 17 -2.69 1.79 0.35
CA GLN A 17 -2.47 0.42 -0.12
C GLN A 17 -1.17 0.30 -0.90
N LEU A 18 -0.94 1.11 -1.95
CA LEU A 18 0.30 0.97 -2.72
C LEU A 18 1.56 1.26 -1.91
N VAL A 19 1.58 2.25 -1.02
CA VAL A 19 2.80 2.50 -0.21
C VAL A 19 3.04 1.40 0.81
N LEU A 20 1.97 0.84 1.39
CA LEU A 20 2.06 -0.27 2.34
C LEU A 20 2.46 -1.59 1.66
N LEU A 21 1.96 -1.83 0.44
CA LEU A 21 2.31 -2.98 -0.40
C LEU A 21 3.77 -2.85 -0.84
N LEU A 22 4.16 -1.72 -1.46
CA LEU A 22 5.54 -1.45 -1.88
C LEU A 22 6.50 -1.59 -0.67
N HIS A 23 6.11 -1.13 0.52
CA HIS A 23 6.88 -1.35 1.75
C HIS A 23 7.04 -2.86 2.00
N ALA A 24 5.95 -3.63 2.12
CA ALA A 24 6.00 -5.07 2.40
C ALA A 24 6.81 -5.88 1.36
N HIS A 25 6.80 -5.47 0.08
CA HIS A 25 7.60 -6.10 -0.98
C HIS A 25 9.11 -5.81 -0.82
N LYS A 26 9.48 -4.66 -0.25
CA LYS A 26 10.88 -4.24 0.01
C LYS A 26 11.39 -4.67 1.40
N CYS A 27 10.51 -4.76 2.40
CA CYS A 27 10.81 -5.18 3.79
C CYS A 27 11.41 -6.61 3.82
N GLN A 28 10.78 -7.54 3.10
CA GLN A 28 11.25 -8.92 2.94
C GLN A 28 12.56 -9.03 2.14
N ARG A 29 12.95 -7.98 1.40
CA ARG A 29 14.19 -7.91 0.61
C ARG A 29 15.35 -7.36 1.45
N ARG A 30 15.16 -6.26 2.20
CA ARG A 30 16.20 -5.71 3.09
C ARG A 30 16.60 -6.70 4.19
N GLU A 31 15.66 -7.56 4.61
CA GLU A 31 15.85 -8.61 5.61
C GLU A 31 16.89 -9.66 5.17
N GLN A 32 16.86 -10.06 3.90
CA GLN A 32 17.81 -11.03 3.30
C GLN A 32 19.07 -10.36 2.70
N ALA A 33 19.02 -9.05 2.41
CA ALA A 33 20.11 -8.27 1.83
C ALA A 33 21.18 -7.79 2.84
N ASN A 34 20.91 -7.89 4.16
CA ASN A 34 21.81 -7.42 5.23
C ASN A 34 22.02 -8.45 6.35
N GLY A 35 23.19 -8.41 7.01
CA GLY A 35 23.51 -9.27 8.16
C GLY A 35 22.81 -8.84 9.45
N GLU A 36 22.56 -7.54 9.60
CA GLU A 36 21.83 -6.89 10.70
C GLU A 36 20.64 -6.11 10.12
N VAL A 37 19.49 -6.12 10.79
CA VAL A 37 18.24 -5.48 10.31
C VAL A 37 17.54 -4.70 11.43
N ARG A 38 16.99 -3.53 11.10
CA ARG A 38 16.24 -2.64 12.02
C ARG A 38 14.72 -2.91 12.00
N ALA A 39 13.98 -2.17 12.83
CA ALA A 39 12.54 -2.29 13.01
C ALA A 39 11.71 -2.04 11.72
N CYS A 40 10.45 -2.46 11.76
CA CYS A 40 9.48 -2.33 10.67
C CYS A 40 8.85 -0.92 10.59
N SER A 41 8.44 -0.51 9.39
CA SER A 41 7.85 0.83 9.13
C SER A 41 6.34 0.91 9.38
N LEU A 42 5.58 -0.13 8.99
CA LEU A 42 4.11 -0.18 9.09
C LEU A 42 3.67 -1.53 9.72
N PRO A 43 3.10 -1.56 10.95
CA PRO A 43 2.71 -2.79 11.67
C PRO A 43 1.91 -3.85 10.89
N HIS A 44 1.13 -3.43 9.87
CA HIS A 44 0.32 -4.29 9.01
C HIS A 44 1.13 -5.27 8.14
N CYS A 45 2.45 -5.07 8.04
CA CYS A 45 3.40 -5.91 7.30
C CYS A 45 3.23 -7.41 7.67
N ARG A 46 2.98 -7.72 8.96
CA ARG A 46 2.72 -9.10 9.45
C ARG A 46 1.57 -9.78 8.69
N THR A 47 0.41 -9.13 8.62
CA THR A 47 -0.80 -9.65 7.94
C THR A 47 -0.67 -9.57 6.42
N MET A 48 -0.10 -8.48 5.89
CA MET A 48 0.02 -8.27 4.44
C MET A 48 1.07 -9.17 3.78
N LYS A 49 2.23 -9.45 4.39
CA LYS A 49 3.25 -10.35 3.83
C LYS A 49 2.73 -11.76 3.54
N ASN A 50 1.77 -12.24 4.34
CA ASN A 50 1.09 -13.53 4.12
C ASN A 50 0.23 -13.50 2.84
N VAL A 51 -0.37 -12.35 2.49
CA VAL A 51 -1.11 -12.15 1.23
C VAL A 51 -0.11 -12.10 0.06
N LEU A 52 1.04 -11.44 0.23
CA LEU A 52 2.07 -11.37 -0.82
C LEU A 52 2.55 -12.77 -1.21
N ASN A 53 2.80 -13.63 -0.22
CA ASN A 53 3.23 -15.03 -0.45
C ASN A 53 2.19 -15.81 -1.29
N HIS A 54 0.89 -15.53 -1.14
CA HIS A 54 -0.16 -16.11 -1.99
C HIS A 54 -0.09 -15.48 -3.40
N MET A 55 -0.04 -14.14 -3.45
CA MET A 55 -0.06 -13.35 -4.69
C MET A 55 1.11 -13.63 -5.66
N THR A 56 2.31 -14.00 -5.21
CA THR A 56 3.41 -14.33 -6.16
C THR A 56 3.10 -15.57 -7.03
N HIS A 57 2.11 -16.38 -6.61
CA HIS A 57 1.62 -17.59 -7.29
C HIS A 57 0.21 -17.44 -7.87
N CYS A 58 -0.38 -16.25 -7.82
CA CYS A 58 -1.75 -15.94 -8.27
C CYS A 58 -1.78 -14.73 -9.23
N GLN A 59 -2.23 -14.94 -10.46
CA GLN A 59 -2.33 -13.89 -11.50
C GLN A 59 -3.57 -14.03 -12.42
N ALA A 60 -4.64 -14.61 -11.89
CA ALA A 60 -5.91 -14.85 -12.57
C ALA A 60 -6.91 -13.66 -12.57
N GLY A 61 -6.46 -12.47 -12.15
CA GLY A 61 -7.30 -11.27 -12.07
C GLY A 61 -8.32 -11.34 -10.91
N LYS A 62 -9.51 -10.77 -11.11
CA LYS A 62 -10.59 -10.74 -10.10
C LYS A 62 -11.32 -12.07 -9.90
N ALA A 63 -10.93 -13.12 -10.63
CA ALA A 63 -11.47 -14.47 -10.48
C ALA A 63 -11.15 -15.04 -9.07
N CYS A 64 -10.00 -14.67 -8.50
CA CYS A 64 -9.60 -15.03 -7.13
C CYS A 64 -10.54 -14.32 -6.14
N GLN A 65 -11.22 -15.09 -5.30
CA GLN A 65 -12.21 -14.60 -4.34
C GLN A 65 -11.59 -14.02 -3.04
N VAL A 66 -10.26 -13.91 -2.97
CA VAL A 66 -9.54 -13.35 -1.82
C VAL A 66 -9.55 -11.82 -1.93
N ALA A 67 -10.18 -11.18 -0.95
CA ALA A 67 -10.36 -9.72 -0.88
C ALA A 67 -9.05 -8.93 -1.06
N HIS A 68 -8.01 -9.31 -0.32
CA HIS A 68 -6.70 -8.65 -0.36
C HIS A 68 -5.95 -8.88 -1.70
N CYS A 69 -6.08 -10.07 -2.31
CA CYS A 69 -5.44 -10.42 -3.57
C CYS A 69 -5.98 -9.56 -4.74
N ALA A 70 -7.30 -9.58 -4.97
CA ALA A 70 -7.95 -8.84 -6.04
C ALA A 70 -7.77 -7.31 -5.93
N SER A 71 -7.87 -6.73 -4.72
CA SER A 71 -7.70 -5.29 -4.52
C SER A 71 -6.24 -4.84 -4.67
N SER A 72 -5.26 -5.65 -4.22
CA SER A 72 -3.83 -5.33 -4.38
C SER A 72 -3.41 -5.41 -5.83
N ARG A 73 -3.84 -6.44 -6.58
CA ARG A 73 -3.52 -6.60 -8.01
C ARG A 73 -3.99 -5.40 -8.84
N GLN A 74 -5.15 -4.81 -8.51
CA GLN A 74 -5.68 -3.60 -9.17
C GLN A 74 -4.70 -2.43 -9.02
N ILE A 75 -4.21 -2.21 -7.79
CA ILE A 75 -3.27 -1.13 -7.46
C ILE A 75 -1.93 -1.31 -8.17
N ILE A 76 -1.34 -2.51 -8.15
CA ILE A 76 -0.05 -2.78 -8.81
C ILE A 76 -0.19 -2.67 -10.33
N SER A 77 -1.28 -3.19 -10.92
CA SER A 77 -1.53 -3.08 -12.36
C SER A 77 -1.66 -1.61 -12.80
N HIS A 78 -2.31 -0.77 -12.00
CA HIS A 78 -2.41 0.66 -12.26
C HIS A 78 -1.02 1.32 -12.16
N TRP A 79 -0.27 1.03 -11.08
CA TRP A 79 1.07 1.58 -10.82
C TRP A 79 2.09 1.29 -11.93
N LYS A 80 2.01 0.11 -12.54
CA LYS A 80 2.87 -0.33 -13.65
C LYS A 80 2.59 0.37 -14.98
N ASN A 81 1.48 1.11 -15.11
CA ASN A 81 1.06 1.74 -16.37
C ASN A 81 0.75 3.26 -16.31
N CYS A 82 0.40 3.83 -15.15
CA CYS A 82 0.05 5.25 -15.04
C CYS A 82 1.30 6.18 -15.13
N THR A 83 1.29 7.05 -16.14
CA THR A 83 2.35 8.05 -16.45
C THR A 83 1.86 9.50 -16.42
N ARG A 84 0.58 9.75 -16.11
CA ARG A 84 -0.05 11.07 -16.07
C ARG A 84 0.38 11.92 -14.87
N HIS A 85 0.31 13.25 -15.03
CA HIS A 85 0.68 14.25 -14.02
C HIS A 85 -0.53 14.80 -13.21
N ASP A 86 -1.75 14.33 -13.48
CA ASP A 86 -3.00 14.80 -12.88
C ASP A 86 -3.90 13.69 -12.29
N CYS A 87 -3.40 12.46 -12.14
CA CYS A 87 -4.14 11.33 -11.56
C CYS A 87 -4.38 11.60 -10.05
N PRO A 88 -5.62 11.50 -9.52
CA PRO A 88 -5.96 11.85 -8.15
C PRO A 88 -5.29 11.00 -7.06
N VAL A 89 -4.91 9.75 -7.34
CA VAL A 89 -4.24 8.87 -6.36
C VAL A 89 -2.70 9.02 -6.42
N CYS A 90 -2.14 9.20 -7.62
CA CYS A 90 -0.70 9.30 -7.87
C CYS A 90 -0.05 10.64 -7.47
N LEU A 91 -0.83 11.74 -7.42
CA LEU A 91 -0.37 13.12 -7.17
C LEU A 91 0.66 13.31 -6.02
N PRO A 92 0.42 12.89 -4.77
CA PRO A 92 1.42 13.06 -3.71
C PRO A 92 2.61 12.09 -3.85
N LEU A 93 2.40 10.89 -4.40
CA LEU A 93 3.48 9.91 -4.58
C LEU A 93 4.48 10.27 -5.69
N LYS A 94 4.04 10.90 -6.80
CA LYS A 94 4.98 11.35 -7.85
C LYS A 94 5.91 12.47 -7.34
N ASN A 95 5.56 13.11 -6.22
CA ASN A 95 6.36 14.09 -5.51
C ASN A 95 7.23 13.40 -4.43
N ALA A 96 6.66 12.49 -3.63
CA ALA A 96 7.33 11.76 -2.55
C ALA A 96 8.58 10.96 -2.99
N SER A 97 8.60 10.44 -4.23
CA SER A 97 9.75 9.73 -4.79
C SER A 97 11.02 10.58 -4.87
N ASP A 98 10.89 11.91 -4.92
CA ASP A 98 11.99 12.89 -4.97
C ASP A 98 12.38 13.47 -3.60
N LYS A 99 11.63 13.17 -2.53
CA LYS A 99 11.89 13.66 -1.16
C LYS A 99 12.96 12.86 -0.41
N ARG A 100 13.60 11.89 -1.08
CA ARG A 100 14.67 11.03 -0.52
C ARG A 100 15.95 11.84 -0.19
N GLY B 1 1.97 -15.69 23.41
CA GLY B 1 2.34 -15.63 21.99
C GLY B 1 3.86 -15.51 21.75
N SER B 2 4.26 -15.49 20.48
CA SER B 2 5.67 -15.39 20.05
C SER B 2 6.28 -13.98 20.27
N HIS B 3 5.43 -12.95 20.31
CA HIS B 3 5.80 -11.54 20.53
C HIS B 3 5.27 -11.03 21.89
N MET B 4 5.94 -10.06 22.49
CA MET B 4 5.59 -9.48 23.79
C MET B 4 4.32 -8.60 23.71
N LYS B 5 3.51 -8.60 24.78
CA LYS B 5 2.24 -7.84 24.88
C LYS B 5 2.36 -6.33 24.59
N SER B 6 3.54 -5.74 24.82
CA SER B 6 3.85 -4.33 24.58
C SER B 6 4.09 -3.95 23.11
N THR B 7 4.20 -4.92 22.19
CA THR B 7 4.45 -4.71 20.74
C THR B 7 3.21 -4.25 19.94
N GLN B 8 2.35 -3.43 20.55
CA GLN B 8 1.12 -2.90 19.94
C GLN B 8 1.41 -1.85 18.84
N ALA B 9 0.52 -1.77 17.85
CA ALA B 9 0.60 -0.83 16.74
C ALA B 9 0.26 0.61 17.16
N GLY B 10 0.98 1.61 16.62
CA GLY B 10 0.75 3.03 16.88
C GLY B 10 -0.31 3.67 15.98
N GLU B 11 -0.42 4.99 16.03
CA GLU B 11 -1.33 5.80 15.21
C GLU B 11 -0.62 7.06 14.68
N GLY B 12 -0.86 7.39 13.41
CA GLY B 12 -0.27 8.53 12.69
C GLY B 12 -1.15 8.95 11.51
N THR B 13 -0.54 9.28 10.36
CA THR B 13 -1.25 9.67 9.14
C THR B 13 -0.52 9.15 7.90
N LEU B 14 -1.28 8.87 6.85
CA LEU B 14 -0.78 8.41 5.54
C LEU B 14 0.34 9.32 4.99
N SER B 15 0.14 10.62 5.10
CA SER B 15 1.08 11.61 4.56
C SER B 15 2.48 11.50 5.19
N GLU B 16 2.58 10.89 6.37
CA GLU B 16 3.84 10.51 7.02
C GLU B 16 4.24 9.08 6.59
N ALA B 17 3.26 8.17 6.44
CA ALA B 17 3.45 6.80 5.96
C ALA B 17 4.25 6.70 4.65
N LEU B 18 4.09 7.68 3.76
CA LEU B 18 4.80 7.79 2.47
C LEU B 18 6.12 8.58 2.50
N LEU B 19 6.44 9.27 3.59
CA LEU B 19 7.68 10.04 3.75
C LEU B 19 8.67 9.44 4.76
N HIS B 20 8.21 8.61 5.72
CA HIS B 20 9.04 8.01 6.77
C HIS B 20 9.78 6.72 6.37
N LEU B 21 9.64 6.26 5.13
CA LEU B 21 10.26 5.04 4.59
C LEU B 21 10.78 5.23 3.15
N GLN B 22 11.60 4.30 2.66
CA GLN B 22 12.14 4.32 1.30
C GLN B 22 11.04 3.91 0.30
N PHE B 23 10.58 4.87 -0.50
CA PHE B 23 9.53 4.65 -1.51
C PHE B 23 10.07 3.93 -2.78
N ASP B 24 9.22 3.69 -3.77
CA ASP B 24 9.52 2.95 -5.02
C ASP B 24 10.72 3.46 -5.87
N ALA B 25 11.33 4.60 -5.52
CA ALA B 25 12.53 5.13 -6.17
C ALA B 25 13.78 4.28 -5.85
N ASP B 26 13.75 3.47 -4.78
CA ASP B 26 14.85 2.60 -4.36
C ASP B 26 14.84 1.23 -5.09
N GLU B 27 13.69 0.54 -5.06
CA GLU B 27 13.41 -0.75 -5.71
C GLU B 27 11.89 -0.88 -5.96
N ASP B 28 11.46 -1.82 -6.82
CA ASP B 28 10.03 -2.05 -7.09
C ASP B 28 9.67 -3.51 -7.43
N LEU B 29 8.38 -3.82 -7.29
CA LEU B 29 7.73 -5.13 -7.43
C LEU B 29 7.19 -5.53 -8.82
N GLY B 30 7.47 -4.77 -9.88
CA GLY B 30 6.91 -4.95 -11.23
C GLY B 30 6.80 -6.38 -11.79
N ALA B 31 7.71 -7.29 -11.44
CA ALA B 31 7.72 -8.68 -11.91
C ALA B 31 6.92 -9.69 -11.05
N LEU B 32 6.45 -9.31 -9.85
CA LEU B 32 5.73 -10.23 -8.95
C LEU B 32 4.30 -10.54 -9.43
N LEU B 33 3.68 -9.67 -10.24
CA LEU B 33 2.34 -9.91 -10.79
C LEU B 33 2.29 -11.08 -11.80
N GLY B 34 3.44 -11.62 -12.23
CA GLY B 34 3.56 -12.74 -13.17
C GLY B 34 4.21 -12.37 -14.51
N ASN B 35 4.25 -13.34 -15.44
CA ASN B 35 4.85 -13.18 -16.76
C ASN B 35 4.07 -12.20 -17.66
N SER B 36 2.74 -12.33 -17.66
CA SER B 36 1.82 -11.52 -18.50
C SER B 36 0.56 -11.15 -17.71
N THR B 37 0.37 -9.87 -17.43
CA THR B 37 -0.80 -9.34 -16.70
C THR B 37 -2.08 -9.33 -17.55
N ASP B 38 -3.23 -9.22 -16.89
CA ASP B 38 -4.56 -9.24 -17.50
C ASP B 38 -5.25 -7.86 -17.47
N PRO B 39 -5.37 -7.11 -18.59
CA PRO B 39 -6.08 -5.83 -18.64
C PRO B 39 -7.53 -5.89 -18.14
N GLY B 40 -8.16 -7.07 -18.10
CA GLY B 40 -9.50 -7.27 -17.53
C GLY B 40 -9.57 -6.96 -16.02
N VAL B 41 -8.43 -6.97 -15.32
CA VAL B 41 -8.33 -6.61 -13.88
C VAL B 41 -8.29 -5.08 -13.69
N PHE B 42 -7.86 -4.34 -14.72
CA PHE B 42 -7.68 -2.89 -14.73
C PHE B 42 -9.05 -2.17 -14.68
N THR B 43 -9.23 -1.29 -13.70
CA THR B 43 -10.45 -0.49 -13.52
C THR B 43 -10.15 0.82 -12.77
N ASP B 44 -11.16 1.66 -12.53
CA ASP B 44 -11.04 2.92 -11.79
C ASP B 44 -10.67 2.63 -10.31
N LEU B 45 -9.59 3.24 -9.81
CA LEU B 45 -9.15 3.07 -8.43
C LEU B 45 -10.21 3.49 -7.40
N ALA B 46 -11.05 4.48 -7.72
CA ALA B 46 -12.16 4.91 -6.86
C ALA B 46 -13.29 3.86 -6.74
N SER B 47 -13.23 2.75 -7.51
CA SER B 47 -14.19 1.64 -7.52
C SER B 47 -13.61 0.31 -7.00
N VAL B 48 -12.42 0.34 -6.38
CA VAL B 48 -11.71 -0.85 -5.84
C VAL B 48 -12.50 -1.56 -4.72
N ASP B 49 -12.55 -2.89 -4.81
CA ASP B 49 -13.22 -3.80 -3.86
C ASP B 49 -12.27 -4.26 -2.73
N ASN B 50 -11.93 -3.33 -1.83
CA ASN B 50 -11.00 -3.52 -0.70
C ASN B 50 -11.70 -3.61 0.68
N SER B 51 -12.96 -4.04 0.72
CA SER B 51 -13.81 -4.15 1.93
C SER B 51 -13.15 -4.84 3.15
N GLU B 52 -12.34 -5.89 2.94
CA GLU B 52 -11.63 -6.57 4.04
C GLU B 52 -10.30 -5.90 4.37
N PHE B 53 -9.68 -5.20 3.41
CA PHE B 53 -8.42 -4.49 3.60
C PHE B 53 -8.62 -3.28 4.52
N GLN B 54 -9.78 -2.62 4.45
CA GLN B 54 -10.13 -1.50 5.35
C GLN B 54 -10.07 -1.94 6.82
N GLN B 55 -10.53 -3.17 7.11
CA GLN B 55 -10.58 -3.77 8.45
C GLN B 55 -9.18 -4.21 8.93
N LEU B 56 -8.33 -4.70 8.02
CA LEU B 56 -6.94 -5.09 8.30
C LEU B 56 -6.10 -3.86 8.68
N LEU B 57 -6.19 -2.80 7.88
CA LEU B 57 -5.48 -1.54 8.08
C LEU B 57 -6.07 -0.66 9.21
N ASN B 58 -7.27 -0.96 9.71
CA ASN B 58 -7.90 -0.27 10.85
C ASN B 58 -7.08 -0.46 12.16
N GLN B 59 -6.15 -1.43 12.18
CA GLN B 59 -5.27 -1.70 13.32
C GLN B 59 -4.28 -0.54 13.63
N GLY B 60 -4.14 0.45 12.74
CA GLY B 60 -3.31 1.66 12.92
C GLY B 60 -1.85 1.54 12.46
N VAL B 61 -1.28 2.66 11.99
CA VAL B 61 0.09 2.79 11.50
C VAL B 61 0.97 3.58 12.48
N SER B 62 2.15 3.06 12.81
CA SER B 62 3.11 3.70 13.72
C SER B 62 3.83 4.89 13.07
N MET B 63 4.23 5.89 13.86
CA MET B 63 4.91 7.10 13.36
C MET B 63 6.42 6.92 13.13
N SER B 64 7.15 6.53 14.18
CA SER B 64 8.61 6.32 14.18
C SER B 64 9.04 5.24 15.17
N HIS B 65 10.28 4.74 15.03
CA HIS B 65 10.90 3.74 15.91
C HIS B 65 12.38 4.08 16.17
N SER B 66 12.83 3.96 17.42
CA SER B 66 14.21 4.25 17.84
C SER B 66 15.18 3.10 17.54
N THR B 67 16.47 3.39 17.51
CA THR B 67 17.57 2.42 17.31
C THR B 67 18.15 1.96 18.65
N ALA B 68 18.91 0.85 18.65
CA ALA B 68 19.54 0.26 19.84
C ALA B 68 20.97 -0.24 19.57
N GLU B 69 21.78 -0.35 20.63
CA GLU B 69 23.18 -0.82 20.60
C GLU B 69 23.47 -1.73 21.82
N PRO B 70 24.48 -2.64 21.74
CA PRO B 70 24.85 -3.55 22.83
C PRO B 70 25.14 -2.84 24.17
N ALA A 1 -17.16 20.83 -13.27
CA ALA A 1 -17.62 19.45 -13.16
C ALA A 1 -18.71 19.26 -12.09
N THR A 2 -19.46 18.15 -12.17
CA THR A 2 -20.54 17.79 -11.23
C THR A 2 -20.04 17.23 -9.89
N GLY A 3 -18.76 16.82 -9.81
CA GLY A 3 -18.12 16.27 -8.62
C GLY A 3 -16.66 15.88 -8.86
N PRO A 4 -15.93 15.42 -7.82
CA PRO A 4 -14.53 14.99 -7.92
C PRO A 4 -14.37 13.66 -8.66
N THR A 5 -13.14 13.38 -9.12
CA THR A 5 -12.79 12.13 -9.84
C THR A 5 -12.78 10.89 -8.91
N ALA A 6 -12.51 11.09 -7.63
CA ALA A 6 -12.50 10.06 -6.58
C ALA A 6 -12.88 10.67 -5.22
N ASP A 7 -13.49 9.87 -4.33
CA ASP A 7 -13.88 10.31 -2.99
C ASP A 7 -12.64 10.29 -2.05
N PRO A 8 -12.42 11.32 -1.21
CA PRO A 8 -11.24 11.41 -0.33
C PRO A 8 -11.11 10.25 0.67
N GLU A 9 -12.23 9.68 1.14
CA GLU A 9 -12.22 8.55 2.08
C GLU A 9 -11.99 7.19 1.39
N LYS A 10 -12.22 7.12 0.07
CA LYS A 10 -11.86 5.95 -0.74
C LYS A 10 -10.36 6.04 -1.03
N ARG A 11 -9.94 7.23 -1.48
CA ARG A 11 -8.56 7.63 -1.83
C ARG A 11 -7.58 7.29 -0.72
N LYS A 12 -7.89 7.60 0.56
CA LYS A 12 -6.99 7.30 1.67
C LYS A 12 -6.62 5.82 1.76
N LEU A 13 -7.55 4.89 1.52
CA LEU A 13 -7.25 3.45 1.55
C LEU A 13 -6.52 2.98 0.29
N ILE A 14 -6.95 3.36 -0.93
CA ILE A 14 -6.21 2.97 -2.15
C ILE A 14 -4.78 3.54 -2.17
N GLN A 15 -4.54 4.70 -1.55
CA GLN A 15 -3.21 5.31 -1.45
C GLN A 15 -2.38 4.71 -0.30
N GLN A 16 -3.00 4.42 0.86
CA GLN A 16 -2.32 3.79 2.00
C GLN A 16 -2.03 2.31 1.75
N GLN A 17 -2.95 1.55 1.15
CA GLN A 17 -2.71 0.15 0.82
C GLN A 17 -1.55 0.05 -0.18
N LEU A 18 -1.49 0.97 -1.14
CA LEU A 18 -0.43 1.09 -2.15
C LEU A 18 0.94 1.35 -1.54
N VAL A 19 1.09 2.35 -0.65
CA VAL A 19 2.40 2.60 -0.01
C VAL A 19 2.81 1.42 0.89
N LEU A 20 1.86 0.80 1.59
CA LEU A 20 2.10 -0.34 2.48
C LEU A 20 2.43 -1.62 1.70
N LEU A 21 1.80 -1.84 0.54
CA LEU A 21 2.10 -2.94 -0.39
C LEU A 21 3.54 -2.76 -0.90
N LEU A 22 3.83 -1.62 -1.53
CA LEU A 22 5.14 -1.28 -2.09
C LEU A 22 6.26 -1.43 -1.05
N HIS A 23 5.97 -1.12 0.23
CA HIS A 23 6.89 -1.37 1.34
C HIS A 23 7.09 -2.88 1.56
N ALA A 24 6.00 -3.64 1.79
CA ALA A 24 6.04 -5.09 2.03
C ALA A 24 6.75 -5.90 0.93
N HIS A 25 6.68 -5.44 -0.33
CA HIS A 25 7.37 -6.05 -1.47
C HIS A 25 8.91 -5.95 -1.35
N LYS A 26 9.42 -4.85 -0.79
CA LYS A 26 10.87 -4.63 -0.55
C LYS A 26 11.36 -5.12 0.81
N CYS A 27 10.53 -5.06 1.86
CA CYS A 27 10.85 -5.50 3.22
C CYS A 27 11.34 -6.96 3.27
N GLN A 28 10.67 -7.85 2.52
CA GLN A 28 11.03 -9.26 2.38
C GLN A 28 12.38 -9.51 1.66
N ARG A 29 12.87 -8.53 0.89
CA ARG A 29 14.15 -8.57 0.18
C ARG A 29 15.31 -8.01 1.02
N ARG A 30 15.14 -6.88 1.71
CA ARG A 30 16.22 -6.30 2.56
C ARG A 30 16.66 -7.22 3.69
N GLU A 31 15.77 -8.06 4.25
CA GLU A 31 16.11 -9.01 5.32
C GLU A 31 17.01 -10.16 4.86
N GLN A 32 16.89 -10.58 3.59
CA GLN A 32 17.75 -11.62 2.97
C GLN A 32 19.00 -11.03 2.30
N ALA A 33 18.96 -9.75 1.92
CA ALA A 33 20.06 -9.01 1.28
C ALA A 33 21.15 -8.54 2.26
N ASN A 34 20.89 -8.53 3.57
CA ASN A 34 21.81 -8.08 4.62
C ASN A 34 21.97 -9.10 5.75
N GLY A 35 23.10 -9.05 6.47
CA GLY A 35 23.37 -9.91 7.64
C GLY A 35 22.56 -9.53 8.89
N GLU A 36 22.16 -8.25 8.98
CA GLU A 36 21.34 -7.67 10.05
C GLU A 36 20.33 -6.66 9.46
N VAL A 37 19.15 -6.53 10.08
CA VAL A 37 18.06 -5.62 9.66
C VAL A 37 17.21 -5.20 10.86
N ARG A 38 16.48 -4.07 10.75
CA ARG A 38 15.58 -3.53 11.78
C ARG A 38 14.12 -3.44 11.34
N ALA A 39 13.23 -3.44 12.33
CA ALA A 39 11.78 -3.40 12.18
C ALA A 39 11.27 -2.11 11.50
N CYS A 40 10.26 -2.27 10.64
CA CYS A 40 9.58 -1.23 9.88
C CYS A 40 8.49 -0.48 10.68
N SER A 41 8.16 0.74 10.24
CA SER A 41 7.18 1.64 10.88
C SER A 41 5.71 1.31 10.59
N LEU A 42 5.44 0.42 9.64
CA LEU A 42 4.11 -0.01 9.20
C LEU A 42 3.85 -1.48 9.66
N PRO A 43 3.37 -1.72 10.91
CA PRO A 43 3.19 -3.07 11.48
C PRO A 43 2.28 -4.02 10.69
N HIS A 44 1.41 -3.53 9.80
CA HIS A 44 0.56 -4.36 8.94
C HIS A 44 1.34 -5.18 7.91
N CYS A 45 2.64 -4.90 7.75
CA CYS A 45 3.60 -5.56 6.87
C CYS A 45 3.55 -7.10 7.01
N ARG A 46 3.52 -7.64 8.25
CA ARG A 46 3.42 -9.09 8.52
C ARG A 46 2.13 -9.71 7.95
N THR A 47 0.99 -9.06 8.16
CA THR A 47 -0.32 -9.51 7.66
C THR A 47 -0.39 -9.45 6.14
N MET A 48 0.18 -8.39 5.54
CA MET A 48 0.20 -8.21 4.08
C MET A 48 1.20 -9.14 3.38
N LYS A 49 2.38 -9.42 3.96
CA LYS A 49 3.38 -10.34 3.40
C LYS A 49 2.82 -11.75 3.16
N ASN A 50 1.88 -12.20 3.98
CA ASN A 50 1.17 -13.48 3.80
C ASN A 50 0.30 -13.46 2.53
N VAL A 51 -0.30 -12.31 2.19
CA VAL A 51 -1.06 -12.11 0.93
C VAL A 51 -0.09 -12.10 -0.25
N LEU A 52 1.07 -11.44 -0.12
CA LEU A 52 2.07 -11.40 -1.18
C LEU A 52 2.57 -12.81 -1.53
N ASN A 53 2.79 -13.65 -0.52
CA ASN A 53 3.21 -15.06 -0.71
C ASN A 53 2.16 -15.88 -1.49
N HIS A 54 0.86 -15.56 -1.36
CA HIS A 54 -0.20 -16.18 -2.17
C HIS A 54 -0.16 -15.60 -3.60
N MET A 55 -0.08 -14.26 -3.70
CA MET A 55 -0.08 -13.50 -4.95
C MET A 55 1.05 -13.85 -5.93
N THR A 56 2.25 -14.28 -5.48
CA THR A 56 3.32 -14.69 -6.43
C THR A 56 2.88 -15.87 -7.34
N HIS A 57 1.88 -16.64 -6.89
CA HIS A 57 1.29 -17.80 -7.58
C HIS A 57 -0.14 -17.55 -8.12
N CYS A 58 -0.66 -16.32 -8.02
CA CYS A 58 -2.03 -15.97 -8.42
C CYS A 58 -2.11 -14.72 -9.34
N GLN A 59 -2.91 -14.81 -10.40
CA GLN A 59 -3.19 -13.75 -11.37
C GLN A 59 -4.60 -13.89 -11.99
N ALA A 60 -5.54 -14.46 -11.23
CA ALA A 60 -6.93 -14.72 -11.65
C ALA A 60 -7.86 -13.49 -11.54
N GLY A 61 -7.42 -12.39 -10.92
CA GLY A 61 -8.20 -11.16 -10.77
C GLY A 61 -9.47 -11.34 -9.93
N LYS A 62 -10.61 -10.87 -10.46
CA LYS A 62 -11.93 -10.95 -9.78
C LYS A 62 -12.41 -12.38 -9.51
N ALA A 63 -11.85 -13.38 -10.20
CA ALA A 63 -12.18 -14.79 -9.99
C ALA A 63 -11.64 -15.33 -8.65
N CYS A 64 -10.52 -14.78 -8.15
CA CYS A 64 -9.96 -15.10 -6.84
C CYS A 64 -10.86 -14.48 -5.76
N GLN A 65 -11.41 -15.32 -4.89
CA GLN A 65 -12.34 -14.90 -3.83
C GLN A 65 -11.64 -14.28 -2.60
N VAL A 66 -10.31 -14.10 -2.66
CA VAL A 66 -9.51 -13.46 -1.61
C VAL A 66 -9.52 -11.96 -1.84
N ALA A 67 -10.18 -11.26 -0.92
CA ALA A 67 -10.37 -9.81 -0.97
C ALA A 67 -9.05 -9.03 -1.15
N HIS A 68 -8.03 -9.40 -0.37
CA HIS A 68 -6.71 -8.76 -0.40
C HIS A 68 -5.96 -9.01 -1.73
N CYS A 69 -6.08 -10.20 -2.32
CA CYS A 69 -5.46 -10.57 -3.59
C CYS A 69 -6.06 -9.77 -4.75
N ALA A 70 -7.39 -9.83 -4.91
CA ALA A 70 -8.13 -9.13 -5.97
C ALA A 70 -7.98 -7.60 -5.91
N SER A 71 -7.99 -6.99 -4.72
CA SER A 71 -7.79 -5.53 -4.58
C SER A 71 -6.34 -5.13 -4.86
N SER A 72 -5.36 -5.89 -4.36
CA SER A 72 -3.93 -5.62 -4.59
C SER A 72 -3.56 -5.75 -6.08
N ARG A 73 -4.13 -6.72 -6.82
CA ARG A 73 -3.86 -6.86 -8.25
C ARG A 73 -4.27 -5.59 -9.02
N GLN A 74 -5.37 -4.93 -8.63
CA GLN A 74 -5.81 -3.67 -9.25
C GLN A 74 -4.76 -2.57 -9.02
N ILE A 75 -4.24 -2.44 -7.79
CA ILE A 75 -3.20 -1.46 -7.43
C ILE A 75 -1.95 -1.65 -8.30
N ILE A 76 -1.43 -2.88 -8.36
CA ILE A 76 -0.20 -3.18 -9.11
C ILE A 76 -0.42 -3.07 -10.63
N SER A 77 -1.55 -3.57 -11.15
CA SER A 77 -1.89 -3.46 -12.58
C SER A 77 -1.97 -1.99 -13.02
N HIS A 78 -2.58 -1.12 -12.18
CA HIS A 78 -2.64 0.33 -12.42
C HIS A 78 -1.21 0.90 -12.46
N TRP A 79 -0.36 0.54 -11.48
CA TRP A 79 1.04 0.96 -11.37
C TRP A 79 1.89 0.62 -12.61
N LYS A 80 1.63 -0.53 -13.23
CA LYS A 80 2.34 -1.04 -14.41
C LYS A 80 1.97 -0.34 -15.74
N ASN A 81 0.91 0.48 -15.77
CA ASN A 81 0.42 1.12 -17.01
C ASN A 81 0.08 2.62 -16.95
N CYS A 82 -0.24 3.17 -15.77
CA CYS A 82 -0.68 4.57 -15.61
C CYS A 82 0.38 5.64 -16.00
N THR A 83 -0.11 6.75 -16.56
CA THR A 83 0.64 7.97 -16.88
C THR A 83 0.78 8.82 -15.61
N ARG A 84 1.42 8.24 -14.59
CA ARG A 84 1.69 8.72 -13.21
C ARG A 84 2.11 10.18 -13.01
N HIS A 85 2.50 10.88 -14.08
CA HIS A 85 2.94 12.28 -14.08
C HIS A 85 1.89 13.26 -13.51
N ASP A 86 0.60 12.94 -13.63
CA ASP A 86 -0.51 13.80 -13.17
C ASP A 86 -1.72 13.07 -12.54
N CYS A 87 -1.69 11.75 -12.36
CA CYS A 87 -2.81 10.98 -11.77
C CYS A 87 -3.00 11.37 -10.28
N PRO A 88 -4.22 11.69 -9.80
CA PRO A 88 -4.45 12.15 -8.43
C PRO A 88 -4.02 11.19 -7.31
N VAL A 89 -3.95 9.87 -7.56
CA VAL A 89 -3.49 8.89 -6.57
C VAL A 89 -1.99 8.67 -6.66
N CYS A 90 -1.41 8.65 -7.87
CA CYS A 90 0.00 8.42 -8.15
C CYS A 90 0.92 9.63 -7.87
N LEU A 91 0.47 10.86 -8.17
CA LEU A 91 1.24 12.11 -8.08
C LEU A 91 2.02 12.34 -6.75
N PRO A 92 1.44 12.22 -5.54
CA PRO A 92 2.22 12.45 -4.32
C PRO A 92 3.25 11.33 -4.08
N LEU A 93 2.95 10.09 -4.48
CA LEU A 93 3.86 8.94 -4.38
C LEU A 93 5.02 9.06 -5.38
N LYS A 94 4.77 9.60 -6.58
CA LYS A 94 5.79 9.93 -7.58
C LYS A 94 6.83 10.91 -7.01
N ASN A 95 6.39 11.87 -6.19
CA ASN A 95 7.25 12.85 -5.52
C ASN A 95 7.93 12.27 -4.26
N ALA A 96 7.29 11.31 -3.56
CA ALA A 96 7.80 10.66 -2.35
C ALA A 96 9.14 9.91 -2.55
N SER A 97 9.49 9.58 -3.79
CA SER A 97 10.75 8.92 -4.16
C SER A 97 11.97 9.84 -4.08
N ASP A 98 11.77 11.17 -4.06
CA ASP A 98 12.83 12.18 -3.99
C ASP A 98 13.15 12.61 -2.54
N LYS A 99 14.34 13.21 -2.33
CA LYS A 99 14.81 13.70 -1.03
C LYS A 99 14.17 15.03 -0.61
N ARG A 100 13.60 15.79 -1.56
CA ARG A 100 12.93 17.09 -1.38
C ARG A 100 11.62 17.17 -2.16
N GLY B 1 16.86 2.72 25.93
CA GLY B 1 16.26 4.01 26.23
C GLY B 1 14.74 3.96 26.42
N SER B 2 14.12 5.12 26.66
CA SER B 2 12.66 5.25 26.85
C SER B 2 11.89 5.04 25.54
N HIS B 3 10.80 4.27 25.60
CA HIS B 3 9.94 3.92 24.46
C HIS B 3 8.44 3.96 24.86
N MET B 4 7.56 4.14 23.88
CA MET B 4 6.11 4.21 24.04
C MET B 4 5.39 3.27 23.05
N LYS B 5 4.20 2.76 23.44
CA LYS B 5 3.37 1.85 22.64
C LYS B 5 2.44 2.55 21.63
N SER B 6 2.34 3.87 21.70
CA SER B 6 1.52 4.72 20.82
C SER B 6 2.10 4.88 19.40
N THR B 7 1.24 5.26 18.45
CA THR B 7 1.60 5.51 17.03
C THR B 7 2.23 6.89 16.83
N GLN B 8 2.84 7.13 15.67
CA GLN B 8 3.49 8.42 15.30
C GLN B 8 2.45 9.47 14.88
N ALA B 9 1.51 9.78 15.79
CA ALA B 9 0.41 10.74 15.59
C ALA B 9 0.86 12.19 15.34
N GLY B 10 2.13 12.52 15.62
CA GLY B 10 2.74 13.84 15.38
C GLY B 10 2.74 14.25 13.89
N GLU B 11 2.53 13.29 12.98
CA GLU B 11 2.40 13.51 11.53
C GLU B 11 1.08 14.20 11.14
N GLY B 12 0.10 14.28 12.07
CA GLY B 12 -1.20 14.94 11.91
C GLY B 12 -2.23 14.22 11.02
N THR B 13 -1.81 13.46 10.02
CA THR B 13 -2.69 12.72 9.10
C THR B 13 -2.04 11.44 8.59
N LEU B 14 -2.88 10.41 8.35
CA LEU B 14 -2.49 9.10 7.84
C LEU B 14 -1.83 9.19 6.45
N SER B 15 -2.21 10.16 5.62
CA SER B 15 -1.62 10.36 4.29
C SER B 15 -0.16 10.82 4.32
N GLU B 16 0.35 11.30 5.46
CA GLU B 16 1.76 11.70 5.62
C GLU B 16 2.68 10.48 5.85
N ALA B 17 2.11 9.30 6.14
CA ALA B 17 2.87 8.04 6.28
C ALA B 17 3.69 7.70 5.02
N LEU B 18 3.32 8.25 3.86
CA LEU B 18 4.06 8.09 2.60
C LEU B 18 5.13 9.17 2.34
N LEU B 19 5.07 10.30 3.05
CA LEU B 19 5.98 11.45 2.90
C LEU B 19 6.97 11.65 4.07
N HIS B 20 6.74 11.03 5.24
CA HIS B 20 7.61 11.21 6.41
C HIS B 20 9.01 10.55 6.28
N LEU B 21 9.18 9.67 5.30
CA LEU B 21 10.40 8.94 4.93
C LEU B 21 10.46 8.78 3.39
N GLN B 22 11.64 8.50 2.83
CA GLN B 22 11.80 8.27 1.38
C GLN B 22 11.07 6.98 0.96
N PHE B 23 10.38 7.03 -0.18
CA PHE B 23 9.58 5.93 -0.72
C PHE B 23 10.41 4.82 -1.43
N ASP B 24 9.71 3.78 -1.88
CA ASP B 24 10.18 2.55 -2.54
C ASP B 24 10.75 2.76 -3.96
N ALA B 25 11.86 3.50 -4.05
CA ALA B 25 12.54 3.86 -5.30
C ALA B 25 13.78 3.00 -5.67
N ASP B 26 14.40 2.31 -4.71
CA ASP B 26 15.64 1.52 -4.93
C ASP B 26 15.44 0.17 -5.65
N GLU B 27 14.24 -0.40 -5.56
CA GLU B 27 13.81 -1.68 -6.18
C GLU B 27 12.32 -1.60 -6.55
N ASP B 28 11.76 -2.64 -7.18
CA ASP B 28 10.34 -2.71 -7.53
C ASP B 28 9.79 -4.15 -7.59
N LEU B 29 8.46 -4.27 -7.66
CA LEU B 29 7.69 -5.52 -7.65
C LEU B 29 7.41 -6.19 -9.01
N GLY B 30 8.02 -5.75 -10.11
CA GLY B 30 7.75 -6.29 -11.46
C GLY B 30 8.00 -7.81 -11.64
N ALA B 31 8.69 -8.48 -10.70
CA ALA B 31 8.99 -9.90 -10.76
C ALA B 31 7.88 -10.84 -10.26
N LEU B 32 7.12 -10.51 -9.21
CA LEU B 32 6.06 -11.38 -8.68
C LEU B 32 4.69 -11.25 -9.38
N LEU B 33 4.39 -10.05 -9.87
CA LEU B 33 3.12 -9.73 -10.56
C LEU B 33 3.24 -9.87 -12.09
N GLY B 34 4.47 -10.04 -12.60
CA GLY B 34 4.80 -10.22 -14.02
C GLY B 34 4.92 -8.91 -14.80
N ASN B 35 5.34 -9.02 -16.07
CA ASN B 35 5.53 -7.88 -16.98
C ASN B 35 4.20 -7.33 -17.55
N SER B 36 3.16 -8.17 -17.65
CA SER B 36 1.83 -7.85 -18.17
C SER B 36 0.69 -8.37 -17.28
N THR B 37 -0.48 -7.74 -17.38
CA THR B 37 -1.71 -8.06 -16.62
C THR B 37 -2.94 -8.03 -17.53
N ASP B 38 -4.02 -8.69 -17.09
CA ASP B 38 -5.30 -8.80 -17.82
C ASP B 38 -6.10 -7.47 -17.83
N PRO B 39 -6.32 -6.80 -18.98
CA PRO B 39 -7.13 -5.58 -19.05
C PRO B 39 -8.56 -5.74 -18.52
N GLY B 40 -9.08 -6.98 -18.45
CA GLY B 40 -10.39 -7.29 -17.85
C GLY B 40 -10.46 -6.99 -16.34
N VAL B 41 -9.31 -6.94 -15.65
CA VAL B 41 -9.19 -6.60 -14.21
C VAL B 41 -8.95 -5.09 -14.01
N PHE B 42 -8.48 -4.40 -15.05
CA PHE B 42 -8.15 -2.98 -15.04
C PHE B 42 -9.39 -2.08 -14.91
N THR B 43 -9.38 -1.16 -13.95
CA THR B 43 -10.45 -0.18 -13.70
C THR B 43 -9.91 1.05 -12.94
N ASP B 44 -10.75 2.05 -12.68
CA ASP B 44 -10.39 3.22 -11.90
C ASP B 44 -10.25 2.80 -10.42
N LEU B 45 -9.22 3.28 -9.70
CA LEU B 45 -9.00 2.91 -8.31
C LEU B 45 -10.18 3.25 -7.37
N ALA B 46 -10.98 4.26 -7.70
CA ALA B 46 -12.19 4.61 -6.95
C ALA B 46 -13.26 3.50 -6.95
N SER B 47 -13.17 2.52 -7.87
CA SER B 47 -14.07 1.36 -8.00
C SER B 47 -13.52 0.06 -7.40
N VAL B 48 -12.38 0.11 -6.69
CA VAL B 48 -11.71 -1.06 -6.06
C VAL B 48 -12.53 -1.67 -4.92
N ASP B 49 -12.48 -3.00 -4.76
CA ASP B 49 -13.17 -3.75 -3.70
C ASP B 49 -12.19 -4.10 -2.55
N ASN B 50 -11.77 -3.07 -1.81
CA ASN B 50 -10.79 -3.14 -0.70
C ASN B 50 -11.41 -3.08 0.72
N SER B 51 -12.72 -3.29 0.87
CA SER B 51 -13.45 -3.24 2.16
C SER B 51 -12.91 -4.18 3.25
N GLU B 52 -12.20 -5.25 2.88
CA GLU B 52 -11.57 -6.17 3.84
C GLU B 52 -10.13 -5.74 4.20
N PHE B 53 -9.46 -4.94 3.36
CA PHE B 53 -8.09 -4.48 3.60
C PHE B 53 -8.03 -3.52 4.80
N GLN B 54 -8.97 -2.58 4.87
CA GLN B 54 -9.08 -1.64 6.01
C GLN B 54 -9.22 -2.35 7.37
N GLN B 55 -9.71 -3.60 7.40
CA GLN B 55 -9.86 -4.37 8.64
C GLN B 55 -8.49 -4.73 9.25
N LEU B 56 -7.48 -5.05 8.43
CA LEU B 56 -6.12 -5.29 8.92
C LEU B 56 -5.36 -3.96 9.12
N LEU B 57 -5.62 -2.93 8.30
CA LEU B 57 -4.95 -1.62 8.43
C LEU B 57 -5.45 -0.77 9.62
N ASN B 58 -6.59 -1.12 10.22
CA ASN B 58 -7.14 -0.46 11.40
C ASN B 58 -6.49 -0.95 12.72
N GLN B 59 -5.77 -2.07 12.69
CA GLN B 59 -5.10 -2.73 13.82
C GLN B 59 -3.59 -2.46 13.83
N GLY B 60 -3.18 -1.18 13.84
CA GLY B 60 -1.78 -0.76 13.84
C GLY B 60 -1.59 0.74 13.55
N VAL B 61 -0.70 1.08 12.60
CA VAL B 61 -0.39 2.47 12.22
C VAL B 61 -1.64 3.24 11.74
N SER B 62 -2.08 4.19 12.55
CA SER B 62 -3.23 5.07 12.34
C SER B 62 -3.22 6.23 13.34
N MET B 63 -4.02 7.27 13.08
CA MET B 63 -4.20 8.45 13.94
C MET B 63 -5.51 8.40 14.73
N SER B 64 -6.43 7.48 14.40
CA SER B 64 -7.73 7.25 15.04
C SER B 64 -8.25 5.83 14.75
N HIS B 65 -9.04 5.25 15.67
CA HIS B 65 -9.60 3.90 15.50
C HIS B 65 -10.82 3.85 14.55
N SER B 66 -11.32 5.00 14.09
CA SER B 66 -12.47 5.16 13.18
C SER B 66 -12.16 4.99 11.68
N THR B 67 -10.94 4.59 11.32
CA THR B 67 -10.48 4.42 9.92
C THR B 67 -11.11 3.26 9.13
N ALA B 68 -11.88 2.37 9.77
CA ALA B 68 -12.55 1.23 9.13
C ALA B 68 -14.01 1.05 9.58
N GLU B 69 -14.84 0.48 8.71
CA GLU B 69 -16.25 0.17 8.94
C GLU B 69 -16.42 -1.31 9.34
N PRO B 70 -17.21 -1.65 10.39
CA PRO B 70 -17.43 -3.03 10.83
C PRO B 70 -17.87 -3.99 9.71
N ALA A 1 -18.16 4.58 -16.48
CA ALA A 1 -18.70 5.93 -16.48
C ALA A 1 -19.34 6.35 -15.13
N THR A 2 -19.47 5.41 -14.20
CA THR A 2 -20.06 5.61 -12.85
C THR A 2 -19.06 6.12 -11.80
N GLY A 3 -17.75 6.05 -12.07
CA GLY A 3 -16.69 6.50 -11.17
C GLY A 3 -16.65 8.04 -10.99
N PRO A 4 -16.32 8.56 -9.79
CA PRO A 4 -16.26 10.00 -9.53
C PRO A 4 -15.03 10.68 -10.15
N THR A 5 -15.12 12.00 -10.36
CA THR A 5 -14.01 12.81 -10.92
C THR A 5 -12.86 13.03 -9.92
N ALA A 6 -13.18 13.06 -8.63
CA ALA A 6 -12.25 13.21 -7.49
C ALA A 6 -12.78 12.48 -6.25
N ASP A 7 -11.88 12.03 -5.37
CA ASP A 7 -12.21 11.27 -4.16
C ASP A 7 -11.26 11.60 -2.99
N PRO A 8 -11.74 12.18 -1.86
CA PRO A 8 -10.89 12.57 -0.74
C PRO A 8 -10.59 11.43 0.26
N GLU A 9 -11.61 10.70 0.73
CA GLU A 9 -11.49 9.64 1.75
C GLU A 9 -11.22 8.25 1.19
N LYS A 10 -11.80 7.88 0.03
CA LYS A 10 -11.53 6.58 -0.63
C LYS A 10 -10.03 6.49 -0.93
N ARG A 11 -9.47 7.58 -1.45
CA ARG A 11 -8.04 7.79 -1.74
C ARG A 11 -7.15 7.44 -0.55
N LYS A 12 -7.60 7.70 0.68
CA LYS A 12 -6.80 7.37 1.88
C LYS A 12 -6.64 5.87 2.09
N LEU A 13 -7.63 5.01 1.81
CA LEU A 13 -7.42 3.55 1.90
C LEU A 13 -6.63 3.03 0.69
N ILE A 14 -6.96 3.41 -0.56
CA ILE A 14 -6.16 2.97 -1.73
C ILE A 14 -4.69 3.43 -1.62
N GLN A 15 -4.41 4.59 -1.01
CA GLN A 15 -3.04 5.06 -0.79
C GLN A 15 -2.41 4.42 0.47
N GLN A 16 -3.14 4.24 1.57
CA GLN A 16 -2.63 3.55 2.77
C GLN A 16 -2.31 2.08 2.46
N GLN A 17 -3.10 1.42 1.60
CA GLN A 17 -2.81 0.06 1.18
C GLN A 17 -1.62 0.03 0.21
N LEU A 18 -1.53 0.94 -0.79
CA LEU A 18 -0.39 0.93 -1.73
C LEU A 18 0.93 1.27 -1.04
N VAL A 19 0.96 2.24 -0.13
CA VAL A 19 2.20 2.61 0.59
C VAL A 19 2.69 1.45 1.47
N LEU A 20 1.76 0.65 2.01
CA LEU A 20 2.03 -0.53 2.84
C LEU A 20 2.36 -1.77 1.99
N LEU A 21 1.79 -1.88 0.78
CA LEU A 21 2.10 -2.94 -0.19
C LEU A 21 3.54 -2.73 -0.70
N LEU A 22 3.85 -1.55 -1.26
CA LEU A 22 5.21 -1.24 -1.73
C LEU A 22 6.22 -1.39 -0.59
N HIS A 23 5.85 -1.01 0.64
CA HIS A 23 6.68 -1.26 1.82
C HIS A 23 6.90 -2.77 2.01
N ALA A 24 5.86 -3.59 2.18
CA ALA A 24 5.97 -5.04 2.40
C ALA A 24 6.76 -5.79 1.31
N HIS A 25 6.66 -5.38 0.04
CA HIS A 25 7.42 -5.99 -1.07
C HIS A 25 8.93 -5.68 -0.97
N LYS A 26 9.28 -4.45 -0.56
CA LYS A 26 10.68 -4.00 -0.41
C LYS A 26 11.28 -4.40 0.95
N CYS A 27 10.48 -4.50 2.02
CA CYS A 27 10.86 -4.88 3.39
C CYS A 27 11.56 -6.24 3.46
N GLN A 28 10.92 -7.29 2.91
CA GLN A 28 11.46 -8.64 2.86
C GLN A 28 12.73 -8.76 1.99
N ARG A 29 12.93 -7.85 1.03
CA ARG A 29 14.06 -7.82 0.09
C ARG A 29 15.26 -7.01 0.60
N ARG A 30 15.05 -5.79 1.13
CA ARG A 30 16.12 -4.89 1.60
C ARG A 30 16.99 -5.51 2.70
N GLU A 31 16.39 -6.33 3.56
CA GLU A 31 17.07 -7.05 4.65
C GLU A 31 18.18 -7.99 4.12
N GLN A 32 17.92 -8.67 3.01
CA GLN A 32 18.86 -9.57 2.33
C GLN A 32 19.82 -8.81 1.40
N ALA A 33 19.36 -7.72 0.77
CA ALA A 33 20.12 -6.91 -0.19
C ALA A 33 21.19 -5.99 0.43
N ASN A 34 21.16 -5.73 1.75
CA ASN A 34 22.09 -4.83 2.45
C ASN A 34 22.64 -5.45 3.75
N GLY A 35 23.75 -4.90 4.27
CA GLY A 35 24.34 -5.32 5.55
C GLY A 35 23.52 -4.87 6.77
N GLU A 36 22.81 -3.73 6.65
CA GLU A 36 21.91 -3.16 7.66
C GLU A 36 20.86 -2.25 7.01
N VAL A 37 19.65 -2.21 7.59
CA VAL A 37 18.48 -1.45 7.13
C VAL A 37 17.66 -0.92 8.32
N ARG A 38 16.68 -0.05 8.06
CA ARG A 38 15.71 0.43 9.07
C ARG A 38 14.60 -0.60 9.30
N ALA A 39 13.91 -0.47 10.43
CA ALA A 39 12.78 -1.32 10.81
C ALA A 39 11.41 -0.71 10.48
N CYS A 40 10.39 -1.56 10.43
CA CYS A 40 9.01 -1.22 10.09
C CYS A 40 8.44 0.00 10.83
N SER A 41 7.63 0.77 10.10
CA SER A 41 6.88 1.95 10.53
C SER A 41 5.40 1.87 10.11
N LEU A 42 4.95 0.65 9.77
CA LEU A 42 3.60 0.29 9.33
C LEU A 42 3.28 -1.12 9.88
N PRO A 43 2.76 -1.24 11.12
CA PRO A 43 2.48 -2.51 11.82
C PRO A 43 1.75 -3.62 11.03
N HIS A 44 0.91 -3.26 10.05
CA HIS A 44 0.16 -4.21 9.21
C HIS A 44 1.04 -5.02 8.23
N CYS A 45 2.33 -4.67 8.08
CA CYS A 45 3.32 -5.32 7.23
C CYS A 45 3.33 -6.85 7.42
N ARG A 46 3.31 -7.35 8.67
CA ARG A 46 3.26 -8.79 8.99
C ARG A 46 2.02 -9.49 8.39
N THR A 47 0.85 -8.87 8.52
CA THR A 47 -0.42 -9.39 7.99
C THR A 47 -0.46 -9.35 6.46
N MET A 48 0.11 -8.30 5.85
CA MET A 48 0.15 -8.15 4.39
C MET A 48 1.19 -9.05 3.71
N LYS A 49 2.40 -9.25 4.27
CA LYS A 49 3.42 -10.16 3.70
C LYS A 49 2.91 -11.60 3.54
N ASN A 50 2.00 -12.04 4.40
CA ASN A 50 1.34 -13.35 4.27
C ASN A 50 0.43 -13.41 3.02
N VAL A 51 -0.21 -12.29 2.64
CA VAL A 51 -0.99 -12.17 1.39
C VAL A 51 -0.03 -12.15 0.20
N LEU A 52 1.11 -11.45 0.30
CA LEU A 52 2.11 -11.41 -0.78
C LEU A 52 2.62 -12.81 -1.12
N ASN A 53 2.94 -13.62 -0.10
CA ASN A 53 3.39 -15.01 -0.27
C ASN A 53 2.38 -15.85 -1.07
N HIS A 54 1.08 -15.59 -0.92
CA HIS A 54 0.03 -16.23 -1.71
C HIS A 54 -0.01 -15.62 -3.14
N MET A 55 -0.06 -14.28 -3.23
CA MET A 55 -0.18 -13.51 -4.46
C MET A 55 0.93 -13.75 -5.51
N THR A 56 2.12 -14.24 -5.12
CA THR A 56 3.19 -14.55 -6.10
C THR A 56 2.81 -15.66 -7.10
N HIS A 57 1.68 -16.35 -6.87
CA HIS A 57 1.11 -17.41 -7.71
C HIS A 57 -0.14 -16.96 -8.51
N CYS A 58 -0.59 -15.71 -8.33
CA CYS A 58 -1.76 -15.11 -8.98
C CYS A 58 -1.37 -13.99 -9.96
N GLN A 59 -1.45 -14.30 -11.27
CA GLN A 59 -1.17 -13.35 -12.37
C GLN A 59 -2.36 -13.16 -13.35
N ALA A 60 -3.48 -13.87 -13.13
CA ALA A 60 -4.71 -13.76 -13.93
C ALA A 60 -5.82 -12.91 -13.25
N GLY A 61 -5.82 -12.86 -11.91
CA GLY A 61 -6.75 -12.08 -11.09
C GLY A 61 -8.17 -12.62 -10.97
N LYS A 62 -8.92 -12.72 -12.08
CA LYS A 62 -10.33 -13.13 -12.10
C LYS A 62 -10.59 -14.57 -11.62
N ALA A 63 -9.59 -15.45 -11.67
CA ALA A 63 -9.72 -16.84 -11.21
C ALA A 63 -9.68 -16.97 -9.68
N CYS A 64 -8.92 -16.11 -8.99
CA CYS A 64 -8.78 -16.09 -7.54
C CYS A 64 -9.98 -15.39 -6.86
N GLN A 65 -10.35 -15.88 -5.68
CA GLN A 65 -11.52 -15.44 -4.90
C GLN A 65 -11.17 -14.91 -3.49
N VAL A 66 -9.88 -14.69 -3.19
CA VAL A 66 -9.41 -14.21 -1.87
C VAL A 66 -9.54 -12.68 -1.77
N ALA A 67 -10.08 -12.21 -0.65
CA ALA A 67 -10.35 -10.80 -0.35
C ALA A 67 -9.18 -9.85 -0.67
N HIS A 68 -8.06 -9.99 0.06
CA HIS A 68 -6.89 -9.12 -0.09
C HIS A 68 -6.13 -9.30 -1.41
N CYS A 69 -6.15 -10.51 -1.99
CA CYS A 69 -5.49 -10.81 -3.26
C CYS A 69 -6.06 -9.94 -4.41
N ALA A 70 -7.39 -9.87 -4.51
CA ALA A 70 -8.09 -9.08 -5.52
C ALA A 70 -7.81 -7.57 -5.40
N SER A 71 -8.00 -6.95 -4.23
CA SER A 71 -7.76 -5.50 -4.07
C SER A 71 -6.29 -5.12 -4.25
N SER A 72 -5.34 -5.98 -3.82
CA SER A 72 -3.90 -5.72 -3.98
C SER A 72 -3.50 -5.75 -5.46
N ARG A 73 -4.07 -6.66 -6.26
CA ARG A 73 -3.83 -6.71 -7.71
C ARG A 73 -4.29 -5.43 -8.41
N GLN A 74 -5.46 -4.88 -8.04
CA GLN A 74 -5.99 -3.64 -8.63
C GLN A 74 -5.05 -2.44 -8.44
N ILE A 75 -4.30 -2.39 -7.32
CA ILE A 75 -3.30 -1.34 -7.07
C ILE A 75 -2.13 -1.51 -8.05
N ILE A 76 -1.58 -2.72 -8.13
CA ILE A 76 -0.40 -3.01 -8.96
C ILE A 76 -0.71 -2.92 -10.47
N SER A 77 -1.87 -3.39 -10.92
CA SER A 77 -2.26 -3.29 -12.34
C SER A 77 -2.35 -1.82 -12.79
N HIS A 78 -2.83 -0.92 -11.92
CA HIS A 78 -2.82 0.52 -12.18
C HIS A 78 -1.35 1.01 -12.26
N TRP A 79 -0.54 0.67 -11.25
CA TRP A 79 0.88 1.03 -11.13
C TRP A 79 1.74 0.64 -12.35
N LYS A 80 1.47 -0.53 -12.95
CA LYS A 80 2.19 -1.06 -14.12
C LYS A 80 1.80 -0.41 -15.46
N ASN A 81 0.76 0.45 -15.50
CA ASN A 81 0.27 1.08 -16.73
C ASN A 81 0.14 2.62 -16.67
N CYS A 82 -0.09 3.23 -15.50
CA CYS A 82 -0.25 4.68 -15.38
C CYS A 82 1.06 5.42 -15.73
N THR A 83 0.96 6.36 -16.68
CA THR A 83 2.07 7.18 -17.22
C THR A 83 1.86 8.70 -17.03
N ARG A 84 0.77 9.08 -16.35
CA ARG A 84 0.40 10.48 -16.06
C ARG A 84 1.31 11.15 -15.03
N HIS A 85 1.39 12.48 -15.09
CA HIS A 85 2.17 13.33 -14.16
C HIS A 85 1.30 14.03 -13.09
N ASP A 86 -0.03 13.90 -13.16
CA ASP A 86 -1.00 14.56 -12.27
C ASP A 86 -2.12 13.63 -11.75
N CYS A 87 -1.95 12.30 -11.83
CA CYS A 87 -2.92 11.31 -11.34
C CYS A 87 -3.10 11.46 -9.80
N PRO A 88 -4.32 11.58 -9.26
CA PRO A 88 -4.56 11.86 -7.84
C PRO A 88 -3.98 10.85 -6.85
N VAL A 89 -3.79 9.59 -7.25
CA VAL A 89 -3.23 8.52 -6.39
C VAL A 89 -1.70 8.44 -6.53
N CYS A 90 -1.16 8.65 -7.73
CA CYS A 90 0.27 8.57 -8.04
C CYS A 90 1.06 9.84 -7.65
N LEU A 91 0.47 11.03 -7.84
CA LEU A 91 1.08 12.34 -7.61
C LEU A 91 1.76 12.52 -6.23
N PRO A 92 1.15 12.14 -5.09
CA PRO A 92 1.80 12.32 -3.79
C PRO A 92 3.09 11.50 -3.66
N LEU A 93 3.11 10.24 -4.14
CA LEU A 93 4.31 9.39 -4.12
C LEU A 93 5.38 9.88 -5.12
N LYS A 94 4.96 10.41 -6.29
CA LYS A 94 5.84 10.99 -7.31
C LYS A 94 6.69 12.15 -6.74
N ASN A 95 6.17 12.87 -5.75
CA ASN A 95 6.86 13.93 -5.02
C ASN A 95 7.62 13.40 -3.80
N ALA A 96 7.00 12.51 -3.01
CA ALA A 96 7.57 11.95 -1.78
C ALA A 96 8.79 11.02 -1.97
N SER A 97 9.01 10.49 -3.18
CA SER A 97 10.15 9.61 -3.49
C SER A 97 11.51 10.35 -3.51
N ASP A 98 11.52 11.68 -3.60
CA ASP A 98 12.74 12.51 -3.59
C ASP A 98 13.25 12.76 -2.16
N LYS A 99 14.58 12.69 -1.97
CA LYS A 99 15.28 12.86 -0.67
C LYS A 99 15.04 14.21 0.03
N ARG A 100 14.76 15.27 -0.73
CA ARG A 100 14.52 16.65 -0.26
C ARG A 100 13.31 17.27 -0.97
N GLY B 1 19.73 -8.79 11.32
CA GLY B 1 20.85 -9.05 12.21
C GLY B 1 21.08 -7.93 13.25
N SER B 2 22.07 -8.11 14.12
CA SER B 2 22.44 -7.18 15.20
C SER B 2 22.80 -5.76 14.75
N HIS B 3 23.16 -5.57 13.48
CA HIS B 3 23.52 -4.27 12.89
C HIS B 3 22.31 -3.45 12.40
N MET B 4 21.10 -4.01 12.41
CA MET B 4 19.86 -3.35 11.96
C MET B 4 19.54 -2.07 12.76
N LYS B 5 19.02 -1.04 12.08
CA LYS B 5 18.60 0.25 12.66
C LYS B 5 17.17 0.11 13.20
N SER B 6 17.04 -0.67 14.28
CA SER B 6 15.77 -1.02 14.93
C SER B 6 15.08 0.19 15.58
N THR B 7 13.76 0.28 15.41
CA THR B 7 12.89 1.32 15.97
C THR B 7 12.43 0.97 17.40
N GLN B 8 12.22 1.98 18.24
CA GLN B 8 11.80 1.81 19.65
C GLN B 8 10.47 2.51 19.97
N ALA B 9 10.22 3.69 19.39
CA ALA B 9 8.99 4.47 19.56
C ALA B 9 8.80 5.44 18.37
N GLY B 10 7.54 5.80 18.07
CA GLY B 10 7.20 6.74 17.00
C GLY B 10 5.70 6.90 16.77
N GLU B 11 5.25 8.14 16.52
CA GLU B 11 3.87 8.53 16.27
C GLU B 11 3.81 9.71 15.29
N GLY B 12 2.75 9.76 14.46
CA GLY B 12 2.57 10.80 13.44
C GLY B 12 1.20 10.74 12.76
N THR B 13 1.18 11.00 11.45
CA THR B 13 -0.01 10.99 10.58
C THR B 13 0.29 10.26 9.26
N LEU B 14 -0.75 9.94 8.49
CA LEU B 14 -0.66 9.20 7.23
C LEU B 14 0.23 9.90 6.18
N SER B 15 0.18 11.22 6.04
CA SER B 15 1.10 11.92 5.11
C SER B 15 2.56 11.87 5.57
N GLU B 16 2.82 11.74 6.88
CA GLU B 16 4.17 11.53 7.42
C GLU B 16 4.61 10.08 7.19
N ALA B 17 3.68 9.12 7.31
CA ALA B 17 3.91 7.71 6.98
C ALA B 17 4.32 7.54 5.51
N LEU B 18 3.81 8.42 4.64
CA LEU B 18 4.12 8.49 3.22
C LEU B 18 5.51 9.14 2.98
N LEU B 19 5.77 10.30 3.60
CA LEU B 19 7.01 11.06 3.42
C LEU B 19 8.30 10.40 3.98
N HIS B 20 8.21 9.47 4.95
CA HIS B 20 9.39 8.83 5.57
C HIS B 20 9.72 7.39 5.10
N LEU B 21 9.14 6.94 3.98
CA LEU B 21 9.36 5.62 3.36
C LEU B 21 9.92 5.73 1.93
N GLN B 22 10.46 4.63 1.41
CA GLN B 22 11.02 4.53 0.06
C GLN B 22 10.08 3.77 -0.89
N PHE B 23 10.01 4.24 -2.14
CA PHE B 23 9.14 3.76 -3.22
C PHE B 23 9.92 3.27 -4.45
N ASP B 24 9.19 2.82 -5.47
CA ASP B 24 9.65 2.22 -6.75
C ASP B 24 11.00 2.68 -7.33
N ALA B 25 11.40 3.94 -7.11
CA ALA B 25 12.69 4.48 -7.56
C ALA B 25 13.91 3.77 -6.93
N ASP B 26 13.77 3.21 -5.72
CA ASP B 26 14.80 2.44 -5.03
C ASP B 26 14.81 0.97 -5.46
N GLU B 27 13.64 0.32 -5.40
CA GLU B 27 13.36 -1.06 -5.79
C GLU B 27 11.85 -1.18 -6.08
N ASP B 28 11.41 -2.13 -6.92
CA ASP B 28 9.98 -2.28 -7.25
C ASP B 28 9.51 -3.75 -7.38
N LEU B 29 8.19 -3.94 -7.27
CA LEU B 29 7.48 -5.23 -7.28
C LEU B 29 7.01 -5.75 -8.66
N GLY B 30 7.31 -5.06 -9.76
CA GLY B 30 6.82 -5.39 -11.12
C GLY B 30 6.96 -6.86 -11.57
N ALA B 31 8.00 -7.56 -11.11
CA ALA B 31 8.23 -8.97 -11.44
C ALA B 31 7.27 -9.96 -10.74
N LEU B 32 6.66 -9.57 -9.61
CA LEU B 32 5.73 -10.42 -8.83
C LEU B 32 4.36 -10.54 -9.51
N LEU B 33 3.83 -9.46 -10.10
CA LEU B 33 2.55 -9.50 -10.81
C LEU B 33 2.68 -10.09 -12.24
N GLY B 34 3.91 -10.37 -12.67
CA GLY B 34 4.27 -10.95 -13.98
C GLY B 34 4.39 -9.93 -15.12
N ASN B 35 5.02 -10.36 -16.21
CA ASN B 35 5.23 -9.55 -17.43
C ASN B 35 3.89 -9.18 -18.11
N SER B 36 2.98 -10.16 -18.18
CA SER B 36 1.65 -10.04 -18.80
C SER B 36 0.55 -10.26 -17.77
N THR B 37 -0.49 -9.42 -17.83
CA THR B 37 -1.64 -9.39 -16.91
C THR B 37 -2.98 -9.44 -17.67
N ASP B 38 -4.10 -9.17 -16.99
CA ASP B 38 -5.45 -9.16 -17.57
C ASP B 38 -6.07 -7.75 -17.53
N PRO B 39 -5.93 -6.91 -18.58
CA PRO B 39 -6.55 -5.56 -18.63
C PRO B 39 -8.06 -5.54 -18.40
N GLY B 40 -8.77 -6.67 -18.54
CA GLY B 40 -10.20 -6.78 -18.22
C GLY B 40 -10.49 -6.57 -16.72
N VAL B 41 -9.49 -6.68 -15.85
CA VAL B 41 -9.57 -6.43 -14.39
C VAL B 41 -9.27 -4.96 -14.02
N PHE B 42 -8.72 -4.18 -14.95
CA PHE B 42 -8.38 -2.76 -14.77
C PHE B 42 -9.66 -1.95 -14.50
N THR B 43 -9.63 -1.09 -13.47
CA THR B 43 -10.78 -0.26 -13.08
C THR B 43 -10.34 1.02 -12.36
N ASP B 44 -11.27 1.96 -12.17
CA ASP B 44 -11.07 3.20 -11.43
C ASP B 44 -10.81 2.87 -9.95
N LEU B 45 -9.66 3.29 -9.40
CA LEU B 45 -9.30 3.02 -8.00
C LEU B 45 -10.31 3.59 -7.00
N ALA B 46 -10.99 4.70 -7.32
CA ALA B 46 -12.05 5.27 -6.47
C ALA B 46 -13.30 4.35 -6.36
N SER B 47 -13.34 3.23 -7.10
CA SER B 47 -14.40 2.22 -7.12
C SER B 47 -13.89 0.81 -6.70
N VAL B 48 -12.67 0.70 -6.17
CA VAL B 48 -12.05 -0.58 -5.73
C VAL B 48 -12.83 -1.25 -4.59
N ASP B 49 -12.90 -2.58 -4.62
CA ASP B 49 -13.55 -3.40 -3.59
C ASP B 49 -12.56 -3.78 -2.47
N ASN B 50 -12.15 -2.80 -1.66
CA ASN B 50 -11.20 -2.93 -0.54
C ASN B 50 -11.84 -2.88 0.86
N SER B 51 -13.17 -3.01 0.97
CA SER B 51 -13.89 -2.98 2.26
C SER B 51 -13.47 -4.09 3.23
N GLU B 52 -12.89 -5.20 2.74
CA GLU B 52 -12.36 -6.28 3.57
C GLU B 52 -10.91 -6.01 4.02
N PHE B 53 -10.12 -5.29 3.21
CA PHE B 53 -8.76 -4.85 3.54
C PHE B 53 -8.83 -3.71 4.59
N GLN B 54 -9.89 -2.88 4.51
CA GLN B 54 -10.16 -1.81 5.47
C GLN B 54 -10.09 -2.31 6.93
N GLN B 55 -10.66 -3.49 7.22
CA GLN B 55 -10.68 -4.05 8.58
C GLN B 55 -9.30 -4.45 9.12
N LEU B 56 -8.33 -4.74 8.23
CA LEU B 56 -6.94 -5.05 8.55
C LEU B 56 -6.17 -3.75 8.84
N LEU B 57 -6.29 -2.73 7.98
CA LEU B 57 -5.56 -1.46 8.15
C LEU B 57 -6.20 -0.50 9.18
N ASN B 58 -7.49 -0.66 9.49
CA ASN B 58 -8.20 0.11 10.52
C ASN B 58 -7.65 -0.16 11.94
N GLN B 59 -6.83 -1.20 12.12
CA GLN B 59 -6.17 -1.51 13.41
C GLN B 59 -5.18 -0.41 13.85
N GLY B 60 -4.84 0.54 12.96
CA GLY B 60 -3.98 1.71 13.23
C GLY B 60 -2.48 1.49 13.03
N VAL B 61 -1.77 2.53 12.58
CA VAL B 61 -0.33 2.55 12.31
C VAL B 61 0.46 3.40 13.33
N SER B 62 1.74 3.08 13.48
CA SER B 62 2.71 3.77 14.34
C SER B 62 4.11 3.66 13.73
N MET B 63 4.96 4.66 13.93
CA MET B 63 6.31 4.75 13.35
C MET B 63 7.36 3.92 14.10
N SER B 64 7.01 2.68 14.46
CA SER B 64 7.87 1.71 15.15
C SER B 64 7.37 0.27 14.99
N HIS B 65 8.29 -0.70 15.06
CA HIS B 65 7.99 -2.14 15.00
C HIS B 65 7.78 -2.76 16.41
N SER B 66 8.01 -1.98 17.47
CA SER B 66 7.89 -2.39 18.88
C SER B 66 6.44 -2.58 19.37
N THR B 67 6.30 -3.23 20.53
CA THR B 67 5.03 -3.52 21.23
C THR B 67 5.11 -3.14 22.71
N ALA B 68 3.97 -2.84 23.33
CA ALA B 68 3.85 -2.47 24.76
C ALA B 68 2.60 -3.07 25.43
N GLU B 69 2.63 -3.18 26.76
CA GLU B 69 1.55 -3.72 27.59
C GLU B 69 1.55 -3.02 28.98
N PRO B 70 0.39 -2.61 29.55
CA PRO B 70 0.33 -1.95 30.86
C PRO B 70 0.97 -2.76 31.99
N ALA A 1 -18.23 25.07 -2.40
CA ALA A 1 -17.18 24.64 -3.31
C ALA A 1 -17.54 23.35 -4.09
N THR A 2 -16.82 23.08 -5.18
CA THR A 2 -17.02 21.90 -6.05
C THR A 2 -16.44 20.59 -5.48
N GLY A 3 -15.53 20.67 -4.50
CA GLY A 3 -14.90 19.52 -3.85
C GLY A 3 -13.82 18.81 -4.68
N PRO A 4 -13.17 17.76 -4.14
CA PRO A 4 -12.11 16.99 -4.79
C PRO A 4 -12.64 16.09 -5.94
N THR A 5 -11.72 15.67 -6.82
CA THR A 5 -12.02 14.78 -7.97
C THR A 5 -12.37 13.34 -7.54
N ALA A 6 -11.91 12.92 -6.36
CA ALA A 6 -12.17 11.62 -5.75
C ALA A 6 -12.45 11.79 -4.23
N ASP A 7 -13.28 10.92 -3.65
CA ASP A 7 -13.63 10.99 -2.22
C ASP A 7 -12.42 10.63 -1.30
N PRO A 8 -12.27 11.31 -0.15
CA PRO A 8 -11.14 11.09 0.76
C PRO A 8 -11.11 9.71 1.41
N GLU A 9 -12.24 8.99 1.53
CA GLU A 9 -12.26 7.66 2.16
C GLU A 9 -11.64 6.57 1.28
N LYS A 10 -11.94 6.56 -0.02
CA LYS A 10 -11.28 5.68 -0.98
C LYS A 10 -9.82 6.06 -1.09
N ARG A 11 -9.52 7.37 -1.17
CA ARG A 11 -8.15 7.90 -1.34
C ARG A 11 -7.25 7.57 -0.15
N LYS A 12 -7.70 7.76 1.09
CA LYS A 12 -6.85 7.47 2.25
C LYS A 12 -6.47 5.99 2.35
N LEU A 13 -7.39 5.06 2.08
CA LEU A 13 -7.06 3.63 2.16
C LEU A 13 -6.31 3.11 0.93
N ILE A 14 -6.62 3.51 -0.31
CA ILE A 14 -5.79 3.07 -1.46
C ILE A 14 -4.35 3.59 -1.33
N GLN A 15 -4.17 4.82 -0.84
CA GLN A 15 -2.84 5.41 -0.62
C GLN A 15 -2.10 4.68 0.51
N GLN A 16 -2.78 4.34 1.61
CA GLN A 16 -2.18 3.57 2.71
C GLN A 16 -1.92 2.11 2.29
N GLN A 17 -2.80 1.48 1.52
CA GLN A 17 -2.64 0.10 1.06
C GLN A 17 -1.48 0.00 0.06
N LEU A 18 -1.39 0.91 -0.93
CA LEU A 18 -0.31 0.86 -1.92
C LEU A 18 1.06 1.11 -1.28
N VAL A 19 1.16 2.07 -0.34
CA VAL A 19 2.45 2.33 0.31
C VAL A 19 2.85 1.19 1.27
N LEU A 20 1.87 0.54 1.91
CA LEU A 20 2.09 -0.62 2.79
C LEU A 20 2.45 -1.88 1.98
N LEU A 21 1.86 -2.03 0.79
CA LEU A 21 2.19 -3.08 -0.17
C LEU A 21 3.64 -2.88 -0.62
N LEU A 22 3.96 -1.74 -1.23
CA LEU A 22 5.32 -1.43 -1.70
C LEU A 22 6.34 -1.57 -0.56
N HIS A 23 6.01 -1.17 0.68
CA HIS A 23 6.85 -1.40 1.84
C HIS A 23 7.11 -2.91 2.03
N ALA A 24 6.05 -3.73 2.20
CA ALA A 24 6.18 -5.18 2.41
C ALA A 24 6.94 -5.92 1.29
N HIS A 25 6.85 -5.46 0.03
CA HIS A 25 7.61 -6.04 -1.10
C HIS A 25 9.12 -5.75 -1.01
N LYS A 26 9.50 -4.61 -0.44
CA LYS A 26 10.90 -4.15 -0.27
C LYS A 26 11.51 -4.61 1.07
N CYS A 27 10.71 -4.67 2.14
CA CYS A 27 11.07 -5.06 3.51
C CYS A 27 11.73 -6.45 3.56
N GLN A 28 11.05 -7.46 3.00
CA GLN A 28 11.54 -8.85 2.91
C GLN A 28 12.75 -9.01 1.96
N ARG A 29 13.00 -8.01 1.11
CA ARG A 29 14.06 -7.98 0.09
C ARG A 29 15.38 -7.39 0.60
N ARG A 30 15.34 -6.24 1.28
CA ARG A 30 16.53 -5.49 1.75
C ARG A 30 17.37 -6.19 2.82
N GLU A 31 16.85 -7.20 3.50
CA GLU A 31 17.57 -7.97 4.54
C GLU A 31 18.82 -8.70 4.02
N GLN A 32 18.93 -8.93 2.69
CA GLN A 32 20.11 -9.53 2.05
C GLN A 32 21.20 -8.50 1.70
N ALA A 33 20.86 -7.20 1.73
CA ALA A 33 21.71 -6.06 1.39
C ALA A 33 22.15 -5.21 2.61
N ASN A 34 21.61 -5.51 3.80
CA ASN A 34 21.89 -4.80 5.06
C ASN A 34 22.32 -5.77 6.16
N GLY A 35 23.22 -5.33 7.06
CA GLY A 35 23.66 -6.14 8.21
C GLY A 35 22.57 -6.31 9.28
N GLU A 36 21.68 -5.33 9.38
CA GLU A 36 20.50 -5.28 10.25
C GLU A 36 19.44 -4.32 9.66
N VAL A 37 18.16 -4.50 10.03
CA VAL A 37 17.03 -3.67 9.58
C VAL A 37 16.16 -3.28 10.78
N ARG A 38 15.74 -2.00 10.85
CA ARG A 38 14.93 -1.46 11.95
C ARG A 38 13.46 -1.93 11.90
N ALA A 39 12.74 -1.73 13.01
CA ALA A 39 11.34 -2.13 13.14
C ALA A 39 10.41 -1.33 12.20
N CYS A 40 9.45 -2.01 11.57
CA CYS A 40 8.51 -1.44 10.61
C CYS A 40 7.60 -0.38 11.27
N SER A 41 7.48 0.79 10.62
CA SER A 41 6.59 1.89 11.03
C SER A 41 5.13 1.65 10.61
N LEU A 42 4.89 0.61 9.80
CA LEU A 42 3.59 0.14 9.32
C LEU A 42 3.33 -1.27 9.92
N PRO A 43 2.65 -1.40 11.08
CA PRO A 43 2.48 -2.69 11.78
C PRO A 43 1.76 -3.82 11.01
N HIS A 44 1.00 -3.50 9.96
CA HIS A 44 0.27 -4.49 9.14
C HIS A 44 1.17 -5.35 8.23
N CYS A 45 2.46 -5.01 8.11
CA CYS A 45 3.50 -5.68 7.31
C CYS A 45 3.44 -7.22 7.41
N ARG A 46 3.41 -7.79 8.63
CA ARG A 46 3.34 -9.24 8.87
C ARG A 46 2.09 -9.91 8.27
N THR A 47 0.91 -9.29 8.46
CA THR A 47 -0.37 -9.81 7.92
C THR A 47 -0.42 -9.69 6.39
N MET A 48 0.10 -8.60 5.83
CA MET A 48 0.15 -8.41 4.37
C MET A 48 1.20 -9.31 3.71
N LYS A 49 2.36 -9.59 4.33
CA LYS A 49 3.40 -10.49 3.80
C LYS A 49 2.87 -11.91 3.52
N ASN A 50 1.89 -12.38 4.29
CA ASN A 50 1.24 -13.67 4.06
C ASN A 50 0.40 -13.66 2.76
N VAL A 51 -0.18 -12.52 2.40
CA VAL A 51 -0.89 -12.31 1.12
C VAL A 51 0.12 -12.22 -0.02
N LEU A 52 1.27 -11.56 0.20
CA LEU A 52 2.32 -11.46 -0.82
C LEU A 52 2.86 -12.85 -1.21
N ASN A 53 3.06 -13.73 -0.22
CA ASN A 53 3.50 -15.12 -0.45
C ASN A 53 2.55 -15.88 -1.39
N HIS A 54 1.24 -15.64 -1.27
CA HIS A 54 0.23 -16.20 -2.19
C HIS A 54 0.33 -15.50 -3.56
N MET A 55 0.38 -14.17 -3.57
CA MET A 55 0.42 -13.33 -4.78
C MET A 55 1.65 -13.52 -5.67
N THR A 56 2.80 -14.04 -5.19
CA THR A 56 3.95 -14.30 -6.09
C THR A 56 3.65 -15.37 -7.14
N HIS A 57 2.61 -16.19 -6.90
CA HIS A 57 2.14 -17.28 -7.78
C HIS A 57 0.81 -16.99 -8.48
N CYS A 58 0.06 -15.99 -8.00
CA CYS A 58 -1.27 -15.60 -8.49
C CYS A 58 -1.23 -14.36 -9.41
N GLN A 59 -1.90 -14.44 -10.57
CA GLN A 59 -2.01 -13.37 -11.57
C GLN A 59 -3.30 -13.47 -12.42
N ALA A 60 -4.27 -14.28 -11.99
CA ALA A 60 -5.52 -14.58 -12.69
C ALA A 60 -6.62 -13.48 -12.64
N GLY A 61 -6.31 -12.28 -12.16
CA GLY A 61 -7.28 -11.17 -12.11
C GLY A 61 -8.48 -11.43 -11.19
N LYS A 62 -9.69 -11.24 -11.73
CA LYS A 62 -10.97 -11.44 -11.02
C LYS A 62 -11.31 -12.91 -10.71
N ALA A 63 -10.56 -13.88 -11.24
CA ALA A 63 -10.80 -15.30 -10.99
C ALA A 63 -10.48 -15.70 -9.53
N CYS A 64 -9.48 -15.08 -8.90
CA CYS A 64 -9.12 -15.32 -7.51
C CYS A 64 -10.17 -14.67 -6.57
N GLN A 65 -10.72 -15.49 -5.66
CA GLN A 65 -11.78 -15.08 -4.72
C GLN A 65 -11.25 -14.49 -3.40
N VAL A 66 -9.93 -14.32 -3.26
CA VAL A 66 -9.29 -13.75 -2.06
C VAL A 66 -9.34 -12.22 -2.12
N ALA A 67 -10.00 -11.64 -1.13
CA ALA A 67 -10.23 -10.18 -1.02
C ALA A 67 -8.94 -9.35 -1.11
N HIS A 68 -7.92 -9.73 -0.33
CA HIS A 68 -6.63 -9.03 -0.31
C HIS A 68 -5.85 -9.21 -1.63
N CYS A 69 -5.90 -10.40 -2.26
CA CYS A 69 -5.23 -10.68 -3.53
C CYS A 69 -5.82 -9.81 -4.67
N ALA A 70 -7.15 -9.86 -4.84
CA ALA A 70 -7.87 -9.10 -5.86
C ALA A 70 -7.65 -7.59 -5.77
N SER A 71 -7.81 -6.97 -4.58
CA SER A 71 -7.59 -5.52 -4.42
C SER A 71 -6.12 -5.13 -4.52
N SER A 72 -5.16 -5.96 -4.05
CA SER A 72 -3.73 -5.68 -4.21
C SER A 72 -3.33 -5.69 -5.69
N ARG A 73 -3.79 -6.69 -6.45
CA ARG A 73 -3.58 -6.80 -7.90
C ARG A 73 -4.20 -5.60 -8.64
N GLN A 74 -5.35 -5.12 -8.18
CA GLN A 74 -6.04 -3.96 -8.75
C GLN A 74 -5.19 -2.68 -8.60
N ILE A 75 -4.41 -2.54 -7.50
CA ILE A 75 -3.45 -1.44 -7.34
C ILE A 75 -2.28 -1.62 -8.31
N ILE A 76 -1.61 -2.78 -8.27
CA ILE A 76 -0.40 -3.05 -9.07
C ILE A 76 -0.68 -2.97 -10.58
N SER A 77 -1.84 -3.46 -11.05
CA SER A 77 -2.19 -3.38 -12.48
C SER A 77 -2.28 -1.92 -12.95
N HIS A 78 -2.81 -1.01 -12.12
CA HIS A 78 -2.82 0.44 -12.43
C HIS A 78 -1.37 0.98 -12.36
N TRP A 79 -0.63 0.66 -11.30
CA TRP A 79 0.74 1.12 -11.05
C TRP A 79 1.72 0.78 -12.19
N LYS A 80 1.57 -0.40 -12.80
CA LYS A 80 2.38 -0.90 -13.93
C LYS A 80 2.08 -0.18 -15.26
N ASN A 81 0.94 0.50 -15.39
CA ASN A 81 0.49 1.12 -16.65
C ASN A 81 0.34 2.66 -16.62
N CYS A 82 0.11 3.28 -15.46
CA CYS A 82 -0.07 4.73 -15.34
C CYS A 82 1.27 5.49 -15.49
N THR A 83 1.36 6.31 -16.54
CA THR A 83 2.54 7.13 -16.89
C THR A 83 2.26 8.64 -16.94
N ARG A 84 0.99 9.07 -16.87
CA ARG A 84 0.58 10.49 -16.92
C ARG A 84 0.99 11.25 -15.65
N HIS A 85 1.54 12.45 -15.82
CA HIS A 85 2.03 13.33 -14.73
C HIS A 85 0.93 14.13 -14.01
N ASP A 86 -0.34 13.71 -14.11
CA ASP A 86 -1.50 14.42 -13.52
C ASP A 86 -2.54 13.48 -12.83
N CYS A 87 -2.24 12.19 -12.64
CA CYS A 87 -3.16 11.24 -11.98
C CYS A 87 -3.24 11.62 -10.47
N PRO A 88 -4.44 11.85 -9.89
CA PRO A 88 -4.59 12.38 -8.52
C PRO A 88 -4.02 11.52 -7.39
N VAL A 89 -4.08 10.20 -7.48
CA VAL A 89 -3.55 9.29 -6.43
C VAL A 89 -2.04 9.08 -6.61
N CYS A 90 -1.54 9.09 -7.84
CA CYS A 90 -0.13 8.93 -8.18
C CYS A 90 0.71 10.19 -7.87
N LEU A 91 0.13 11.40 -7.96
CA LEU A 91 0.79 12.70 -7.73
C LEU A 91 1.67 12.77 -6.46
N PRO A 92 1.17 12.48 -5.24
CA PRO A 92 2.01 12.51 -4.03
C PRO A 92 3.12 11.46 -4.06
N LEU A 93 2.90 10.28 -4.66
CA LEU A 93 3.94 9.25 -4.81
C LEU A 93 4.99 9.64 -5.84
N LYS A 94 4.61 10.37 -6.90
CA LYS A 94 5.53 10.93 -7.90
C LYS A 94 6.49 11.92 -7.24
N ASN A 95 5.98 12.74 -6.31
CA ASN A 95 6.77 13.67 -5.49
C ASN A 95 7.65 12.91 -4.48
N ALA A 96 7.19 11.79 -3.93
CA ALA A 96 7.98 10.94 -3.03
C ALA A 96 9.11 10.20 -3.77
N SER A 97 8.91 9.91 -5.06
CA SER A 97 9.89 9.26 -5.94
C SER A 97 10.99 10.22 -6.39
N ASP A 98 10.67 11.51 -6.58
CA ASP A 98 11.60 12.57 -6.97
C ASP A 98 11.11 13.94 -6.47
N LYS A 99 11.91 14.59 -5.61
CA LYS A 99 11.64 15.91 -5.02
C LYS A 99 11.75 17.12 -5.97
N ARG A 100 12.12 16.89 -7.24
CA ARG A 100 12.27 17.91 -8.31
C ARG A 100 11.53 17.49 -9.59
N GLY B 1 -25.92 18.20 26.47
CA GLY B 1 -24.70 18.19 27.29
C GLY B 1 -23.65 19.23 26.85
N SER B 2 -22.55 19.30 27.61
CA SER B 2 -21.41 20.23 27.39
C SER B 2 -20.48 19.79 26.25
N HIS B 3 -21.04 19.56 25.06
CA HIS B 3 -20.33 19.12 23.86
C HIS B 3 -19.43 20.22 23.27
N MET B 4 -18.41 19.81 22.49
CA MET B 4 -17.46 20.73 21.83
C MET B 4 -18.12 21.49 20.67
N LYS B 5 -17.66 22.73 20.43
CA LYS B 5 -18.18 23.66 19.40
C LYS B 5 -17.15 24.03 18.31
N SER B 6 -16.04 23.29 18.21
CA SER B 6 -14.95 23.52 17.25
C SER B 6 -15.42 23.43 15.79
N THR B 7 -14.96 24.36 14.94
CA THR B 7 -15.32 24.47 13.52
C THR B 7 -14.36 23.75 12.56
N GLN B 8 -13.15 23.40 13.01
CA GLN B 8 -12.13 22.72 12.21
C GLN B 8 -12.44 21.22 12.02
N ALA B 9 -12.18 20.70 10.81
CA ALA B 9 -12.38 19.30 10.42
C ALA B 9 -11.40 18.86 9.31
N GLY B 10 -11.22 17.55 9.12
CA GLY B 10 -10.36 16.96 8.10
C GLY B 10 -10.38 15.42 8.08
N GLU B 11 -9.98 14.83 6.96
CA GLU B 11 -9.92 13.38 6.74
C GLU B 11 -8.81 13.02 5.73
N GLY B 12 -8.20 11.85 5.90
CA GLY B 12 -7.11 11.37 5.04
C GLY B 12 -5.77 12.06 5.28
N THR B 13 -5.51 12.52 6.51
CA THR B 13 -4.29 13.24 6.93
C THR B 13 -3.04 12.35 7.06
N LEU B 14 -3.19 11.04 6.87
CA LEU B 14 -2.12 10.03 6.96
C LEU B 14 -1.04 10.11 5.84
N SER B 15 -1.14 11.07 4.92
CA SER B 15 -0.23 11.27 3.77
C SER B 15 1.26 11.42 4.12
N GLU B 16 1.63 11.57 5.39
CA GLU B 16 3.03 11.56 5.84
C GLU B 16 3.61 10.13 5.78
N ALA B 17 2.76 9.09 5.79
CA ALA B 17 3.11 7.68 5.69
C ALA B 17 4.03 7.36 4.50
N LEU B 18 3.86 8.09 3.38
CA LEU B 18 4.65 7.95 2.15
C LEU B 18 5.90 8.84 2.07
N LEU B 19 6.05 9.80 3.00
CA LEU B 19 7.17 10.76 3.06
C LEU B 19 8.18 10.43 4.17
N HIS B 20 7.77 9.75 5.24
CA HIS B 20 8.65 9.36 6.37
C HIS B 20 9.24 7.93 6.26
N LEU B 21 9.06 7.28 5.12
CA LEU B 21 9.48 5.90 4.81
C LEU B 21 9.98 5.78 3.36
N GLN B 22 10.85 4.81 3.07
CA GLN B 22 11.36 4.56 1.71
C GLN B 22 10.24 4.11 0.76
N PHE B 23 10.39 4.44 -0.53
CA PHE B 23 9.42 4.14 -1.58
C PHE B 23 10.07 3.48 -2.82
N ASP B 24 9.27 3.17 -3.85
CA ASP B 24 9.66 2.45 -5.08
C ASP B 24 10.77 3.08 -5.98
N ALA B 25 11.44 4.14 -5.51
CA ALA B 25 12.54 4.79 -6.22
C ALA B 25 13.85 3.97 -6.16
N ASP B 26 14.03 3.10 -5.15
CA ASP B 26 15.22 2.25 -5.01
C ASP B 26 15.13 0.99 -5.89
N GLU B 27 13.97 0.33 -5.89
CA GLU B 27 13.62 -0.86 -6.68
C GLU B 27 12.08 -1.04 -6.63
N ASP B 28 11.51 -1.95 -7.43
CA ASP B 28 10.06 -2.19 -7.46
C ASP B 28 9.64 -3.68 -7.58
N LEU B 29 8.35 -3.93 -7.35
CA LEU B 29 7.72 -5.25 -7.28
C LEU B 29 7.27 -5.92 -8.58
N GLY B 30 7.47 -5.30 -9.74
CA GLY B 30 6.97 -5.79 -11.05
C GLY B 30 7.15 -7.28 -11.36
N ALA B 31 8.22 -7.92 -10.85
CA ALA B 31 8.51 -9.33 -11.07
C ALA B 31 7.55 -10.34 -10.42
N LEU B 32 6.91 -10.03 -9.28
CA LEU B 32 5.98 -10.98 -8.63
C LEU B 32 4.59 -11.01 -9.28
N LEU B 33 4.12 -9.86 -9.76
CA LEU B 33 2.79 -9.69 -10.33
C LEU B 33 2.75 -10.06 -11.83
N GLY B 34 3.88 -9.92 -12.53
CA GLY B 34 4.05 -10.28 -13.95
C GLY B 34 3.40 -9.30 -14.94
N ASN B 35 3.93 -9.23 -16.15
CA ASN B 35 3.44 -8.33 -17.21
C ASN B 35 2.07 -8.72 -17.80
N SER B 36 1.68 -9.99 -17.69
CA SER B 36 0.43 -10.56 -18.24
C SER B 36 -0.81 -10.31 -17.36
N THR B 37 -1.02 -9.07 -16.92
CA THR B 37 -2.18 -8.67 -16.09
C THR B 37 -3.51 -8.71 -16.85
N ASP B 38 -4.59 -9.08 -16.16
CA ASP B 38 -5.95 -9.19 -16.69
C ASP B 38 -6.69 -7.83 -16.73
N PRO B 39 -7.03 -7.26 -17.90
CA PRO B 39 -7.79 -6.00 -17.98
C PRO B 39 -9.15 -6.05 -17.27
N GLY B 40 -9.72 -7.25 -17.05
CA GLY B 40 -10.97 -7.44 -16.28
C GLY B 40 -10.83 -7.05 -14.80
N VAL B 41 -9.61 -7.01 -14.25
CA VAL B 41 -9.34 -6.59 -12.86
C VAL B 41 -9.04 -5.09 -12.77
N PHE B 42 -8.65 -4.47 -13.89
CA PHE B 42 -8.31 -3.05 -14.03
C PHE B 42 -9.56 -2.16 -13.88
N THR B 43 -9.47 -1.14 -13.04
CA THR B 43 -10.54 -0.14 -12.81
C THR B 43 -9.95 1.16 -12.25
N ASP B 44 -10.77 2.20 -12.10
CA ASP B 44 -10.36 3.47 -11.52
C ASP B 44 -10.01 3.28 -10.02
N LEU B 45 -8.88 3.84 -9.57
CA LEU B 45 -8.43 3.75 -8.18
C LEU B 45 -9.47 4.28 -7.16
N ALA B 46 -10.26 5.29 -7.53
CA ALA B 46 -11.34 5.81 -6.69
C ALA B 46 -12.59 4.89 -6.64
N SER B 47 -12.56 3.75 -7.34
CA SER B 47 -13.61 2.72 -7.42
C SER B 47 -13.11 1.33 -6.97
N VAL B 48 -11.93 1.25 -6.33
CA VAL B 48 -11.31 0.01 -5.83
C VAL B 48 -12.19 -0.73 -4.80
N ASP B 49 -12.25 -2.06 -4.92
CA ASP B 49 -13.00 -2.95 -4.02
C ASP B 49 -12.08 -3.60 -2.96
N ASN B 50 -11.59 -2.80 -2.02
CA ASN B 50 -10.67 -3.18 -0.94
C ASN B 50 -11.35 -3.47 0.41
N SER B 51 -12.62 -3.86 0.42
CA SER B 51 -13.47 -4.12 1.61
C SER B 51 -12.77 -4.79 2.80
N GLU B 52 -12.14 -5.95 2.61
CA GLU B 52 -11.44 -6.67 3.70
C GLU B 52 -10.08 -6.04 4.05
N PHE B 53 -9.45 -5.31 3.13
CA PHE B 53 -8.20 -4.59 3.39
C PHE B 53 -8.46 -3.47 4.42
N GLN B 54 -9.66 -2.87 4.41
CA GLN B 54 -10.05 -1.85 5.39
C GLN B 54 -10.00 -2.42 6.81
N GLN B 55 -10.51 -3.64 7.02
CA GLN B 55 -10.52 -4.33 8.30
C GLN B 55 -9.09 -4.73 8.75
N LEU B 56 -8.20 -5.10 7.83
CA LEU B 56 -6.80 -5.40 8.10
C LEU B 56 -6.07 -4.12 8.57
N LEU B 57 -6.19 -3.01 7.84
CA LEU B 57 -5.48 -1.76 8.17
C LEU B 57 -6.11 -0.93 9.31
N ASN B 58 -7.38 -1.19 9.66
CA ASN B 58 -8.05 -0.54 10.79
C ASN B 58 -7.45 -0.98 12.16
N GLN B 59 -6.74 -2.12 12.20
CA GLN B 59 -6.09 -2.68 13.40
C GLN B 59 -4.72 -2.04 13.71
N GLY B 60 -4.51 -0.78 13.30
CA GLY B 60 -3.26 -0.04 13.48
C GLY B 60 -3.25 1.29 12.71
N VAL B 61 -2.12 1.62 12.08
CA VAL B 61 -1.92 2.88 11.32
C VAL B 61 -3.00 3.13 10.26
N SER B 62 -3.74 4.23 10.46
CA SER B 62 -4.85 4.71 9.63
C SER B 62 -5.16 6.17 10.04
N MET B 63 -6.34 6.69 9.70
CA MET B 63 -6.80 8.04 10.06
C MET B 63 -6.77 8.28 11.58
N SER B 64 -7.02 7.24 12.39
CA SER B 64 -6.98 7.26 13.85
C SER B 64 -5.53 7.22 14.36
N HIS B 65 -4.80 8.33 14.19
CA HIS B 65 -3.39 8.48 14.56
C HIS B 65 -3.11 8.21 16.05
N SER B 66 -4.10 8.39 16.93
CA SER B 66 -4.02 8.12 18.38
C SER B 66 -3.99 6.62 18.73
N THR B 67 -4.38 5.75 17.78
CA THR B 67 -4.42 4.28 17.90
C THR B 67 -3.72 3.60 16.71
N ALA B 68 -2.62 4.18 16.23
CA ALA B 68 -1.86 3.72 15.07
C ALA B 68 -1.07 2.40 15.24
N GLU B 69 -1.36 1.61 16.27
CA GLU B 69 -0.72 0.32 16.58
C GLU B 69 -1.72 -0.71 17.16
N PRO B 70 -1.54 -2.02 16.92
CA PRO B 70 -2.42 -3.07 17.43
C PRO B 70 -2.40 -3.16 18.96
N ALA A 1 -22.51 16.04 -11.73
CA ALA A 1 -21.25 16.44 -12.34
C ALA A 1 -20.46 17.49 -11.51
N THR A 2 -21.07 18.02 -10.44
CA THR A 2 -20.49 19.03 -9.53
C THR A 2 -19.63 18.43 -8.40
N GLY A 3 -19.73 17.12 -8.15
CA GLY A 3 -18.97 16.41 -7.12
C GLY A 3 -17.47 16.20 -7.44
N PRO A 4 -16.67 15.74 -6.46
CA PRO A 4 -15.23 15.49 -6.64
C PRO A 4 -14.95 14.25 -7.50
N THR A 5 -13.73 14.15 -8.02
CA THR A 5 -13.25 13.02 -8.85
C THR A 5 -13.05 11.72 -8.07
N ALA A 6 -12.85 11.81 -6.75
CA ALA A 6 -12.67 10.69 -5.82
C ALA A 6 -13.28 11.01 -4.44
N ASP A 7 -13.72 9.98 -3.71
CA ASP A 7 -14.26 10.11 -2.36
C ASP A 7 -13.11 10.25 -1.33
N PRO A 8 -13.18 11.18 -0.36
CA PRO A 8 -12.10 11.42 0.59
C PRO A 8 -11.78 10.21 1.50
N GLU A 9 -12.78 9.50 2.03
CA GLU A 9 -12.53 8.33 2.89
C GLU A 9 -11.98 7.15 2.09
N LYS A 10 -12.43 6.97 0.84
CA LYS A 10 -11.87 5.97 -0.09
C LYS A 10 -10.40 6.27 -0.32
N ARG A 11 -10.08 7.55 -0.58
CA ARG A 11 -8.70 8.06 -0.79
C ARG A 11 -7.81 7.75 0.42
N LYS A 12 -8.27 7.98 1.65
CA LYS A 12 -7.48 7.67 2.86
C LYS A 12 -7.05 6.19 2.90
N LEU A 13 -7.96 5.24 2.67
CA LEU A 13 -7.58 3.82 2.71
C LEU A 13 -6.77 3.37 1.49
N ILE A 14 -7.08 3.78 0.25
CA ILE A 14 -6.24 3.39 -0.90
C ILE A 14 -4.84 3.99 -0.79
N GLN A 15 -4.68 5.23 -0.32
CA GLN A 15 -3.35 5.84 -0.12
C GLN A 15 -2.57 5.04 0.94
N GLN A 16 -3.23 4.63 2.02
CA GLN A 16 -2.64 3.81 3.08
C GLN A 16 -2.34 2.38 2.60
N GLN A 17 -3.17 1.77 1.75
CA GLN A 17 -2.92 0.42 1.22
C GLN A 17 -1.73 0.46 0.24
N LEU A 18 -1.74 1.40 -0.70
CA LEU A 18 -0.72 1.60 -1.73
C LEU A 18 0.67 1.76 -1.07
N VAL A 19 0.80 2.70 -0.13
CA VAL A 19 2.08 2.94 0.56
C VAL A 19 2.55 1.74 1.38
N LEU A 20 1.62 0.94 1.93
CA LEU A 20 1.91 -0.28 2.71
C LEU A 20 2.27 -1.48 1.83
N LEU A 21 1.68 -1.59 0.64
CA LEU A 21 2.00 -2.61 -0.38
C LEU A 21 3.44 -2.40 -0.85
N LEU A 22 3.75 -1.20 -1.37
CA LEU A 22 5.09 -0.88 -1.86
C LEU A 22 6.15 -1.03 -0.76
N HIS A 23 5.80 -0.73 0.50
CA HIS A 23 6.66 -0.99 1.66
C HIS A 23 6.92 -2.51 1.79
N ALA A 24 5.87 -3.32 1.95
CA ALA A 24 5.96 -4.78 2.14
C ALA A 24 6.75 -5.50 1.04
N HIS A 25 6.67 -5.05 -0.22
CA HIS A 25 7.43 -5.64 -1.34
C HIS A 25 8.95 -5.42 -1.20
N LYS A 26 9.39 -4.24 -0.76
CA LYS A 26 10.82 -3.91 -0.59
C LYS A 26 11.38 -4.24 0.82
N CYS A 27 10.54 -4.32 1.84
CA CYS A 27 10.86 -4.70 3.22
C CYS A 27 11.56 -6.08 3.27
N GLN A 28 10.95 -7.08 2.63
CA GLN A 28 11.48 -8.45 2.53
C GLN A 28 12.65 -8.59 1.53
N ARG A 29 12.82 -7.61 0.63
CA ARG A 29 13.84 -7.58 -0.44
C ARG A 29 15.16 -6.94 -0.04
N ARG A 30 15.15 -5.83 0.72
CA ARG A 30 16.35 -5.05 1.08
C ARG A 30 17.40 -5.78 1.92
N GLU A 31 17.06 -6.90 2.54
CA GLU A 31 17.98 -7.73 3.33
C GLU A 31 19.17 -8.28 2.52
N GLN A 32 19.07 -8.30 1.18
CA GLN A 32 20.16 -8.72 0.28
C GLN A 32 21.10 -7.56 -0.11
N ALA A 33 20.67 -6.31 0.14
CA ALA A 33 21.40 -5.07 -0.18
C ALA A 33 22.09 -4.45 1.04
N ASN A 34 21.42 -4.45 2.20
CA ASN A 34 21.93 -3.90 3.46
C ASN A 34 22.43 -5.00 4.42
N GLY A 35 23.50 -4.73 5.17
CA GLY A 35 24.06 -5.67 6.18
C GLY A 35 23.18 -5.83 7.42
N GLU A 36 22.29 -4.88 7.67
CA GLU A 36 21.30 -4.85 8.76
C GLU A 36 20.05 -4.06 8.32
N VAL A 37 18.88 -4.39 8.88
CA VAL A 37 17.57 -3.78 8.56
C VAL A 37 16.81 -3.43 9.85
N ARG A 38 16.12 -2.28 9.86
CA ARG A 38 15.33 -1.77 11.00
C ARG A 38 13.87 -2.23 10.99
N ALA A 39 13.21 -2.07 12.14
CA ALA A 39 11.81 -2.44 12.36
C ALA A 39 10.82 -1.59 11.54
N CYS A 40 9.70 -2.19 11.15
CA CYS A 40 8.64 -1.57 10.34
C CYS A 40 7.92 -0.41 11.04
N SER A 41 7.55 0.61 10.25
CA SER A 41 6.77 1.77 10.67
C SER A 41 5.26 1.60 10.40
N LEU A 42 4.87 0.53 9.69
CA LEU A 42 3.50 0.19 9.30
C LEU A 42 3.14 -1.22 9.84
N PRO A 43 2.47 -1.36 11.00
CA PRO A 43 2.17 -2.64 11.64
C PRO A 43 1.48 -3.73 10.78
N HIS A 44 0.72 -3.35 9.74
CA HIS A 44 0.00 -4.28 8.85
C HIS A 44 0.92 -5.09 7.91
N CYS A 45 2.21 -4.75 7.82
CA CYS A 45 3.23 -5.39 6.99
C CYS A 45 3.23 -6.93 7.11
N ARG A 46 3.24 -7.48 8.34
CA ARG A 46 3.23 -8.94 8.61
C ARG A 46 2.04 -9.65 7.98
N THR A 47 0.83 -9.09 8.13
CA THR A 47 -0.41 -9.68 7.57
C THR A 47 -0.46 -9.52 6.05
N MET A 48 -0.04 -8.37 5.51
CA MET A 48 0.00 -8.15 4.06
C MET A 48 1.07 -9.02 3.37
N LYS A 49 2.24 -9.24 3.98
CA LYS A 49 3.31 -10.10 3.41
C LYS A 49 2.82 -11.54 3.15
N ASN A 50 1.89 -12.05 3.96
CA ASN A 50 1.28 -13.36 3.74
C ASN A 50 0.40 -13.37 2.47
N VAL A 51 -0.24 -12.23 2.13
CA VAL A 51 -0.99 -12.05 0.87
C VAL A 51 -0.01 -11.97 -0.29
N LEU A 52 1.10 -11.23 -0.13
CA LEU A 52 2.12 -11.11 -1.18
C LEU A 52 2.68 -12.49 -1.56
N ASN A 53 2.96 -13.35 -0.57
CA ASN A 53 3.46 -14.72 -0.79
C ASN A 53 2.51 -15.55 -1.67
N HIS A 54 1.19 -15.37 -1.55
CA HIS A 54 0.19 -16.02 -2.42
C HIS A 54 0.18 -15.34 -3.81
N MET A 55 0.14 -14.01 -3.82
CA MET A 55 0.10 -13.16 -5.00
C MET A 55 1.31 -13.32 -5.95
N THR A 56 2.49 -13.80 -5.49
CA THR A 56 3.62 -14.03 -6.42
C THR A 56 3.32 -15.17 -7.43
N HIS A 57 2.32 -16.01 -7.13
CA HIS A 57 1.85 -17.14 -7.95
C HIS A 57 0.50 -16.86 -8.62
N CYS A 58 -0.36 -16.05 -7.98
CA CYS A 58 -1.70 -15.70 -8.46
C CYS A 58 -1.71 -14.47 -9.39
N GLN A 59 -2.41 -14.57 -10.52
CA GLN A 59 -2.51 -13.49 -11.52
C GLN A 59 -3.86 -13.43 -12.28
N ALA A 60 -4.84 -14.26 -11.92
CA ALA A 60 -6.13 -14.38 -12.60
C ALA A 60 -7.15 -13.26 -12.28
N GLY A 61 -6.74 -12.17 -11.63
CA GLY A 61 -7.58 -11.01 -11.31
C GLY A 61 -8.86 -11.35 -10.53
N LYS A 62 -10.01 -11.18 -11.18
CA LYS A 62 -11.36 -11.42 -10.62
C LYS A 62 -11.68 -12.87 -10.30
N ALA A 63 -10.95 -13.84 -10.87
CA ALA A 63 -11.20 -15.26 -10.63
C ALA A 63 -10.82 -15.71 -9.21
N CYS A 64 -9.81 -15.09 -8.59
CA CYS A 64 -9.38 -15.38 -7.22
C CYS A 64 -10.39 -14.83 -6.20
N GLN A 65 -10.81 -15.68 -5.26
CA GLN A 65 -11.81 -15.36 -4.23
C GLN A 65 -11.18 -14.88 -2.92
N VAL A 66 -9.85 -14.72 -2.86
CA VAL A 66 -9.12 -14.23 -1.68
C VAL A 66 -9.30 -12.71 -1.59
N ALA A 67 -9.81 -12.26 -0.44
CA ALA A 67 -10.17 -10.86 -0.14
C ALA A 67 -9.15 -9.80 -0.62
N HIS A 68 -7.90 -9.91 -0.16
CA HIS A 68 -6.83 -8.95 -0.45
C HIS A 68 -6.02 -9.21 -1.74
N CYS A 69 -6.08 -10.39 -2.34
CA CYS A 69 -5.33 -10.76 -3.55
C CYS A 69 -5.71 -9.88 -4.76
N ALA A 70 -7.00 -9.87 -5.11
CA ALA A 70 -7.54 -9.10 -6.23
C ALA A 70 -7.35 -7.58 -6.06
N SER A 71 -7.63 -7.01 -4.87
CA SER A 71 -7.45 -5.56 -4.63
C SER A 71 -5.98 -5.14 -4.62
N SER A 72 -5.05 -6.01 -4.18
CA SER A 72 -3.62 -5.71 -4.19
C SER A 72 -3.08 -5.73 -5.63
N ARG A 73 -3.38 -6.79 -6.38
CA ARG A 73 -3.03 -6.93 -7.81
C ARG A 73 -3.54 -5.76 -8.63
N GLN A 74 -4.75 -5.28 -8.34
CA GLN A 74 -5.37 -4.12 -8.98
C GLN A 74 -4.54 -2.82 -8.83
N ILE A 75 -3.87 -2.61 -7.68
CA ILE A 75 -2.97 -1.44 -7.50
C ILE A 75 -1.73 -1.59 -8.38
N ILE A 76 -1.12 -2.78 -8.35
CA ILE A 76 0.13 -3.09 -9.04
C ILE A 76 -0.01 -3.01 -10.56
N SER A 77 -1.11 -3.53 -11.13
CA SER A 77 -1.37 -3.43 -12.58
C SER A 77 -1.48 -1.96 -13.00
N HIS A 78 -2.10 -1.10 -12.18
CA HIS A 78 -2.17 0.35 -12.42
C HIS A 78 -0.76 0.96 -12.34
N TRP A 79 0.02 0.63 -11.30
CA TRP A 79 1.40 1.10 -11.08
C TRP A 79 2.34 0.81 -12.26
N LYS A 80 2.18 -0.36 -12.90
CA LYS A 80 2.98 -0.81 -14.06
C LYS A 80 2.64 -0.09 -15.37
N ASN A 81 1.54 0.66 -15.44
CA ASN A 81 1.07 1.33 -16.66
C ASN A 81 0.84 2.84 -16.57
N CYS A 82 0.53 3.38 -15.38
CA CYS A 82 0.25 4.80 -15.17
C CYS A 82 1.55 5.65 -15.14
N THR A 83 1.68 6.56 -16.12
CA THR A 83 2.82 7.48 -16.31
C THR A 83 2.43 8.96 -16.26
N ARG A 84 1.13 9.28 -16.15
CA ARG A 84 0.57 10.64 -16.11
C ARG A 84 0.94 11.35 -14.80
N HIS A 85 1.53 12.54 -14.88
CA HIS A 85 1.92 13.35 -13.70
C HIS A 85 0.75 14.10 -13.02
N ASP A 86 -0.50 13.76 -13.36
CA ASP A 86 -1.72 14.36 -12.84
C ASP A 86 -2.77 13.34 -12.33
N CYS A 87 -2.45 12.04 -12.28
CA CYS A 87 -3.36 11.02 -11.73
C CYS A 87 -3.49 11.32 -10.20
N PRO A 88 -4.69 11.54 -9.65
CA PRO A 88 -4.87 12.03 -8.28
C PRO A 88 -4.27 11.20 -7.13
N VAL A 89 -4.30 9.87 -7.19
CA VAL A 89 -3.79 9.01 -6.10
C VAL A 89 -2.29 8.67 -6.30
N CYS A 90 -1.80 8.66 -7.54
CA CYS A 90 -0.39 8.46 -7.87
C CYS A 90 0.45 9.71 -7.54
N LEU A 91 -0.14 10.90 -7.75
CA LEU A 91 0.45 12.22 -7.53
C LEU A 91 1.27 12.36 -6.24
N PRO A 92 0.72 12.14 -5.03
CA PRO A 92 1.49 12.35 -3.82
C PRO A 92 2.67 11.37 -3.63
N LEU A 93 2.62 10.14 -4.16
CA LEU A 93 3.79 9.23 -4.14
C LEU A 93 4.87 9.80 -5.08
N LYS A 94 4.46 10.26 -6.27
CA LYS A 94 5.32 10.89 -7.27
C LYS A 94 5.97 12.17 -6.71
N ASN A 95 5.24 12.94 -5.89
CA ASN A 95 5.76 14.13 -5.20
C ASN A 95 6.75 13.75 -4.09
N ALA A 96 6.35 12.85 -3.19
CA ALA A 96 7.14 12.42 -2.03
C ALA A 96 8.43 11.65 -2.38
N SER A 97 8.50 11.04 -3.56
CA SER A 97 9.69 10.31 -4.04
C SER A 97 10.90 11.23 -4.31
N ASP A 98 10.69 12.54 -4.48
CA ASP A 98 11.75 13.53 -4.72
C ASP A 98 12.35 14.03 -3.40
N LYS A 99 13.40 13.34 -2.91
CA LYS A 99 14.13 13.67 -1.67
C LYS A 99 15.09 14.86 -1.79
N ARG A 100 15.25 15.45 -2.98
CA ARG A 100 16.10 16.62 -3.30
C ARG A 100 17.49 16.58 -2.64
N GLY B 1 -9.48 -4.95 34.73
CA GLY B 1 -10.09 -4.12 33.70
C GLY B 1 -10.41 -4.85 32.39
N SER B 2 -10.08 -6.14 32.29
CA SER B 2 -10.29 -6.99 31.10
C SER B 2 -11.78 -7.30 30.78
N HIS B 3 -12.70 -6.94 31.67
CA HIS B 3 -14.15 -7.15 31.50
C HIS B 3 -14.78 -6.28 30.39
N MET B 4 -14.14 -5.18 30.01
CA MET B 4 -14.60 -4.23 28.98
C MET B 4 -13.46 -3.75 28.05
N LYS B 5 -13.83 -3.26 26.86
CA LYS B 5 -12.92 -2.72 25.83
C LYS B 5 -13.65 -1.64 25.03
N SER B 6 -13.34 -0.38 25.33
CA SER B 6 -13.90 0.81 24.67
C SER B 6 -13.01 1.29 23.50
N THR B 7 -13.59 2.10 22.61
CA THR B 7 -12.92 2.63 21.40
C THR B 7 -12.97 4.16 21.34
N GLN B 8 -11.90 4.76 20.82
CA GLN B 8 -11.70 6.21 20.63
C GLN B 8 -11.24 6.49 19.19
N ALA B 9 -11.48 7.70 18.67
CA ALA B 9 -11.10 8.11 17.31
C ALA B 9 -10.69 9.59 17.22
N GLY B 10 -9.69 9.85 16.37
CA GLY B 10 -9.15 11.19 16.07
C GLY B 10 -9.56 11.70 14.68
N GLU B 11 -9.03 12.86 14.30
CA GLU B 11 -9.25 13.51 13.00
C GLU B 11 -7.93 14.07 12.43
N GLY B 12 -7.72 13.90 11.13
CA GLY B 12 -6.51 14.34 10.41
C GLY B 12 -6.33 13.63 9.07
N THR B 13 -5.08 13.49 8.64
CA THR B 13 -4.67 12.81 7.40
C THR B 13 -3.46 11.90 7.65
N LEU B 14 -3.37 10.82 6.87
CA LEU B 14 -2.30 9.81 6.94
C LEU B 14 -1.02 10.18 6.18
N SER B 15 -0.92 11.39 5.61
CA SER B 15 0.23 11.85 4.81
C SER B 15 1.59 11.71 5.49
N GLU B 16 1.67 11.67 6.82
CA GLU B 16 2.93 11.40 7.54
C GLU B 16 3.46 10.00 7.23
N ALA B 17 2.56 9.02 7.06
CA ALA B 17 2.89 7.64 6.66
C ALA B 17 3.45 7.55 5.23
N LEU B 18 3.22 8.60 4.42
CA LEU B 18 3.68 8.76 3.04
C LEU B 18 5.04 9.48 2.98
N LEU B 19 5.21 10.55 3.75
CA LEU B 19 6.41 11.40 3.74
C LEU B 19 7.64 10.84 4.49
N HIS B 20 7.48 9.85 5.37
CA HIS B 20 8.58 9.32 6.21
C HIS B 20 9.35 8.08 5.71
N LEU B 21 9.17 7.64 4.45
CA LEU B 21 9.91 6.50 3.86
C LEU B 21 10.19 6.66 2.35
N GLN B 22 11.01 5.75 1.79
CA GLN B 22 11.39 5.69 0.37
C GLN B 22 10.44 4.79 -0.46
N PHE B 23 10.39 5.04 -1.77
CA PHE B 23 9.54 4.35 -2.76
C PHE B 23 10.32 3.62 -3.87
N ASP B 24 9.59 2.97 -4.79
CA ASP B 24 10.08 2.10 -5.88
C ASP B 24 11.03 2.70 -6.94
N ALA B 25 11.87 3.67 -6.57
CA ALA B 25 12.90 4.27 -7.42
C ALA B 25 14.22 3.46 -7.40
N ASP B 26 14.53 2.81 -6.28
CA ASP B 26 15.74 1.99 -6.10
C ASP B 26 15.60 0.55 -6.66
N GLU B 27 14.43 -0.05 -6.47
CA GLU B 27 13.99 -1.36 -6.97
C GLU B 27 12.46 -1.33 -7.18
N ASP B 28 11.88 -2.27 -7.92
CA ASP B 28 10.42 -2.31 -8.14
C ASP B 28 9.86 -3.73 -8.33
N LEU B 29 8.60 -3.91 -7.92
CA LEU B 29 7.83 -5.17 -7.94
C LEU B 29 7.31 -5.63 -9.33
N GLY B 30 7.65 -4.96 -10.43
CA GLY B 30 7.12 -5.23 -11.78
C GLY B 30 7.09 -6.69 -12.24
N ALA B 31 8.06 -7.51 -11.84
CA ALA B 31 8.15 -8.93 -12.19
C ALA B 31 7.36 -9.88 -11.26
N LEU B 32 6.88 -9.41 -10.10
CA LEU B 32 6.17 -10.24 -9.12
C LEU B 32 4.76 -10.65 -9.55
N LEU B 33 4.08 -9.85 -10.39
CA LEU B 33 2.74 -10.19 -10.90
C LEU B 33 2.75 -11.40 -11.88
N GLY B 34 3.92 -11.86 -12.33
CA GLY B 34 4.08 -12.98 -13.26
C GLY B 34 4.15 -12.56 -14.75
N ASN B 35 4.02 -13.53 -15.65
CA ASN B 35 4.13 -13.35 -17.10
C ASN B 35 2.99 -12.52 -17.74
N SER B 36 1.76 -12.60 -17.21
CA SER B 36 0.58 -11.89 -17.71
C SER B 36 -0.44 -11.61 -16.59
N THR B 37 -1.21 -10.52 -16.74
CA THR B 37 -2.23 -10.04 -15.78
C THR B 37 -3.66 -10.15 -16.35
N ASP B 38 -4.65 -9.57 -15.66
CA ASP B 38 -6.06 -9.54 -16.07
C ASP B 38 -6.54 -8.11 -16.38
N PRO B 39 -6.46 -7.60 -17.62
CA PRO B 39 -6.95 -6.26 -17.98
C PRO B 39 -8.41 -5.99 -17.60
N GLY B 40 -9.23 -7.03 -17.39
CA GLY B 40 -10.61 -6.91 -16.92
C GLY B 40 -10.73 -6.41 -15.47
N VAL B 41 -9.68 -6.54 -14.64
CA VAL B 41 -9.63 -6.05 -13.25
C VAL B 41 -8.93 -4.68 -13.14
N PHE B 42 -8.35 -4.18 -14.25
CA PHE B 42 -7.70 -2.88 -14.34
C PHE B 42 -8.74 -1.77 -14.20
N THR B 43 -8.50 -0.79 -13.32
CA THR B 43 -9.39 0.34 -13.07
C THR B 43 -8.64 1.51 -12.40
N ASP B 44 -9.33 2.64 -12.21
CA ASP B 44 -8.80 3.79 -11.48
C ASP B 44 -8.78 3.50 -9.97
N LEU B 45 -7.74 3.97 -9.28
CA LEU B 45 -7.55 3.78 -7.84
C LEU B 45 -8.78 4.19 -6.99
N ALA B 46 -9.51 5.23 -7.41
CA ALA B 46 -10.72 5.69 -6.72
C ALA B 46 -11.91 4.71 -6.82
N SER B 47 -11.83 3.67 -7.68
CA SER B 47 -12.85 2.63 -7.89
C SER B 47 -12.39 1.22 -7.44
N VAL B 48 -11.29 1.13 -6.68
CA VAL B 48 -10.73 -0.13 -6.15
C VAL B 48 -11.71 -0.90 -5.26
N ASP B 49 -11.76 -2.22 -5.38
CA ASP B 49 -12.63 -3.11 -4.58
C ASP B 49 -11.90 -3.64 -3.33
N ASN B 50 -11.64 -2.76 -2.36
CA ASN B 50 -10.89 -3.04 -1.11
C ASN B 50 -11.74 -3.09 0.17
N SER B 51 -13.05 -3.35 0.08
CA SER B 51 -13.99 -3.37 1.23
C SER B 51 -13.56 -4.27 2.41
N GLU B 52 -12.84 -5.37 2.16
CA GLU B 52 -12.34 -6.26 3.21
C GLU B 52 -10.93 -5.87 3.72
N PHE B 53 -10.15 -5.12 2.93
CA PHE B 53 -8.82 -4.61 3.33
C PHE B 53 -8.95 -3.57 4.46
N GLN B 54 -10.11 -2.90 4.56
CA GLN B 54 -10.40 -1.94 5.63
C GLN B 54 -10.25 -2.55 7.03
N GLN B 55 -10.64 -3.82 7.18
CA GLN B 55 -10.56 -4.55 8.44
C GLN B 55 -9.10 -4.89 8.84
N LEU B 56 -8.23 -5.19 7.86
CA LEU B 56 -6.81 -5.44 8.08
C LEU B 56 -6.11 -4.13 8.44
N LEU B 57 -6.32 -3.04 7.70
CA LEU B 57 -5.64 -1.75 7.95
C LEU B 57 -6.19 -0.95 9.14
N ASN B 58 -7.24 -1.43 9.82
CA ASN B 58 -7.73 -0.81 11.06
C ASN B 58 -7.00 -1.37 12.32
N GLN B 59 -6.37 -2.54 12.20
CA GLN B 59 -5.65 -3.25 13.27
C GLN B 59 -4.17 -2.82 13.36
N GLY B 60 -3.93 -1.52 13.55
CA GLY B 60 -2.60 -0.92 13.63
C GLY B 60 -2.64 0.59 13.37
N VAL B 61 -1.89 1.07 12.35
CA VAL B 61 -1.85 2.49 11.94
C VAL B 61 -3.21 2.93 11.36
N SER B 62 -4.03 3.56 12.20
CA SER B 62 -5.40 4.00 11.89
C SER B 62 -5.80 5.23 12.73
N MET B 63 -6.86 5.93 12.32
CA MET B 63 -7.44 7.08 13.04
C MET B 63 -8.22 6.65 14.30
N SER B 64 -8.57 5.37 14.42
CA SER B 64 -9.30 4.76 15.55
C SER B 64 -8.42 3.78 16.34
N HIS B 65 -8.60 3.73 17.65
CA HIS B 65 -7.86 2.85 18.58
C HIS B 65 -8.67 2.51 19.84
N SER B 66 -8.26 1.48 20.58
CA SER B 66 -8.91 1.11 21.84
C SER B 66 -8.43 1.96 23.01
N THR B 67 -9.14 1.93 24.15
CA THR B 67 -8.74 2.62 25.39
C THR B 67 -7.47 2.06 26.04
N ALA B 68 -6.98 0.90 25.56
CA ALA B 68 -5.75 0.25 26.00
C ALA B 68 -4.52 0.63 25.14
N GLU B 69 -4.68 1.47 24.12
CA GLU B 69 -3.62 1.92 23.20
C GLU B 69 -3.62 3.45 23.00
N PRO B 70 -2.48 4.08 22.61
CA PRO B 70 -2.38 5.52 22.38
C PRO B 70 -3.34 6.02 21.29
N ALA A 1 -25.69 3.98 0.50
CA ALA A 1 -27.02 3.91 -0.13
C ALA A 1 -27.42 5.20 -0.89
N THR A 2 -26.58 6.25 -0.84
CA THR A 2 -26.79 7.55 -1.50
C THR A 2 -25.45 8.23 -1.86
N GLY A 3 -25.49 9.22 -2.74
CA GLY A 3 -24.31 9.98 -3.20
C GLY A 3 -23.43 9.24 -4.23
N PRO A 4 -22.27 9.81 -4.60
CA PRO A 4 -21.33 9.23 -5.58
C PRO A 4 -20.61 7.99 -5.05
N THR A 5 -19.99 7.23 -5.96
CA THR A 5 -19.18 6.04 -5.66
C THR A 5 -17.83 6.41 -5.02
N ALA A 6 -17.28 7.58 -5.35
CA ALA A 6 -16.04 8.12 -4.79
C ALA A 6 -16.26 8.73 -3.40
N ASP A 7 -15.28 8.58 -2.50
CA ASP A 7 -15.32 9.08 -1.12
C ASP A 7 -13.89 9.42 -0.63
N PRO A 8 -13.69 10.49 0.17
CA PRO A 8 -12.36 10.87 0.67
C PRO A 8 -11.67 9.77 1.48
N GLU A 9 -12.40 8.99 2.27
CA GLU A 9 -11.80 7.88 3.05
C GLU A 9 -11.42 6.69 2.16
N LYS A 10 -12.13 6.48 1.04
CA LYS A 10 -11.75 5.47 0.03
C LYS A 10 -10.42 5.88 -0.60
N ARG A 11 -10.29 7.17 -0.94
CA ARG A 11 -9.08 7.79 -1.47
C ARG A 11 -7.91 7.70 -0.48
N LYS A 12 -8.18 7.77 0.83
CA LYS A 12 -7.15 7.52 1.86
C LYS A 12 -6.76 6.04 1.90
N LEU A 13 -7.69 5.07 1.86
CA LEU A 13 -7.30 3.65 1.88
C LEU A 13 -6.54 3.24 0.62
N ILE A 14 -6.93 3.65 -0.59
CA ILE A 14 -6.14 3.30 -1.80
C ILE A 14 -4.72 3.88 -1.75
N GLN A 15 -4.50 5.01 -1.08
CA GLN A 15 -3.17 5.58 -0.88
C GLN A 15 -2.41 4.87 0.26
N GLN A 16 -3.08 4.56 1.38
CA GLN A 16 -2.48 3.90 2.54
C GLN A 16 -2.20 2.41 2.28
N GLN A 17 -3.08 1.69 1.59
CA GLN A 17 -2.84 0.29 1.23
C GLN A 17 -1.66 0.22 0.24
N LEU A 18 -1.56 1.18 -0.68
CA LEU A 18 -0.48 1.28 -1.65
C LEU A 18 0.85 1.58 -0.95
N VAL A 19 0.91 2.59 -0.08
CA VAL A 19 2.15 2.91 0.65
C VAL A 19 2.63 1.74 1.51
N LEU A 20 1.68 0.96 2.05
CA LEU A 20 1.93 -0.24 2.86
C LEU A 20 2.35 -1.44 2.00
N LEU A 21 1.77 -1.60 0.80
CA LEU A 21 2.12 -2.63 -0.17
C LEU A 21 3.54 -2.40 -0.69
N LEU A 22 3.84 -1.21 -1.21
CA LEU A 22 5.18 -0.88 -1.72
C LEU A 22 6.23 -1.01 -0.61
N HIS A 23 5.87 -0.71 0.64
CA HIS A 23 6.74 -0.97 1.80
C HIS A 23 6.96 -2.49 1.94
N ALA A 24 5.89 -3.29 2.11
CA ALA A 24 5.98 -4.74 2.30
C ALA A 24 6.81 -5.47 1.22
N HIS A 25 6.67 -5.05 -0.05
CA HIS A 25 7.44 -5.60 -1.17
C HIS A 25 8.95 -5.37 -1.02
N LYS A 26 9.36 -4.19 -0.54
CA LYS A 26 10.77 -3.83 -0.30
C LYS A 26 11.29 -4.33 1.06
N CYS A 27 10.41 -4.49 2.05
CA CYS A 27 10.70 -5.06 3.37
C CYS A 27 11.16 -6.52 3.24
N GLN A 28 10.40 -7.33 2.47
CA GLN A 28 10.79 -8.72 2.16
C GLN A 28 12.07 -8.79 1.29
N ARG A 29 12.40 -7.71 0.56
CA ARG A 29 13.61 -7.59 -0.29
C ARG A 29 14.86 -7.29 0.54
N ARG A 30 14.77 -6.48 1.60
CA ARG A 30 15.90 -6.24 2.53
C ARG A 30 16.11 -7.44 3.46
N GLU A 31 15.05 -8.14 3.83
CA GLU A 31 15.06 -9.33 4.70
C GLU A 31 15.89 -10.47 4.09
N GLN A 32 15.73 -10.73 2.79
CA GLN A 32 16.50 -11.74 2.05
C GLN A 32 17.93 -11.28 1.68
N ALA A 33 18.26 -9.99 1.89
CA ALA A 33 19.54 -9.36 1.55
C ALA A 33 20.47 -9.09 2.75
N ASN A 34 19.99 -9.19 3.99
CA ASN A 34 20.74 -8.88 5.22
C ASN A 34 20.63 -9.97 6.30
N GLY A 35 21.61 -10.01 7.21
CA GLY A 35 21.64 -10.94 8.35
C GLY A 35 20.72 -10.55 9.52
N GLU A 36 20.20 -9.32 9.52
CA GLU A 36 19.28 -8.76 10.52
C GLU A 36 18.29 -7.76 9.88
N VAL A 37 17.15 -7.53 10.54
CA VAL A 37 16.07 -6.64 10.09
C VAL A 37 15.54 -5.80 11.27
N ARG A 38 15.08 -4.56 11.02
CA ARG A 38 14.51 -3.63 12.02
C ARG A 38 13.00 -3.42 11.86
N ALA A 39 12.38 -3.02 12.96
CA ALA A 39 10.94 -2.80 13.12
C ALA A 39 10.33 -1.76 12.15
N CYS A 40 9.13 -2.03 11.67
CA CYS A 40 8.36 -1.22 10.72
C CYS A 40 7.42 -0.21 11.40
N SER A 41 7.12 0.89 10.72
CA SER A 41 6.14 1.91 11.14
C SER A 41 4.69 1.52 10.78
N LEU A 42 4.52 0.48 9.96
CA LEU A 42 3.24 -0.04 9.47
C LEU A 42 3.03 -1.49 10.00
N PRO A 43 2.37 -1.70 11.17
CA PRO A 43 2.18 -3.02 11.79
C PRO A 43 1.52 -4.10 10.91
N HIS A 44 0.73 -3.68 9.92
CA HIS A 44 0.04 -4.57 8.97
C HIS A 44 0.98 -5.34 8.03
N CYS A 45 2.28 -5.00 8.02
CA CYS A 45 3.35 -5.63 7.24
C CYS A 45 3.29 -7.17 7.35
N ARG A 46 3.16 -7.73 8.56
CA ARG A 46 3.05 -9.18 8.81
C ARG A 46 1.81 -9.80 8.14
N THR A 47 0.65 -9.16 8.27
CA THR A 47 -0.63 -9.61 7.68
C THR A 47 -0.60 -9.54 6.15
N MET A 48 0.01 -8.49 5.58
CA MET A 48 0.12 -8.29 4.14
C MET A 48 1.22 -9.13 3.48
N LYS A 49 2.38 -9.34 4.10
CA LYS A 49 3.48 -10.17 3.53
C LYS A 49 3.03 -11.61 3.21
N ASN A 50 2.12 -12.17 4.01
CA ASN A 50 1.53 -13.49 3.77
C ASN A 50 0.67 -13.50 2.48
N VAL A 51 0.00 -12.40 2.17
CA VAL A 51 -0.77 -12.22 0.92
C VAL A 51 0.19 -12.12 -0.26
N LEU A 52 1.30 -11.37 -0.12
CA LEU A 52 2.29 -11.23 -1.17
C LEU A 52 2.86 -12.60 -1.59
N ASN A 53 3.18 -13.47 -0.63
CA ASN A 53 3.70 -14.82 -0.88
C ASN A 53 2.72 -15.68 -1.71
N HIS A 54 1.40 -15.52 -1.52
CA HIS A 54 0.39 -16.18 -2.37
C HIS A 54 0.36 -15.52 -3.76
N MET A 55 0.27 -14.19 -3.79
CA MET A 55 0.14 -13.37 -5.01
C MET A 55 1.28 -13.54 -6.03
N THR A 56 2.53 -13.85 -5.63
CA THR A 56 3.62 -14.04 -6.62
C THR A 56 3.36 -15.22 -7.59
N HIS A 57 2.40 -16.10 -7.24
CA HIS A 57 1.95 -17.27 -8.00
C HIS A 57 0.51 -17.12 -8.55
N CYS A 58 -0.10 -15.93 -8.42
CA CYS A 58 -1.50 -15.64 -8.81
C CYS A 58 -1.61 -14.40 -9.72
N GLN A 59 -2.39 -14.51 -10.81
CA GLN A 59 -2.59 -13.43 -11.79
C GLN A 59 -3.98 -13.40 -12.46
N ALA A 60 -4.94 -14.19 -11.95
CA ALA A 60 -6.29 -14.34 -12.52
C ALA A 60 -7.25 -13.15 -12.27
N GLY A 61 -6.74 -11.99 -11.83
CA GLY A 61 -7.52 -10.78 -11.60
C GLY A 61 -8.60 -10.92 -10.52
N LYS A 62 -9.86 -10.61 -10.87
CA LYS A 62 -11.02 -10.72 -9.96
C LYS A 62 -11.49 -12.17 -9.72
N ALA A 63 -10.96 -13.15 -10.46
CA ALA A 63 -11.35 -14.55 -10.30
C ALA A 63 -10.88 -15.16 -8.97
N CYS A 64 -9.73 -14.72 -8.45
CA CYS A 64 -9.22 -15.17 -7.14
C CYS A 64 -10.14 -14.62 -6.03
N GLN A 65 -10.70 -15.53 -5.23
CA GLN A 65 -11.64 -15.19 -4.15
C GLN A 65 -10.95 -14.69 -2.87
N VAL A 66 -9.61 -14.56 -2.88
CA VAL A 66 -8.82 -14.03 -1.77
C VAL A 66 -8.90 -12.51 -1.81
N ALA A 67 -9.52 -11.94 -0.79
CA ALA A 67 -9.80 -10.52 -0.62
C ALA A 67 -8.63 -9.58 -0.98
N HIS A 68 -7.48 -9.83 -0.35
CA HIS A 68 -6.26 -9.02 -0.52
C HIS A 68 -5.45 -9.31 -1.79
N CYS A 69 -5.57 -10.50 -2.38
CA CYS A 69 -4.87 -10.89 -3.61
C CYS A 69 -5.39 -10.04 -4.79
N ALA A 70 -6.71 -10.11 -5.02
CA ALA A 70 -7.39 -9.38 -6.09
C ALA A 70 -7.28 -7.84 -5.94
N SER A 71 -7.38 -7.29 -4.72
CA SER A 71 -7.24 -5.83 -4.51
C SER A 71 -5.78 -5.36 -4.60
N SER A 72 -4.80 -6.14 -4.14
CA SER A 72 -3.37 -5.79 -4.28
C SER A 72 -2.97 -5.77 -5.76
N ARG A 73 -3.30 -6.84 -6.50
CA ARG A 73 -3.08 -6.95 -7.95
C ARG A 73 -3.74 -5.80 -8.72
N GLN A 74 -4.90 -5.32 -8.26
CA GLN A 74 -5.61 -4.17 -8.84
C GLN A 74 -4.80 -2.86 -8.68
N ILE A 75 -4.08 -2.67 -7.56
CA ILE A 75 -3.17 -1.51 -7.39
C ILE A 75 -1.98 -1.64 -8.33
N ILE A 76 -1.29 -2.80 -8.31
CA ILE A 76 -0.07 -3.05 -9.10
C ILE A 76 -0.35 -2.92 -10.61
N SER A 77 -1.50 -3.41 -11.10
CA SER A 77 -1.88 -3.29 -12.52
C SER A 77 -2.00 -1.83 -12.95
N HIS A 78 -2.57 -0.95 -12.11
CA HIS A 78 -2.62 0.49 -12.39
C HIS A 78 -1.19 1.08 -12.34
N TRP A 79 -0.42 0.75 -11.29
CA TRP A 79 0.96 1.24 -11.06
C TRP A 79 1.93 0.93 -12.21
N LYS A 80 1.79 -0.25 -12.83
CA LYS A 80 2.60 -0.70 -13.98
C LYS A 80 2.25 -0.02 -15.31
N ASN A 81 1.13 0.71 -15.39
CA ASN A 81 0.65 1.35 -16.64
C ASN A 81 0.43 2.87 -16.58
N CYS A 82 0.19 3.46 -15.40
CA CYS A 82 -0.06 4.90 -15.25
C CYS A 82 1.20 5.76 -15.49
N THR A 83 1.09 6.74 -16.39
CA THR A 83 2.15 7.69 -16.78
C THR A 83 1.76 9.16 -16.52
N ARG A 84 0.51 9.42 -16.11
CA ARG A 84 -0.04 10.76 -15.82
C ARG A 84 0.59 11.32 -14.54
N HIS A 85 1.41 12.38 -14.66
CA HIS A 85 2.14 13.00 -13.54
C HIS A 85 1.23 13.56 -12.43
N ASP A 86 0.00 13.96 -12.77
CA ASP A 86 -0.99 14.55 -11.85
C ASP A 86 -2.19 13.62 -11.52
N CYS A 87 -2.05 12.30 -11.65
CA CYS A 87 -3.09 11.33 -11.26
C CYS A 87 -3.31 11.47 -9.72
N PRO A 88 -4.55 11.60 -9.23
CA PRO A 88 -4.83 11.95 -7.82
C PRO A 88 -4.16 11.07 -6.74
N VAL A 89 -4.05 9.75 -6.95
CA VAL A 89 -3.43 8.83 -5.98
C VAL A 89 -1.91 8.68 -6.21
N CYS A 90 -1.43 8.80 -7.45
CA CYS A 90 -0.03 8.66 -7.83
C CYS A 90 0.80 9.92 -7.50
N LEU A 91 0.23 11.12 -7.71
CA LEU A 91 0.86 12.43 -7.51
C LEU A 91 1.56 12.61 -6.13
N PRO A 92 0.94 12.28 -4.98
CA PRO A 92 1.60 12.43 -3.68
C PRO A 92 2.81 11.48 -3.52
N LEU A 93 2.69 10.23 -3.99
CA LEU A 93 3.78 9.25 -3.96
C LEU A 93 4.94 9.71 -4.86
N LYS A 94 4.62 10.23 -6.06
CA LYS A 94 5.59 10.78 -7.02
C LYS A 94 6.42 11.90 -6.39
N ASN A 95 5.77 12.83 -5.67
CA ASN A 95 6.44 13.94 -4.97
C ASN A 95 7.23 13.47 -3.73
N ALA A 96 6.75 12.45 -3.02
CA ALA A 96 7.43 11.90 -1.84
C ALA A 96 8.67 11.07 -2.22
N SER A 97 8.61 10.36 -3.35
CA SER A 97 9.70 9.54 -3.90
C SER A 97 10.82 10.40 -4.53
N ASP A 98 10.47 11.55 -5.13
CA ASP A 98 11.42 12.48 -5.77
C ASP A 98 10.92 13.94 -5.72
N LYS A 99 11.74 14.83 -5.15
CA LYS A 99 11.45 16.27 -5.00
C LYS A 99 11.88 17.13 -6.21
N ARG A 100 12.62 16.57 -7.17
CA ARG A 100 13.11 17.27 -8.39
C ARG A 100 11.97 17.73 -9.30
N GLY B 1 6.62 -3.54 32.98
CA GLY B 1 6.81 -3.30 31.55
C GLY B 1 5.62 -3.72 30.66
N SER B 2 4.57 -4.29 31.25
CA SER B 2 3.36 -4.76 30.55
C SER B 2 2.38 -3.64 30.15
N HIS B 3 2.59 -2.42 30.64
CA HIS B 3 1.77 -1.23 30.37
C HIS B 3 2.63 0.05 30.36
N MET B 4 2.20 1.05 29.57
CA MET B 4 2.84 2.36 29.45
C MET B 4 1.79 3.47 29.61
N LYS B 5 1.97 4.37 30.58
CA LYS B 5 1.05 5.48 30.88
C LYS B 5 1.10 6.62 29.85
N SER B 6 2.25 6.79 29.17
CA SER B 6 2.50 7.80 28.14
C SER B 6 3.52 7.29 27.10
N THR B 7 3.63 7.98 25.97
CA THR B 7 4.54 7.67 24.85
C THR B 7 5.41 8.89 24.50
N GLN B 8 6.71 8.69 24.30
CA GLN B 8 7.67 9.75 24.00
C GLN B 8 7.51 10.34 22.58
N ALA B 9 7.11 9.52 21.60
CA ALA B 9 6.89 9.91 20.22
C ALA B 9 5.47 10.49 20.01
N GLY B 10 5.31 11.37 19.00
CA GLY B 10 4.04 12.00 18.65
C GLY B 10 3.05 11.07 17.92
N GLU B 11 1.79 11.51 17.80
CA GLU B 11 0.71 10.74 17.13
C GLU B 11 0.84 10.74 15.59
N GLY B 12 1.50 11.76 15.03
CA GLY B 12 1.73 11.92 13.59
C GLY B 12 0.48 12.15 12.75
N THR B 13 0.59 11.90 11.44
CA THR B 13 -0.49 12.06 10.45
C THR B 13 -0.25 11.17 9.21
N LEU B 14 -1.27 10.96 8.39
CA LEU B 14 -1.22 10.14 7.18
C LEU B 14 -0.19 10.66 6.15
N SER B 15 -0.03 11.97 6.02
CA SER B 15 0.99 12.54 5.12
C SER B 15 2.42 12.28 5.63
N GLU B 16 2.62 12.10 6.94
CA GLU B 16 3.91 11.69 7.50
C GLU B 16 4.15 10.20 7.26
N ALA B 17 3.08 9.37 7.34
CA ALA B 17 3.13 7.94 7.02
C ALA B 17 3.60 7.70 5.57
N LEU B 18 3.36 8.68 4.69
CA LEU B 18 3.81 8.72 3.31
C LEU B 18 5.26 9.23 3.20
N LEU B 19 5.53 10.42 3.74
CA LEU B 19 6.85 11.06 3.62
C LEU B 19 8.02 10.32 4.32
N HIS B 20 7.75 9.47 5.33
CA HIS B 20 8.79 8.75 6.08
C HIS B 20 9.19 7.37 5.49
N LEU B 21 8.80 7.05 4.26
CA LEU B 21 9.08 5.78 3.55
C LEU B 21 9.72 5.96 2.16
N GLN B 22 10.24 4.86 1.60
CA GLN B 22 10.91 4.77 0.29
C GLN B 22 10.06 3.93 -0.70
N PHE B 23 10.02 4.38 -1.97
CA PHE B 23 9.21 3.82 -3.05
C PHE B 23 10.01 3.33 -4.27
N ASP B 24 9.29 2.82 -5.28
CA ASP B 24 9.75 2.21 -6.54
C ASP B 24 10.97 2.79 -7.29
N ALA B 25 11.45 3.99 -6.94
CA ALA B 25 12.65 4.59 -7.52
C ALA B 25 13.94 3.85 -7.11
N ASP B 26 13.95 3.16 -5.96
CA ASP B 26 15.08 2.38 -5.45
C ASP B 26 15.07 0.92 -5.93
N GLU B 27 13.96 0.23 -5.73
CA GLU B 27 13.67 -1.16 -6.15
C GLU B 27 12.16 -1.29 -6.38
N ASP B 28 11.68 -2.17 -7.26
CA ASP B 28 10.23 -2.29 -7.53
C ASP B 28 9.70 -3.71 -7.81
N LEU B 29 8.38 -3.84 -7.65
CA LEU B 29 7.60 -5.08 -7.73
C LEU B 29 7.01 -5.47 -9.09
N GLY B 30 7.26 -4.70 -10.16
CA GLY B 30 6.64 -4.89 -11.49
C GLY B 30 6.64 -6.31 -12.06
N ALA B 31 7.67 -7.11 -11.80
CA ALA B 31 7.79 -8.49 -12.30
C ALA B 31 7.07 -9.57 -11.45
N LEU B 32 6.63 -9.27 -10.22
CA LEU B 32 5.99 -10.26 -9.35
C LEU B 32 4.56 -10.65 -9.77
N LEU B 33 3.89 -9.86 -10.62
CA LEU B 33 2.57 -10.23 -11.14
C LEU B 33 2.67 -11.44 -12.12
N GLY B 34 3.87 -11.82 -12.56
CA GLY B 34 4.13 -12.93 -13.49
C GLY B 34 4.34 -12.50 -14.95
N ASN B 35 4.29 -13.46 -15.86
CA ASN B 35 4.49 -13.24 -17.31
C ASN B 35 3.43 -12.34 -17.96
N SER B 36 2.20 -12.35 -17.45
CA SER B 36 1.07 -11.54 -17.93
C SER B 36 0.08 -11.20 -16.80
N THR B 37 -0.58 -10.04 -16.92
CA THR B 37 -1.59 -9.53 -15.96
C THR B 37 -2.95 -9.42 -16.66
N ASP B 38 -4.02 -9.85 -15.99
CA ASP B 38 -5.40 -9.83 -16.51
C ASP B 38 -6.01 -8.41 -16.57
N PRO B 39 -6.26 -7.79 -17.76
CA PRO B 39 -6.91 -6.47 -17.85
C PRO B 39 -8.31 -6.41 -17.24
N GLY B 40 -8.96 -7.57 -17.02
CA GLY B 40 -10.25 -7.65 -16.31
C GLY B 40 -10.17 -7.16 -14.85
N VAL B 41 -8.96 -7.09 -14.28
CA VAL B 41 -8.69 -6.56 -12.94
C VAL B 41 -8.59 -5.02 -12.93
N PHE B 42 -8.26 -4.43 -14.09
CA PHE B 42 -8.05 -3.00 -14.27
C PHE B 42 -9.33 -2.18 -14.10
N THR B 43 -9.26 -1.12 -13.30
CA THR B 43 -10.34 -0.16 -13.02
C THR B 43 -9.75 1.14 -12.48
N ASP B 44 -10.56 2.18 -12.33
CA ASP B 44 -10.14 3.45 -11.72
C ASP B 44 -9.87 3.22 -10.23
N LEU B 45 -8.84 3.85 -9.65
CA LEU B 45 -8.50 3.69 -8.23
C LEU B 45 -9.68 4.08 -7.32
N ALA B 46 -10.48 5.07 -7.70
CA ALA B 46 -11.70 5.45 -6.97
C ALA B 46 -12.80 4.36 -6.96
N SER B 47 -12.65 3.30 -7.76
CA SER B 47 -13.55 2.16 -7.93
C SER B 47 -12.94 0.81 -7.47
N VAL B 48 -11.76 0.83 -6.83
CA VAL B 48 -11.06 -0.37 -6.30
C VAL B 48 -11.95 -1.18 -5.34
N ASP B 49 -11.82 -2.52 -5.37
CA ASP B 49 -12.56 -3.45 -4.51
C ASP B 49 -11.77 -3.74 -3.21
N ASN B 50 -11.65 -2.77 -2.30
CA ASN B 50 -10.84 -2.86 -1.07
C ASN B 50 -11.61 -2.89 0.27
N SER B 51 -12.94 -3.00 0.29
CA SER B 51 -13.74 -2.97 1.54
C SER B 51 -13.37 -4.04 2.59
N GLU B 52 -12.72 -5.13 2.19
CA GLU B 52 -12.23 -6.17 3.10
C GLU B 52 -10.79 -5.87 3.59
N PHE B 53 -9.98 -5.16 2.79
CA PHE B 53 -8.64 -4.69 3.15
C PHE B 53 -8.74 -3.56 4.18
N GLN B 54 -9.79 -2.74 4.07
CA GLN B 54 -10.15 -1.69 5.02
C GLN B 54 -10.25 -2.24 6.47
N GLN B 55 -10.71 -3.49 6.63
CA GLN B 55 -10.85 -4.16 7.94
C GLN B 55 -9.52 -4.70 8.50
N LEU B 56 -8.51 -4.95 7.66
CA LEU B 56 -7.16 -5.38 8.06
C LEU B 56 -6.35 -4.15 8.50
N LEU B 57 -6.40 -3.06 7.74
CA LEU B 57 -5.69 -1.80 8.04
C LEU B 57 -6.37 -0.99 9.17
N ASN B 58 -7.61 -1.35 9.54
CA ASN B 58 -8.34 -0.76 10.69
C ASN B 58 -7.57 -0.98 12.02
N GLN B 59 -6.65 -1.94 12.06
CA GLN B 59 -5.79 -2.20 13.24
C GLN B 59 -4.85 -1.01 13.58
N GLY B 60 -4.68 -0.03 12.67
CA GLY B 60 -3.92 1.21 12.86
C GLY B 60 -2.40 1.13 12.62
N VAL B 61 -1.84 2.24 12.11
CA VAL B 61 -0.41 2.43 11.84
C VAL B 61 0.33 3.01 13.07
N SER B 62 1.67 3.03 13.06
CA SER B 62 2.52 3.50 14.18
C SER B 62 3.47 4.64 13.81
N MET B 63 3.86 5.41 14.83
CA MET B 63 4.80 6.54 14.78
C MET B 63 5.89 6.45 15.87
N SER B 64 6.00 5.30 16.56
CA SER B 64 6.98 5.08 17.64
C SER B 64 8.43 5.11 17.12
N HIS B 65 9.33 5.72 17.90
CA HIS B 65 10.76 5.85 17.61
C HIS B 65 11.62 5.52 18.84
N SER B 66 12.83 4.99 18.61
CA SER B 66 13.81 4.63 19.66
C SER B 66 14.62 5.83 20.16
N THR B 67 15.15 5.73 21.38
CA THR B 67 16.00 6.76 22.03
C THR B 67 17.48 6.37 21.93
N ALA B 68 18.37 7.37 21.77
CA ALA B 68 19.82 7.16 21.62
C ALA B 68 20.55 6.73 22.91
N GLU B 69 19.88 6.79 24.07
CA GLU B 69 20.41 6.40 25.39
C GLU B 69 19.30 5.81 26.29
N PRO B 70 19.63 5.02 27.34
CA PRO B 70 18.64 4.42 28.24
C PRO B 70 17.66 5.41 28.88
N ALA A 1 -29.46 9.22 -10.30
CA ALA A 1 -28.35 8.28 -10.46
C ALA A 1 -26.96 8.97 -10.57
N THR A 2 -26.93 10.30 -10.58
CA THR A 2 -25.71 11.13 -10.68
C THR A 2 -24.96 11.24 -9.34
N GLY A 3 -23.66 11.54 -9.40
CA GLY A 3 -22.77 11.69 -8.24
C GLY A 3 -21.32 12.03 -8.63
N PRO A 4 -20.42 12.22 -7.64
CA PRO A 4 -19.01 12.54 -7.87
C PRO A 4 -18.22 11.34 -8.45
N THR A 5 -17.13 11.63 -9.15
CA THR A 5 -16.24 10.62 -9.77
C THR A 5 -15.27 9.97 -8.79
N ALA A 6 -14.96 10.63 -7.68
CA ALA A 6 -14.06 10.17 -6.62
C ALA A 6 -14.45 10.74 -5.24
N ASP A 7 -13.92 10.16 -4.16
CA ASP A 7 -14.12 10.58 -2.77
C ASP A 7 -12.80 10.49 -1.98
N PRO A 8 -12.56 11.39 -1.00
CA PRO A 8 -11.30 11.43 -0.25
C PRO A 8 -11.01 10.16 0.54
N GLU A 9 -11.98 9.57 1.25
CA GLU A 9 -11.76 8.33 2.02
C GLU A 9 -11.46 7.12 1.12
N LYS A 10 -12.06 7.09 -0.09
CA LYS A 10 -11.77 6.08 -1.12
C LYS A 10 -10.30 6.22 -1.53
N ARG A 11 -9.85 7.46 -1.75
CA ARG A 11 -8.46 7.81 -2.09
C ARG A 11 -7.50 7.47 -0.94
N LYS A 12 -7.88 7.67 0.32
CA LYS A 12 -7.03 7.34 1.47
C LYS A 12 -6.74 5.83 1.58
N LEU A 13 -7.71 4.92 1.47
CA LEU A 13 -7.36 3.48 1.54
C LEU A 13 -6.58 3.01 0.30
N ILE A 14 -6.90 3.43 -0.94
CA ILE A 14 -6.08 3.01 -2.09
C ILE A 14 -4.64 3.54 -1.97
N GLN A 15 -4.43 4.76 -1.48
CA GLN A 15 -3.10 5.34 -1.27
C GLN A 15 -2.38 4.70 -0.07
N GLN A 16 -3.09 4.43 1.03
CA GLN A 16 -2.57 3.76 2.23
C GLN A 16 -2.23 2.30 1.96
N GLN A 17 -3.07 1.57 1.22
CA GLN A 17 -2.79 0.19 0.88
C GLN A 17 -1.60 0.14 -0.09
N LEU A 18 -1.50 1.05 -1.06
CA LEU A 18 -0.37 1.11 -1.98
C LEU A 18 0.94 1.37 -1.25
N VAL A 19 1.05 2.44 -0.46
CA VAL A 19 2.29 2.75 0.26
C VAL A 19 2.71 1.63 1.23
N LEU A 20 1.74 0.93 1.82
CA LEU A 20 1.96 -0.20 2.73
C LEU A 20 2.32 -1.51 1.98
N LEU A 21 1.74 -1.75 0.80
CA LEU A 21 2.07 -2.86 -0.09
C LEU A 21 3.50 -2.68 -0.58
N LEU A 22 3.81 -1.51 -1.17
CA LEU A 22 5.13 -1.14 -1.67
C LEU A 22 6.19 -1.22 -0.55
N HIS A 23 5.82 -0.89 0.69
CA HIS A 23 6.69 -1.10 1.85
C HIS A 23 6.93 -2.61 2.02
N ALA A 24 5.88 -3.44 2.20
CA ALA A 24 6.00 -4.87 2.41
C ALA A 24 6.79 -5.61 1.31
N HIS A 25 6.66 -5.20 0.04
CA HIS A 25 7.42 -5.78 -1.08
C HIS A 25 8.92 -5.52 -0.97
N LYS A 26 9.32 -4.32 -0.49
CA LYS A 26 10.74 -3.94 -0.32
C LYS A 26 11.32 -4.30 1.05
N CYS A 27 10.50 -4.38 2.11
CA CYS A 27 10.88 -4.78 3.48
C CYS A 27 11.52 -6.18 3.50
N GLN A 28 10.88 -7.15 2.81
CA GLN A 28 11.39 -8.52 2.65
C GLN A 28 12.65 -8.62 1.76
N ARG A 29 12.94 -7.57 0.96
CA ARG A 29 14.12 -7.47 0.08
C ARG A 29 15.32 -6.83 0.76
N ARG A 30 15.16 -5.75 1.54
CA ARG A 30 16.28 -5.08 2.24
C ARG A 30 17.04 -5.99 3.21
N GLU A 31 16.37 -6.97 3.83
CA GLU A 31 16.99 -7.92 4.75
C GLU A 31 17.92 -8.93 4.05
N GLN A 32 17.61 -9.31 2.80
CA GLN A 32 18.43 -10.21 1.97
C GLN A 32 19.46 -9.44 1.11
N ALA A 33 19.20 -8.16 0.84
CA ALA A 33 20.05 -7.27 0.04
C ALA A 33 21.27 -6.69 0.80
N ASN A 34 21.30 -6.77 2.13
CA ASN A 34 22.35 -6.20 2.98
C ASN A 34 22.84 -7.16 4.08
N GLY A 35 24.03 -6.88 4.64
CA GLY A 35 24.61 -7.65 5.76
C GLY A 35 23.94 -7.37 7.12
N GLU A 36 23.24 -6.25 7.23
CA GLU A 36 22.44 -5.80 8.38
C GLU A 36 21.20 -5.02 7.88
N VAL A 37 20.14 -4.94 8.69
CA VAL A 37 18.88 -4.26 8.32
C VAL A 37 18.26 -3.50 9.50
N ARG A 38 17.45 -2.49 9.19
CA ARG A 38 16.74 -1.64 10.16
C ARG A 38 15.32 -2.14 10.47
N ALA A 39 14.74 -1.52 11.50
CA ALA A 39 13.40 -1.81 12.01
C ALA A 39 12.27 -1.57 10.98
N CYS A 40 11.10 -2.17 11.24
CA CYS A 40 9.89 -2.07 10.43
C CYS A 40 9.11 -0.77 10.75
N SER A 41 8.48 -0.17 9.74
CA SER A 41 7.76 1.12 9.85
C SER A 41 6.23 1.03 9.84
N LEU A 42 5.64 -0.04 9.28
CA LEU A 42 4.19 -0.25 9.21
C LEU A 42 3.83 -1.67 9.69
N PRO A 43 3.54 -1.89 11.00
CA PRO A 43 3.26 -3.20 11.62
C PRO A 43 2.36 -4.20 10.87
N HIS A 44 1.45 -3.75 10.00
CA HIS A 44 0.60 -4.60 9.14
C HIS A 44 1.40 -5.47 8.15
N CYS A 45 2.69 -5.17 7.97
CA CYS A 45 3.65 -5.91 7.16
C CYS A 45 3.56 -7.44 7.41
N ARG A 46 3.44 -7.87 8.67
CA ARG A 46 3.29 -9.31 9.02
C ARG A 46 2.04 -9.97 8.42
N THR A 47 0.89 -9.28 8.42
CA THR A 47 -0.38 -9.79 7.89
C THR A 47 -0.44 -9.65 6.37
N MET A 48 0.05 -8.53 5.84
CA MET A 48 0.05 -8.26 4.40
C MET A 48 1.10 -9.10 3.65
N LYS A 49 2.28 -9.40 4.21
CA LYS A 49 3.30 -10.27 3.60
C LYS A 49 2.77 -11.68 3.29
N ASN A 50 1.82 -12.18 4.08
CA ASN A 50 1.16 -13.47 3.83
C ASN A 50 0.27 -13.41 2.56
N VAL A 51 -0.34 -12.25 2.28
CA VAL A 51 -1.09 -12.00 1.03
C VAL A 51 -0.12 -11.91 -0.14
N LEU A 52 1.03 -11.25 0.04
CA LEU A 52 2.05 -11.13 -1.01
C LEU A 52 2.58 -12.51 -1.44
N ASN A 53 2.82 -13.41 -0.47
CA ASN A 53 3.27 -14.78 -0.73
C ASN A 53 2.26 -15.57 -1.59
N HIS A 54 0.95 -15.36 -1.38
CA HIS A 54 -0.09 -15.94 -2.24
C HIS A 54 -0.06 -15.29 -3.64
N MET A 55 -0.02 -13.96 -3.67
CA MET A 55 -0.03 -13.15 -4.89
C MET A 55 1.12 -13.43 -5.87
N THR A 56 2.32 -13.83 -5.43
CA THR A 56 3.41 -14.16 -6.40
C THR A 56 3.06 -15.37 -7.29
N HIS A 57 2.09 -16.19 -6.85
CA HIS A 57 1.55 -17.38 -7.54
C HIS A 57 0.13 -17.19 -8.09
N CYS A 58 -0.43 -15.97 -8.03
CA CYS A 58 -1.78 -15.63 -8.47
C CYS A 58 -1.80 -14.41 -9.39
N GLN A 59 -2.40 -14.54 -10.58
CA GLN A 59 -2.53 -13.48 -11.59
C GLN A 59 -3.76 -13.64 -12.51
N ALA A 60 -4.79 -14.34 -12.02
CA ALA A 60 -6.06 -14.60 -12.71
C ALA A 60 -7.06 -13.42 -12.68
N GLY A 61 -6.57 -12.20 -12.48
CA GLY A 61 -7.38 -10.98 -12.42
C GLY A 61 -8.37 -10.97 -11.25
N LYS A 62 -9.67 -10.92 -11.56
CA LYS A 62 -10.79 -10.91 -10.58
C LYS A 62 -11.36 -12.29 -10.26
N ALA A 63 -10.83 -13.37 -10.87
CA ALA A 63 -11.31 -14.73 -10.65
C ALA A 63 -11.05 -15.25 -9.21
N CYS A 64 -9.94 -14.81 -8.59
CA CYS A 64 -9.58 -15.17 -7.22
C CYS A 64 -10.55 -14.50 -6.22
N GLN A 65 -11.11 -15.31 -5.31
CA GLN A 65 -12.11 -14.89 -4.32
C GLN A 65 -11.50 -14.42 -2.99
N VAL A 66 -10.18 -14.30 -2.89
CA VAL A 66 -9.47 -13.82 -1.68
C VAL A 66 -9.60 -12.30 -1.60
N ALA A 67 -10.09 -11.82 -0.45
CA ALA A 67 -10.38 -10.41 -0.17
C ALA A 67 -9.26 -9.42 -0.57
N HIS A 68 -8.06 -9.62 -0.02
CA HIS A 68 -6.90 -8.75 -0.25
C HIS A 68 -6.20 -8.95 -1.61
N CYS A 69 -6.31 -10.12 -2.23
CA CYS A 69 -5.70 -10.47 -3.53
C CYS A 69 -6.24 -9.58 -4.67
N ALA A 70 -7.58 -9.48 -4.78
CA ALA A 70 -8.22 -8.68 -5.84
C ALA A 70 -7.90 -7.17 -5.78
N SER A 71 -7.93 -6.54 -4.60
CA SER A 71 -7.66 -5.09 -4.50
C SER A 71 -6.18 -4.76 -4.70
N SER A 72 -5.26 -5.52 -4.09
CA SER A 72 -3.81 -5.33 -4.26
C SER A 72 -3.38 -5.54 -5.72
N ARG A 73 -4.01 -6.45 -6.47
CA ARG A 73 -3.73 -6.64 -7.90
C ARG A 73 -4.13 -5.41 -8.72
N GLN A 74 -5.27 -4.77 -8.41
CA GLN A 74 -5.73 -3.54 -9.07
C GLN A 74 -4.68 -2.43 -8.91
N ILE A 75 -4.15 -2.27 -7.68
CA ILE A 75 -3.12 -1.28 -7.33
C ILE A 75 -1.87 -1.48 -8.20
N ILE A 76 -1.32 -2.71 -8.23
CA ILE A 76 -0.10 -3.01 -9.00
C ILE A 76 -0.33 -2.89 -10.52
N SER A 77 -1.40 -3.46 -11.06
CA SER A 77 -1.69 -3.37 -12.51
C SER A 77 -1.84 -1.92 -12.98
N HIS A 78 -2.44 -1.04 -12.17
CA HIS A 78 -2.52 0.39 -12.49
C HIS A 78 -1.10 1.00 -12.47
N TRP A 79 -0.31 0.73 -11.42
CA TRP A 79 1.06 1.24 -11.27
C TRP A 79 2.01 0.82 -12.42
N LYS A 80 1.86 -0.39 -12.93
CA LYS A 80 2.65 -0.94 -14.05
C LYS A 80 2.35 -0.27 -15.40
N ASN A 81 1.28 0.54 -15.51
CA ASN A 81 0.84 1.17 -16.76
C ASN A 81 0.61 2.70 -16.73
N CYS A 82 0.32 3.30 -15.58
CA CYS A 82 0.03 4.73 -15.46
C CYS A 82 1.30 5.61 -15.61
N THR A 83 1.27 6.52 -16.59
CA THR A 83 2.36 7.46 -16.95
C THR A 83 1.95 8.94 -16.84
N ARG A 84 0.71 9.23 -16.44
CA ARG A 84 0.15 10.59 -16.32
C ARG A 84 0.80 11.43 -15.22
N HIS A 85 0.83 12.75 -15.43
CA HIS A 85 1.40 13.74 -14.50
C HIS A 85 0.37 14.41 -13.59
N ASP A 86 -0.90 13.99 -13.64
CA ASP A 86 -2.00 14.58 -12.85
C ASP A 86 -3.00 13.53 -12.28
N CYS A 87 -2.65 12.24 -12.27
CA CYS A 87 -3.51 11.16 -11.72
C CYS A 87 -3.63 11.36 -10.19
N PRO A 88 -4.85 11.47 -9.61
CA PRO A 88 -5.05 11.84 -8.20
C PRO A 88 -4.45 10.91 -7.14
N VAL A 89 -4.26 9.61 -7.44
CA VAL A 89 -3.68 8.65 -6.49
C VAL A 89 -2.14 8.59 -6.63
N CYS A 90 -1.65 8.63 -7.87
CA CYS A 90 -0.25 8.54 -8.24
C CYS A 90 0.56 9.80 -7.91
N LEU A 91 0.01 10.99 -8.20
CA LEU A 91 0.65 12.30 -8.06
C LEU A 91 1.32 12.57 -6.69
N PRO A 92 0.64 12.42 -5.53
CA PRO A 92 1.27 12.68 -4.22
C PRO A 92 2.40 11.70 -3.88
N LEU A 93 2.29 10.44 -4.35
CA LEU A 93 3.25 9.37 -4.11
C LEU A 93 4.52 9.48 -4.98
N LYS A 94 4.37 9.71 -6.30
CA LYS A 94 5.51 9.79 -7.24
C LYS A 94 6.45 10.98 -7.05
N ASN A 95 6.06 11.96 -6.23
CA ASN A 95 6.86 13.13 -5.88
C ASN A 95 7.54 13.03 -4.50
N ALA A 96 7.42 11.91 -3.79
CA ALA A 96 7.99 11.68 -2.46
C ALA A 96 9.49 12.05 -2.34
N SER A 97 10.29 11.69 -3.36
CA SER A 97 11.73 11.99 -3.43
C SER A 97 12.08 13.46 -3.68
N ASP A 98 11.10 14.29 -4.06
CA ASP A 98 11.25 15.73 -4.31
C ASP A 98 10.70 16.57 -3.15
N LYS A 99 9.50 16.24 -2.67
CA LYS A 99 8.83 16.96 -1.57
C LYS A 99 9.44 16.68 -0.19
N ARG A 100 10.02 15.48 0.00
CA ARG A 100 10.77 15.01 1.19
C ARG A 100 10.18 15.49 2.53
N GLY B 1 19.04 -2.63 15.22
CA GLY B 1 18.43 -2.01 14.03
C GLY B 1 17.33 -0.98 14.34
N SER B 2 17.07 -0.71 15.61
CA SER B 2 16.04 0.25 16.09
C SER B 2 16.42 1.71 15.85
N HIS B 3 15.43 2.53 15.49
CA HIS B 3 15.55 3.97 15.24
C HIS B 3 14.21 4.71 15.42
N MET B 4 14.23 6.04 15.47
CA MET B 4 13.02 6.86 15.58
C MET B 4 12.18 6.82 14.29
N LYS B 5 10.85 6.73 14.43
CA LYS B 5 9.87 6.64 13.34
C LYS B 5 8.66 7.55 13.62
N SER B 6 8.78 8.82 13.24
CA SER B 6 7.75 9.86 13.43
C SER B 6 6.56 9.70 12.45
N THR B 7 5.41 10.27 12.82
CA THR B 7 4.18 10.29 12.01
C THR B 7 3.38 11.58 12.24
N GLN B 8 2.50 11.95 11.30
CA GLN B 8 1.66 13.15 11.38
C GLN B 8 0.47 13.01 12.36
N ALA B 9 -0.15 14.14 12.72
CA ALA B 9 -1.29 14.21 13.64
C ALA B 9 -2.64 13.92 12.97
N GLY B 10 -3.61 13.44 13.75
CA GLY B 10 -4.99 13.15 13.31
C GLY B 10 -5.06 12.21 12.11
N GLU B 11 -5.86 12.57 11.10
CA GLU B 11 -6.00 11.83 9.84
C GLU B 11 -4.89 12.12 8.81
N GLY B 12 -3.94 13.00 9.15
CA GLY B 12 -2.80 13.39 8.32
C GLY B 12 -1.65 12.37 8.28
N THR B 13 -1.69 11.31 9.11
CA THR B 13 -0.67 10.24 9.18
C THR B 13 -0.23 9.72 7.81
N LEU B 14 -1.20 9.51 6.91
CA LEU B 14 -1.01 8.98 5.56
C LEU B 14 -0.12 9.87 4.65
N SER B 15 -0.16 11.20 4.73
CA SER B 15 0.72 12.02 3.90
C SER B 15 2.21 11.92 4.30
N GLU B 16 2.50 11.57 5.56
CA GLU B 16 3.86 11.30 6.04
C GLU B 16 4.24 9.82 5.89
N ALA B 17 3.26 8.91 5.83
CA ALA B 17 3.46 7.47 5.64
C ALA B 17 4.29 7.13 4.38
N LEU B 18 4.23 7.99 3.36
CA LEU B 18 4.98 7.84 2.10
C LEU B 18 6.37 8.52 2.08
N LEU B 19 6.68 9.32 3.10
CA LEU B 19 7.94 10.07 3.24
C LEU B 19 8.88 9.49 4.31
N HIS B 20 8.35 8.75 5.29
CA HIS B 20 9.13 8.18 6.41
C HIS B 20 9.67 6.75 6.18
N LEU B 21 9.56 6.20 4.97
CA LEU B 21 10.00 4.83 4.62
C LEU B 21 10.51 4.68 3.18
N GLN B 22 10.99 3.48 2.85
CA GLN B 22 11.52 3.07 1.53
C GLN B 22 10.37 2.91 0.50
N PHE B 23 9.85 4.02 -0.03
CA PHE B 23 8.75 4.02 -1.01
C PHE B 23 9.25 3.66 -2.43
N ASP B 24 8.34 3.54 -3.40
CA ASP B 24 8.58 3.16 -4.81
C ASP B 24 9.61 4.03 -5.55
N ALA B 25 9.97 5.20 -5.01
CA ALA B 25 11.01 6.07 -5.55
C ALA B 25 12.42 5.45 -5.43
N ASP B 26 12.60 4.46 -4.54
CA ASP B 26 13.86 3.75 -4.32
C ASP B 26 14.07 2.59 -5.32
N GLU B 27 13.13 1.62 -5.30
CA GLU B 27 13.06 0.44 -6.18
C GLU B 27 11.58 0.05 -6.37
N ASP B 28 11.26 -0.94 -7.23
CA ASP B 28 9.86 -1.33 -7.51
C ASP B 28 9.60 -2.84 -7.66
N LEU B 29 8.33 -3.21 -7.47
CA LEU B 29 7.76 -4.56 -7.49
C LEU B 29 7.25 -5.11 -8.83
N GLY B 30 7.40 -4.38 -9.94
CA GLY B 30 6.81 -4.68 -11.26
C GLY B 30 6.86 -6.11 -11.78
N ALA B 31 7.85 -6.92 -11.37
CA ALA B 31 8.03 -8.31 -11.81
C ALA B 31 7.32 -9.37 -10.93
N LEU B 32 6.80 -9.04 -9.73
CA LEU B 32 6.20 -10.05 -8.84
C LEU B 32 4.84 -10.58 -9.29
N LEU B 33 4.04 -9.81 -10.05
CA LEU B 33 2.75 -10.30 -10.56
C LEU B 33 2.94 -11.47 -11.56
N GLY B 34 4.10 -11.55 -12.21
CA GLY B 34 4.47 -12.56 -13.21
C GLY B 34 4.98 -11.94 -14.51
N ASN B 35 5.10 -12.75 -15.56
CA ASN B 35 5.57 -12.31 -16.89
C ASN B 35 4.52 -11.46 -17.65
N SER B 36 3.24 -11.53 -17.23
CA SER B 36 2.11 -10.79 -17.81
C SER B 36 1.01 -10.53 -16.77
N THR B 37 0.08 -9.63 -17.08
CA THR B 37 -1.06 -9.23 -16.24
C THR B 37 -2.38 -9.30 -17.02
N ASP B 38 -3.52 -9.46 -16.33
CA ASP B 38 -4.85 -9.58 -16.94
C ASP B 38 -5.60 -8.23 -17.02
N PRO B 39 -5.80 -7.63 -18.21
CA PRO B 39 -6.52 -6.35 -18.36
C PRO B 39 -7.97 -6.36 -17.82
N GLY B 40 -8.57 -7.55 -17.63
CA GLY B 40 -9.90 -7.70 -17.02
C GLY B 40 -9.94 -7.22 -15.56
N VAL B 41 -8.78 -7.13 -14.89
CA VAL B 41 -8.66 -6.60 -13.52
C VAL B 41 -8.60 -5.07 -13.49
N PHE B 42 -8.17 -4.46 -14.59
CA PHE B 42 -7.95 -3.02 -14.74
C PHE B 42 -9.26 -2.22 -14.67
N THR B 43 -9.32 -1.26 -13.74
CA THR B 43 -10.46 -0.35 -13.55
C THR B 43 -10.02 0.95 -12.89
N ASP B 44 -10.94 1.88 -12.67
CA ASP B 44 -10.71 3.16 -12.00
C ASP B 44 -10.33 2.93 -10.53
N LEU B 45 -9.16 3.43 -10.11
CA LEU B 45 -8.69 3.31 -8.73
C LEU B 45 -9.68 3.94 -7.71
N ALA B 46 -10.36 5.03 -8.09
CA ALA B 46 -11.39 5.67 -7.25
C ALA B 46 -12.70 4.86 -7.13
N SER B 47 -12.80 3.68 -7.75
CA SER B 47 -13.95 2.76 -7.73
C SER B 47 -13.59 1.34 -7.22
N VAL B 48 -12.42 1.18 -6.60
CA VAL B 48 -11.91 -0.09 -6.05
C VAL B 48 -12.76 -0.66 -4.90
N ASP B 49 -12.86 -1.99 -4.84
CA ASP B 49 -13.55 -2.74 -3.78
C ASP B 49 -12.50 -3.35 -2.82
N ASN B 50 -12.08 -2.56 -1.83
CA ASN B 50 -11.04 -2.89 -0.83
C ASN B 50 -11.54 -2.84 0.63
N SER B 51 -12.86 -2.94 0.87
CA SER B 51 -13.51 -2.86 2.20
C SER B 51 -12.95 -3.80 3.29
N GLU B 52 -12.20 -4.85 2.92
CA GLU B 52 -11.56 -5.78 3.85
C GLU B 52 -10.15 -5.34 4.26
N PHE B 53 -9.45 -4.53 3.46
CA PHE B 53 -8.10 -4.04 3.78
C PHE B 53 -8.15 -3.10 4.99
N GLN B 54 -9.13 -2.20 5.04
CA GLN B 54 -9.33 -1.31 6.20
C GLN B 54 -9.58 -2.09 7.50
N GLN B 55 -10.17 -3.29 7.44
CA GLN B 55 -10.39 -4.13 8.63
C GLN B 55 -9.07 -4.75 9.15
N LEU B 56 -8.08 -4.95 8.27
CA LEU B 56 -6.72 -5.40 8.60
C LEU B 56 -5.92 -4.22 9.18
N LEU B 57 -5.97 -3.07 8.50
CA LEU B 57 -5.23 -1.85 8.88
C LEU B 57 -5.76 -1.13 10.14
N ASN B 58 -7.06 -1.22 10.46
CA ASN B 58 -7.64 -0.59 11.66
C ASN B 58 -7.13 -1.23 12.97
N GLN B 59 -6.69 -2.49 12.91
CA GLN B 59 -6.16 -3.26 14.05
C GLN B 59 -4.65 -3.00 14.29
N GLY B 60 -4.20 -1.75 14.16
CA GLY B 60 -2.81 -1.32 14.31
C GLY B 60 -2.58 0.10 13.78
N VAL B 61 -1.54 0.30 12.97
CA VAL B 61 -1.19 1.63 12.41
C VAL B 61 -2.28 2.20 11.49
N SER B 62 -2.99 3.21 12.00
CA SER B 62 -4.09 3.94 11.35
C SER B 62 -4.39 5.23 12.12
N MET B 63 -5.31 6.05 11.60
CA MET B 63 -5.79 7.28 12.27
C MET B 63 -6.87 7.03 13.34
N SER B 64 -7.09 5.77 13.74
CA SER B 64 -8.08 5.37 14.76
C SER B 64 -7.74 5.92 16.16
N HIS B 65 -8.76 6.17 16.99
CA HIS B 65 -8.61 6.69 18.35
C HIS B 65 -8.14 5.60 19.34
N SER B 66 -7.42 6.01 20.39
CA SER B 66 -6.94 5.13 21.48
C SER B 66 -8.07 4.70 22.43
N THR B 67 -7.82 3.64 23.21
CA THR B 67 -8.77 3.09 24.19
C THR B 67 -8.05 2.48 25.41
N ALA B 68 -8.74 2.39 26.55
CA ALA B 68 -8.23 1.84 27.81
C ALA B 68 -9.37 1.20 28.65
N GLU B 69 -9.00 0.32 29.58
CA GLU B 69 -9.91 -0.39 30.49
C GLU B 69 -9.27 -0.63 31.88
N PRO B 70 -10.07 -0.85 32.96
CA PRO B 70 -9.56 -1.10 34.32
C PRO B 70 -8.56 -2.26 34.38
N ALA A 1 -21.68 4.71 -11.61
CA ALA A 1 -21.32 3.48 -10.90
C ALA A 1 -19.80 3.32 -10.67
N THR A 2 -18.98 4.24 -11.19
CA THR A 2 -17.51 4.25 -11.09
C THR A 2 -17.05 4.77 -9.72
N GLY A 3 -17.31 3.98 -8.67
CA GLY A 3 -17.00 4.33 -7.27
C GLY A 3 -17.96 5.38 -6.67
N PRO A 4 -17.60 5.96 -5.51
CA PRO A 4 -18.42 7.00 -4.86
C PRO A 4 -18.44 8.30 -5.68
N THR A 5 -19.48 9.12 -5.50
CA THR A 5 -19.64 10.41 -6.20
C THR A 5 -18.59 11.44 -5.75
N ALA A 6 -18.38 11.56 -4.43
CA ALA A 6 -17.41 12.46 -3.82
C ALA A 6 -17.07 11.99 -2.39
N ASP A 7 -15.97 11.25 -2.22
CA ASP A 7 -15.50 10.76 -0.92
C ASP A 7 -13.96 10.64 -0.85
N PRO A 8 -13.31 11.28 0.15
CA PRO A 8 -11.85 11.27 0.32
C PRO A 8 -11.32 10.01 1.05
N GLU A 9 -12.12 9.35 1.88
CA GLU A 9 -11.70 8.19 2.67
C GLU A 9 -11.32 7.00 1.78
N LYS A 10 -12.04 6.79 0.68
CA LYS A 10 -11.70 5.77 -0.32
C LYS A 10 -10.33 6.07 -0.94
N ARG A 11 -10.07 7.34 -1.25
CA ARG A 11 -8.78 7.82 -1.77
C ARG A 11 -7.66 7.61 -0.74
N LYS A 12 -7.95 7.76 0.56
CA LYS A 12 -6.98 7.44 1.62
C LYS A 12 -6.70 5.96 1.70
N LEU A 13 -7.68 5.04 1.68
CA LEU A 13 -7.37 3.60 1.72
C LEU A 13 -6.66 3.12 0.45
N ILE A 14 -7.04 3.53 -0.77
CA ILE A 14 -6.31 3.10 -1.97
C ILE A 14 -4.85 3.60 -2.00
N GLN A 15 -4.56 4.77 -1.41
CA GLN A 15 -3.19 5.26 -1.28
C GLN A 15 -2.46 4.67 -0.06
N GLN A 16 -3.15 4.42 1.05
CA GLN A 16 -2.61 3.79 2.26
C GLN A 16 -2.27 2.33 1.98
N GLN A 17 -3.14 1.60 1.27
CA GLN A 17 -2.85 0.23 0.89
C GLN A 17 -1.69 0.22 -0.12
N LEU A 18 -1.63 1.17 -1.06
CA LEU A 18 -0.51 1.28 -2.00
C LEU A 18 0.81 1.46 -1.23
N VAL A 19 0.92 2.49 -0.38
CA VAL A 19 2.17 2.77 0.35
C VAL A 19 2.55 1.65 1.33
N LEU A 20 1.56 0.97 1.92
CA LEU A 20 1.74 -0.16 2.83
C LEU A 20 2.09 -1.46 2.09
N LEU A 21 1.57 -1.65 0.87
CA LEU A 21 1.91 -2.76 -0.03
C LEU A 21 3.36 -2.56 -0.47
N LEU A 22 3.71 -1.39 -1.02
CA LEU A 22 5.09 -1.12 -1.44
C LEU A 22 6.04 -1.33 -0.24
N HIS A 23 5.68 -0.85 0.95
CA HIS A 23 6.45 -1.12 2.16
C HIS A 23 6.62 -2.64 2.38
N ALA A 24 5.55 -3.44 2.44
CA ALA A 24 5.62 -4.89 2.66
C ALA A 24 6.46 -5.63 1.59
N HIS A 25 6.45 -5.17 0.33
CA HIS A 25 7.28 -5.72 -0.75
C HIS A 25 8.76 -5.35 -0.56
N LYS A 26 9.04 -4.15 -0.02
CA LYS A 26 10.41 -3.65 0.26
C LYS A 26 10.99 -4.23 1.55
N CYS A 27 10.16 -4.42 2.60
CA CYS A 27 10.50 -4.97 3.92
C CYS A 27 11.13 -6.38 3.80
N GLN A 28 10.54 -7.25 2.98
CA GLN A 28 11.06 -8.60 2.69
C GLN A 28 12.25 -8.61 1.71
N ARG A 29 12.46 -7.53 0.94
CA ARG A 29 13.58 -7.40 -0.01
C ARG A 29 14.84 -6.87 0.67
N ARG A 30 14.75 -5.86 1.54
CA ARG A 30 15.92 -5.37 2.30
C ARG A 30 16.49 -6.44 3.24
N GLU A 31 15.63 -7.33 3.73
CA GLU A 31 15.98 -8.46 4.59
C GLU A 31 16.89 -9.48 3.89
N GLN A 32 16.63 -9.78 2.61
CA GLN A 32 17.44 -10.69 1.79
C GLN A 32 18.61 -10.00 1.07
N ALA A 33 18.56 -8.66 0.93
CA ALA A 33 19.57 -7.83 0.27
C ALA A 33 20.76 -7.44 1.16
N ASN A 34 20.67 -7.59 2.48
CA ASN A 34 21.70 -7.18 3.45
C ASN A 34 22.03 -8.26 4.50
N GLY A 35 23.22 -8.18 5.10
CA GLY A 35 23.68 -9.08 6.17
C GLY A 35 23.07 -8.77 7.55
N GLU A 36 22.51 -7.57 7.71
CA GLU A 36 21.80 -7.06 8.90
C GLU A 36 20.53 -6.31 8.45
N VAL A 37 19.49 -6.27 9.29
CA VAL A 37 18.19 -5.66 8.97
C VAL A 37 17.81 -4.57 9.99
N ARG A 38 17.28 -3.45 9.49
CA ARG A 38 16.81 -2.29 10.28
C ARG A 38 15.36 -2.45 10.76
N ALA A 39 14.93 -1.52 11.62
CA ALA A 39 13.58 -1.46 12.18
C ALA A 39 12.48 -1.27 11.12
N CYS A 40 11.25 -1.67 11.45
CA CYS A 40 10.07 -1.58 10.58
C CYS A 40 9.47 -0.16 10.52
N SER A 41 8.45 0.01 9.67
CA SER A 41 7.76 1.30 9.44
C SER A 41 6.23 1.23 9.50
N LEU A 42 5.60 0.15 9.04
CA LEU A 42 4.14 -0.03 9.01
C LEU A 42 3.76 -1.44 9.52
N PRO A 43 3.55 -1.63 10.85
CA PRO A 43 3.27 -2.92 11.51
C PRO A 43 2.27 -3.89 10.86
N HIS A 44 1.33 -3.41 10.03
CA HIS A 44 0.39 -4.27 9.30
C HIS A 44 1.07 -5.17 8.26
N CYS A 45 2.36 -4.95 7.95
CA CYS A 45 3.13 -5.75 7.00
C CYS A 45 3.19 -7.25 7.40
N ARG A 46 3.05 -7.60 8.70
CA ARG A 46 2.97 -9.00 9.15
C ARG A 46 1.74 -9.74 8.59
N THR A 47 0.60 -9.06 8.53
CA THR A 47 -0.66 -9.61 7.98
C THR A 47 -0.67 -9.51 6.46
N MET A 48 -0.18 -8.39 5.90
CA MET A 48 -0.14 -8.19 4.45
C MET A 48 0.90 -9.09 3.75
N LYS A 49 2.08 -9.34 4.33
CA LYS A 49 3.11 -10.25 3.75
C LYS A 49 2.59 -11.66 3.51
N ASN A 50 1.67 -12.14 4.35
CA ASN A 50 1.01 -13.44 4.17
C ASN A 50 0.10 -13.43 2.91
N VAL A 51 -0.51 -12.29 2.56
CA VAL A 51 -1.26 -12.11 1.30
C VAL A 51 -0.27 -12.05 0.14
N LEU A 52 0.87 -11.36 0.29
CA LEU A 52 1.88 -11.26 -0.77
C LEU A 52 2.42 -12.65 -1.14
N ASN A 53 2.65 -13.52 -0.14
CA ASN A 53 3.10 -14.90 -0.34
C ASN A 53 2.08 -15.75 -1.14
N HIS A 54 0.78 -15.41 -1.07
CA HIS A 54 -0.26 -16.02 -1.90
C HIS A 54 -0.24 -15.38 -3.31
N MET A 55 -0.27 -14.06 -3.36
CA MET A 55 -0.32 -13.23 -4.58
C MET A 55 0.80 -13.49 -5.60
N THR A 56 1.98 -14.00 -5.20
CA THR A 56 3.07 -14.31 -6.17
C THR A 56 2.63 -15.30 -7.27
N HIS A 57 1.56 -16.08 -7.00
CA HIS A 57 1.00 -17.11 -7.88
C HIS A 57 -0.24 -16.65 -8.68
N CYS A 58 -0.77 -15.45 -8.43
CA CYS A 58 -1.97 -14.90 -9.08
C CYS A 58 -1.70 -13.67 -9.97
N GLN A 59 -2.07 -13.78 -11.24
CA GLN A 59 -2.01 -12.70 -12.26
C GLN A 59 -3.29 -12.63 -13.13
N ALA A 60 -4.26 -13.53 -12.89
CA ALA A 60 -5.53 -13.63 -13.62
C ALA A 60 -6.61 -12.60 -13.20
N GLY A 61 -6.19 -11.51 -12.53
CA GLY A 61 -7.06 -10.39 -12.15
C GLY A 61 -8.24 -10.76 -11.26
N LYS A 62 -9.46 -10.58 -11.79
CA LYS A 62 -10.74 -10.82 -11.11
C LYS A 62 -11.09 -12.31 -10.91
N ALA A 63 -10.30 -13.23 -11.45
CA ALA A 63 -10.55 -14.67 -11.33
C ALA A 63 -10.36 -15.17 -9.88
N CYS A 64 -9.36 -14.67 -9.14
CA CYS A 64 -9.13 -15.01 -7.74
C CYS A 64 -10.19 -14.32 -6.86
N GLN A 65 -10.91 -15.11 -6.06
CA GLN A 65 -12.03 -14.64 -5.22
C GLN A 65 -11.58 -14.13 -3.83
N VAL A 66 -10.27 -14.05 -3.57
CA VAL A 66 -9.71 -13.58 -2.29
C VAL A 66 -9.67 -12.04 -2.27
N ALA A 67 -10.26 -11.47 -1.22
CA ALA A 67 -10.40 -10.03 -0.99
C ALA A 67 -9.10 -9.22 -1.22
N HIS A 68 -8.05 -9.57 -0.47
CA HIS A 68 -6.76 -8.87 -0.52
C HIS A 68 -5.95 -9.15 -1.79
N CYS A 69 -6.10 -10.32 -2.43
CA CYS A 69 -5.41 -10.70 -3.66
C CYS A 69 -5.85 -9.79 -4.83
N ALA A 70 -7.16 -9.76 -5.11
CA ALA A 70 -7.75 -8.95 -6.17
C ALA A 70 -7.60 -7.43 -5.95
N SER A 71 -7.83 -6.91 -4.74
CA SER A 71 -7.69 -5.47 -4.46
C SER A 71 -6.24 -5.00 -4.59
N SER A 72 -5.25 -5.78 -4.10
CA SER A 72 -3.82 -5.44 -4.23
C SER A 72 -3.36 -5.49 -5.69
N ARG A 73 -3.80 -6.49 -6.47
CA ARG A 73 -3.48 -6.62 -7.90
C ARG A 73 -4.01 -5.44 -8.71
N GLN A 74 -5.15 -4.85 -8.32
CA GLN A 74 -5.69 -3.65 -8.97
C GLN A 74 -4.68 -2.48 -8.87
N ILE A 75 -4.04 -2.33 -7.70
CA ILE A 75 -3.02 -1.30 -7.48
C ILE A 75 -1.80 -1.53 -8.38
N ILE A 76 -1.18 -2.72 -8.29
CA ILE A 76 0.07 -3.05 -9.01
C ILE A 76 -0.12 -3.06 -10.52
N SER A 77 -1.21 -3.64 -11.05
CA SER A 77 -1.47 -3.64 -12.51
C SER A 77 -1.55 -2.21 -13.07
N HIS A 78 -2.17 -1.29 -12.34
CA HIS A 78 -2.21 0.13 -12.71
C HIS A 78 -0.79 0.74 -12.60
N TRP A 79 -0.09 0.51 -11.48
CA TRP A 79 1.27 1.03 -11.21
C TRP A 79 2.30 0.66 -12.28
N LYS A 80 2.22 -0.57 -12.82
CA LYS A 80 3.11 -1.07 -13.87
C LYS A 80 2.83 -0.48 -15.27
N ASN A 81 1.74 0.27 -15.45
CA ASN A 81 1.33 0.81 -16.76
C ASN A 81 1.07 2.34 -16.81
N CYS A 82 0.78 3.01 -15.69
CA CYS A 82 0.50 4.45 -15.66
C CYS A 82 1.74 5.32 -15.95
N THR A 83 1.61 6.25 -16.89
CA THR A 83 2.67 7.17 -17.37
C THR A 83 2.35 8.67 -17.17
N ARG A 84 1.15 9.00 -16.70
CA ARG A 84 0.65 10.37 -16.52
C ARG A 84 1.18 11.08 -15.27
N HIS A 85 1.28 12.41 -15.36
CA HIS A 85 1.72 13.30 -14.28
C HIS A 85 0.57 13.89 -13.44
N ASP A 86 -0.68 13.73 -13.89
CA ASP A 86 -1.89 14.28 -13.26
C ASP A 86 -2.86 13.20 -12.72
N CYS A 87 -2.46 11.93 -12.69
CA CYS A 87 -3.27 10.83 -12.17
C CYS A 87 -3.47 11.04 -10.63
N PRO A 88 -4.70 11.07 -10.09
CA PRO A 88 -4.97 11.47 -8.70
C PRO A 88 -4.35 10.61 -7.58
N VAL A 89 -4.17 9.29 -7.79
CA VAL A 89 -3.57 8.41 -6.76
C VAL A 89 -2.03 8.34 -6.88
N CYS A 90 -1.49 8.54 -8.09
CA CYS A 90 -0.06 8.56 -8.39
C CYS A 90 0.60 9.91 -8.00
N LEU A 91 -0.14 11.02 -8.19
CA LEU A 91 0.31 12.40 -7.97
C LEU A 91 1.09 12.64 -6.66
N PRO A 92 0.57 12.30 -5.46
CA PRO A 92 1.27 12.56 -4.22
C PRO A 92 2.60 11.80 -4.09
N LEU A 93 2.69 10.55 -4.56
CA LEU A 93 3.96 9.77 -4.53
C LEU A 93 4.98 10.41 -5.49
N LYS A 94 4.53 10.85 -6.68
CA LYS A 94 5.36 11.52 -7.68
C LYS A 94 5.97 12.83 -7.13
N ASN A 95 5.21 13.56 -6.32
CA ASN A 95 5.64 14.81 -5.67
C ASN A 95 6.38 14.60 -4.32
N ALA A 96 6.35 13.39 -3.75
CA ALA A 96 7.07 13.00 -2.54
C ALA A 96 8.43 12.44 -2.96
N SER A 97 9.18 13.40 -3.52
CA SER A 97 10.46 13.40 -4.25
C SER A 97 11.13 12.04 -4.47
N ASP A 98 10.34 11.13 -5.03
CA ASP A 98 10.75 9.76 -5.41
C ASP A 98 11.97 9.75 -6.36
N LYS A 99 12.08 10.75 -7.24
CA LYS A 99 13.21 10.88 -8.18
C LYS A 99 14.51 11.37 -7.54
N ARG A 100 14.48 11.81 -6.27
CA ARG A 100 15.61 12.31 -5.47
C ARG A 100 15.53 11.78 -4.03
N GLY B 1 -4.93 5.36 32.52
CA GLY B 1 -5.27 5.28 31.10
C GLY B 1 -6.55 6.02 30.69
N SER B 2 -7.28 6.60 31.65
CA SER B 2 -8.53 7.34 31.44
C SER B 2 -8.39 8.58 30.53
N HIS B 3 -7.19 9.17 30.48
CA HIS B 3 -6.88 10.36 29.70
C HIS B 3 -6.58 10.06 28.20
N MET B 4 -6.45 8.78 27.82
CA MET B 4 -6.19 8.38 26.42
C MET B 4 -7.35 8.69 25.46
N LYS B 5 -8.57 8.90 26.00
CA LYS B 5 -9.78 9.25 25.24
C LYS B 5 -9.64 10.53 24.39
N SER B 6 -8.71 11.42 24.76
CA SER B 6 -8.41 12.67 24.04
C SER B 6 -7.56 12.47 22.78
N THR B 7 -6.97 11.29 22.58
CA THR B 7 -6.16 10.95 21.39
C THR B 7 -7.05 10.48 20.23
N GLN B 8 -6.67 10.76 18.99
CA GLN B 8 -7.45 10.43 17.78
C GLN B 8 -6.58 9.97 16.59
N ALA B 9 -7.20 9.29 15.62
CA ALA B 9 -6.60 8.80 14.39
C ALA B 9 -7.58 8.87 13.20
N GLY B 10 -7.08 8.57 11.99
CA GLY B 10 -7.82 8.61 10.72
C GLY B 10 -7.47 9.81 9.84
N GLU B 11 -6.57 10.68 10.31
CA GLU B 11 -6.02 11.85 9.64
C GLU B 11 -4.54 12.02 10.03
N GLY B 12 -3.72 12.61 9.16
CA GLY B 12 -2.28 12.82 9.38
C GLY B 12 -1.41 11.56 9.27
N THR B 13 -1.96 10.38 9.57
CA THR B 13 -1.27 9.08 9.50
C THR B 13 -0.78 8.75 8.08
N LEU B 14 -1.66 8.86 7.09
CA LEU B 14 -1.36 8.58 5.69
C LEU B 14 -0.46 9.67 5.06
N SER B 15 -0.67 10.96 5.35
CA SER B 15 0.23 12.00 4.83
C SER B 15 1.64 11.88 5.42
N GLU B 16 1.78 11.39 6.66
CA GLU B 16 3.09 11.09 7.25
C GLU B 16 3.72 9.85 6.59
N ALA B 17 2.92 8.79 6.37
CA ALA B 17 3.36 7.59 5.65
C ALA B 17 3.97 7.93 4.28
N LEU B 18 3.27 8.80 3.54
CA LEU B 18 3.64 9.34 2.24
C LEU B 18 4.91 10.22 2.27
N LEU B 19 5.35 10.69 3.43
CA LEU B 19 6.54 11.53 3.59
C LEU B 19 7.74 10.86 4.30
N HIS B 20 7.59 9.66 4.89
CA HIS B 20 8.69 8.97 5.59
C HIS B 20 9.01 7.53 5.15
N LEU B 21 8.26 6.94 4.21
CA LEU B 21 8.55 5.62 3.62
C LEU B 21 9.46 5.75 2.37
N GLN B 22 10.04 4.63 1.92
CA GLN B 22 10.84 4.55 0.69
C GLN B 22 9.95 4.08 -0.46
N PHE B 23 10.06 4.73 -1.63
CA PHE B 23 9.22 4.45 -2.81
C PHE B 23 9.98 3.72 -3.94
N ASP B 24 9.27 3.44 -5.03
CA ASP B 24 9.68 2.62 -6.20
C ASP B 24 11.09 2.88 -6.80
N ALA B 25 11.69 4.06 -6.62
CA ALA B 25 13.02 4.37 -7.15
C ALA B 25 14.18 3.60 -6.48
N ASP B 26 14.01 3.11 -5.24
CA ASP B 26 15.06 2.37 -4.51
C ASP B 26 15.14 0.89 -4.95
N GLU B 27 14.00 0.19 -4.90
CA GLU B 27 13.76 -1.20 -5.30
C GLU B 27 12.27 -1.33 -5.68
N ASP B 28 11.87 -2.40 -6.36
CA ASP B 28 10.47 -2.59 -6.76
C ASP B 28 9.97 -4.05 -6.84
N LEU B 29 8.64 -4.18 -6.84
CA LEU B 29 7.86 -5.43 -6.85
C LEU B 29 7.48 -6.00 -8.23
N GLY B 30 8.03 -5.48 -9.34
CA GLY B 30 7.66 -5.89 -10.71
C GLY B 30 7.77 -7.38 -11.04
N ALA B 31 8.52 -8.18 -10.28
CA ALA B 31 8.73 -9.60 -10.53
C ALA B 31 7.62 -10.54 -10.00
N LEU B 32 6.99 -10.27 -8.84
CA LEU B 32 5.98 -11.18 -8.27
C LEU B 32 4.61 -11.14 -8.96
N LEU B 33 4.27 -10.00 -9.58
CA LEU B 33 2.97 -9.76 -10.21
C LEU B 33 2.94 -10.20 -11.69
N GLY B 34 4.09 -10.58 -12.25
CA GLY B 34 4.26 -11.06 -13.63
C GLY B 34 4.34 -9.96 -14.68
N ASN B 35 4.65 -10.34 -15.92
CA ASN B 35 4.79 -9.41 -17.06
C ASN B 35 3.46 -8.73 -17.43
N SER B 36 2.38 -9.50 -17.42
CA SER B 36 1.02 -9.05 -17.81
C SER B 36 -0.06 -9.59 -16.88
N THR B 37 -1.16 -8.86 -16.77
CA THR B 37 -2.35 -9.20 -15.95
C THR B 37 -3.63 -9.04 -16.76
N ASP B 38 -4.69 -9.73 -16.33
CA ASP B 38 -6.04 -9.69 -16.92
C ASP B 38 -6.59 -8.24 -17.02
N PRO B 39 -6.78 -7.65 -18.23
CA PRO B 39 -7.33 -6.30 -18.38
C PRO B 39 -8.70 -6.07 -17.74
N GLY B 40 -9.46 -7.13 -17.42
CA GLY B 40 -10.71 -7.04 -16.66
C GLY B 40 -10.50 -6.49 -15.24
N VAL B 41 -9.25 -6.54 -14.73
CA VAL B 41 -8.84 -5.98 -13.43
C VAL B 41 -8.41 -4.51 -13.54
N PHE B 42 -8.21 -3.99 -14.77
CA PHE B 42 -7.78 -2.61 -15.05
C PHE B 42 -8.94 -1.60 -14.96
N THR B 43 -9.62 -1.61 -13.80
CA THR B 43 -10.73 -0.70 -13.48
C THR B 43 -10.22 0.60 -12.85
N ASP B 44 -11.12 1.55 -12.56
CA ASP B 44 -10.78 2.81 -11.91
C ASP B 44 -10.48 2.59 -10.41
N LEU B 45 -9.49 3.30 -9.86
CA LEU B 45 -9.12 3.19 -8.44
C LEU B 45 -10.29 3.52 -7.49
N ALA B 46 -11.22 4.40 -7.87
CA ALA B 46 -12.40 4.70 -7.08
C ALA B 46 -13.39 3.51 -6.97
N SER B 47 -13.28 2.52 -7.86
CA SER B 47 -14.10 1.30 -7.91
C SER B 47 -13.47 0.08 -7.20
N VAL B 48 -12.28 0.24 -6.59
CA VAL B 48 -11.54 -0.84 -5.91
C VAL B 48 -12.34 -1.48 -4.76
N ASP B 49 -12.41 -2.82 -4.74
CA ASP B 49 -13.11 -3.58 -3.70
C ASP B 49 -12.17 -3.91 -2.52
N ASN B 50 -11.80 -2.88 -1.74
CA ASN B 50 -10.85 -2.96 -0.62
C ASN B 50 -11.48 -2.84 0.80
N SER B 51 -12.80 -2.90 0.97
CA SER B 51 -13.47 -2.75 2.28
C SER B 51 -13.03 -3.77 3.35
N GLU B 52 -12.41 -4.87 2.92
CA GLU B 52 -11.84 -5.92 3.77
C GLU B 52 -10.43 -5.54 4.28
N PHE B 53 -9.69 -4.71 3.54
CA PHE B 53 -8.30 -4.33 3.83
C PHE B 53 -8.20 -3.51 5.12
N GLN B 54 -9.06 -2.49 5.26
CA GLN B 54 -9.12 -1.62 6.46
C GLN B 54 -9.33 -2.39 7.78
N GLN B 55 -9.83 -3.64 7.73
CA GLN B 55 -10.03 -4.47 8.91
C GLN B 55 -8.69 -4.93 9.51
N LEU B 56 -7.68 -5.25 8.67
CA LEU B 56 -6.33 -5.57 9.16
C LEU B 56 -5.51 -4.30 9.47
N LEU B 57 -5.87 -3.15 8.85
CA LEU B 57 -5.21 -1.86 9.10
C LEU B 57 -5.72 -1.16 10.38
N ASN B 58 -6.73 -1.73 11.05
CA ASN B 58 -7.25 -1.25 12.34
C ASN B 58 -6.47 -1.84 13.54
N GLN B 59 -5.39 -2.60 13.30
CA GLN B 59 -4.57 -3.31 14.30
C GLN B 59 -3.06 -3.10 14.10
N GLY B 60 -2.57 -1.87 14.31
CA GLY B 60 -1.15 -1.51 14.15
C GLY B 60 -0.90 0.00 14.16
N VAL B 61 -0.27 0.55 13.11
CA VAL B 61 0.03 2.00 12.99
C VAL B 61 -1.23 2.86 13.13
N SER B 62 -1.18 3.80 14.08
CA SER B 62 -2.26 4.74 14.45
C SER B 62 -1.68 5.98 15.16
N MET B 63 -2.42 7.09 15.15
CA MET B 63 -2.07 8.36 15.82
C MET B 63 -2.70 8.49 17.23
N SER B 64 -3.52 7.51 17.67
CA SER B 64 -4.17 7.50 18.99
C SER B 64 -3.19 7.11 20.13
N HIS B 65 -2.21 7.98 20.38
CA HIS B 65 -1.17 7.83 21.41
C HIS B 65 -0.80 9.19 22.04
N SER B 66 -0.10 9.14 23.19
CA SER B 66 0.37 10.34 23.91
C SER B 66 1.59 10.96 23.21
N THR B 67 1.81 12.26 23.43
CA THR B 67 2.93 13.06 22.89
C THR B 67 3.83 13.67 23.98
N ALA B 68 3.58 13.36 25.26
CA ALA B 68 4.35 13.85 26.40
C ALA B 68 5.77 13.22 26.49
N GLU B 69 6.69 13.93 27.14
CA GLU B 69 8.10 13.52 27.35
C GLU B 69 8.55 13.81 28.80
N PRO B 70 9.49 13.03 29.37
CA PRO B 70 9.99 13.22 30.73
C PRO B 70 10.78 14.53 30.89
N ALA A 1 -29.80 5.99 -1.21
CA ALA A 1 -30.07 5.33 0.08
C ALA A 1 -28.79 4.98 0.88
N THR A 2 -27.61 5.22 0.30
CA THR A 2 -26.29 4.96 0.92
C THR A 2 -25.24 5.97 0.43
N GLY A 3 -24.03 5.93 1.02
CA GLY A 3 -22.90 6.82 0.69
C GLY A 3 -22.32 6.62 -0.72
N PRO A 4 -21.56 7.60 -1.24
CA PRO A 4 -20.96 7.54 -2.58
C PRO A 4 -19.81 6.53 -2.67
N THR A 5 -19.59 5.98 -3.88
CA THR A 5 -18.50 5.01 -4.13
C THR A 5 -17.10 5.66 -4.05
N ALA A 6 -17.00 6.96 -4.38
CA ALA A 6 -15.78 7.75 -4.33
C ALA A 6 -15.89 8.87 -3.27
N ASP A 7 -14.88 8.96 -2.39
CA ASP A 7 -14.79 9.93 -1.28
C ASP A 7 -13.31 10.07 -0.82
N PRO A 8 -12.91 11.14 -0.10
CA PRO A 8 -11.51 11.33 0.32
C PRO A 8 -10.96 10.23 1.24
N GLU A 9 -11.80 9.55 2.03
CA GLU A 9 -11.34 8.43 2.86
C GLU A 9 -11.05 7.17 2.01
N LYS A 10 -11.73 7.03 0.86
CA LYS A 10 -11.44 6.00 -0.15
C LYS A 10 -10.02 6.22 -0.66
N ARG A 11 -9.71 7.48 -1.04
CA ARG A 11 -8.39 7.92 -1.50
C ARG A 11 -7.30 7.59 -0.48
N LYS A 12 -7.56 7.78 0.82
CA LYS A 12 -6.63 7.43 1.89
C LYS A 12 -6.28 5.93 1.89
N LEU A 13 -7.25 5.01 1.76
CA LEU A 13 -6.94 3.58 1.72
C LEU A 13 -6.22 3.18 0.41
N ILE A 14 -6.68 3.60 -0.78
CA ILE A 14 -5.97 3.28 -2.04
C ILE A 14 -4.54 3.84 -2.10
N GLN A 15 -4.28 5.00 -1.48
CA GLN A 15 -2.95 5.58 -1.42
C GLN A 15 -2.09 4.88 -0.35
N GLN A 16 -2.64 4.62 0.84
CA GLN A 16 -1.95 3.92 1.93
C GLN A 16 -1.61 2.47 1.55
N GLN A 17 -2.53 1.73 0.92
CA GLN A 17 -2.27 0.35 0.53
C GLN A 17 -1.13 0.27 -0.49
N LEU A 18 -0.97 1.25 -1.40
CA LEU A 18 0.14 1.28 -2.35
C LEU A 18 1.48 1.35 -1.60
N VAL A 19 1.69 2.35 -0.73
CA VAL A 19 2.95 2.46 0.03
C VAL A 19 3.17 1.26 0.96
N LEU A 20 2.12 0.70 1.55
CA LEU A 20 2.21 -0.48 2.43
C LEU A 20 2.56 -1.77 1.65
N LEU A 21 2.02 -1.96 0.45
CA LEU A 21 2.35 -3.07 -0.46
C LEU A 21 3.81 -2.92 -0.92
N LEU A 22 4.16 -1.75 -1.47
CA LEU A 22 5.51 -1.46 -1.95
C LEU A 22 6.53 -1.63 -0.81
N HIS A 23 6.21 -1.20 0.41
CA HIS A 23 7.06 -1.45 1.59
C HIS A 23 7.26 -2.96 1.78
N ALA A 24 6.19 -3.75 1.90
CA ALA A 24 6.27 -5.20 2.13
C ALA A 24 7.10 -5.93 1.05
N HIS A 25 7.03 -5.48 -0.21
CA HIS A 25 7.85 -6.05 -1.31
C HIS A 25 9.34 -5.75 -1.12
N LYS A 26 9.72 -4.51 -0.77
CA LYS A 26 11.13 -4.14 -0.51
C LYS A 26 11.65 -4.80 0.79
N CYS A 27 10.80 -4.92 1.81
CA CYS A 27 11.06 -5.56 3.10
C CYS A 27 11.42 -7.04 2.90
N GLN A 28 10.57 -7.78 2.16
CA GLN A 28 10.79 -9.17 1.78
C GLN A 28 12.09 -9.36 0.97
N ARG A 29 12.48 -8.35 0.17
CA ARG A 29 13.70 -8.37 -0.65
C ARG A 29 14.99 -8.04 0.10
N ARG A 30 14.95 -7.36 1.27
CA ARG A 30 16.17 -7.09 2.06
C ARG A 30 16.53 -8.18 3.06
N GLU A 31 15.55 -8.92 3.59
CA GLU A 31 15.81 -10.02 4.54
C GLU A 31 16.52 -11.22 3.88
N GLN A 32 16.41 -11.36 2.55
CA GLN A 32 17.10 -12.37 1.75
C GLN A 32 18.50 -11.89 1.29
N ALA A 33 18.80 -10.60 1.47
CA ALA A 33 20.03 -9.93 1.04
C ALA A 33 20.98 -9.53 2.20
N ASN A 34 20.46 -9.40 3.42
CA ASN A 34 21.19 -8.97 4.62
C ASN A 34 20.96 -9.94 5.79
N GLY A 35 21.96 -10.08 6.68
CA GLY A 35 21.87 -10.91 7.88
C GLY A 35 20.99 -10.30 8.99
N GLU A 36 20.80 -8.98 8.97
CA GLU A 36 19.99 -8.21 9.93
C GLU A 36 19.03 -7.22 9.24
N VAL A 37 17.89 -6.94 9.89
CA VAL A 37 16.86 -5.98 9.45
C VAL A 37 16.05 -5.51 10.68
N ARG A 38 15.80 -4.20 10.77
CA ARG A 38 15.07 -3.55 11.88
C ARG A 38 13.54 -3.58 11.72
N ALA A 39 12.84 -3.30 12.82
CA ALA A 39 11.37 -3.27 12.90
C ALA A 39 10.75 -2.18 11.98
N CYS A 40 9.64 -2.53 11.33
CA CYS A 40 8.92 -1.69 10.36
C CYS A 40 8.08 -0.56 11.00
N SER A 41 7.85 0.49 10.21
CA SER A 41 7.02 1.66 10.58
C SER A 41 5.52 1.43 10.38
N LEU A 42 5.14 0.38 9.62
CA LEU A 42 3.76 -0.02 9.31
C LEU A 42 3.50 -1.43 9.88
N PRO A 43 2.88 -1.58 11.07
CA PRO A 43 2.67 -2.87 11.76
C PRO A 43 1.98 -3.99 10.96
N HIS A 44 1.21 -3.64 9.92
CA HIS A 44 0.48 -4.59 9.05
C HIS A 44 1.39 -5.45 8.15
N CYS A 45 2.69 -5.15 8.09
CA CYS A 45 3.71 -5.86 7.31
C CYS A 45 3.59 -7.40 7.42
N ARG A 46 3.54 -7.94 8.64
CA ARG A 46 3.39 -9.40 8.90
C ARG A 46 2.13 -10.02 8.27
N THR A 47 1.00 -9.31 8.31
CA THR A 47 -0.28 -9.77 7.75
C THR A 47 -0.28 -9.68 6.22
N MET A 48 0.25 -8.59 5.66
CA MET A 48 0.36 -8.37 4.21
C MET A 48 1.41 -9.29 3.56
N LYS A 49 2.52 -9.62 4.25
CA LYS A 49 3.56 -10.55 3.76
C LYS A 49 3.00 -11.94 3.43
N ASN A 50 1.98 -12.39 4.17
CA ASN A 50 1.30 -13.67 3.90
C ASN A 50 0.46 -13.59 2.60
N VAL A 51 -0.09 -12.42 2.27
CA VAL A 51 -0.81 -12.18 1.01
C VAL A 51 0.19 -12.16 -0.15
N LEU A 52 1.37 -11.56 0.03
CA LEU A 52 2.42 -11.54 -1.00
C LEU A 52 2.81 -12.95 -1.41
N ASN A 53 3.04 -13.84 -0.43
CA ASN A 53 3.41 -15.25 -0.65
C ASN A 53 2.37 -16.00 -1.50
N HIS A 54 1.08 -15.66 -1.36
CA HIS A 54 0.02 -16.22 -2.22
C HIS A 54 0.07 -15.58 -3.62
N MET A 55 0.14 -14.24 -3.67
CA MET A 55 0.11 -13.46 -4.91
C MET A 55 1.28 -13.72 -5.87
N THR A 56 2.46 -14.16 -5.44
CA THR A 56 3.56 -14.47 -6.40
C THR A 56 3.21 -15.62 -7.36
N HIS A 57 2.14 -16.38 -7.05
CA HIS A 57 1.58 -17.50 -7.83
C HIS A 57 0.19 -17.19 -8.42
N CYS A 58 -0.39 -16.03 -8.11
CA CYS A 58 -1.74 -15.60 -8.52
C CYS A 58 -1.70 -14.40 -9.48
N GLN A 59 -2.35 -14.56 -10.63
CA GLN A 59 -2.42 -13.55 -11.71
C GLN A 59 -3.71 -13.64 -12.56
N ALA A 60 -4.72 -14.37 -12.09
CA ALA A 60 -5.99 -14.61 -12.77
C ALA A 60 -7.07 -13.52 -12.56
N GLY A 61 -6.74 -12.42 -11.89
CA GLY A 61 -7.64 -11.28 -11.65
C GLY A 61 -8.94 -11.66 -10.94
N LYS A 62 -10.07 -11.55 -11.65
CA LYS A 62 -11.43 -11.83 -11.16
C LYS A 62 -11.69 -13.27 -10.70
N ALA A 63 -10.86 -14.24 -11.13
CA ALA A 63 -11.02 -15.64 -10.74
C ALA A 63 -10.70 -15.90 -9.26
N CYS A 64 -9.75 -15.15 -8.67
CA CYS A 64 -9.38 -15.27 -7.26
C CYS A 64 -10.44 -14.65 -6.35
N GLN A 65 -10.79 -15.36 -5.28
CA GLN A 65 -11.80 -14.98 -4.29
C GLN A 65 -11.21 -14.40 -3.00
N VAL A 66 -9.88 -14.21 -2.94
CA VAL A 66 -9.18 -13.66 -1.77
C VAL A 66 -9.23 -12.14 -1.81
N ALA A 67 -9.80 -11.55 -0.74
CA ALA A 67 -10.02 -10.11 -0.56
C ALA A 67 -8.79 -9.24 -0.87
N HIS A 68 -7.69 -9.50 -0.18
CA HIS A 68 -6.44 -8.74 -0.30
C HIS A 68 -5.69 -9.00 -1.61
N CYS A 69 -5.84 -10.18 -2.23
CA CYS A 69 -5.21 -10.55 -3.49
C CYS A 69 -5.79 -9.73 -4.66
N ALA A 70 -7.11 -9.81 -4.87
CA ALA A 70 -7.79 -9.09 -5.94
C ALA A 70 -7.67 -7.56 -5.83
N SER A 71 -7.76 -6.98 -4.63
CA SER A 71 -7.63 -5.53 -4.45
C SER A 71 -6.18 -5.03 -4.67
N SER A 72 -5.16 -5.69 -4.09
CA SER A 72 -3.76 -5.30 -4.31
C SER A 72 -3.30 -5.51 -5.76
N ARG A 73 -3.82 -6.54 -6.46
CA ARG A 73 -3.52 -6.77 -7.89
C ARG A 73 -4.03 -5.61 -8.76
N GLN A 74 -5.16 -5.00 -8.40
CA GLN A 74 -5.70 -3.81 -9.09
C GLN A 74 -4.69 -2.65 -8.98
N ILE A 75 -4.13 -2.44 -7.77
CA ILE A 75 -3.12 -1.41 -7.50
C ILE A 75 -1.90 -1.58 -8.42
N ILE A 76 -1.30 -2.78 -8.43
CA ILE A 76 -0.10 -3.04 -9.25
C ILE A 76 -0.40 -2.91 -10.75
N SER A 77 -1.53 -3.44 -11.22
CA SER A 77 -1.92 -3.33 -12.64
C SER A 77 -2.10 -1.86 -13.05
N HIS A 78 -2.72 -1.04 -12.20
CA HIS A 78 -2.84 0.42 -12.41
C HIS A 78 -1.44 1.06 -12.43
N TRP A 79 -0.59 0.76 -11.44
CA TRP A 79 0.77 1.31 -11.31
C TRP A 79 1.67 1.02 -12.52
N LYS A 80 1.52 -0.16 -13.13
CA LYS A 80 2.27 -0.60 -14.32
C LYS A 80 1.88 0.13 -15.63
N ASN A 81 0.75 0.85 -15.67
CA ASN A 81 0.23 1.47 -16.91
C ASN A 81 -0.16 2.96 -16.81
N CYS A 82 -0.47 3.48 -15.63
CA CYS A 82 -0.95 4.85 -15.42
C CYS A 82 0.08 5.96 -15.76
N THR A 83 -0.44 7.11 -16.20
CA THR A 83 0.28 8.37 -16.43
C THR A 83 0.45 9.09 -15.08
N ARG A 84 1.19 8.44 -14.17
CA ARG A 84 1.45 8.83 -12.76
C ARG A 84 1.92 10.28 -12.52
N HIS A 85 2.35 10.99 -13.56
CA HIS A 85 2.75 12.41 -13.50
C HIS A 85 1.57 13.37 -13.30
N ASP A 86 0.33 12.93 -13.54
CA ASP A 86 -0.89 13.75 -13.35
C ASP A 86 -2.07 13.04 -12.65
N CYS A 87 -1.94 11.77 -12.23
CA CYS A 87 -3.02 11.05 -11.56
C CYS A 87 -3.13 11.52 -10.09
N PRO A 88 -4.31 11.92 -9.57
CA PRO A 88 -4.46 12.47 -8.21
C PRO A 88 -4.06 11.49 -7.09
N VAL A 89 -4.09 10.18 -7.33
CA VAL A 89 -3.70 9.16 -6.34
C VAL A 89 -2.20 8.83 -6.44
N CYS A 90 -1.65 8.75 -7.66
CA CYS A 90 -0.25 8.42 -7.92
C CYS A 90 0.73 9.61 -7.71
N LEU A 91 0.33 10.83 -8.05
CA LEU A 91 1.17 12.03 -8.00
C LEU A 91 1.80 12.32 -6.62
N PRO A 92 1.09 12.27 -5.48
CA PRO A 92 1.72 12.52 -4.18
C PRO A 92 2.78 11.44 -3.85
N LEU A 93 2.55 10.18 -4.23
CA LEU A 93 3.48 9.06 -4.10
C LEU A 93 4.71 9.25 -5.00
N LYS A 94 4.50 9.71 -6.24
CA LYS A 94 5.56 10.05 -7.20
C LYS A 94 6.50 11.11 -6.62
N ASN A 95 5.98 12.07 -5.84
CA ASN A 95 6.75 13.11 -5.14
C ASN A 95 7.46 12.58 -3.87
N ALA A 96 6.92 11.56 -3.20
CA ALA A 96 7.50 10.97 -1.99
C ALA A 96 8.86 10.27 -2.22
N SER A 97 9.19 9.95 -3.48
CA SER A 97 10.46 9.33 -3.88
C SER A 97 11.67 10.25 -3.64
N ASP A 98 11.49 11.57 -3.76
CA ASP A 98 12.51 12.60 -3.54
C ASP A 98 11.86 13.96 -3.24
N LYS A 99 11.98 14.45 -1.99
CA LYS A 99 11.42 15.74 -1.54
C LYS A 99 12.22 16.96 -2.06
N ARG A 100 13.46 16.76 -2.53
CA ARG A 100 14.38 17.80 -3.04
C ARG A 100 14.94 17.43 -4.42
N GLY B 1 8.13 -2.15 34.86
CA GLY B 1 7.19 -1.14 35.35
C GLY B 1 5.75 -1.34 34.85
N SER B 2 4.87 -0.40 35.20
CA SER B 2 3.44 -0.41 34.82
C SER B 2 3.22 -0.23 33.31
N HIS B 3 2.09 -0.73 32.79
CA HIS B 3 1.71 -0.68 31.36
C HIS B 3 1.32 0.71 30.82
N MET B 4 1.63 1.79 31.55
CA MET B 4 1.34 3.19 31.19
C MET B 4 2.32 3.82 30.19
N LYS B 5 3.26 3.03 29.63
CA LYS B 5 4.30 3.48 28.70
C LYS B 5 3.81 3.87 27.29
N SER B 6 2.59 3.46 26.91
CA SER B 6 2.00 3.74 25.60
C SER B 6 1.77 5.24 25.35
N THR B 7 2.05 5.69 24.12
CA THR B 7 1.91 7.09 23.66
C THR B 7 1.37 7.17 22.22
N GLN B 8 0.81 8.33 21.84
CA GLN B 8 0.26 8.57 20.49
C GLN B 8 1.38 8.83 19.46
N ALA B 9 1.10 8.53 18.18
CA ALA B 9 2.05 8.70 17.07
C ALA B 9 2.30 10.16 16.65
N GLY B 10 1.38 11.07 16.99
CA GLY B 10 1.47 12.51 16.68
C GLY B 10 1.31 12.88 15.21
N GLU B 11 0.80 11.97 14.37
CA GLU B 11 0.60 12.18 12.93
C GLU B 11 -0.69 12.98 12.67
N GLY B 12 -0.53 14.20 12.15
CA GLY B 12 -1.61 15.13 11.85
C GLY B 12 -2.45 14.79 10.60
N THR B 13 -1.95 13.92 9.72
CA THR B 13 -2.60 13.49 8.48
C THR B 13 -2.04 12.12 8.04
N LEU B 14 -2.82 11.38 7.25
CA LEU B 14 -2.46 10.07 6.72
C LEU B 14 -1.25 10.14 5.77
N SER B 15 -1.09 11.23 5.02
CA SER B 15 0.05 11.40 4.11
C SER B 15 1.39 11.50 4.85
N GLU B 16 1.38 11.75 6.16
CA GLU B 16 2.60 11.76 6.99
C GLU B 16 3.18 10.33 7.13
N ALA B 17 2.35 9.28 7.09
CA ALA B 17 2.77 7.88 7.12
C ALA B 17 3.66 7.52 5.90
N LEU B 18 3.48 8.26 4.81
CA LEU B 18 4.26 8.17 3.58
C LEU B 18 5.46 9.12 3.60
N LEU B 19 5.21 10.41 3.82
CA LEU B 19 6.19 11.47 3.70
C LEU B 19 7.28 11.53 4.80
N HIS B 20 7.11 10.85 5.94
CA HIS B 20 8.10 10.89 7.03
C HIS B 20 9.41 10.11 6.75
N LEU B 21 9.44 9.31 5.69
CA LEU B 21 10.58 8.49 5.23
C LEU B 21 10.69 8.56 3.70
N GLN B 22 11.87 8.29 3.13
CA GLN B 22 12.05 8.25 1.67
C GLN B 22 11.32 7.01 1.11
N PHE B 23 10.50 7.21 0.08
CA PHE B 23 9.68 6.15 -0.51
C PHE B 23 10.49 5.11 -1.35
N ASP B 24 9.85 4.01 -1.72
CA ASP B 24 10.39 2.84 -2.42
C ASP B 24 10.76 3.09 -3.90
N ALA B 25 11.78 3.91 -4.13
CA ALA B 25 12.26 4.32 -5.46
C ALA B 25 13.52 3.56 -5.98
N ASP B 26 14.17 2.73 -5.15
CA ASP B 26 15.41 2.01 -5.51
C ASP B 26 15.20 0.86 -6.51
N GLU B 27 14.12 0.11 -6.36
CA GLU B 27 13.70 -1.04 -7.18
C GLU B 27 12.17 -1.22 -7.01
N ASP B 28 11.49 -1.95 -7.88
CA ASP B 28 10.04 -2.18 -7.79
C ASP B 28 9.59 -3.62 -8.10
N LEU B 29 8.34 -3.91 -7.72
CA LEU B 29 7.69 -5.23 -7.79
C LEU B 29 7.21 -5.74 -9.16
N GLY B 30 7.47 -5.02 -10.27
CA GLY B 30 6.96 -5.36 -11.61
C GLY B 30 7.12 -6.84 -12.05
N ALA B 31 8.16 -7.54 -11.59
CA ALA B 31 8.40 -8.95 -11.91
C ALA B 31 7.53 -9.96 -11.11
N LEU B 32 6.92 -9.56 -9.99
CA LEU B 32 6.12 -10.44 -9.12
C LEU B 32 4.73 -10.79 -9.67
N LEU B 33 4.08 -9.88 -10.43
CA LEU B 33 2.77 -10.17 -11.03
C LEU B 33 2.86 -11.24 -12.14
N GLY B 34 4.07 -11.52 -12.65
CA GLY B 34 4.34 -12.47 -13.75
C GLY B 34 4.16 -11.86 -15.14
N ASN B 35 4.25 -12.72 -16.17
CA ASN B 35 4.15 -12.32 -17.59
C ASN B 35 2.70 -12.03 -18.06
N SER B 36 1.68 -12.46 -17.30
CA SER B 36 0.26 -12.28 -17.62
C SER B 36 -0.51 -11.50 -16.54
N THR B 37 -1.58 -10.83 -16.95
CA THR B 37 -2.51 -10.03 -16.11
C THR B 37 -3.95 -10.19 -16.62
N ASP B 38 -4.93 -9.55 -15.97
CA ASP B 38 -6.35 -9.57 -16.35
C ASP B 38 -6.89 -8.15 -16.66
N PRO B 39 -6.69 -7.60 -17.87
CA PRO B 39 -7.18 -6.27 -18.26
C PRO B 39 -8.68 -6.04 -18.02
N GLY B 40 -9.50 -7.11 -17.91
CA GLY B 40 -10.92 -7.00 -17.58
C GLY B 40 -11.17 -6.48 -16.15
N VAL B 41 -10.19 -6.60 -15.24
CA VAL B 41 -10.24 -6.08 -13.86
C VAL B 41 -9.62 -4.69 -13.73
N PHE B 42 -8.95 -4.18 -14.78
CA PHE B 42 -8.33 -2.86 -14.81
C PHE B 42 -9.39 -1.77 -14.64
N THR B 43 -9.21 -0.88 -13.65
CA THR B 43 -10.15 0.23 -13.38
C THR B 43 -9.48 1.41 -12.66
N ASP B 44 -10.22 2.51 -12.53
CA ASP B 44 -9.82 3.69 -11.77
C ASP B 44 -9.81 3.32 -10.27
N LEU B 45 -8.81 3.75 -9.51
CA LEU B 45 -8.69 3.40 -8.09
C LEU B 45 -9.88 3.82 -7.23
N ALA B 46 -10.64 4.84 -7.63
CA ALA B 46 -11.86 5.24 -6.93
C ALA B 46 -12.96 4.15 -6.96
N SER B 47 -12.84 3.15 -7.85
CA SER B 47 -13.75 2.01 -8.02
C SER B 47 -13.20 0.68 -7.44
N VAL B 48 -12.07 0.70 -6.72
CA VAL B 48 -11.45 -0.48 -6.09
C VAL B 48 -12.35 -1.10 -5.01
N ASP B 49 -12.26 -2.42 -4.82
CA ASP B 49 -12.99 -3.16 -3.79
C ASP B 49 -12.04 -3.52 -2.62
N ASN B 50 -11.62 -2.51 -1.85
CA ASN B 50 -10.68 -2.62 -0.73
C ASN B 50 -11.34 -2.51 0.67
N SER B 51 -12.67 -2.52 0.76
CA SER B 51 -13.40 -2.42 2.04
C SER B 51 -13.04 -3.54 3.04
N GLU B 52 -12.59 -4.70 2.55
CA GLU B 52 -12.14 -5.83 3.37
C GLU B 52 -10.65 -5.68 3.77
N PHE B 53 -9.81 -5.06 2.92
CA PHE B 53 -8.41 -4.73 3.25
C PHE B 53 -8.38 -3.61 4.32
N GLN B 54 -9.34 -2.70 4.27
CA GLN B 54 -9.52 -1.67 5.29
C GLN B 54 -9.71 -2.27 6.70
N GLN B 55 -10.32 -3.45 6.83
CA GLN B 55 -10.48 -4.13 8.14
C GLN B 55 -9.15 -4.66 8.69
N LEU B 56 -8.24 -5.09 7.81
CA LEU B 56 -6.88 -5.54 8.16
C LEU B 56 -6.05 -4.34 8.62
N LEU B 57 -6.07 -3.24 7.86
CA LEU B 57 -5.33 -2.00 8.16
C LEU B 57 -5.93 -1.19 9.34
N ASN B 58 -7.20 -1.40 9.69
CA ASN B 58 -7.85 -0.75 10.85
C ASN B 58 -7.24 -1.20 12.20
N GLN B 59 -6.47 -2.28 12.22
CA GLN B 59 -5.78 -2.82 13.40
C GLN B 59 -4.56 -1.97 13.85
N GLY B 60 -4.26 -0.88 13.13
CA GLY B 60 -3.14 0.04 13.40
C GLY B 60 -3.21 1.30 12.53
N VAL B 61 -2.11 1.62 11.84
CA VAL B 61 -1.98 2.80 10.95
C VAL B 61 -3.03 2.85 9.83
N SER B 62 -4.05 3.68 10.01
CA SER B 62 -5.17 3.95 9.10
C SER B 62 -5.90 5.23 9.52
N MET B 63 -6.59 5.88 8.59
CA MET B 63 -7.37 7.12 8.80
C MET B 63 -8.58 7.17 7.85
N SER B 64 -9.23 6.02 7.63
CA SER B 64 -10.36 5.86 6.70
C SER B 64 -11.57 5.10 7.27
N HIS B 65 -12.69 5.17 6.55
CA HIS B 65 -13.99 4.54 6.86
C HIS B 65 -14.62 3.94 5.58
N SER B 66 -15.70 3.18 5.73
CA SER B 66 -16.42 2.54 4.61
C SER B 66 -17.08 3.56 3.67
N THR B 67 -17.26 3.17 2.41
CA THR B 67 -17.93 3.97 1.36
C THR B 67 -19.46 4.00 1.56
N ALA B 68 -20.02 2.97 2.21
CA ALA B 68 -21.44 2.85 2.51
C ALA B 68 -21.88 3.70 3.73
N GLU B 69 -23.17 3.96 3.86
CA GLU B 69 -23.75 4.72 4.98
C GLU B 69 -23.77 3.87 6.29
N PRO B 70 -23.39 4.43 7.45
CA PRO B 70 -23.38 3.71 8.74
C PRO B 70 -24.73 3.05 9.10
N ALA A 1 -24.24 16.03 -7.86
CA ALA A 1 -24.30 16.07 -6.40
C ALA A 1 -23.35 17.12 -5.79
N THR A 2 -23.59 17.51 -4.53
CA THR A 2 -22.79 18.50 -3.79
C THR A 2 -21.41 17.97 -3.35
N GLY A 3 -21.31 16.66 -3.10
CA GLY A 3 -20.06 15.98 -2.69
C GLY A 3 -19.05 15.76 -3.84
N PRO A 4 -17.83 15.29 -3.50
CA PRO A 4 -16.77 15.02 -4.48
C PRO A 4 -17.08 13.81 -5.37
N THR A 5 -16.34 13.68 -6.49
CA THR A 5 -16.47 12.56 -7.46
C THR A 5 -16.00 11.21 -6.89
N ALA A 6 -15.16 11.23 -5.85
CA ALA A 6 -14.64 10.08 -5.12
C ALA A 6 -14.55 10.41 -3.62
N ASP A 7 -14.88 9.46 -2.75
CA ASP A 7 -14.83 9.66 -1.30
C ASP A 7 -13.38 9.81 -0.78
N PRO A 8 -13.08 10.82 0.07
CA PRO A 8 -11.72 11.09 0.55
C PRO A 8 -11.14 9.97 1.42
N GLU A 9 -11.95 9.27 2.22
CA GLU A 9 -11.45 8.16 3.06
C GLU A 9 -11.17 6.91 2.21
N LYS A 10 -11.92 6.71 1.13
CA LYS A 10 -11.69 5.64 0.14
C LYS A 10 -10.35 5.92 -0.56
N ARG A 11 -10.12 7.18 -0.95
CA ARG A 11 -8.86 7.66 -1.55
C ARG A 11 -7.70 7.46 -0.56
N LYS A 12 -7.86 7.78 0.73
CA LYS A 12 -6.87 7.51 1.76
C LYS A 12 -6.54 6.01 1.85
N LEU A 13 -7.52 5.11 1.84
CA LEU A 13 -7.25 3.66 1.88
C LEU A 13 -6.48 3.20 0.64
N ILE A 14 -6.94 3.46 -0.59
CA ILE A 14 -6.17 3.03 -1.80
C ILE A 14 -4.77 3.66 -1.88
N GLN A 15 -4.59 4.88 -1.37
CA GLN A 15 -3.28 5.55 -1.30
C GLN A 15 -2.39 4.91 -0.22
N GLN A 16 -2.96 4.54 0.94
CA GLN A 16 -2.25 3.86 2.03
C GLN A 16 -1.97 2.39 1.67
N GLN A 17 -2.85 1.73 0.90
CA GLN A 17 -2.65 0.38 0.38
C GLN A 17 -1.35 0.36 -0.43
N LEU A 18 -1.20 1.31 -1.38
CA LEU A 18 0.01 1.42 -2.19
C LEU A 18 1.25 1.56 -1.31
N VAL A 19 1.29 2.56 -0.41
CA VAL A 19 2.47 2.80 0.43
C VAL A 19 2.85 1.61 1.32
N LEU A 20 1.86 0.86 1.82
CA LEU A 20 2.09 -0.31 2.68
C LEU A 20 2.42 -1.59 1.87
N LEU A 21 1.81 -1.76 0.68
CA LEU A 21 2.13 -2.85 -0.25
C LEU A 21 3.56 -2.69 -0.72
N LEU A 22 3.92 -1.53 -1.27
CA LEU A 22 5.27 -1.24 -1.77
C LEU A 22 6.31 -1.35 -0.64
N HIS A 23 5.97 -0.95 0.59
CA HIS A 23 6.83 -1.19 1.75
C HIS A 23 7.07 -2.69 1.93
N ALA A 24 6.00 -3.49 2.06
CA ALA A 24 6.08 -4.95 2.25
C ALA A 24 6.88 -5.66 1.14
N HIS A 25 6.76 -5.22 -0.11
CA HIS A 25 7.53 -5.76 -1.25
C HIS A 25 9.03 -5.50 -1.09
N LYS A 26 9.44 -4.28 -0.69
CA LYS A 26 10.84 -3.91 -0.45
C LYS A 26 11.40 -4.57 0.82
N CYS A 27 10.61 -4.62 1.89
CA CYS A 27 10.93 -5.19 3.21
C CYS A 27 11.44 -6.64 3.12
N GLN A 28 10.66 -7.54 2.49
CA GLN A 28 11.07 -8.95 2.33
C GLN A 28 12.14 -9.16 1.23
N ARG A 29 12.41 -8.16 0.39
CA ARG A 29 13.40 -8.21 -0.70
C ARG A 29 14.81 -7.76 -0.28
N ARG A 30 14.94 -6.72 0.56
CA ARG A 30 16.25 -6.16 0.98
C ARG A 30 17.14 -7.07 1.83
N GLU A 31 16.59 -8.14 2.41
CA GLU A 31 17.31 -9.11 3.24
C GLU A 31 18.42 -9.89 2.48
N GLN A 32 18.37 -9.90 1.13
CA GLN A 32 19.39 -10.55 0.29
C GLN A 32 20.57 -9.62 -0.02
N ALA A 33 20.41 -8.31 0.21
CA ALA A 33 21.40 -7.25 -0.05
C ALA A 33 22.01 -6.62 1.22
N ASN A 34 21.46 -6.91 2.40
CA ASN A 34 21.89 -6.37 3.70
C ASN A 34 22.02 -7.48 4.76
N GLY A 35 23.00 -7.35 5.66
CA GLY A 35 23.21 -8.31 6.76
C GLY A 35 22.15 -8.23 7.87
N GLU A 36 21.44 -7.09 7.95
CA GLU A 36 20.36 -6.80 8.91
C GLU A 36 19.24 -5.99 8.23
N VAL A 37 18.06 -5.95 8.86
CA VAL A 37 16.87 -5.20 8.40
C VAL A 37 16.27 -4.43 9.60
N ARG A 38 15.90 -3.16 9.39
CA ARG A 38 15.31 -2.28 10.43
C ARG A 38 13.82 -2.55 10.68
N ALA A 39 13.31 -2.07 11.82
CA ALA A 39 11.90 -2.22 12.21
C ALA A 39 10.98 -1.32 11.37
N CYS A 40 9.94 -1.91 10.77
CA CYS A 40 8.98 -1.27 9.88
C CYS A 40 8.25 -0.04 10.48
N SER A 41 7.98 0.96 9.63
CA SER A 41 7.21 2.17 10.00
C SER A 41 5.69 1.93 10.04
N LEU A 42 5.22 0.82 9.45
CA LEU A 42 3.82 0.43 9.31
C LEU A 42 3.60 -0.98 9.92
N PRO A 43 2.68 -1.16 10.90
CA PRO A 43 2.48 -2.45 11.60
C PRO A 43 1.77 -3.56 10.80
N HIS A 44 0.99 -3.21 9.76
CA HIS A 44 0.25 -4.18 8.93
C HIS A 44 1.11 -5.07 8.02
N CYS A 45 2.40 -4.75 7.90
CA CYS A 45 3.42 -5.46 7.09
C CYS A 45 3.33 -7.00 7.24
N ARG A 46 3.33 -7.52 8.47
CA ARG A 46 3.22 -8.97 8.74
C ARG A 46 1.97 -9.64 8.18
N THR A 47 0.82 -8.96 8.25
CA THR A 47 -0.47 -9.48 7.74
C THR A 47 -0.49 -9.44 6.21
N MET A 48 0.03 -8.36 5.61
CA MET A 48 0.08 -8.21 4.15
C MET A 48 1.14 -9.12 3.49
N LYS A 49 2.29 -9.36 4.13
CA LYS A 49 3.35 -10.25 3.60
C LYS A 49 2.84 -11.68 3.31
N ASN A 50 1.88 -12.18 4.09
CA ASN A 50 1.25 -13.48 3.87
C ASN A 50 0.40 -13.47 2.57
N VAL A 51 -0.23 -12.33 2.23
CA VAL A 51 -0.98 -12.13 0.98
C VAL A 51 0.02 -12.03 -0.18
N LEU A 52 1.13 -11.32 -0.01
CA LEU A 52 2.17 -11.19 -1.04
C LEU A 52 2.72 -12.56 -1.44
N ASN A 53 3.04 -13.41 -0.46
CA ASN A 53 3.57 -14.75 -0.70
C ASN A 53 2.60 -15.66 -1.50
N HIS A 54 1.28 -15.44 -1.39
CA HIS A 54 0.30 -16.10 -2.26
C HIS A 54 0.34 -15.45 -3.66
N MET A 55 0.25 -14.11 -3.69
CA MET A 55 0.17 -13.30 -4.91
C MET A 55 1.36 -13.43 -5.87
N THR A 56 2.60 -13.67 -5.41
CA THR A 56 3.74 -13.86 -6.34
C THR A 56 3.56 -15.08 -7.28
N HIS A 57 2.66 -16.01 -6.91
CA HIS A 57 2.31 -17.23 -7.66
C HIS A 57 0.90 -17.17 -8.29
N CYS A 58 0.22 -16.03 -8.23
CA CYS A 58 -1.15 -15.79 -8.71
C CYS A 58 -1.19 -14.68 -9.79
N GLN A 59 -1.78 -14.98 -10.95
CA GLN A 59 -1.95 -14.03 -12.07
C GLN A 59 -3.31 -14.14 -12.79
N ALA A 60 -4.27 -14.86 -12.20
CA ALA A 60 -5.59 -15.12 -12.77
C ALA A 60 -6.59 -13.94 -12.68
N GLY A 61 -6.20 -12.81 -12.07
CA GLY A 61 -7.04 -11.61 -11.93
C GLY A 61 -8.35 -11.87 -11.19
N LYS A 62 -9.48 -11.50 -11.81
CA LYS A 62 -10.85 -11.65 -11.25
C LYS A 62 -11.26 -13.08 -10.90
N ALA A 63 -10.56 -14.10 -11.40
CA ALA A 63 -10.86 -15.50 -11.10
C ALA A 63 -10.47 -15.90 -9.66
N CYS A 64 -9.47 -15.23 -9.06
CA CYS A 64 -9.04 -15.48 -7.67
C CYS A 64 -10.09 -14.90 -6.69
N GLN A 65 -10.52 -15.73 -5.74
CA GLN A 65 -11.55 -15.39 -4.75
C GLN A 65 -10.99 -14.92 -3.39
N VAL A 66 -9.67 -14.74 -3.27
CA VAL A 66 -9.01 -14.28 -2.04
C VAL A 66 -9.24 -12.77 -1.88
N ALA A 67 -9.83 -12.38 -0.74
CA ALA A 67 -10.22 -11.02 -0.39
C ALA A 67 -9.17 -9.94 -0.70
N HIS A 68 -7.96 -10.10 -0.16
CA HIS A 68 -6.86 -9.13 -0.31
C HIS A 68 -6.07 -9.24 -1.63
N CYS A 69 -6.10 -10.38 -2.34
CA CYS A 69 -5.39 -10.60 -3.59
C CYS A 69 -5.93 -9.71 -4.72
N ALA A 70 -7.24 -9.80 -4.99
CA ALA A 70 -7.92 -9.04 -6.04
C ALA A 70 -7.79 -7.51 -5.91
N SER A 71 -7.93 -6.95 -4.69
CA SER A 71 -7.81 -5.51 -4.47
C SER A 71 -6.36 -5.02 -4.52
N SER A 72 -5.41 -5.76 -3.95
CA SER A 72 -3.98 -5.40 -4.00
C SER A 72 -3.44 -5.43 -5.43
N ARG A 73 -3.85 -6.42 -6.23
CA ARG A 73 -3.47 -6.54 -7.64
C ARG A 73 -3.93 -5.34 -8.47
N GLN A 74 -5.08 -4.73 -8.15
CA GLN A 74 -5.59 -3.53 -8.84
C GLN A 74 -4.61 -2.35 -8.66
N ILE A 75 -4.16 -2.10 -7.42
CA ILE A 75 -3.19 -1.04 -7.07
C ILE A 75 -1.92 -1.17 -7.92
N ILE A 76 -1.33 -2.37 -7.94
CA ILE A 76 -0.08 -2.65 -8.68
C ILE A 76 -0.29 -2.58 -10.20
N SER A 77 -1.41 -3.11 -10.72
CA SER A 77 -1.72 -3.05 -12.16
C SER A 77 -1.82 -1.60 -12.65
N HIS A 78 -2.45 -0.70 -11.87
CA HIS A 78 -2.51 0.72 -12.20
C HIS A 78 -1.09 1.32 -12.22
N TRP A 79 -0.30 1.05 -11.17
CA TRP A 79 1.08 1.53 -11.02
C TRP A 79 2.01 1.17 -12.20
N LYS A 80 1.84 -0.04 -12.76
CA LYS A 80 2.60 -0.56 -13.90
C LYS A 80 2.24 0.07 -15.25
N ASN A 81 1.11 0.79 -15.35
CA ASN A 81 0.61 1.35 -16.62
C ASN A 81 0.40 2.88 -16.64
N CYS A 82 0.14 3.53 -15.49
CA CYS A 82 -0.10 4.97 -15.41
C CYS A 82 1.19 5.80 -15.66
N THR A 83 1.10 6.75 -16.59
CA THR A 83 2.18 7.66 -17.02
C THR A 83 1.87 9.14 -16.75
N ARG A 84 0.69 9.45 -16.22
CA ARG A 84 0.20 10.80 -15.90
C ARG A 84 0.92 11.37 -14.66
N HIS A 85 1.60 12.51 -14.82
CA HIS A 85 2.33 13.18 -13.73
C HIS A 85 1.43 13.85 -12.68
N ASP A 86 0.15 14.06 -13.00
CA ASP A 86 -0.87 14.73 -12.18
C ASP A 86 -2.05 13.82 -11.74
N CYS A 87 -1.88 12.49 -11.79
CA CYS A 87 -2.93 11.53 -11.38
C CYS A 87 -3.20 11.69 -9.86
N PRO A 88 -4.47 11.77 -9.40
CA PRO A 88 -4.79 12.05 -7.99
C PRO A 88 -4.20 11.08 -6.96
N VAL A 89 -4.04 9.79 -7.30
CA VAL A 89 -3.44 8.79 -6.39
C VAL A 89 -1.92 8.70 -6.58
N CYS A 90 -1.39 8.86 -7.80
CA CYS A 90 0.04 8.78 -8.09
C CYS A 90 0.84 10.02 -7.62
N LEU A 91 0.31 11.23 -7.83
CA LEU A 91 0.92 12.52 -7.49
C LEU A 91 1.43 12.63 -6.03
N PRO A 92 0.64 12.34 -4.97
CA PRO A 92 1.14 12.45 -3.60
C PRO A 92 2.29 11.47 -3.30
N LEU A 93 2.28 10.27 -3.89
CA LEU A 93 3.37 9.30 -3.74
C LEU A 93 4.62 9.75 -4.49
N LYS A 94 4.47 10.23 -5.73
CA LYS A 94 5.51 10.76 -6.62
C LYS A 94 6.36 11.85 -5.93
N ASN A 95 5.76 12.68 -5.08
CA ASN A 95 6.46 13.73 -4.34
C ASN A 95 7.52 13.20 -3.34
N ALA A 96 7.37 11.97 -2.81
CA ALA A 96 8.35 11.36 -1.91
C ALA A 96 9.45 10.55 -2.66
N SER A 97 9.35 10.43 -3.99
CA SER A 97 10.36 9.79 -4.85
C SER A 97 11.49 10.77 -5.23
N ASP A 98 11.45 12.01 -4.73
CA ASP A 98 12.42 13.09 -4.93
C ASP A 98 12.63 13.92 -3.64
N LYS A 99 13.59 14.85 -3.64
CA LYS A 99 13.95 15.71 -2.48
C LYS A 99 12.89 16.73 -2.01
N ARG A 100 11.75 16.85 -2.71
CA ARG A 100 10.62 17.73 -2.42
C ARG A 100 9.29 16.96 -2.58
N GLY B 1 11.49 -3.37 22.33
CA GLY B 1 12.70 -2.95 23.04
C GLY B 1 12.52 -1.67 23.89
N SER B 2 13.59 -1.23 24.54
CA SER B 2 13.61 -0.04 25.41
C SER B 2 13.36 1.26 24.63
N HIS B 3 12.67 2.22 25.25
CA HIS B 3 12.33 3.53 24.68
C HIS B 3 12.24 4.63 25.77
N MET B 4 12.17 5.88 25.34
CA MET B 4 12.00 7.05 26.22
C MET B 4 10.60 7.09 26.84
N LYS B 5 10.49 7.46 28.12
CA LYS B 5 9.20 7.54 28.86
C LYS B 5 8.43 8.85 28.62
N SER B 6 9.12 9.93 28.26
CA SER B 6 8.55 11.26 27.96
C SER B 6 7.77 11.29 26.64
N THR B 7 6.89 12.28 26.49
CA THR B 7 6.05 12.49 25.29
C THR B 7 5.93 13.98 24.92
N GLN B 8 5.41 14.28 23.73
CA GLN B 8 5.20 15.63 23.18
C GLN B 8 3.83 15.74 22.48
N ALA B 9 3.29 16.97 22.42
CA ALA B 9 2.00 17.26 21.77
C ALA B 9 2.15 17.48 20.25
N GLY B 10 1.12 17.11 19.48
CA GLY B 10 1.09 17.25 18.02
C GLY B 10 -0.05 16.46 17.36
N GLU B 11 -0.18 16.58 16.04
CA GLU B 11 -1.19 15.90 15.22
C GLU B 11 -0.58 15.31 13.94
N GLY B 12 -0.57 13.97 13.84
CA GLY B 12 -0.06 13.23 12.69
C GLY B 12 -1.03 13.22 11.51
N THR B 13 -0.52 12.87 10.33
CA THR B 13 -1.21 12.80 9.05
C THR B 13 -0.78 11.62 8.19
N LEU B 14 -1.64 11.20 7.27
CA LEU B 14 -1.36 10.16 6.28
C LEU B 14 -0.26 10.64 5.31
N SER B 15 -0.21 11.94 5.01
CA SER B 15 0.86 12.53 4.18
C SER B 15 2.22 12.40 4.88
N GLU B 16 2.30 12.57 6.21
CA GLU B 16 3.53 12.35 6.99
C GLU B 16 3.93 10.87 6.96
N ALA B 17 2.96 9.95 7.03
CA ALA B 17 3.18 8.51 6.94
C ALA B 17 3.81 8.07 5.60
N LEU B 18 3.61 8.85 4.53
CA LEU B 18 4.20 8.62 3.21
C LEU B 18 5.55 9.36 3.07
N LEU B 19 5.62 10.64 3.47
CA LEU B 19 6.82 11.48 3.36
C LEU B 19 8.01 11.00 4.23
N HIS B 20 7.77 10.37 5.38
CA HIS B 20 8.83 9.91 6.30
C HIS B 20 9.41 8.50 6.00
N LEU B 21 9.00 7.86 4.90
CA LEU B 21 9.34 6.48 4.53
C LEU B 21 10.09 6.39 3.17
N GLN B 22 11.03 5.44 3.05
CA GLN B 22 11.80 5.18 1.83
C GLN B 22 10.97 4.37 0.83
N PHE B 23 10.87 4.83 -0.42
CA PHE B 23 10.06 4.21 -1.48
C PHE B 23 10.89 3.30 -2.42
N ASP B 24 10.23 2.70 -3.41
CA ASP B 24 10.76 1.74 -4.40
C ASP B 24 11.73 2.34 -5.46
N ALA B 25 12.80 3.01 -5.00
CA ALA B 25 13.81 3.64 -5.85
C ALA B 25 14.97 2.69 -6.25
N ASP B 26 15.39 1.79 -5.36
CA ASP B 26 16.51 0.86 -5.59
C ASP B 26 16.11 -0.48 -6.26
N GLU B 27 14.88 -0.94 -6.05
CA GLU B 27 14.27 -2.16 -6.60
C GLU B 27 12.76 -1.94 -6.77
N ASP B 28 12.08 -2.74 -7.60
CA ASP B 28 10.62 -2.64 -7.81
C ASP B 28 9.94 -4.00 -8.10
N LEU B 29 8.62 -4.03 -7.91
CA LEU B 29 7.75 -5.21 -8.04
C LEU B 29 7.13 -5.49 -9.43
N GLY B 30 7.55 -4.81 -10.50
CA GLY B 30 6.96 -4.94 -11.84
C GLY B 30 6.70 -6.37 -12.36
N ALA B 31 7.61 -7.32 -12.07
CA ALA B 31 7.48 -8.72 -12.48
C ALA B 31 6.76 -9.64 -11.46
N LEU B 32 6.46 -9.16 -10.25
CA LEU B 32 5.84 -9.95 -9.17
C LEU B 32 4.36 -10.30 -9.44
N LEU B 33 3.63 -9.49 -10.23
CA LEU B 33 2.25 -9.81 -10.62
C LEU B 33 2.17 -11.04 -11.56
N GLY B 34 3.32 -11.54 -12.05
CA GLY B 34 3.43 -12.66 -12.98
C GLY B 34 3.84 -12.23 -14.39
N ASN B 35 3.91 -13.19 -15.32
CA ASN B 35 4.27 -12.96 -16.73
C ASN B 35 3.13 -12.29 -17.52
N SER B 36 1.89 -12.40 -17.06
CA SER B 36 0.68 -11.83 -17.67
C SER B 36 -0.23 -11.16 -16.61
N THR B 37 -1.13 -10.28 -17.07
CA THR B 37 -2.13 -9.58 -16.23
C THR B 37 -3.52 -9.62 -16.86
N ASP B 38 -4.53 -9.09 -16.15
CA ASP B 38 -5.94 -9.09 -16.56
C ASP B 38 -6.50 -7.67 -16.78
N PRO B 39 -6.38 -7.06 -17.98
CA PRO B 39 -6.92 -5.73 -18.28
C PRO B 39 -8.41 -5.54 -17.98
N GLY B 40 -9.19 -6.63 -17.87
CA GLY B 40 -10.59 -6.57 -17.45
C GLY B 40 -10.78 -6.09 -15.99
N VAL B 41 -9.71 -6.14 -15.18
CA VAL B 41 -9.66 -5.65 -13.78
C VAL B 41 -9.08 -4.22 -13.70
N PHE B 42 -8.80 -3.57 -14.83
CA PHE B 42 -8.28 -2.19 -14.92
C PHE B 42 -9.42 -1.17 -14.72
N THR B 43 -10.15 -1.31 -13.61
CA THR B 43 -11.27 -0.45 -13.19
C THR B 43 -10.77 0.85 -12.54
N ASP B 44 -11.68 1.79 -12.26
CA ASP B 44 -11.37 3.04 -11.58
C ASP B 44 -10.98 2.77 -10.11
N LEU B 45 -9.91 3.40 -9.63
CA LEU B 45 -9.42 3.23 -8.26
C LEU B 45 -10.46 3.58 -7.18
N ALA B 46 -11.37 4.53 -7.43
CA ALA B 46 -12.46 4.87 -6.50
C ALA B 46 -13.55 3.78 -6.42
N SER B 47 -13.53 2.79 -7.33
CA SER B 47 -14.47 1.65 -7.41
C SER B 47 -13.84 0.32 -6.97
N VAL B 48 -12.64 0.33 -6.40
CA VAL B 48 -11.90 -0.85 -5.91
C VAL B 48 -12.68 -1.62 -4.83
N ASP B 49 -12.69 -2.95 -4.91
CA ASP B 49 -13.38 -3.83 -3.95
C ASP B 49 -12.44 -4.24 -2.79
N ASN B 50 -12.10 -3.28 -1.94
CA ASN B 50 -11.20 -3.44 -0.77
C ASN B 50 -11.93 -3.58 0.58
N SER B 51 -13.23 -3.90 0.59
CA SER B 51 -14.09 -4.02 1.77
C SER B 51 -13.53 -4.84 2.95
N GLU B 52 -12.69 -5.85 2.68
CA GLU B 52 -12.03 -6.68 3.71
C GLU B 52 -10.68 -6.09 4.15
N PHE B 53 -9.97 -5.40 3.25
CA PHE B 53 -8.67 -4.78 3.52
C PHE B 53 -8.81 -3.57 4.46
N GLN B 54 -9.97 -2.89 4.44
CA GLN B 54 -10.25 -1.74 5.32
C GLN B 54 -10.06 -2.10 6.80
N GLN B 55 -10.55 -3.27 7.23
CA GLN B 55 -10.46 -3.74 8.62
C GLN B 55 -9.07 -4.28 8.99
N LEU B 56 -8.31 -4.80 8.02
CA LEU B 56 -6.92 -5.24 8.25
C LEU B 56 -6.07 -3.99 8.57
N LEU B 57 -6.19 -2.95 7.75
CA LEU B 57 -5.49 -1.67 7.94
C LEU B 57 -6.08 -0.77 9.05
N ASN B 58 -7.23 -1.12 9.64
CA ASN B 58 -7.83 -0.39 10.77
C ASN B 58 -7.12 -0.74 12.11
N GLN B 59 -6.54 -1.94 12.19
CA GLN B 59 -5.85 -2.50 13.36
C GLN B 59 -4.39 -2.04 13.49
N GLY B 60 -4.14 -0.72 13.40
CA GLY B 60 -2.80 -0.14 13.49
C GLY B 60 -2.73 1.33 13.04
N VAL B 61 -1.74 1.68 12.20
CA VAL B 61 -1.52 3.03 11.67
C VAL B 61 -2.74 3.59 10.93
N SER B 62 -3.03 4.88 11.10
CA SER B 62 -4.15 5.60 10.48
C SER B 62 -3.80 7.09 10.27
N MET B 63 -4.69 7.84 9.62
CA MET B 63 -4.55 9.28 9.34
C MET B 63 -4.20 10.08 10.60
N SER B 64 -5.02 9.97 11.65
CA SER B 64 -4.81 10.67 12.93
C SER B 64 -4.02 9.79 13.91
N HIS B 65 -2.85 10.26 14.33
CA HIS B 65 -1.95 9.59 15.28
C HIS B 65 -1.08 10.61 16.05
N SER B 66 -0.48 10.19 17.16
CA SER B 66 0.37 11.06 18.01
C SER B 66 1.74 11.33 17.37
N THR B 67 2.22 12.57 17.50
CA THR B 67 3.54 13.04 17.01
C THR B 67 3.98 14.31 17.78
N ALA B 68 5.20 14.79 17.56
CA ALA B 68 5.79 15.95 18.23
C ALA B 68 5.62 17.31 17.50
N GLU B 69 4.79 17.37 16.45
CA GLU B 69 4.53 18.60 15.65
C GLU B 69 3.03 18.82 15.38
N PRO B 70 2.55 20.08 15.30
CA PRO B 70 1.13 20.38 15.05
C PRO B 70 0.65 19.94 13.66
N ALA A 1 -29.59 6.50 -7.22
CA ALA A 1 -29.46 7.91 -6.86
C ALA A 1 -28.12 8.54 -7.33
N THR A 2 -28.08 9.87 -7.39
CA THR A 2 -26.88 10.65 -7.79
C THR A 2 -25.84 10.78 -6.67
N GLY A 3 -24.60 11.06 -7.03
CA GLY A 3 -23.47 11.24 -6.10
C GLY A 3 -22.17 11.70 -6.78
N PRO A 4 -21.11 11.97 -5.99
CA PRO A 4 -19.81 12.43 -6.50
C PRO A 4 -19.02 11.32 -7.22
N THR A 5 -18.05 11.72 -8.04
CA THR A 5 -17.16 10.82 -8.81
C THR A 5 -16.05 10.18 -7.96
N ALA A 6 -15.77 10.74 -6.78
CA ALA A 6 -14.76 10.28 -5.82
C ALA A 6 -15.26 10.40 -4.37
N ASP A 7 -14.62 9.67 -3.45
CA ASP A 7 -14.92 9.66 -2.01
C ASP A 7 -13.61 9.68 -1.19
N PRO A 8 -13.48 10.53 -0.16
CA PRO A 8 -12.25 10.69 0.63
C PRO A 8 -11.86 9.44 1.44
N GLU A 9 -12.82 8.69 1.97
CA GLU A 9 -12.50 7.46 2.72
C GLU A 9 -12.02 6.36 1.77
N LYS A 10 -12.60 6.27 0.57
CA LYS A 10 -12.12 5.34 -0.47
C LYS A 10 -10.72 5.74 -0.91
N ARG A 11 -10.46 7.05 -1.11
CA ARG A 11 -9.15 7.61 -1.49
C ARG A 11 -8.10 7.26 -0.44
N LYS A 12 -8.41 7.43 0.85
CA LYS A 12 -7.45 7.12 1.91
C LYS A 12 -7.14 5.62 2.00
N LEU A 13 -8.12 4.71 1.84
CA LEU A 13 -7.81 3.26 1.86
C LEU A 13 -7.01 2.83 0.61
N ILE A 14 -7.37 3.27 -0.61
CA ILE A 14 -6.58 2.92 -1.81
C ILE A 14 -5.16 3.51 -1.76
N GLN A 15 -4.97 4.72 -1.23
CA GLN A 15 -3.64 5.32 -1.10
C GLN A 15 -2.84 4.71 0.07
N GLN A 16 -3.49 4.40 1.20
CA GLN A 16 -2.85 3.74 2.35
C GLN A 16 -2.46 2.31 1.99
N GLN A 17 -3.32 1.56 1.30
CA GLN A 17 -2.99 0.20 0.89
C GLN A 17 -1.86 0.23 -0.14
N LEU A 18 -1.85 1.20 -1.06
CA LEU A 18 -0.76 1.35 -2.06
C LEU A 18 0.58 1.51 -1.36
N VAL A 19 0.75 2.53 -0.50
CA VAL A 19 2.03 2.75 0.19
C VAL A 19 2.41 1.59 1.10
N LEU A 20 1.44 0.95 1.75
CA LEU A 20 1.67 -0.20 2.63
C LEU A 20 2.02 -1.48 1.86
N LEU A 21 1.45 -1.68 0.66
CA LEU A 21 1.78 -2.80 -0.23
C LEU A 21 3.20 -2.61 -0.75
N LEU A 22 3.51 -1.46 -1.34
CA LEU A 22 4.86 -1.19 -1.85
C LEU A 22 5.89 -1.28 -0.72
N HIS A 23 5.55 -0.89 0.52
CA HIS A 23 6.40 -1.13 1.68
C HIS A 23 6.58 -2.64 1.92
N ALA A 24 5.49 -3.42 2.06
CA ALA A 24 5.56 -4.87 2.31
C ALA A 24 6.38 -5.63 1.24
N HIS A 25 6.27 -5.25 -0.04
CA HIS A 25 7.06 -5.84 -1.14
C HIS A 25 8.57 -5.59 -0.99
N LYS A 26 8.96 -4.47 -0.35
CA LYS A 26 10.35 -4.11 -0.06
C LYS A 26 10.80 -4.74 1.27
N CYS A 27 9.91 -4.81 2.27
CA CYS A 27 10.13 -5.39 3.60
C CYS A 27 10.45 -6.89 3.51
N GLN A 28 9.68 -7.66 2.73
CA GLN A 28 9.94 -9.09 2.51
C GLN A 28 11.26 -9.37 1.78
N ARG A 29 11.76 -8.37 1.02
CA ARG A 29 12.98 -8.43 0.21
C ARG A 29 14.24 -7.97 0.95
N ARG A 30 14.17 -6.89 1.72
CA ARG A 30 15.32 -6.35 2.49
C ARG A 30 15.81 -7.28 3.59
N GLU A 31 14.93 -8.09 4.19
CA GLU A 31 15.30 -9.05 5.24
C GLU A 31 16.17 -10.21 4.72
N GLN A 32 16.02 -10.60 3.45
CA GLN A 32 16.86 -11.62 2.81
C GLN A 32 18.11 -11.01 2.13
N ALA A 33 18.06 -9.72 1.78
CA ALA A 33 19.14 -8.97 1.14
C ALA A 33 20.22 -8.45 2.10
N ASN A 34 19.93 -8.37 3.41
CA ASN A 34 20.83 -7.85 4.46
C ASN A 34 20.93 -8.82 5.66
N GLY A 35 22.03 -8.74 6.42
CA GLY A 35 22.23 -9.56 7.63
C GLY A 35 21.36 -9.10 8.82
N GLU A 36 21.08 -7.79 8.90
CA GLU A 36 20.24 -7.14 9.92
C GLU A 36 19.43 -5.99 9.29
N VAL A 37 18.20 -5.77 9.75
CA VAL A 37 17.27 -4.73 9.27
C VAL A 37 16.55 -4.03 10.43
N ARG A 38 16.18 -2.75 10.26
CA ARG A 38 15.45 -1.96 11.27
C ARG A 38 13.94 -2.19 11.22
N ALA A 39 13.25 -1.92 12.33
CA ALA A 39 11.80 -2.05 12.45
C ALA A 39 11.07 -0.94 11.66
N CYS A 40 10.20 -1.34 10.74
CA CYS A 40 9.42 -0.45 9.87
C CYS A 40 8.27 0.28 10.60
N SER A 41 7.82 1.37 9.97
CA SER A 41 6.79 2.29 10.50
C SER A 41 5.34 1.91 10.19
N LEU A 42 5.11 0.78 9.50
CA LEU A 42 3.78 0.28 9.10
C LEU A 42 3.55 -1.15 9.64
N PRO A 43 3.12 -1.32 10.91
CA PRO A 43 2.93 -2.63 11.57
C PRO A 43 2.10 -3.70 10.83
N HIS A 44 1.26 -3.30 9.87
CA HIS A 44 0.40 -4.21 9.09
C HIS A 44 1.15 -5.10 8.10
N CYS A 45 2.45 -4.87 7.85
CA CYS A 45 3.24 -5.66 6.91
C CYS A 45 3.27 -7.16 7.28
N ARG A 46 3.16 -7.54 8.56
CA ARG A 46 3.07 -8.95 9.00
C ARG A 46 1.83 -9.66 8.45
N THR A 47 0.68 -8.98 8.45
CA THR A 47 -0.59 -9.50 7.94
C THR A 47 -0.63 -9.42 6.41
N MET A 48 -0.12 -8.34 5.82
CA MET A 48 -0.11 -8.15 4.37
C MET A 48 0.92 -9.06 3.65
N LYS A 49 2.10 -9.33 4.23
CA LYS A 49 3.11 -10.24 3.64
C LYS A 49 2.56 -11.64 3.38
N ASN A 50 1.61 -12.11 4.20
CA ASN A 50 0.92 -13.39 4.01
C ASN A 50 0.04 -13.37 2.74
N VAL A 51 -0.56 -12.22 2.39
CA VAL A 51 -1.31 -12.02 1.13
C VAL A 51 -0.33 -11.98 -0.04
N LEU A 52 0.82 -11.32 0.12
CA LEU A 52 1.84 -11.24 -0.94
C LEU A 52 2.33 -12.65 -1.31
N ASN A 53 2.55 -13.52 -0.33
CA ASN A 53 2.95 -14.92 -0.54
C ASN A 53 1.91 -15.70 -1.38
N HIS A 54 0.61 -15.42 -1.22
CA HIS A 54 -0.45 -16.01 -2.06
C HIS A 54 -0.39 -15.40 -3.47
N MET A 55 -0.30 -14.07 -3.55
CA MET A 55 -0.29 -13.31 -4.81
C MET A 55 0.90 -13.62 -5.73
N THR A 56 2.07 -14.04 -5.24
CA THR A 56 3.20 -14.40 -6.14
C THR A 56 2.83 -15.59 -7.07
N HIS A 57 1.81 -16.38 -6.70
CA HIS A 57 1.26 -17.52 -7.42
C HIS A 57 -0.14 -17.28 -8.02
N CYS A 58 -0.70 -16.06 -7.89
CA CYS A 58 -2.05 -15.70 -8.34
C CYS A 58 -2.06 -14.56 -9.38
N GLN A 59 -2.78 -14.77 -10.48
CA GLN A 59 -2.96 -13.82 -11.60
C GLN A 59 -4.35 -13.92 -12.25
N ALA A 60 -5.33 -14.47 -11.52
CA ALA A 60 -6.70 -14.74 -11.98
C ALA A 60 -7.63 -13.50 -12.07
N GLY A 61 -7.12 -12.28 -11.88
CA GLY A 61 -7.91 -11.05 -11.96
C GLY A 61 -9.05 -11.01 -10.94
N LYS A 62 -10.29 -10.85 -11.43
CA LYS A 62 -11.53 -10.81 -10.61
C LYS A 62 -12.05 -12.20 -10.21
N ALA A 63 -11.50 -13.29 -10.76
CA ALA A 63 -11.93 -14.64 -10.43
C ALA A 63 -11.49 -15.08 -9.01
N CYS A 64 -10.37 -14.55 -8.50
CA CYS A 64 -9.91 -14.81 -7.14
C CYS A 64 -10.86 -14.11 -6.15
N GLN A 65 -11.48 -14.89 -5.26
CA GLN A 65 -12.46 -14.40 -4.29
C GLN A 65 -11.83 -13.77 -3.03
N VAL A 66 -10.51 -13.64 -2.98
CA VAL A 66 -9.77 -13.03 -1.86
C VAL A 66 -9.71 -11.52 -2.08
N ALA A 67 -10.35 -10.80 -1.17
CA ALA A 67 -10.46 -9.34 -1.18
C ALA A 67 -9.09 -8.63 -1.29
N HIS A 68 -8.13 -9.07 -0.46
CA HIS A 68 -6.77 -8.52 -0.42
C HIS A 68 -5.98 -8.81 -1.70
N CYS A 69 -6.12 -10.00 -2.28
CA CYS A 69 -5.43 -10.41 -3.52
C CYS A 69 -5.89 -9.56 -4.71
N ALA A 70 -7.20 -9.55 -5.00
CA ALA A 70 -7.78 -8.79 -6.11
C ALA A 70 -7.57 -7.27 -6.00
N SER A 71 -7.77 -6.66 -4.83
CA SER A 71 -7.55 -5.21 -4.67
C SER A 71 -6.08 -4.81 -4.88
N SER A 72 -5.14 -5.61 -4.36
CA SER A 72 -3.70 -5.38 -4.54
C SER A 72 -3.30 -5.55 -6.01
N ARG A 73 -3.74 -6.63 -6.67
CA ARG A 73 -3.44 -6.90 -8.09
C ARG A 73 -3.96 -5.78 -9.00
N GLN A 74 -5.13 -5.21 -8.72
CA GLN A 74 -5.66 -4.06 -9.45
C GLN A 74 -4.68 -2.88 -9.30
N ILE A 75 -4.31 -2.54 -8.06
CA ILE A 75 -3.39 -1.44 -7.76
C ILE A 75 -2.05 -1.56 -8.48
N ILE A 76 -1.41 -2.74 -8.48
CA ILE A 76 -0.13 -2.93 -9.18
C ILE A 76 -0.32 -2.83 -10.70
N SER A 77 -1.40 -3.42 -11.25
CA SER A 77 -1.72 -3.34 -12.68
C SER A 77 -1.85 -1.88 -13.15
N HIS A 78 -2.53 -1.04 -12.36
CA HIS A 78 -2.65 0.39 -12.64
C HIS A 78 -1.27 1.08 -12.53
N TRP A 79 -0.50 0.78 -11.47
CA TRP A 79 0.85 1.35 -11.24
C TRP A 79 1.85 1.09 -12.38
N LYS A 80 1.78 -0.09 -12.98
CA LYS A 80 2.63 -0.52 -14.11
C LYS A 80 2.29 0.18 -15.44
N ASN A 81 1.19 0.95 -15.51
CA ASN A 81 0.72 1.63 -16.73
C ASN A 81 0.44 3.14 -16.61
N CYS A 82 0.07 3.66 -15.43
CA CYS A 82 -0.28 5.06 -15.22
C CYS A 82 0.94 6.02 -15.38
N THR A 83 0.71 7.18 -16.00
CA THR A 83 1.71 8.24 -16.29
C THR A 83 1.44 9.53 -15.50
N ARG A 84 2.46 10.39 -15.34
CA ARG A 84 2.35 11.66 -14.58
C ARG A 84 1.59 12.73 -15.38
N HIS A 85 0.26 12.67 -15.34
CA HIS A 85 -0.63 13.69 -15.92
C HIS A 85 -1.35 14.48 -14.82
N ASP A 86 -2.30 13.83 -14.12
CA ASP A 86 -3.09 14.40 -13.01
C ASP A 86 -3.89 13.36 -12.19
N CYS A 87 -3.54 12.06 -12.24
CA CYS A 87 -4.26 10.99 -11.53
C CYS A 87 -4.25 11.27 -9.99
N PRO A 88 -5.42 11.43 -9.32
CA PRO A 88 -5.48 11.89 -7.93
C PRO A 88 -4.80 11.00 -6.88
N VAL A 89 -4.73 9.69 -7.09
CA VAL A 89 -4.10 8.74 -6.14
C VAL A 89 -2.60 8.57 -6.42
N CYS A 90 -2.21 8.51 -7.70
CA CYS A 90 -0.84 8.29 -8.16
C CYS A 90 0.07 9.54 -8.11
N LEU A 91 -0.45 10.70 -8.50
CA LEU A 91 0.30 11.97 -8.61
C LEU A 91 1.19 12.31 -7.41
N PRO A 92 0.73 12.25 -6.14
CA PRO A 92 1.58 12.60 -5.01
C PRO A 92 2.72 11.59 -4.80
N LEU A 93 2.45 10.30 -4.96
CA LEU A 93 3.43 9.21 -4.78
C LEU A 93 4.51 9.18 -5.86
N LYS A 94 4.14 9.38 -7.13
CA LYS A 94 5.10 9.41 -8.25
C LYS A 94 6.05 10.61 -8.23
N ASN A 95 5.77 11.58 -7.35
CA ASN A 95 6.62 12.72 -7.02
C ASN A 95 7.45 12.43 -5.73
N ALA A 96 6.84 11.82 -4.70
CA ALA A 96 7.52 11.44 -3.45
C ALA A 96 8.63 10.38 -3.63
N SER A 97 8.57 9.61 -4.71
CA SER A 97 9.55 8.57 -5.06
C SER A 97 10.98 9.11 -5.28
N ASP A 98 11.13 10.39 -5.66
CA ASP A 98 12.44 11.03 -5.86
C ASP A 98 13.10 11.42 -4.52
N LYS A 99 14.30 10.88 -4.27
CA LYS A 99 15.09 11.16 -3.04
C LYS A 99 15.76 12.54 -3.04
N ARG A 100 15.89 13.20 -4.20
CA ARG A 100 16.50 14.54 -4.36
C ARG A 100 15.53 15.65 -3.92
N GLY B 1 6.92 5.20 21.21
CA GLY B 1 5.87 6.23 21.10
C GLY B 1 5.98 7.38 22.11
N SER B 2 6.92 7.29 23.07
CA SER B 2 7.17 8.31 24.11
C SER B 2 7.58 9.68 23.57
N HIS B 3 8.07 9.73 22.32
CA HIS B 3 8.45 10.94 21.60
C HIS B 3 7.24 11.81 21.17
N MET B 4 6.01 11.26 21.19
CA MET B 4 4.76 11.97 20.86
C MET B 4 4.26 12.81 22.04
N LYS B 5 5.07 13.78 22.48
CA LYS B 5 4.81 14.66 23.64
C LYS B 5 3.68 15.70 23.45
N SER B 6 3.10 15.79 22.26
CA SER B 6 1.98 16.68 21.91
C SER B 6 1.13 16.08 20.78
N THR B 7 -0.09 16.60 20.60
CA THR B 7 -1.06 16.16 19.57
C THR B 7 -2.06 17.28 19.25
N GLN B 8 -2.79 17.16 18.14
CA GLN B 8 -3.82 18.13 17.70
C GLN B 8 -5.05 17.44 17.05
N ALA B 9 -6.04 18.22 16.63
CA ALA B 9 -7.31 17.73 16.05
C ALA B 9 -7.18 16.95 14.73
N GLY B 10 -6.05 17.04 14.03
CA GLY B 10 -5.76 16.34 12.78
C GLY B 10 -4.35 16.59 12.27
N GLU B 11 -3.70 15.56 11.72
CA GLU B 11 -2.34 15.60 11.17
C GLU B 11 -2.19 14.54 10.05
N GLY B 12 -1.08 14.61 9.31
CA GLY B 12 -0.74 13.74 8.18
C GLY B 12 -0.35 12.30 8.58
N THR B 13 -1.26 11.57 9.22
CA THR B 13 -1.02 10.19 9.70
C THR B 13 -0.68 9.22 8.57
N LEU B 14 -1.42 9.30 7.46
CA LEU B 14 -1.19 8.50 6.26
C LEU B 14 -0.04 9.09 5.44
N SER B 15 -0.05 10.40 5.19
CA SER B 15 0.94 11.06 4.32
C SER B 15 2.40 11.01 4.80
N GLU B 16 2.65 10.56 6.02
CA GLU B 16 4.00 10.29 6.52
C GLU B 16 4.51 8.91 6.04
N ALA B 17 3.61 7.95 5.77
CA ALA B 17 3.89 6.59 5.29
C ALA B 17 4.90 6.54 4.11
N LEU B 18 4.77 7.52 3.22
CA LEU B 18 5.55 7.70 2.00
C LEU B 18 6.81 8.57 2.16
N LEU B 19 6.97 9.25 3.31
CA LEU B 19 8.09 10.14 3.62
C LEU B 19 9.04 9.59 4.69
N HIS B 20 8.61 8.64 5.53
CA HIS B 20 9.42 8.04 6.61
C HIS B 20 9.94 6.60 6.32
N LEU B 21 9.76 6.14 5.08
CA LEU B 21 10.20 4.84 4.54
C LEU B 21 10.72 5.03 3.10
N GLN B 22 11.64 4.17 2.65
CA GLN B 22 12.18 4.22 1.28
C GLN B 22 11.12 3.74 0.28
N PHE B 23 10.61 4.68 -0.54
CA PHE B 23 9.53 4.41 -1.51
C PHE B 23 10.04 3.69 -2.79
N ASP B 24 9.12 3.38 -3.69
CA ASP B 24 9.25 2.56 -4.92
C ASP B 24 10.33 2.90 -5.98
N ALA B 25 11.29 3.79 -5.71
CA ALA B 25 12.40 4.13 -6.61
C ALA B 25 13.72 3.42 -6.26
N ASP B 26 13.87 2.94 -5.01
CA ASP B 26 15.09 2.24 -4.56
C ASP B 26 15.19 0.80 -5.11
N GLU B 27 14.04 0.12 -5.19
CA GLU B 27 13.80 -1.23 -5.69
C GLU B 27 12.28 -1.33 -5.98
N ASP B 28 11.82 -2.30 -6.78
CA ASP B 28 10.40 -2.43 -7.15
C ASP B 28 9.92 -3.88 -7.37
N LEU B 29 8.61 -4.09 -7.17
CA LEU B 29 7.89 -5.38 -7.23
C LEU B 29 7.60 -5.99 -8.61
N GLY B 30 8.16 -5.46 -9.70
CA GLY B 30 7.96 -5.97 -11.06
C GLY B 30 8.30 -7.45 -11.24
N ALA B 31 9.20 -8.00 -10.42
CA ALA B 31 9.54 -9.44 -10.43
C ALA B 31 8.46 -10.34 -9.79
N LEU B 32 7.58 -9.78 -8.94
CA LEU B 32 6.47 -10.46 -8.28
C LEU B 32 5.22 -10.46 -9.17
N LEU B 33 4.89 -9.30 -9.76
CA LEU B 33 3.68 -9.13 -10.58
C LEU B 33 3.88 -9.42 -12.07
N GLY B 34 5.13 -9.59 -12.52
CA GLY B 34 5.52 -9.84 -13.91
C GLY B 34 5.58 -8.59 -14.79
N ASN B 35 5.82 -8.78 -16.09
CA ASN B 35 5.94 -7.68 -17.07
C ASN B 35 4.59 -6.97 -17.34
N SER B 36 3.52 -7.74 -17.53
CA SER B 36 2.16 -7.25 -17.80
C SER B 36 1.09 -8.09 -17.08
N THR B 37 0.12 -7.43 -16.46
CA THR B 37 -0.99 -8.06 -15.72
C THR B 37 -2.18 -8.37 -16.61
N ASP B 38 -3.08 -9.26 -16.17
CA ASP B 38 -4.33 -9.62 -16.84
C ASP B 38 -5.23 -8.38 -17.07
N PRO B 39 -5.47 -7.90 -18.31
CA PRO B 39 -6.33 -6.74 -18.58
C PRO B 39 -7.76 -6.84 -18.03
N GLY B 40 -8.25 -8.05 -17.72
CA GLY B 40 -9.54 -8.26 -17.06
C GLY B 40 -9.57 -7.64 -15.64
N VAL B 41 -8.41 -7.40 -15.03
CA VAL B 41 -8.24 -6.73 -13.72
C VAL B 41 -8.10 -5.21 -13.86
N PHE B 42 -7.95 -4.68 -15.08
CA PHE B 42 -7.77 -3.26 -15.33
C PHE B 42 -9.09 -2.48 -15.21
N THR B 43 -9.15 -1.55 -14.27
CA THR B 43 -10.29 -0.67 -13.98
C THR B 43 -9.80 0.60 -13.26
N ASP B 44 -10.71 1.52 -12.94
CA ASP B 44 -10.40 2.76 -12.24
C ASP B 44 -10.14 2.50 -10.74
N LEU B 45 -9.17 3.20 -10.15
CA LEU B 45 -8.81 3.10 -8.72
C LEU B 45 -10.02 3.38 -7.78
N ALA B 46 -10.98 4.19 -8.24
CA ALA B 46 -12.23 4.47 -7.51
C ALA B 46 -13.17 3.26 -7.39
N SER B 47 -12.94 2.19 -8.16
CA SER B 47 -13.75 0.95 -8.20
C SER B 47 -13.07 -0.26 -7.54
N VAL B 48 -11.94 -0.06 -6.87
CA VAL B 48 -11.14 -1.11 -6.19
C VAL B 48 -11.91 -1.75 -5.02
N ASP B 49 -12.09 -3.07 -5.05
CA ASP B 49 -12.82 -3.83 -4.02
C ASP B 49 -11.94 -4.15 -2.78
N ASN B 50 -11.61 -3.12 -2.00
CA ASN B 50 -10.72 -3.19 -0.83
C ASN B 50 -11.40 -3.08 0.55
N SER B 51 -12.73 -3.19 0.64
CA SER B 51 -13.47 -3.03 1.92
C SER B 51 -13.10 -4.00 3.04
N GLU B 52 -12.40 -5.10 2.74
CA GLU B 52 -11.88 -6.02 3.77
C GLU B 52 -10.47 -5.63 4.26
N PHE B 53 -9.71 -4.88 3.46
CA PHE B 53 -8.32 -4.47 3.75
C PHE B 53 -8.23 -3.64 5.04
N GLN B 54 -9.17 -2.70 5.22
CA GLN B 54 -9.25 -1.85 6.41
C GLN B 54 -9.37 -2.63 7.74
N GLN B 55 -9.79 -3.91 7.71
CA GLN B 55 -9.90 -4.75 8.90
C GLN B 55 -8.53 -5.08 9.51
N LEU B 56 -7.50 -5.28 8.68
CA LEU B 56 -6.13 -5.51 9.17
C LEU B 56 -5.39 -4.19 9.46
N LEU B 57 -5.76 -3.09 8.82
CA LEU B 57 -5.15 -1.76 9.03
C LEU B 57 -5.71 -1.03 10.26
N ASN B 58 -6.82 -1.52 10.84
CA ASN B 58 -7.45 -0.98 12.06
C ASN B 58 -6.48 -0.98 13.28
N GLN B 59 -5.41 -1.79 13.21
CA GLN B 59 -4.33 -1.88 14.21
C GLN B 59 -3.50 -0.57 14.33
N GLY B 60 -3.58 0.34 13.34
CA GLY B 60 -2.92 1.66 13.32
C GLY B 60 -1.44 1.66 12.85
N VAL B 61 -1.01 2.78 12.24
CA VAL B 61 0.34 3.02 11.73
C VAL B 61 1.20 3.80 12.74
N SER B 62 2.54 3.66 12.66
CA SER B 62 3.48 4.32 13.58
C SER B 62 3.97 5.68 13.03
N MET B 63 3.15 6.73 13.17
CA MET B 63 3.43 8.09 12.74
C MET B 63 3.53 9.01 13.97
N SER B 64 4.61 9.80 14.06
CA SER B 64 4.88 10.70 15.20
C SER B 64 3.93 11.89 15.24
N HIS B 65 3.03 11.91 16.22
CA HIS B 65 2.06 12.99 16.45
C HIS B 65 2.72 14.21 17.12
N SER B 66 2.22 15.40 16.80
CA SER B 66 2.69 16.70 17.32
C SER B 66 1.59 17.78 17.24
N THR B 67 1.90 19.01 17.67
CA THR B 67 1.00 20.18 17.61
C THR B 67 1.68 21.37 16.93
N ALA B 68 0.90 22.19 16.21
CA ALA B 68 1.36 23.37 15.47
C ALA B 68 0.34 24.54 15.53
N GLU B 69 0.81 25.75 15.19
CA GLU B 69 0.02 26.99 15.16
C GLU B 69 0.30 27.81 13.87
N PRO B 70 -0.63 28.69 13.41
CA PRO B 70 -0.45 29.50 12.20
C PRO B 70 0.84 30.34 12.20
N ALA A 1 -24.82 9.89 -10.26
CA ALA A 1 -23.70 10.57 -10.93
C ALA A 1 -23.21 11.84 -10.20
N THR A 2 -23.88 12.24 -9.12
CA THR A 2 -23.56 13.42 -8.29
C THR A 2 -22.45 13.14 -7.26
N GLY A 3 -21.80 14.20 -6.77
CA GLY A 3 -20.70 14.12 -5.80
C GLY A 3 -19.35 13.62 -6.38
N PRO A 4 -18.37 13.32 -5.52
CA PRO A 4 -17.05 12.83 -5.94
C PRO A 4 -17.10 11.38 -6.47
N THR A 5 -16.04 10.96 -7.16
CA THR A 5 -15.88 9.59 -7.71
C THR A 5 -15.74 8.52 -6.62
N ALA A 6 -15.25 8.89 -5.43
CA ALA A 6 -15.07 8.04 -4.26
C ALA A 6 -15.21 8.84 -2.96
N ASP A 7 -15.61 8.18 -1.87
CA ASP A 7 -15.71 8.79 -0.55
C ASP A 7 -14.31 9.03 0.07
N PRO A 8 -14.12 10.01 0.99
CA PRO A 8 -12.81 10.34 1.55
C PRO A 8 -12.14 9.18 2.30
N GLU A 9 -12.89 8.29 2.95
CA GLU A 9 -12.30 7.13 3.64
C GLU A 9 -11.84 6.05 2.64
N LYS A 10 -12.48 5.94 1.47
CA LYS A 10 -12.02 5.08 0.38
C LYS A 10 -10.67 5.59 -0.10
N ARG A 11 -10.57 6.92 -0.31
CA ARG A 11 -9.34 7.62 -0.71
C ARG A 11 -8.23 7.43 0.34
N LYS A 12 -8.56 7.46 1.64
CA LYS A 12 -7.60 7.13 2.71
C LYS A 12 -7.11 5.69 2.58
N LEU A 13 -8.02 4.72 2.44
CA LEU A 13 -7.65 3.30 2.29
C LEU A 13 -6.79 3.06 1.05
N ILE A 14 -7.18 3.51 -0.16
CA ILE A 14 -6.34 3.29 -1.35
C ILE A 14 -4.98 3.97 -1.26
N GLN A 15 -4.86 5.17 -0.66
CA GLN A 15 -3.57 5.83 -0.51
C GLN A 15 -2.70 5.12 0.54
N GLN A 16 -3.25 4.77 1.70
CA GLN A 16 -2.56 4.06 2.77
C GLN A 16 -2.20 2.62 2.35
N GLN A 17 -3.10 1.89 1.70
CA GLN A 17 -2.84 0.51 1.25
C GLN A 17 -1.88 0.47 0.06
N LEU A 18 -1.78 1.54 -0.73
CA LEU A 18 -0.84 1.65 -1.85
C LEU A 18 0.58 1.77 -1.28
N VAL A 19 0.83 2.75 -0.41
CA VAL A 19 2.14 2.90 0.24
C VAL A 19 2.48 1.68 1.10
N LEU A 20 1.49 1.07 1.75
CA LEU A 20 1.70 -0.14 2.56
C LEU A 20 1.98 -1.39 1.72
N LEU A 21 1.36 -1.54 0.53
CA LEU A 21 1.66 -2.66 -0.38
C LEU A 21 3.11 -2.52 -0.85
N LEU A 22 3.47 -1.35 -1.38
CA LEU A 22 4.82 -1.04 -1.83
C LEU A 22 5.82 -1.24 -0.68
N HIS A 23 5.51 -0.78 0.53
CA HIS A 23 6.34 -1.03 1.72
C HIS A 23 6.51 -2.53 2.00
N ALA A 24 5.42 -3.32 2.11
CA ALA A 24 5.50 -4.75 2.41
C ALA A 24 6.39 -5.51 1.39
N HIS A 25 6.34 -5.13 0.10
CA HIS A 25 7.20 -5.70 -0.94
C HIS A 25 8.69 -5.36 -0.73
N LYS A 26 8.99 -4.13 -0.32
CA LYS A 26 10.37 -3.69 0.02
C LYS A 26 10.84 -4.35 1.33
N CYS A 27 9.94 -4.50 2.32
CA CYS A 27 10.17 -5.15 3.62
C CYS A 27 10.52 -6.64 3.43
N GLN A 28 9.83 -7.33 2.51
CA GLN A 28 10.08 -8.72 2.12
C GLN A 28 11.48 -8.92 1.52
N ARG A 29 11.97 -7.98 0.71
CA ARG A 29 13.29 -8.06 0.04
C ARG A 29 14.46 -7.47 0.82
N ARG A 30 14.30 -6.39 1.59
CA ARG A 30 15.41 -5.78 2.36
C ARG A 30 16.02 -6.72 3.40
N GLU A 31 15.23 -7.65 3.95
CA GLU A 31 15.70 -8.63 4.94
C GLU A 31 16.67 -9.68 4.35
N GLN A 32 16.53 -10.05 3.07
CA GLN A 32 17.45 -10.95 2.36
C GLN A 32 18.61 -10.20 1.69
N ALA A 33 18.44 -8.89 1.43
CA ALA A 33 19.40 -8.02 0.77
C ALA A 33 20.49 -7.42 1.70
N ASN A 34 20.30 -7.46 3.03
CA ASN A 34 21.21 -6.87 4.03
C ASN A 34 21.60 -7.85 5.14
N GLY A 35 22.74 -7.59 5.81
CA GLY A 35 23.25 -8.39 6.94
C GLY A 35 22.53 -8.10 8.27
N GLU A 36 21.81 -6.98 8.35
CA GLU A 36 21.00 -6.54 9.51
C GLU A 36 19.64 -5.98 9.03
N VAL A 37 18.65 -6.00 9.92
CA VAL A 37 17.28 -5.52 9.67
C VAL A 37 16.81 -4.61 10.82
N ARG A 38 15.95 -3.63 10.52
CA ARG A 38 15.36 -2.67 11.48
C ARG A 38 13.84 -2.55 11.33
N ALA A 39 13.22 -1.96 12.34
CA ALA A 39 11.77 -1.75 12.42
C ALA A 39 11.21 -0.80 11.34
N CYS A 40 9.90 -0.88 11.11
CA CYS A 40 9.11 -0.07 10.18
C CYS A 40 7.86 0.54 10.85
N SER A 41 7.47 1.74 10.39
CA SER A 41 6.38 2.56 10.95
C SER A 41 4.95 2.15 10.54
N LEU A 42 4.79 1.10 9.72
CA LEU A 42 3.51 0.56 9.24
C LEU A 42 3.34 -0.89 9.77
N PRO A 43 2.80 -1.10 10.99
CA PRO A 43 2.69 -2.43 11.63
C PRO A 43 1.96 -3.54 10.85
N HIS A 44 1.06 -3.18 9.92
CA HIS A 44 0.27 -4.14 9.13
C HIS A 44 1.08 -4.95 8.10
N CYS A 45 2.35 -4.61 7.84
CA CYS A 45 3.17 -5.31 6.86
C CYS A 45 3.24 -6.82 7.11
N ARG A 46 3.21 -7.29 8.37
CA ARG A 46 3.19 -8.73 8.73
C ARG A 46 1.97 -9.48 8.18
N THR A 47 0.80 -8.83 8.19
CA THR A 47 -0.46 -9.38 7.68
C THR A 47 -0.46 -9.37 6.14
N MET A 48 0.06 -8.29 5.55
CA MET A 48 0.18 -8.18 4.08
C MET A 48 1.27 -9.11 3.50
N LYS A 49 2.36 -9.37 4.22
CA LYS A 49 3.45 -10.28 3.81
C LYS A 49 2.95 -11.68 3.44
N ASN A 50 1.92 -12.16 4.15
CA ASN A 50 1.27 -13.45 3.90
C ASN A 50 0.45 -13.44 2.59
N VAL A 51 -0.14 -12.29 2.23
CA VAL A 51 -0.84 -12.09 0.95
C VAL A 51 0.19 -12.07 -0.19
N LEU A 52 1.34 -11.42 0.01
CA LEU A 52 2.42 -11.36 -0.98
C LEU A 52 2.94 -12.76 -1.33
N ASN A 53 3.16 -13.62 -0.31
CA ASN A 53 3.62 -15.00 -0.51
C ASN A 53 2.69 -15.81 -1.43
N HIS A 54 1.37 -15.55 -1.36
CA HIS A 54 0.39 -16.16 -2.28
C HIS A 54 0.45 -15.50 -3.66
N MET A 55 0.40 -14.16 -3.69
CA MET A 55 0.37 -13.35 -4.91
C MET A 55 1.56 -13.56 -5.86
N THR A 56 2.74 -14.00 -5.39
CA THR A 56 3.88 -14.27 -6.31
C THR A 56 3.59 -15.38 -7.34
N HIS A 57 2.52 -16.17 -7.10
CA HIS A 57 2.03 -17.27 -7.95
C HIS A 57 0.66 -16.96 -8.60
N CYS A 58 0.13 -15.73 -8.43
CA CYS A 58 -1.21 -15.34 -8.88
C CYS A 58 -1.24 -14.07 -9.76
N GLN A 59 -1.84 -14.18 -10.95
CA GLN A 59 -2.06 -13.10 -11.92
C GLN A 59 -3.29 -13.43 -12.80
N ALA A 60 -4.43 -13.69 -12.14
CA ALA A 60 -5.70 -14.11 -12.74
C ALA A 60 -6.88 -13.12 -12.54
N GLY A 61 -6.61 -11.89 -12.07
CA GLY A 61 -7.61 -10.85 -11.87
C GLY A 61 -8.72 -11.22 -10.87
N LYS A 62 -9.98 -11.09 -11.30
CA LYS A 62 -11.19 -11.39 -10.50
C LYS A 62 -11.44 -12.90 -10.29
N ALA A 63 -10.70 -13.79 -10.95
CA ALA A 63 -10.88 -15.23 -10.79
C ALA A 63 -10.45 -15.73 -9.39
N CYS A 64 -9.44 -15.11 -8.78
CA CYS A 64 -8.98 -15.43 -7.43
C CYS A 64 -10.02 -14.97 -6.39
N GLN A 65 -10.41 -15.89 -5.50
CA GLN A 65 -11.42 -15.67 -4.47
C GLN A 65 -10.84 -15.10 -3.16
N VAL A 66 -9.52 -14.86 -3.09
CA VAL A 66 -8.84 -14.30 -1.92
C VAL A 66 -9.07 -12.79 -1.87
N ALA A 67 -9.57 -12.31 -0.72
CA ALA A 67 -9.95 -10.92 -0.48
C ALA A 67 -8.90 -9.87 -0.92
N HIS A 68 -7.67 -10.01 -0.39
CA HIS A 68 -6.56 -9.07 -0.64
C HIS A 68 -5.78 -9.28 -1.94
N CYS A 69 -5.87 -10.46 -2.57
CA CYS A 69 -5.15 -10.78 -3.80
C CYS A 69 -5.65 -9.92 -4.98
N ALA A 70 -6.95 -9.95 -5.25
CA ALA A 70 -7.58 -9.19 -6.32
C ALA A 70 -7.34 -7.67 -6.22
N SER A 71 -7.50 -7.06 -5.04
CA SER A 71 -7.26 -5.62 -4.85
C SER A 71 -5.76 -5.26 -4.90
N SER A 72 -4.87 -6.06 -4.30
CA SER A 72 -3.42 -5.82 -4.40
C SER A 72 -2.97 -5.84 -5.86
N ARG A 73 -3.42 -6.85 -6.62
CA ARG A 73 -3.18 -6.96 -8.06
C ARG A 73 -3.78 -5.78 -8.83
N GLN A 74 -4.94 -5.28 -8.42
CA GLN A 74 -5.59 -4.11 -9.03
C GLN A 74 -4.72 -2.84 -8.91
N ILE A 75 -4.06 -2.64 -7.76
CA ILE A 75 -3.10 -1.52 -7.58
C ILE A 75 -1.95 -1.68 -8.57
N ILE A 76 -1.28 -2.83 -8.56
CA ILE A 76 -0.08 -3.10 -9.37
C ILE A 76 -0.37 -3.05 -10.88
N SER A 77 -1.51 -3.57 -11.33
CA SER A 77 -1.90 -3.54 -12.75
C SER A 77 -2.02 -2.09 -13.25
N HIS A 78 -2.54 -1.18 -12.41
CA HIS A 78 -2.57 0.26 -12.70
C HIS A 78 -1.14 0.83 -12.65
N TRP A 79 -0.37 0.52 -11.58
CA TRP A 79 1.01 0.98 -11.36
C TRP A 79 1.98 0.70 -12.52
N LYS A 80 1.87 -0.50 -13.13
CA LYS A 80 2.69 -0.95 -14.26
C LYS A 80 2.37 -0.24 -15.59
N ASN A 81 1.27 0.52 -15.67
CA ASN A 81 0.80 1.19 -16.89
C ASN A 81 0.57 2.71 -16.77
N CYS A 82 0.47 3.26 -15.54
CA CYS A 82 0.21 4.68 -15.30
C CYS A 82 1.48 5.54 -15.54
N THR A 83 1.45 6.35 -16.61
CA THR A 83 2.55 7.24 -17.08
C THR A 83 2.22 8.73 -17.13
N ARG A 84 0.97 9.12 -16.84
CA ARG A 84 0.46 10.50 -16.88
C ARG A 84 0.94 11.39 -15.73
N HIS A 85 0.53 12.67 -15.72
CA HIS A 85 0.89 13.70 -14.72
C HIS A 85 -0.24 14.16 -13.77
N ASP A 86 -1.45 13.57 -13.84
CA ASP A 86 -2.64 14.04 -13.11
C ASP A 86 -3.51 13.04 -12.29
N CYS A 87 -3.13 11.77 -12.07
CA CYS A 87 -3.95 10.85 -11.26
C CYS A 87 -4.00 11.33 -9.78
N PRO A 88 -5.17 11.48 -9.14
CA PRO A 88 -5.26 12.03 -7.79
C PRO A 88 -4.58 11.19 -6.69
N VAL A 89 -4.58 9.86 -6.80
CA VAL A 89 -3.95 8.95 -5.83
C VAL A 89 -2.48 8.64 -6.19
N CYS A 90 -2.14 8.55 -7.48
CA CYS A 90 -0.80 8.23 -7.97
C CYS A 90 0.18 9.43 -7.86
N LEU A 91 -0.26 10.64 -8.23
CA LEU A 91 0.56 11.86 -8.28
C LEU A 91 1.33 12.20 -6.99
N PRO A 92 0.76 12.15 -5.78
CA PRO A 92 1.52 12.47 -4.57
C PRO A 92 2.70 11.51 -4.36
N LEU A 93 2.52 10.22 -4.68
CA LEU A 93 3.59 9.21 -4.61
C LEU A 93 4.61 9.37 -5.75
N LYS A 94 4.16 9.75 -6.97
CA LYS A 94 5.01 10.00 -8.13
C LYS A 94 6.08 11.05 -7.82
N ASN A 95 5.73 12.07 -7.03
CA ASN A 95 6.64 13.11 -6.55
C ASN A 95 7.63 12.55 -5.49
N ALA A 96 7.14 11.78 -4.51
CA ALA A 96 7.96 11.18 -3.45
C ALA A 96 8.89 10.04 -3.95
N SER A 97 8.64 9.49 -5.14
CA SER A 97 9.44 8.44 -5.78
C SER A 97 10.74 8.96 -6.43
N ASP A 98 10.95 10.28 -6.49
CA ASP A 98 12.13 10.91 -7.07
C ASP A 98 13.40 10.66 -6.22
N LYS A 99 14.56 10.47 -6.86
CA LYS A 99 15.86 10.19 -6.20
C LYS A 99 16.48 11.34 -5.38
N ARG A 100 16.00 12.58 -5.55
CA ARG A 100 16.50 13.78 -4.83
C ARG A 100 15.96 13.85 -3.39
N GLY B 1 -2.90 5.65 12.92
CA GLY B 1 -3.56 5.99 14.18
C GLY B 1 -3.18 5.09 15.38
N SER B 2 -2.04 4.41 15.31
CA SER B 2 -1.55 3.49 16.35
C SER B 2 -1.21 4.19 17.68
N HIS B 3 -1.33 3.45 18.78
CA HIS B 3 -1.05 3.93 20.14
C HIS B 3 0.42 3.75 20.54
N MET B 4 0.98 4.74 21.23
CA MET B 4 2.35 4.72 21.80
C MET B 4 2.28 4.97 23.31
N LYS B 5 1.85 6.18 23.70
CA LYS B 5 1.59 6.62 25.09
C LYS B 5 0.12 7.07 25.27
N SER B 6 -0.52 7.42 24.16
CA SER B 6 -1.91 7.85 23.99
C SER B 6 -2.37 7.52 22.56
N THR B 7 -3.68 7.59 22.30
CA THR B 7 -4.27 7.31 20.98
C THR B 7 -4.57 8.63 20.25
N GLN B 8 -4.23 8.71 18.96
CA GLN B 8 -4.46 9.90 18.11
C GLN B 8 -4.87 9.53 16.67
N ALA B 9 -5.77 10.31 16.08
CA ALA B 9 -6.28 10.14 14.71
C ALA B 9 -6.75 11.48 14.10
N GLY B 10 -7.03 11.51 12.80
CA GLY B 10 -7.50 12.70 12.08
C GLY B 10 -8.03 12.40 10.66
N GLU B 11 -8.46 13.44 9.96
CA GLU B 11 -9.03 13.35 8.59
C GLU B 11 -7.99 13.02 7.50
N GLY B 12 -6.69 13.17 7.81
CA GLY B 12 -5.58 12.88 6.88
C GLY B 12 -4.18 13.03 7.49
N THR B 13 -4.06 12.95 8.82
CA THR B 13 -2.79 13.06 9.57
C THR B 13 -1.81 11.91 9.28
N LEU B 14 -2.31 10.81 8.72
CA LEU B 14 -1.54 9.62 8.32
C LEU B 14 -0.47 9.90 7.24
N SER B 15 -0.56 11.03 6.53
CA SER B 15 0.29 11.38 5.38
C SER B 15 1.80 11.31 5.61
N GLU B 16 2.27 11.26 6.86
CA GLU B 16 3.68 11.00 7.18
C GLU B 16 4.12 9.63 6.63
N ALA B 17 3.17 8.68 6.49
CA ALA B 17 3.34 7.35 5.88
C ALA B 17 4.07 7.40 4.52
N LEU B 18 3.82 8.47 3.76
CA LEU B 18 4.32 8.72 2.42
C LEU B 18 5.77 9.27 2.38
N LEU B 19 6.20 9.97 3.43
CA LEU B 19 7.53 10.59 3.49
C LEU B 19 8.51 9.93 4.48
N HIS B 20 8.06 9.02 5.35
CA HIS B 20 8.91 8.40 6.39
C HIS B 20 9.42 6.97 6.12
N LEU B 21 9.21 6.43 4.91
CA LEU B 21 9.67 5.09 4.48
C LEU B 21 10.23 5.13 3.04
N GLN B 22 11.09 4.17 2.70
CA GLN B 22 11.71 4.06 1.36
C GLN B 22 10.70 3.53 0.33
N PHE B 23 10.59 4.20 -0.82
CA PHE B 23 9.67 3.88 -1.91
C PHE B 23 10.26 2.92 -2.95
N ASP B 24 9.43 2.51 -3.91
CA ASP B 24 9.72 1.57 -5.02
C ASP B 24 10.70 2.10 -6.11
N ALA B 25 11.70 2.89 -5.70
CA ALA B 25 12.76 3.44 -6.56
C ALA B 25 14.04 2.59 -6.52
N ASP B 26 14.36 1.98 -5.38
CA ASP B 26 15.53 1.11 -5.18
C ASP B 26 15.33 -0.32 -5.74
N GLU B 27 14.11 -0.84 -5.61
CA GLU B 27 13.63 -2.15 -6.05
C GLU B 27 12.10 -2.05 -6.24
N ASP B 28 11.48 -2.89 -7.08
CA ASP B 28 10.04 -2.86 -7.31
C ASP B 28 9.40 -4.24 -7.55
N LEU B 29 8.11 -4.33 -7.23
CA LEU B 29 7.28 -5.54 -7.24
C LEU B 29 6.81 -6.10 -8.59
N GLY B 30 7.08 -5.43 -9.72
CA GLY B 30 6.63 -5.88 -11.05
C GLY B 30 7.09 -7.30 -11.45
N ALA B 31 8.21 -7.77 -10.91
CA ALA B 31 8.78 -9.09 -11.20
C ALA B 31 7.92 -10.27 -10.68
N LEU B 32 7.28 -10.14 -9.51
CA LEU B 32 6.42 -11.18 -8.93
C LEU B 32 4.97 -11.12 -9.43
N LEU B 33 4.50 -9.93 -9.82
CA LEU B 33 3.14 -9.74 -10.35
C LEU B 33 3.06 -10.15 -11.84
N GLY B 34 4.18 -10.07 -12.57
CA GLY B 34 4.32 -10.47 -13.97
C GLY B 34 3.77 -9.47 -14.99
N ASN B 35 4.26 -9.55 -16.23
CA ASN B 35 3.87 -8.66 -17.33
C ASN B 35 2.47 -8.94 -17.91
N SER B 36 1.98 -10.18 -17.76
CA SER B 36 0.66 -10.63 -18.25
C SER B 36 -0.48 -10.23 -17.30
N THR B 37 -0.66 -8.91 -17.11
CA THR B 37 -1.69 -8.33 -16.24
C THR B 37 -3.12 -8.48 -16.77
N ASP B 38 -4.09 -8.21 -15.89
CA ASP B 38 -5.52 -8.48 -16.11
C ASP B 38 -6.41 -7.25 -16.41
N PRO B 39 -6.89 -7.05 -17.64
CA PRO B 39 -7.86 -6.00 -17.97
C PRO B 39 -9.19 -6.12 -17.19
N GLY B 40 -9.49 -7.31 -16.64
CA GLY B 40 -10.67 -7.58 -15.81
C GLY B 40 -10.67 -6.82 -14.48
N VAL B 41 -9.50 -6.60 -13.87
CA VAL B 41 -9.33 -5.77 -12.66
C VAL B 41 -8.94 -4.35 -13.03
N PHE B 42 -8.27 -4.11 -14.16
CA PHE B 42 -7.81 -2.79 -14.60
C PHE B 42 -8.93 -1.74 -14.53
N THR B 43 -8.73 -0.73 -13.68
CA THR B 43 -9.67 0.36 -13.41
C THR B 43 -8.96 1.56 -12.78
N ASP B 44 -9.70 2.62 -12.48
CA ASP B 44 -9.20 3.79 -11.74
C ASP B 44 -9.15 3.46 -10.25
N LEU B 45 -8.13 3.95 -9.54
CA LEU B 45 -7.94 3.72 -8.09
C LEU B 45 -9.19 4.07 -7.26
N ALA B 46 -9.96 5.08 -7.67
CA ALA B 46 -11.23 5.47 -7.04
C ALA B 46 -12.32 4.37 -7.09
N SER B 47 -12.16 3.35 -7.94
CA SER B 47 -13.08 2.22 -8.14
C SER B 47 -12.53 0.87 -7.63
N VAL B 48 -11.42 0.85 -6.88
CA VAL B 48 -10.81 -0.38 -6.34
C VAL B 48 -11.75 -1.12 -5.38
N ASP B 49 -11.76 -2.46 -5.46
CA ASP B 49 -12.60 -3.33 -4.62
C ASP B 49 -11.80 -3.90 -3.42
N ASN B 50 -11.47 -3.04 -2.45
CA ASN B 50 -10.62 -3.38 -1.29
C ASN B 50 -11.28 -3.21 0.11
N SER B 51 -12.61 -3.16 0.23
CA SER B 51 -13.31 -2.98 1.52
C SER B 51 -13.00 -4.03 2.60
N GLU B 52 -12.46 -5.20 2.24
CA GLU B 52 -12.03 -6.24 3.19
C GLU B 52 -10.61 -5.96 3.74
N PHE B 53 -9.77 -5.24 2.98
CA PHE B 53 -8.41 -4.80 3.36
C PHE B 53 -8.47 -3.81 4.53
N GLN B 54 -9.53 -2.98 4.53
CA GLN B 54 -9.87 -2.01 5.55
C GLN B 54 -9.78 -2.59 6.97
N GLN B 55 -10.27 -3.82 7.14
CA GLN B 55 -10.32 -4.54 8.42
C GLN B 55 -8.93 -4.85 9.02
N LEU B 56 -7.88 -5.08 8.21
CA LEU B 56 -6.51 -5.31 8.73
C LEU B 56 -5.75 -3.98 8.95
N LEU B 57 -6.08 -2.92 8.22
CA LEU B 57 -5.42 -1.61 8.35
C LEU B 57 -6.08 -0.70 9.42
N ASN B 58 -7.30 -1.02 9.85
CA ASN B 58 -8.05 -0.30 10.90
C ASN B 58 -7.30 -0.27 12.26
N GLN B 59 -6.31 -1.16 12.44
CA GLN B 59 -5.43 -1.23 13.61
C GLN B 59 -4.52 0.03 13.76
N GLY B 60 -4.37 0.83 12.69
CA GLY B 60 -3.62 2.10 12.66
C GLY B 60 -2.11 1.98 12.47
N VAL B 61 -1.52 3.00 11.85
CA VAL B 61 -0.08 3.16 11.57
C VAL B 61 0.58 4.10 12.59
N SER B 62 1.89 4.08 12.72
CA SER B 62 2.61 5.00 13.62
C SER B 62 2.52 6.43 13.08
N MET B 63 1.88 7.34 13.83
CA MET B 63 1.70 8.76 13.43
C MET B 63 3.00 9.59 13.51
N SER B 64 4.06 9.00 14.09
CA SER B 64 5.43 9.52 14.22
C SER B 64 6.41 8.40 13.79
N HIS B 65 7.62 8.76 13.34
CA HIS B 65 8.61 7.77 12.92
C HIS B 65 9.01 6.82 14.07
N SER B 66 9.07 5.52 13.80
CA SER B 66 9.37 4.45 14.77
C SER B 66 10.29 3.35 14.23
N THR B 67 11.12 3.69 13.24
CA THR B 67 12.09 2.78 12.58
C THR B 67 13.29 2.39 13.45
N ALA B 68 13.57 3.14 14.52
CA ALA B 68 14.67 2.91 15.46
C ALA B 68 14.29 3.33 16.90
N GLU B 69 15.10 2.90 17.88
CA GLU B 69 14.94 3.21 19.32
C GLU B 69 16.30 3.49 20.00
N PRO B 70 16.35 4.32 21.07
CA PRO B 70 17.59 4.64 21.78
C PRO B 70 18.18 3.43 22.51
N ALA A 1 -27.12 21.74 -3.06
CA ALA A 1 -26.10 20.89 -2.44
C ALA A 1 -24.93 20.57 -3.40
N THR A 2 -23.79 20.15 -2.83
CA THR A 2 -22.57 19.77 -3.57
C THR A 2 -21.75 18.70 -2.81
N GLY A 3 -20.85 18.01 -3.51
CA GLY A 3 -19.99 16.96 -2.95
C GLY A 3 -19.03 16.35 -4.00
N PRO A 4 -18.09 15.48 -3.57
CA PRO A 4 -17.12 14.84 -4.45
C PRO A 4 -17.74 13.73 -5.32
N THR A 5 -17.01 13.31 -6.36
CA THR A 5 -17.41 12.24 -7.31
C THR A 5 -17.37 10.83 -6.71
N ALA A 6 -16.57 10.66 -5.64
CA ALA A 6 -16.40 9.43 -4.87
C ALA A 6 -16.00 9.79 -3.42
N ASP A 7 -16.06 8.83 -2.49
CA ASP A 7 -15.73 9.05 -1.08
C ASP A 7 -14.22 9.35 -0.84
N PRO A 8 -13.88 10.40 -0.07
CA PRO A 8 -12.48 10.80 0.18
C PRO A 8 -11.70 9.83 1.09
N GLU A 9 -12.35 9.13 2.02
CA GLU A 9 -11.67 8.15 2.88
C GLU A 9 -11.25 6.91 2.07
N LYS A 10 -11.98 6.59 0.99
CA LYS A 10 -11.60 5.51 0.04
C LYS A 10 -10.32 5.90 -0.70
N ARG A 11 -10.14 7.18 -1.05
CA ARG A 11 -8.89 7.70 -1.64
C ARG A 11 -7.72 7.61 -0.66
N LYS A 12 -7.97 7.84 0.64
CA LYS A 12 -6.95 7.66 1.69
C LYS A 12 -6.60 6.19 1.87
N LEU A 13 -7.58 5.28 1.90
CA LEU A 13 -7.30 3.84 2.06
C LEU A 13 -6.56 3.27 0.85
N ILE A 14 -6.98 3.49 -0.40
CA ILE A 14 -6.23 2.96 -1.56
C ILE A 14 -4.77 3.46 -1.59
N GLN A 15 -4.51 4.70 -1.16
CA GLN A 15 -3.14 5.21 -1.05
C GLN A 15 -2.41 4.57 0.16
N GLN A 16 -3.07 4.40 1.31
CA GLN A 16 -2.54 3.72 2.49
C GLN A 16 -2.28 2.23 2.22
N GLN A 17 -3.05 1.59 1.33
CA GLN A 17 -2.90 0.19 0.94
C GLN A 17 -1.69 0.06 -0.01
N LEU A 18 -1.55 0.92 -1.03
CA LEU A 18 -0.43 0.84 -1.98
C LEU A 18 0.91 1.24 -1.33
N VAL A 19 0.92 2.27 -0.48
CA VAL A 19 2.15 2.68 0.24
C VAL A 19 2.66 1.56 1.16
N LEU A 20 1.72 0.80 1.74
CA LEU A 20 1.99 -0.34 2.62
C LEU A 20 2.34 -1.61 1.83
N LEU A 21 1.76 -1.81 0.63
CA LEU A 21 2.14 -2.88 -0.28
C LEU A 21 3.59 -2.68 -0.73
N LEU A 22 3.92 -1.49 -1.26
CA LEU A 22 5.28 -1.15 -1.68
C LEU A 22 6.27 -1.29 -0.51
N HIS A 23 5.88 -0.95 0.72
CA HIS A 23 6.69 -1.21 1.92
C HIS A 23 6.94 -2.73 2.06
N ALA A 24 5.89 -3.55 2.17
CA ALA A 24 5.99 -4.99 2.38
C ALA A 24 6.85 -5.70 1.31
N HIS A 25 6.76 -5.29 0.04
CA HIS A 25 7.60 -5.84 -1.04
C HIS A 25 9.09 -5.52 -0.82
N LYS A 26 9.42 -4.27 -0.50
CA LYS A 26 10.80 -3.82 -0.23
C LYS A 26 11.35 -4.37 1.09
N CYS A 27 10.48 -4.54 2.10
CA CYS A 27 10.77 -5.12 3.41
C CYS A 27 11.21 -6.60 3.25
N GLN A 28 10.39 -7.42 2.56
CA GLN A 28 10.71 -8.81 2.26
C GLN A 28 12.01 -8.98 1.44
N ARG A 29 12.32 -8.02 0.56
CA ARG A 29 13.57 -8.03 -0.25
C ARG A 29 14.83 -7.63 0.51
N ARG A 30 14.73 -6.80 1.57
CA ARG A 30 15.89 -6.45 2.41
C ARG A 30 16.07 -7.43 3.58
N GLU A 31 14.98 -8.00 4.11
CA GLU A 31 15.00 -9.04 5.15
C GLU A 31 15.80 -10.27 4.70
N GLN A 32 15.67 -10.66 3.43
CA GLN A 32 16.42 -11.78 2.83
C GLN A 32 17.85 -11.41 2.41
N ALA A 33 18.25 -10.14 2.50
CA ALA A 33 19.56 -9.62 2.11
C ALA A 33 20.49 -9.26 3.30
N ASN A 34 19.97 -8.53 4.29
CA ASN A 34 20.71 -8.08 5.47
C ASN A 34 20.61 -9.08 6.65
N GLY A 35 21.59 -9.04 7.56
CA GLY A 35 21.62 -9.90 8.76
C GLY A 35 20.55 -9.54 9.80
N GLU A 36 20.13 -8.27 9.84
CA GLU A 36 19.08 -7.74 10.71
C GLU A 36 18.42 -6.49 10.09
N VAL A 37 17.16 -6.23 10.44
CA VAL A 37 16.35 -5.08 9.98
C VAL A 37 15.48 -4.56 11.16
N ARG A 38 15.29 -3.24 11.25
CA ARG A 38 14.49 -2.60 12.32
C ARG A 38 12.98 -2.88 12.21
N ALA A 39 12.23 -2.62 13.27
CA ALA A 39 10.77 -2.82 13.31
C ALA A 39 10.03 -1.78 12.46
N CYS A 40 9.17 -2.24 11.55
CA CYS A 40 8.42 -1.44 10.58
C CYS A 40 7.49 -0.37 11.19
N SER A 41 7.33 0.75 10.49
CA SER A 41 6.42 1.85 10.86
C SER A 41 4.94 1.53 10.55
N LEU A 42 4.69 0.43 9.82
CA LEU A 42 3.38 -0.05 9.36
C LEU A 42 3.14 -1.47 9.94
N PRO A 43 2.50 -1.62 11.12
CA PRO A 43 2.28 -2.92 11.78
C PRO A 43 1.57 -4.01 10.95
N HIS A 44 0.80 -3.60 9.93
CA HIS A 44 0.07 -4.49 9.01
C HIS A 44 0.98 -5.32 8.08
N CYS A 45 2.29 -5.00 8.04
CA CYS A 45 3.33 -5.67 7.25
C CYS A 45 3.22 -7.21 7.30
N ARG A 46 3.15 -7.81 8.50
CA ARG A 46 3.00 -9.27 8.70
C ARG A 46 1.73 -9.84 8.05
N THR A 47 0.60 -9.16 8.22
CA THR A 47 -0.71 -9.54 7.66
C THR A 47 -0.71 -9.47 6.14
N MET A 48 -0.09 -8.44 5.56
CA MET A 48 0.02 -8.26 4.11
C MET A 48 1.08 -9.17 3.47
N LYS A 49 2.20 -9.46 4.15
CA LYS A 49 3.27 -10.37 3.65
C LYS A 49 2.75 -11.76 3.32
N ASN A 50 1.76 -12.25 4.07
CA ASN A 50 1.09 -13.54 3.80
C ASN A 50 0.28 -13.49 2.49
N VAL A 51 -0.31 -12.34 2.16
CA VAL A 51 -1.02 -12.11 0.88
C VAL A 51 -0.01 -12.05 -0.25
N LEU A 52 1.13 -11.37 -0.06
CA LEU A 52 2.19 -11.26 -1.07
C LEU A 52 2.69 -12.66 -1.50
N ASN A 53 2.96 -13.53 -0.54
CA ASN A 53 3.46 -14.90 -0.79
C ASN A 53 2.48 -15.74 -1.63
N HIS A 54 1.16 -15.50 -1.51
CA HIS A 54 0.16 -16.12 -2.39
C HIS A 54 0.18 -15.45 -3.78
N MET A 55 0.12 -14.12 -3.79
CA MET A 55 0.04 -13.27 -4.99
C MET A 55 1.19 -13.45 -5.98
N THR A 56 2.40 -13.88 -5.57
CA THR A 56 3.51 -14.13 -6.51
C THR A 56 3.18 -15.22 -7.56
N HIS A 57 2.15 -16.04 -7.29
CA HIS A 57 1.63 -17.12 -8.15
C HIS A 57 0.25 -16.81 -8.74
N CYS A 58 -0.30 -15.60 -8.55
CA CYS A 58 -1.65 -15.20 -8.94
C CYS A 58 -1.68 -13.96 -9.86
N GLN A 59 -2.30 -14.10 -11.05
CA GLN A 59 -2.40 -13.07 -12.10
C GLN A 59 -3.78 -13.02 -12.81
N ALA A 60 -4.69 -13.96 -12.52
CA ALA A 60 -5.98 -14.16 -13.18
C ALA A 60 -7.15 -13.22 -12.78
N GLY A 61 -6.88 -12.15 -12.03
CA GLY A 61 -7.89 -11.14 -11.66
C GLY A 61 -9.08 -11.69 -10.86
N LYS A 62 -10.28 -11.72 -11.47
CA LYS A 62 -11.55 -12.15 -10.86
C LYS A 62 -11.63 -13.66 -10.55
N ALA A 63 -10.77 -14.48 -11.13
CA ALA A 63 -10.77 -15.93 -10.88
C ALA A 63 -10.38 -16.27 -9.42
N CYS A 64 -9.54 -15.46 -8.80
CA CYS A 64 -9.10 -15.62 -7.41
C CYS A 64 -10.23 -15.25 -6.43
N GLN A 65 -10.42 -16.10 -5.41
CA GLN A 65 -11.44 -15.96 -4.38
C GLN A 65 -10.91 -15.36 -3.06
N VAL A 66 -9.62 -14.98 -3.01
CA VAL A 66 -8.97 -14.39 -1.83
C VAL A 66 -9.29 -12.89 -1.77
N ALA A 67 -9.82 -12.45 -0.62
CA ALA A 67 -10.27 -11.08 -0.36
C ALA A 67 -9.26 -9.98 -0.76
N HIS A 68 -8.04 -10.07 -0.22
CA HIS A 68 -6.96 -9.08 -0.43
C HIS A 68 -6.16 -9.22 -1.73
N CYS A 69 -6.15 -10.39 -2.38
CA CYS A 69 -5.39 -10.66 -3.59
C CYS A 69 -5.84 -9.78 -4.78
N ALA A 70 -7.13 -9.85 -5.13
CA ALA A 70 -7.70 -9.08 -6.24
C ALA A 70 -7.57 -7.56 -6.06
N SER A 71 -7.80 -7.01 -4.86
CA SER A 71 -7.67 -5.55 -4.63
C SER A 71 -6.20 -5.09 -4.63
N SER A 72 -5.25 -5.94 -4.20
CA SER A 72 -3.83 -5.63 -4.24
C SER A 72 -3.33 -5.67 -5.70
N ARG A 73 -3.66 -6.73 -6.45
CA ARG A 73 -3.31 -6.89 -7.88
C ARG A 73 -3.79 -5.71 -8.72
N GLN A 74 -4.98 -5.17 -8.45
CA GLN A 74 -5.53 -4.00 -9.15
C GLN A 74 -4.53 -2.82 -9.09
N ILE A 75 -4.08 -2.48 -7.88
CA ILE A 75 -3.18 -1.35 -7.65
C ILE A 75 -1.79 -1.53 -8.28
N ILE A 76 -1.22 -2.73 -8.25
CA ILE A 76 0.09 -3.01 -8.86
C ILE A 76 -0.05 -2.97 -10.40
N SER A 77 -1.11 -3.56 -10.94
CA SER A 77 -1.39 -3.54 -12.39
C SER A 77 -1.53 -2.09 -12.90
N HIS A 78 -2.21 -1.23 -12.12
CA HIS A 78 -2.36 0.18 -12.41
C HIS A 78 -0.99 0.89 -12.40
N TRP A 79 -0.17 0.64 -11.35
CA TRP A 79 1.17 1.22 -11.17
C TRP A 79 2.11 0.95 -12.35
N LYS A 80 1.98 -0.22 -12.99
CA LYS A 80 2.78 -0.67 -14.14
C LYS A 80 2.36 -0.05 -15.49
N ASN A 81 1.24 0.67 -15.57
CA ASN A 81 0.69 1.21 -16.82
C ASN A 81 0.28 2.70 -16.82
N CYS A 82 -0.07 3.28 -15.66
CA CYS A 82 -0.55 4.67 -15.55
C CYS A 82 0.49 5.74 -15.91
N THR A 83 0.01 6.83 -16.52
CA THR A 83 0.77 8.05 -16.83
C THR A 83 0.77 8.96 -15.60
N ARG A 84 1.41 8.46 -14.53
CA ARG A 84 1.55 8.98 -13.15
C ARG A 84 1.81 10.48 -12.92
N HIS A 85 2.10 11.27 -13.96
CA HIS A 85 2.37 12.72 -13.90
C HIS A 85 1.20 13.56 -13.40
N ASP A 86 -0.04 13.10 -13.59
CA ASP A 86 -1.26 13.84 -13.20
C ASP A 86 -2.40 12.97 -12.62
N CYS A 87 -2.14 11.69 -12.29
CA CYS A 87 -3.15 10.81 -11.68
C CYS A 87 -3.27 11.15 -10.17
N PRO A 88 -4.48 11.40 -9.62
CA PRO A 88 -4.66 11.84 -8.23
C PRO A 88 -4.13 10.88 -7.16
N VAL A 89 -4.03 9.57 -7.44
CA VAL A 89 -3.50 8.58 -6.49
C VAL A 89 -1.98 8.40 -6.64
N CYS A 90 -1.45 8.54 -7.84
CA CYS A 90 -0.01 8.42 -8.16
C CYS A 90 0.79 9.70 -7.80
N LEU A 91 0.22 10.89 -8.00
CA LEU A 91 0.87 12.19 -7.80
C LEU A 91 1.56 12.37 -6.44
N PRO A 92 0.91 12.11 -5.28
CA PRO A 92 1.53 12.31 -3.98
C PRO A 92 2.76 11.40 -3.77
N LEU A 93 2.73 10.15 -4.26
CA LEU A 93 3.87 9.22 -4.21
C LEU A 93 5.01 9.72 -5.11
N LYS A 94 4.67 10.17 -6.33
CA LYS A 94 5.61 10.73 -7.30
C LYS A 94 6.41 11.90 -6.71
N ASN A 95 5.75 12.73 -5.89
CA ASN A 95 6.39 13.85 -5.18
C ASN A 95 7.16 13.38 -3.93
N ALA A 96 6.57 12.53 -3.10
CA ALA A 96 7.18 12.00 -1.87
C ALA A 96 8.45 11.18 -2.10
N SER A 97 8.62 10.59 -3.29
CA SER A 97 9.81 9.81 -3.67
C SER A 97 11.10 10.66 -3.66
N ASP A 98 10.99 11.97 -3.88
CA ASP A 98 12.12 12.92 -3.83
C ASP A 98 12.22 13.58 -2.45
N LYS A 99 13.30 13.28 -1.70
CA LYS A 99 13.55 13.82 -0.35
C LYS A 99 14.29 15.16 -0.33
N ARG A 100 14.93 15.57 -1.46
CA ARG A 100 15.68 16.84 -1.61
C ARG A 100 15.36 17.52 -2.95
N GLY B 1 -3.82 1.71 34.76
CA GLY B 1 -3.76 2.63 33.62
C GLY B 1 -3.92 1.95 32.25
N SER B 2 -3.86 2.76 31.18
CA SER B 2 -3.98 2.32 29.78
C SER B 2 -3.16 3.20 28.83
N HIS B 3 -2.85 2.70 27.63
CA HIS B 3 -2.07 3.39 26.60
C HIS B 3 -2.89 4.46 25.85
N MET B 4 -2.21 5.33 25.09
CA MET B 4 -2.81 6.44 24.34
C MET B 4 -3.49 5.97 23.03
N LYS B 5 -4.65 5.30 23.18
CA LYS B 5 -5.48 4.80 22.06
C LYS B 5 -6.09 5.96 21.25
N SER B 6 -6.42 7.05 21.96
CA SER B 6 -6.96 8.33 21.46
C SER B 6 -6.43 9.48 22.32
N THR B 7 -6.42 10.72 21.80
CA THR B 7 -5.95 11.90 22.54
C THR B 7 -6.68 13.19 22.15
N GLN B 8 -6.83 14.10 23.11
CA GLN B 8 -7.44 15.43 22.92
C GLN B 8 -6.45 16.45 22.33
N ALA B 9 -5.14 16.11 22.29
CA ALA B 9 -4.08 16.95 21.75
C ALA B 9 -3.92 16.87 20.21
N GLY B 10 -4.80 16.12 19.53
CA GLY B 10 -4.80 15.90 18.08
C GLY B 10 -4.07 14.60 17.68
N GLU B 11 -4.57 13.94 16.63
CA GLU B 11 -4.06 12.67 16.10
C GLU B 11 -4.25 12.57 14.57
N GLY B 12 -3.51 11.65 13.96
CA GLY B 12 -3.48 11.41 12.50
C GLY B 12 -2.31 12.13 11.83
N THR B 13 -1.50 11.40 11.07
CA THR B 13 -0.29 11.90 10.38
C THR B 13 0.01 11.11 9.09
N LEU B 14 -1.03 10.80 8.33
CA LEU B 14 -0.97 10.02 7.07
C LEU B 14 0.02 10.59 6.04
N SER B 15 0.13 11.92 5.94
CA SER B 15 1.10 12.55 5.03
C SER B 15 2.55 12.28 5.44
N GLU B 16 2.85 12.17 6.75
CA GLU B 16 4.19 11.79 7.22
C GLU B 16 4.41 10.27 7.04
N ALA B 17 3.37 9.45 7.22
CA ALA B 17 3.40 8.00 6.97
C ALA B 17 3.82 7.68 5.52
N LEU B 18 3.56 8.63 4.61
CA LEU B 18 3.94 8.63 3.21
C LEU B 18 5.36 9.19 3.01
N LEU B 19 5.65 10.40 3.51
CA LEU B 19 6.94 11.06 3.33
C LEU B 19 8.15 10.36 3.98
N HIS B 20 7.96 9.59 5.06
CA HIS B 20 9.05 8.96 5.82
C HIS B 20 9.47 7.55 5.33
N LEU B 21 9.11 7.19 4.10
CA LEU B 21 9.33 5.87 3.49
C LEU B 21 9.84 5.97 2.04
N GLN B 22 10.56 4.95 1.56
CA GLN B 22 11.11 4.87 0.19
C GLN B 22 10.19 4.07 -0.75
N PHE B 23 10.17 4.47 -2.03
CA PHE B 23 9.31 3.95 -3.10
C PHE B 23 10.09 3.38 -4.29
N ASP B 24 9.37 2.89 -5.32
CA ASP B 24 9.86 2.22 -6.54
C ASP B 24 11.13 2.79 -7.24
N ALA B 25 11.55 4.01 -6.96
CA ALA B 25 12.80 4.59 -7.47
C ALA B 25 14.06 3.98 -6.77
N ASP B 26 13.90 3.46 -5.54
CA ASP B 26 14.95 2.81 -4.74
C ASP B 26 15.04 1.30 -5.04
N GLU B 27 13.93 0.59 -4.84
CA GLU B 27 13.73 -0.85 -5.11
C GLU B 27 12.26 -1.07 -5.49
N ASP B 28 11.92 -2.09 -6.27
CA ASP B 28 10.54 -2.31 -6.72
C ASP B 28 10.12 -3.78 -6.93
N LEU B 29 8.82 -3.99 -7.05
CA LEU B 29 8.11 -5.26 -7.21
C LEU B 29 7.88 -5.76 -8.67
N GLY B 30 8.50 -5.13 -9.67
CA GLY B 30 8.28 -5.41 -11.10
C GLY B 30 8.32 -6.88 -11.54
N ALA B 31 9.15 -7.71 -10.89
CA ALA B 31 9.28 -9.15 -11.20
C ALA B 31 8.25 -10.05 -10.49
N LEU B 32 7.51 -9.53 -9.49
CA LEU B 32 6.52 -10.27 -8.70
C LEU B 32 5.18 -10.45 -9.42
N LEU B 33 4.67 -9.40 -10.07
CA LEU B 33 3.37 -9.44 -10.75
C LEU B 33 3.40 -10.17 -12.11
N GLY B 34 4.59 -10.54 -12.59
CA GLY B 34 4.79 -11.18 -13.89
C GLY B 34 4.70 -10.21 -15.07
N ASN B 35 4.70 -10.75 -16.30
CA ASN B 35 4.67 -9.97 -17.54
C ASN B 35 3.34 -9.21 -17.75
N SER B 36 2.21 -9.78 -17.34
CA SER B 36 0.86 -9.19 -17.49
C SER B 36 -0.14 -9.73 -16.46
N THR B 37 -1.30 -9.07 -16.36
CA THR B 37 -2.44 -9.40 -15.47
C THR B 37 -3.76 -9.24 -16.23
N ASP B 38 -4.81 -9.91 -15.78
CA ASP B 38 -6.17 -9.88 -16.36
C ASP B 38 -6.72 -8.43 -16.54
N PRO B 39 -6.80 -7.87 -17.76
CA PRO B 39 -7.29 -6.50 -17.97
C PRO B 39 -8.72 -6.24 -17.48
N GLY B 40 -9.53 -7.29 -17.27
CA GLY B 40 -10.87 -7.16 -16.69
C GLY B 40 -10.86 -6.69 -15.22
N VAL B 41 -9.74 -6.87 -14.50
CA VAL B 41 -9.56 -6.41 -13.10
C VAL B 41 -9.10 -4.95 -13.04
N PHE B 42 -8.49 -4.44 -14.12
CA PHE B 42 -8.02 -3.06 -14.26
C PHE B 42 -9.23 -2.12 -14.23
N THR B 43 -9.27 -1.19 -13.27
CA THR B 43 -10.41 -0.26 -13.08
C THR B 43 -9.99 1.09 -12.47
N ASP B 44 -10.94 2.02 -12.36
CA ASP B 44 -10.74 3.33 -11.73
C ASP B 44 -10.49 3.14 -10.23
N LEU B 45 -9.37 3.66 -9.71
CA LEU B 45 -8.98 3.48 -8.31
C LEU B 45 -9.99 4.03 -7.30
N ALA B 46 -10.68 5.12 -7.62
CA ALA B 46 -11.75 5.67 -6.78
C ALA B 46 -13.02 4.79 -6.73
N SER B 47 -13.05 3.67 -7.47
CA SER B 47 -14.15 2.68 -7.55
C SER B 47 -13.77 1.29 -7.01
N VAL B 48 -12.54 1.13 -6.46
CA VAL B 48 -12.02 -0.13 -5.89
C VAL B 48 -12.87 -0.68 -4.73
N ASP B 49 -13.12 -1.99 -4.76
CA ASP B 49 -13.87 -2.75 -3.75
C ASP B 49 -12.91 -3.48 -2.79
N ASN B 50 -12.22 -2.71 -1.95
CA ASN B 50 -11.21 -3.17 -0.99
C ASN B 50 -11.72 -3.33 0.46
N SER B 51 -13.03 -3.45 0.68
CA SER B 51 -13.70 -3.53 2.00
C SER B 51 -13.00 -4.39 3.07
N GLU B 52 -12.50 -5.57 2.69
CA GLU B 52 -11.80 -6.49 3.59
C GLU B 52 -10.36 -6.03 3.92
N PHE B 53 -9.71 -5.30 3.01
CA PHE B 53 -8.38 -4.73 3.22
C PHE B 53 -8.48 -3.56 4.21
N GLN B 54 -9.49 -2.70 4.08
CA GLN B 54 -9.70 -1.58 5.00
C GLN B 54 -9.81 -2.05 6.46
N GLN B 55 -10.44 -3.21 6.70
CA GLN B 55 -10.63 -3.81 8.00
C GLN B 55 -9.33 -4.38 8.61
N LEU B 56 -8.35 -4.83 7.81
CA LEU B 56 -7.05 -5.29 8.34
C LEU B 56 -6.15 -4.09 8.68
N LEU B 57 -6.25 -2.99 7.91
CA LEU B 57 -5.51 -1.73 8.15
C LEU B 57 -6.16 -0.89 9.26
N ASN B 58 -7.41 -1.19 9.66
CA ASN B 58 -8.17 -0.54 10.73
C ASN B 58 -7.44 -0.63 12.09
N GLN B 59 -6.50 -1.57 12.22
CA GLN B 59 -5.64 -1.76 13.40
C GLN B 59 -4.69 -0.55 13.66
N GLY B 60 -4.51 0.34 12.67
CA GLY B 60 -3.72 1.57 12.76
C GLY B 60 -2.20 1.44 12.55
N VAL B 61 -1.61 2.46 11.93
CA VAL B 61 -0.16 2.59 11.67
C VAL B 61 0.57 3.15 12.91
N SER B 62 1.91 3.07 12.95
CA SER B 62 2.69 3.55 14.11
C SER B 62 2.43 5.03 14.43
N MET B 63 1.94 5.29 15.64
CA MET B 63 1.59 6.64 16.14
C MET B 63 1.73 6.78 17.67
N SER B 64 1.40 5.73 18.42
CA SER B 64 1.47 5.68 19.90
C SER B 64 1.82 4.28 20.43
N HIS B 65 2.02 4.12 21.74
CA HIS B 65 2.33 2.81 22.34
C HIS B 65 1.24 1.76 22.06
N SER B 66 -0.02 2.19 21.93
CA SER B 66 -1.16 1.33 21.57
C SER B 66 -1.02 0.69 20.18
N THR B 67 -0.29 1.35 19.27
CA THR B 67 -0.04 0.90 17.89
C THR B 67 1.26 0.08 17.76
N ALA B 68 2.20 0.22 18.71
CA ALA B 68 3.48 -0.48 18.74
C ALA B 68 3.46 -1.78 19.56
N GLU B 69 2.70 -1.82 20.65
CA GLU B 69 2.56 -2.97 21.55
C GLU B 69 1.48 -3.94 21.04
N PRO B 70 1.75 -5.26 20.92
CA PRO B 70 0.76 -6.25 20.46
C PRO B 70 -0.41 -6.44 21.45
N ALA A 1 -27.56 18.41 -1.52
CA ALA A 1 -26.69 18.69 -2.66
C ALA A 1 -25.97 17.44 -3.21
N THR A 2 -25.48 17.52 -4.45
CA THR A 2 -24.75 16.42 -5.13
C THR A 2 -23.42 16.09 -4.46
N GLY A 3 -23.09 14.80 -4.34
CA GLY A 3 -21.84 14.32 -3.73
C GLY A 3 -20.58 14.53 -4.58
N PRO A 4 -19.38 14.30 -4.01
CA PRO A 4 -18.10 14.47 -4.70
C PRO A 4 -17.84 13.37 -5.76
N THR A 5 -16.90 13.63 -6.67
CA THR A 5 -16.50 12.71 -7.75
C THR A 5 -15.68 11.51 -7.26
N ALA A 6 -14.98 11.65 -6.12
CA ALA A 6 -14.19 10.61 -5.47
C ALA A 6 -14.28 10.76 -3.93
N ASP A 7 -14.46 9.65 -3.22
CA ASP A 7 -14.60 9.62 -1.76
C ASP A 7 -13.24 9.78 -1.03
N PRO A 8 -13.13 10.66 -0.01
CA PRO A 8 -11.88 10.92 0.70
C PRO A 8 -11.37 9.73 1.54
N GLU A 9 -12.26 8.93 2.13
CA GLU A 9 -11.85 7.76 2.92
C GLU A 9 -11.36 6.63 2.01
N LYS A 10 -12.00 6.44 0.85
CA LYS A 10 -11.53 5.49 -0.17
C LYS A 10 -10.13 5.88 -0.62
N ARG A 11 -9.92 7.18 -0.90
CA ARG A 11 -8.63 7.76 -1.32
C ARG A 11 -7.56 7.61 -0.25
N LYS A 12 -7.84 7.89 1.03
CA LYS A 12 -6.84 7.71 2.09
C LYS A 12 -6.45 6.23 2.26
N LEU A 13 -7.41 5.30 2.16
CA LEU A 13 -7.13 3.86 2.28
C LEU A 13 -6.35 3.33 1.07
N ILE A 14 -6.73 3.64 -0.19
CA ILE A 14 -5.94 3.20 -1.36
C ILE A 14 -4.54 3.82 -1.39
N GLN A 15 -4.36 5.08 -0.96
CA GLN A 15 -3.02 5.71 -0.86
C GLN A 15 -2.19 4.98 0.21
N GLN A 16 -2.80 4.67 1.37
CA GLN A 16 -2.15 3.93 2.46
C GLN A 16 -1.83 2.48 2.05
N GLN A 17 -2.73 1.80 1.34
CA GLN A 17 -2.48 0.43 0.89
C GLN A 17 -1.34 0.41 -0.14
N LEU A 18 -1.28 1.36 -1.07
CA LEU A 18 -0.20 1.48 -2.05
C LEU A 18 1.18 1.59 -1.38
N VAL A 19 1.37 2.57 -0.50
CA VAL A 19 2.66 2.77 0.19
C VAL A 19 3.02 1.59 1.09
N LEU A 20 2.03 0.92 1.69
CA LEU A 20 2.25 -0.24 2.57
C LEU A 20 2.56 -1.52 1.78
N LEU A 21 1.93 -1.74 0.62
CA LEU A 21 2.22 -2.84 -0.31
C LEU A 21 3.64 -2.69 -0.85
N LEU A 22 3.94 -1.53 -1.45
CA LEU A 22 5.24 -1.23 -2.04
C LEU A 22 6.36 -1.30 -0.97
N HIS A 23 6.04 -0.99 0.30
CA HIS A 23 6.96 -1.22 1.42
C HIS A 23 7.15 -2.74 1.63
N ALA A 24 6.06 -3.49 1.88
CA ALA A 24 6.08 -4.93 2.17
C ALA A 24 6.85 -5.77 1.13
N HIS A 25 6.69 -5.46 -0.17
CA HIS A 25 7.41 -6.17 -1.25
C HIS A 25 8.94 -5.96 -1.13
N LYS A 26 9.38 -4.73 -0.86
CA LYS A 26 10.79 -4.36 -0.70
C LYS A 26 11.35 -4.81 0.66
N CYS A 27 10.53 -4.86 1.70
CA CYS A 27 10.85 -5.35 3.04
C CYS A 27 11.29 -6.84 3.00
N GLN A 28 10.52 -7.68 2.29
CA GLN A 28 10.85 -9.09 2.08
C GLN A 28 12.13 -9.29 1.25
N ARG A 29 12.55 -8.28 0.47
CA ARG A 29 13.78 -8.30 -0.35
C ARG A 29 15.03 -7.78 0.38
N ARG A 30 14.89 -6.91 1.39
CA ARG A 30 16.03 -6.44 2.22
C ARG A 30 16.39 -7.43 3.33
N GLU A 31 15.43 -8.16 3.90
CA GLU A 31 15.69 -9.16 4.96
C GLU A 31 16.48 -10.38 4.46
N GLN A 32 16.38 -10.70 3.17
CA GLN A 32 17.14 -11.78 2.51
C GLN A 32 18.52 -11.30 1.99
N ALA A 33 18.75 -9.98 1.98
CA ALA A 33 19.97 -9.32 1.51
C ALA A 33 20.94 -8.90 2.64
N ASN A 34 20.52 -8.98 3.91
CA ASN A 34 21.29 -8.58 5.09
C ASN A 34 21.22 -9.62 6.22
N GLY A 35 22.19 -9.61 7.14
CA GLY A 35 22.21 -10.50 8.31
C GLY A 35 21.14 -10.15 9.36
N GLU A 36 20.79 -8.86 9.46
CA GLU A 36 19.75 -8.30 10.34
C GLU A 36 19.18 -7.00 9.74
N VAL A 37 17.92 -6.66 10.04
CA VAL A 37 17.21 -5.46 9.55
C VAL A 37 16.34 -4.86 10.67
N ARG A 38 16.24 -3.53 10.72
CA ARG A 38 15.44 -2.77 11.71
C ARG A 38 13.92 -2.90 11.49
N ALA A 39 13.16 -2.60 12.55
CA ALA A 39 11.70 -2.66 12.57
C ALA A 39 11.03 -1.70 11.57
N CYS A 40 9.89 -2.11 11.02
CA CYS A 40 9.09 -1.38 10.03
C CYS A 40 8.42 -0.11 10.57
N SER A 41 8.18 0.86 9.69
CA SER A 41 7.46 2.11 10.00
C SER A 41 5.93 1.98 9.81
N LEU A 42 5.47 0.90 9.17
CA LEU A 42 4.07 0.58 8.87
C LEU A 42 3.72 -0.83 9.42
N PRO A 43 3.23 -0.95 10.68
CA PRO A 43 2.95 -2.23 11.37
C PRO A 43 2.17 -3.32 10.62
N HIS A 44 1.29 -2.98 9.67
CA HIS A 44 0.49 -3.98 8.91
C HIS A 44 1.31 -4.94 8.02
N CYS A 45 2.60 -4.67 7.85
CA CYS A 45 3.57 -5.48 7.09
C CYS A 45 3.46 -6.99 7.39
N ARG A 46 3.39 -7.38 8.68
CA ARG A 46 3.24 -8.78 9.11
C ARG A 46 2.01 -9.52 8.57
N THR A 47 0.89 -8.81 8.37
CA THR A 47 -0.36 -9.39 7.84
C THR A 47 -0.36 -9.36 6.30
N MET A 48 0.16 -8.28 5.71
CA MET A 48 0.23 -8.12 4.26
C MET A 48 1.26 -9.04 3.59
N LYS A 49 2.43 -9.30 4.21
CA LYS A 49 3.46 -10.19 3.65
C LYS A 49 2.94 -11.61 3.35
N ASN A 50 1.99 -12.11 4.15
CA ASN A 50 1.32 -13.39 3.93
C ASN A 50 0.45 -13.38 2.65
N VAL A 51 -0.17 -12.23 2.33
CA VAL A 51 -0.92 -12.04 1.07
C VAL A 51 0.04 -12.01 -0.11
N LEU A 52 1.21 -11.36 0.04
CA LEU A 52 2.22 -11.29 -1.02
C LEU A 52 2.72 -12.69 -1.42
N ASN A 53 2.96 -13.56 -0.43
CA ASN A 53 3.41 -14.94 -0.65
C ASN A 53 2.39 -15.76 -1.46
N HIS A 54 1.08 -15.46 -1.33
CA HIS A 54 0.04 -16.05 -2.18
C HIS A 54 0.07 -15.41 -3.58
N MET A 55 0.09 -14.08 -3.64
CA MET A 55 0.04 -13.28 -4.87
C MET A 55 1.20 -13.52 -5.86
N THR A 56 2.40 -13.99 -5.44
CA THR A 56 3.47 -14.29 -6.42
C THR A 56 3.03 -15.35 -7.45
N HIS A 57 2.06 -16.20 -7.05
CA HIS A 57 1.44 -17.28 -7.83
C HIS A 57 0.03 -16.93 -8.35
N CYS A 58 -0.43 -15.69 -8.19
CA CYS A 58 -1.77 -15.24 -8.56
C CYS A 58 -1.76 -13.94 -9.39
N GLN A 59 -2.24 -14.05 -10.64
CA GLN A 59 -2.37 -12.93 -11.59
C GLN A 59 -3.60 -13.03 -12.51
N ALA A 60 -4.54 -13.94 -12.20
CA ALA A 60 -5.76 -14.23 -12.96
C ALA A 60 -6.95 -13.26 -12.74
N GLY A 61 -6.73 -12.08 -12.16
CA GLY A 61 -7.74 -11.04 -11.95
C GLY A 61 -9.00 -11.49 -11.20
N LYS A 62 -10.12 -11.56 -11.92
CA LYS A 62 -11.46 -11.92 -11.39
C LYS A 62 -11.59 -13.37 -10.90
N ALA A 63 -10.67 -14.26 -11.26
CA ALA A 63 -10.72 -15.67 -10.87
C ALA A 63 -10.50 -15.90 -9.36
N CYS A 64 -9.63 -15.10 -8.72
CA CYS A 64 -9.34 -15.21 -7.29
C CYS A 64 -10.47 -14.62 -6.43
N GLN A 65 -10.73 -15.28 -5.30
CA GLN A 65 -11.80 -14.94 -4.34
C GLN A 65 -11.27 -14.42 -3.00
N VAL A 66 -9.95 -14.19 -2.87
CA VAL A 66 -9.30 -13.69 -1.65
C VAL A 66 -9.44 -12.16 -1.57
N ALA A 67 -9.91 -11.67 -0.42
CA ALA A 67 -10.19 -10.26 -0.12
C ALA A 67 -9.09 -9.28 -0.57
N HIS A 68 -7.87 -9.47 -0.05
CA HIS A 68 -6.72 -8.58 -0.29
C HIS A 68 -5.99 -8.80 -1.63
N CYS A 69 -6.01 -10.01 -2.20
CA CYS A 69 -5.34 -10.37 -3.44
C CYS A 69 -5.81 -9.52 -4.64
N ALA A 70 -7.13 -9.51 -4.89
CA ALA A 70 -7.72 -8.77 -6.01
C ALA A 70 -7.47 -7.25 -5.96
N SER A 71 -7.60 -6.60 -4.78
CA SER A 71 -7.35 -5.14 -4.69
C SER A 71 -5.87 -4.81 -4.88
N SER A 72 -4.97 -5.62 -4.31
CA SER A 72 -3.52 -5.45 -4.46
C SER A 72 -3.10 -5.60 -5.91
N ARG A 73 -3.55 -6.67 -6.58
CA ARG A 73 -3.29 -6.94 -8.00
C ARG A 73 -3.71 -5.79 -8.91
N GLN A 74 -4.93 -5.26 -8.75
CA GLN A 74 -5.36 -4.14 -9.60
C GLN A 74 -4.52 -2.87 -9.33
N ILE A 75 -4.11 -2.62 -8.09
CA ILE A 75 -3.23 -1.49 -7.79
C ILE A 75 -1.90 -1.62 -8.55
N ILE A 76 -1.30 -2.81 -8.60
CA ILE A 76 -0.07 -3.06 -9.35
C ILE A 76 -0.32 -2.96 -10.86
N SER A 77 -1.41 -3.53 -11.37
CA SER A 77 -1.77 -3.45 -12.79
C SER A 77 -1.89 -1.99 -13.24
N HIS A 78 -2.52 -1.14 -12.42
CA HIS A 78 -2.59 0.31 -12.67
C HIS A 78 -1.18 0.93 -12.61
N TRP A 79 -0.38 0.61 -11.58
CA TRP A 79 0.99 1.11 -11.39
C TRP A 79 1.94 0.80 -12.56
N LYS A 80 1.80 -0.38 -13.17
CA LYS A 80 2.58 -0.85 -14.33
C LYS A 80 2.20 -0.13 -15.63
N ASN A 81 1.14 0.70 -15.65
CA ASN A 81 0.65 1.40 -16.85
C ASN A 81 0.49 2.94 -16.70
N CYS A 82 0.15 3.46 -15.51
CA CYS A 82 -0.08 4.89 -15.27
C CYS A 82 1.22 5.70 -15.15
N THR A 83 1.38 6.67 -16.07
CA THR A 83 2.52 7.60 -16.17
C THR A 83 2.11 9.09 -16.05
N ARG A 84 0.81 9.37 -15.85
CA ARG A 84 0.23 10.72 -15.77
C ARG A 84 0.62 11.47 -14.49
N HIS A 85 0.89 12.78 -14.63
CA HIS A 85 1.26 13.71 -13.54
C HIS A 85 0.06 14.42 -12.89
N ASP A 86 -1.15 13.86 -13.04
CA ASP A 86 -2.41 14.42 -12.53
C ASP A 86 -3.38 13.37 -11.93
N CYS A 87 -2.99 12.09 -11.86
CA CYS A 87 -3.79 11.01 -11.27
C CYS A 87 -3.81 11.23 -9.72
N PRO A 88 -4.99 11.35 -9.07
CA PRO A 88 -5.07 11.76 -7.66
C PRO A 88 -4.40 10.83 -6.63
N VAL A 89 -4.31 9.52 -6.90
CA VAL A 89 -3.65 8.57 -5.99
C VAL A 89 -2.15 8.40 -6.31
N CYS A 90 -1.78 8.43 -7.59
CA CYS A 90 -0.40 8.27 -8.05
C CYS A 90 0.47 9.53 -7.82
N LEU A 91 -0.08 10.73 -8.02
CA LEU A 91 0.62 12.01 -7.94
C LEU A 91 1.33 12.28 -6.58
N PRO A 92 0.71 12.11 -5.40
CA PRO A 92 1.42 12.33 -4.13
C PRO A 92 2.54 11.31 -3.90
N LEU A 93 2.34 10.06 -4.33
CA LEU A 93 3.31 8.96 -4.18
C LEU A 93 4.50 9.09 -5.15
N LYS A 94 4.29 9.45 -6.42
CA LYS A 94 5.40 9.63 -7.38
C LYS A 94 6.36 10.77 -6.97
N ASN A 95 5.90 11.69 -6.11
CA ASN A 95 6.70 12.76 -5.52
C ASN A 95 7.38 12.35 -4.19
N ALA A 96 6.85 11.35 -3.48
CA ALA A 96 7.44 10.83 -2.23
C ALA A 96 8.81 10.14 -2.45
N SER A 97 9.13 9.80 -3.70
CA SER A 97 10.43 9.25 -4.14
C SER A 97 11.55 10.30 -4.19
N ASP A 98 11.25 11.57 -3.96
CA ASP A 98 12.18 12.72 -3.98
C ASP A 98 12.17 13.51 -2.65
N LYS A 99 13.15 14.41 -2.49
CA LYS A 99 13.32 15.27 -1.29
C LYS A 99 12.32 16.45 -1.19
N ARG A 100 11.48 16.65 -2.20
CA ARG A 100 10.47 17.73 -2.27
C ARG A 100 9.37 17.56 -1.21
N GLY B 1 9.81 -6.97 33.19
CA GLY B 1 10.24 -6.63 31.83
C GLY B 1 9.09 -6.36 30.84
N SER B 2 7.84 -6.47 31.29
CA SER B 2 6.64 -6.24 30.47
C SER B 2 6.36 -4.75 30.22
N HIS B 3 5.64 -4.44 29.14
CA HIS B 3 5.26 -3.09 28.74
C HIS B 3 4.21 -2.45 29.68
N MET B 4 4.17 -1.12 29.74
CA MET B 4 3.22 -0.33 30.53
C MET B 4 2.40 0.60 29.62
N LYS B 5 1.10 0.73 29.91
CA LYS B 5 0.13 1.54 29.12
C LYS B 5 -0.14 2.94 29.68
N SER B 6 0.48 3.31 30.80
CA SER B 6 0.35 4.61 31.49
C SER B 6 1.19 5.73 30.85
N THR B 7 1.16 5.83 29.52
CA THR B 7 1.91 6.82 28.71
C THR B 7 1.18 7.12 27.39
N GLN B 8 1.53 8.25 26.74
CA GLN B 8 0.96 8.70 25.46
C GLN B 8 1.99 9.44 24.58
N ALA B 9 1.76 9.41 23.27
CA ALA B 9 2.60 10.06 22.25
C ALA B 9 1.77 10.49 21.02
N GLY B 10 2.32 11.38 20.19
CA GLY B 10 1.67 11.88 18.97
C GLY B 10 1.51 10.80 17.89
N GLU B 11 0.36 10.79 17.19
CA GLU B 11 0.02 9.80 16.15
C GLU B 11 0.27 10.29 14.70
N GLY B 12 0.61 11.58 14.52
CA GLY B 12 0.85 12.17 13.19
C GLY B 12 -0.42 12.30 12.34
N THR B 13 -0.26 12.25 11.02
CA THR B 13 -1.31 12.33 10.01
C THR B 13 -1.13 11.24 8.97
N LEU B 14 -2.19 10.93 8.22
CA LEU B 14 -2.17 9.90 7.18
C LEU B 14 -1.17 10.23 6.06
N SER B 15 -1.08 11.50 5.67
CA SER B 15 -0.11 11.97 4.66
C SER B 15 1.34 11.89 5.16
N GLU B 16 1.56 11.87 6.48
CA GLU B 16 2.90 11.65 7.06
C GLU B 16 3.28 10.16 6.94
N ALA B 17 2.32 9.23 7.01
CA ALA B 17 2.56 7.80 6.79
C ALA B 17 3.12 7.49 5.38
N LEU B 18 2.94 8.43 4.45
CA LEU B 18 3.39 8.38 3.06
C LEU B 18 4.82 8.91 2.89
N LEU B 19 5.21 9.92 3.66
CA LEU B 19 6.51 10.59 3.58
C LEU B 19 7.53 10.19 4.67
N HIS B 20 7.13 9.44 5.70
CA HIS B 20 8.00 9.10 6.84
C HIS B 20 8.95 7.88 6.64
N LEU B 21 8.91 7.22 5.48
CA LEU B 21 9.75 6.06 5.14
C LEU B 21 10.22 6.08 3.68
N GLN B 22 11.25 5.27 3.37
CA GLN B 22 11.80 5.14 2.03
C GLN B 22 10.78 4.45 1.09
N PHE B 23 10.38 5.14 0.03
CA PHE B 23 9.41 4.68 -0.96
C PHE B 23 10.06 3.89 -2.13
N ASP B 24 9.24 3.43 -3.08
CA ASP B 24 9.52 2.60 -4.28
C ASP B 24 10.51 3.21 -5.32
N ALA B 25 11.58 3.85 -4.87
CA ALA B 25 12.61 4.51 -5.71
C ALA B 25 13.85 3.64 -5.98
N ASP B 26 14.30 2.84 -4.99
CA ASP B 26 15.51 2.01 -5.10
C ASP B 26 15.27 0.64 -5.77
N GLU B 27 14.05 0.11 -5.67
CA GLU B 27 13.59 -1.17 -6.24
C GLU B 27 12.10 -1.07 -6.60
N ASP B 28 11.56 -2.08 -7.31
CA ASP B 28 10.15 -2.19 -7.69
C ASP B 28 9.70 -3.66 -7.79
N LEU B 29 8.42 -3.91 -7.46
CA LEU B 29 7.79 -5.22 -7.35
C LEU B 29 7.34 -5.94 -8.63
N GLY B 30 7.48 -5.32 -9.82
CA GLY B 30 6.96 -5.83 -11.11
C GLY B 30 7.19 -7.32 -11.42
N ALA B 31 8.29 -7.90 -10.94
CA ALA B 31 8.64 -9.31 -11.15
C ALA B 31 7.65 -10.32 -10.51
N LEU B 32 6.95 -9.98 -9.41
CA LEU B 32 6.00 -10.93 -8.78
C LEU B 32 4.66 -11.00 -9.52
N LEU B 33 4.21 -9.89 -10.12
CA LEU B 33 2.93 -9.87 -10.85
C LEU B 33 3.07 -10.59 -12.20
N GLY B 34 4.23 -10.41 -12.87
CA GLY B 34 4.54 -11.02 -14.17
C GLY B 34 3.74 -10.42 -15.34
N ASN B 35 3.87 -11.05 -16.52
CA ASN B 35 3.20 -10.63 -17.76
C ASN B 35 1.82 -11.29 -17.95
N SER B 36 1.52 -12.37 -17.23
CA SER B 36 0.26 -13.14 -17.33
C SER B 36 -0.92 -12.52 -16.56
N THR B 37 -1.12 -11.21 -16.70
CA THR B 37 -2.20 -10.42 -16.07
C THR B 37 -3.55 -10.60 -16.76
N ASP B 38 -4.62 -10.05 -16.16
CA ASP B 38 -6.00 -10.08 -16.66
C ASP B 38 -6.55 -8.66 -16.89
N PRO B 39 -6.30 -8.01 -18.04
CA PRO B 39 -6.75 -6.64 -18.35
C PRO B 39 -8.26 -6.35 -18.12
N GLY B 40 -9.12 -7.37 -18.06
CA GLY B 40 -10.54 -7.20 -17.72
C GLY B 40 -10.76 -6.66 -16.30
N VAL B 41 -9.74 -6.74 -15.42
CA VAL B 41 -9.74 -6.22 -14.04
C VAL B 41 -9.33 -4.74 -13.96
N PHE B 42 -8.79 -4.17 -15.06
CA PHE B 42 -8.31 -2.80 -15.13
C PHE B 42 -9.45 -1.78 -14.93
N THR B 43 -9.31 -0.92 -13.91
CA THR B 43 -10.25 0.15 -13.55
C THR B 43 -9.53 1.28 -12.78
N ASP B 44 -10.22 2.39 -12.54
CA ASP B 44 -9.71 3.54 -11.79
C ASP B 44 -9.43 3.18 -10.32
N LEU B 45 -8.37 3.76 -9.74
CA LEU B 45 -7.99 3.55 -8.33
C LEU B 45 -9.16 3.81 -7.36
N ALA B 46 -9.99 4.82 -7.64
CA ALA B 46 -11.18 5.17 -6.84
C ALA B 46 -12.32 4.12 -6.92
N SER B 47 -12.19 3.10 -7.77
CA SER B 47 -13.15 1.99 -7.98
C SER B 47 -12.61 0.62 -7.50
N VAL B 48 -11.43 0.58 -6.86
CA VAL B 48 -10.77 -0.63 -6.34
C VAL B 48 -11.60 -1.31 -5.23
N ASP B 49 -11.85 -2.61 -5.34
CA ASP B 49 -12.63 -3.38 -4.36
C ASP B 49 -11.79 -3.79 -3.13
N ASN B 50 -11.44 -2.81 -2.28
CA ASN B 50 -10.62 -2.97 -1.07
C ASN B 50 -11.41 -2.91 0.24
N SER B 51 -12.75 -2.99 0.22
CA SER B 51 -13.64 -2.86 1.39
C SER B 51 -13.25 -3.70 2.62
N GLU B 52 -12.68 -4.89 2.41
CA GLU B 52 -12.23 -5.80 3.47
C GLU B 52 -10.78 -5.51 3.93
N PHE B 53 -9.94 -4.88 3.11
CA PHE B 53 -8.57 -4.49 3.46
C PHE B 53 -8.57 -3.34 4.48
N GLN B 54 -9.60 -2.49 4.46
CA GLN B 54 -9.74 -1.38 5.42
C GLN B 54 -9.76 -1.85 6.89
N GLN B 55 -10.26 -3.07 7.15
CA GLN B 55 -10.32 -3.66 8.49
C GLN B 55 -8.94 -4.14 8.99
N LEU B 56 -8.11 -4.66 8.08
CA LEU B 56 -6.73 -5.07 8.36
C LEU B 56 -5.88 -3.84 8.70
N LEU B 57 -5.96 -2.80 7.85
CA LEU B 57 -5.22 -1.54 8.03
C LEU B 57 -5.73 -0.64 9.18
N ASN B 58 -6.77 -1.04 9.91
CA ASN B 58 -7.24 -0.32 11.10
C ASN B 58 -6.62 -0.89 12.41
N GLN B 59 -5.93 -2.03 12.31
CA GLN B 59 -5.27 -2.75 13.41
C GLN B 59 -3.77 -2.45 13.44
N GLY B 60 -3.44 -1.16 13.61
CA GLY B 60 -2.06 -0.62 13.61
C GLY B 60 -2.05 0.88 13.31
N VAL B 61 -1.22 1.32 12.37
CA VAL B 61 -1.11 2.74 11.94
C VAL B 61 -2.41 3.23 11.28
N SER B 62 -3.23 3.98 12.02
CA SER B 62 -4.53 4.49 11.57
C SER B 62 -4.95 5.77 12.29
N MET B 63 -5.74 6.59 11.60
CA MET B 63 -6.34 7.84 12.12
C MET B 63 -7.86 7.70 12.32
N SER B 64 -8.42 6.52 12.04
CA SER B 64 -9.84 6.16 12.22
C SER B 64 -10.09 5.50 13.58
N HIS B 65 -11.35 5.40 13.99
CA HIS B 65 -11.75 4.77 15.26
C HIS B 65 -11.49 3.25 15.26
N SER B 66 -11.04 2.72 16.41
CA SER B 66 -10.76 1.30 16.63
C SER B 66 -10.94 0.92 18.10
N THR B 67 -11.16 -0.37 18.39
CA THR B 67 -11.40 -0.92 19.74
C THR B 67 -10.56 -2.16 20.00
N ALA B 68 -9.98 -2.26 21.21
CA ALA B 68 -9.17 -3.39 21.67
C ALA B 68 -9.34 -3.63 23.19
N GLU B 69 -9.05 -4.85 23.65
CA GLU B 69 -9.14 -5.23 25.08
C GLU B 69 -7.94 -4.67 25.88
N PRO B 70 -8.17 -4.03 27.06
CA PRO B 70 -7.09 -3.47 27.89
C PRO B 70 -6.19 -4.56 28.48
#